data_6Y66
#
_entry.id   6Y66
#
_cell.length_a   87.460
_cell.length_b   90.540
_cell.length_c   101.220
_cell.angle_alpha   94.232
_cell.angle_beta   98.090
_cell.angle_gamma   107.867
#
_symmetry.space_group_name_H-M   'P 1'
#
loop_
_entity.id
_entity.type
_entity.pdbx_description
1 polymer 'Capsid protein VP1'
2 non-polymer '2-O-methyl-5-N-acetyl-alpha-D-neuraminic acid'
3 non-polymer IMIDAZOLE
4 non-polymer 1,2-ETHANEDIOL
5 water water
#
_entity_poly.entity_id   1
_entity_poly.type   'polypeptide(L)'
_entity_poly.pdbx_seq_one_letter_code
;MGSSHHHHHHSSGLVPRGSHMGGIEVLGVRTGPDSTTTIEAYLNPRMGTDNGFSQAVTVATSLNPDVPPKAELPCYSCAR
IGLPMLNEDMTTPEILMWEAVSVKTEVVGVTTMCNVHSASIRMNGGYGVGRPIEGLNCHMFAVGGEPLELQGCVQNWSTT
YPSGVVAPPLKDAKAQVLDPGLKARLDKDGAYPVECWCPDPSRNENTRYFGTYTGGQQTPPVLPFTNTVTTVLLDENGVG
PLCKGDGLYLSCVDICGFYSEQYSQKQHFRGLPRYFSVSLRKRLVRN
;
_entity_poly.pdbx_strand_id   AAA,BBB,CCC,DDD,EEE,FFF,GGG,HHH,III,JJJ
#
# COMPACT_ATOMS: atom_id res chain seq x y z
N GLY A 23 58.58 -20.08 -4.62
CA GLY A 23 59.97 -19.63 -4.77
C GLY A 23 60.84 -19.99 -3.56
N ILE A 24 60.27 -20.03 -2.35
CA ILE A 24 61.05 -20.25 -1.09
C ILE A 24 61.14 -21.74 -0.80
N GLU A 25 62.35 -22.30 -0.65
CA GLU A 25 62.55 -23.68 -0.17
C GLU A 25 62.45 -23.65 1.35
N VAL A 26 61.43 -24.27 1.91
CA VAL A 26 61.14 -24.22 3.37
C VAL A 26 61.80 -25.42 4.03
N LEU A 27 62.57 -25.18 5.10
CA LEU A 27 63.24 -26.27 5.85
C LEU A 27 62.49 -26.49 7.16
N GLY A 28 63.18 -26.88 8.23
CA GLY A 28 62.57 -27.27 9.51
C GLY A 28 62.14 -26.04 10.32
N VAL A 29 61.16 -26.26 11.19
CA VAL A 29 60.79 -25.28 12.26
C VAL A 29 61.96 -25.15 13.22
N ARG A 30 62.29 -23.93 13.62
CA ARG A 30 63.30 -23.63 14.66
C ARG A 30 62.58 -23.56 15.99
N THR A 31 62.97 -24.37 16.95
CA THR A 31 62.33 -24.49 18.28
C THR A 31 63.29 -23.91 19.33
N GLY A 32 62.88 -23.98 20.60
CA GLY A 32 63.68 -23.53 21.74
C GLY A 32 63.16 -22.20 22.29
N PRO A 33 63.80 -21.69 23.37
CA PRO A 33 63.38 -20.42 23.97
C PRO A 33 63.29 -19.29 22.93
N ASP A 34 62.21 -18.50 23.01
CA ASP A 34 61.98 -17.29 22.17
C ASP A 34 61.82 -17.66 20.69
N SER A 35 61.47 -18.90 20.37
CA SER A 35 61.25 -19.38 18.98
C SER A 35 59.79 -19.13 18.56
N THR A 36 58.94 -18.74 19.50
CA THR A 36 57.52 -18.43 19.23
C THR A 36 57.19 -17.06 19.80
N THR A 37 56.18 -16.42 19.22
CA THR A 37 55.64 -15.13 19.73
C THR A 37 54.18 -15.04 19.31
N THR A 38 53.40 -14.30 20.08
CA THR A 38 52.01 -13.93 19.76
C THR A 38 51.95 -12.43 19.52
N ILE A 39 51.39 -12.01 18.40
CA ILE A 39 51.18 -10.59 18.03
C ILE A 39 49.69 -10.31 18.21
N GLU A 40 49.36 -9.27 18.96
CA GLU A 40 47.97 -8.76 19.14
C GLU A 40 47.88 -7.40 18.45
N ALA A 41 46.81 -7.16 17.70
CA ALA A 41 46.57 -5.86 17.07
C ALA A 41 45.07 -5.68 16.86
N TYR A 42 44.63 -4.45 16.71
CA TYR A 42 43.25 -4.16 16.24
C TYR A 42 43.34 -3.18 15.07
N LEU A 43 42.36 -3.27 14.17
CA LEU A 43 42.24 -2.35 13.02
C LEU A 43 40.87 -1.69 13.12
N ASN A 44 40.84 -0.37 13.22
CA ASN A 44 39.57 0.41 13.23
C ASN A 44 39.08 0.49 11.78
N PRO A 45 37.74 0.50 11.59
CA PRO A 45 37.15 0.41 10.26
C PRO A 45 37.35 1.73 9.52
N ARG A 46 37.37 1.68 8.20
CA ARG A 46 37.52 2.83 7.29
C ARG A 46 36.31 2.87 6.35
N MET A 47 35.16 3.32 6.89
CA MET A 47 33.87 3.32 6.17
C MET A 47 33.74 4.61 5.33
N GLY A 48 34.69 5.53 5.46
CA GLY A 48 34.75 6.77 4.68
C GLY A 48 34.98 7.97 5.58
N THR A 49 34.59 7.88 6.85
CA THR A 49 35.04 8.80 7.91
C THR A 49 35.61 7.91 9.02
N ASP A 50 36.24 8.52 10.00
CA ASP A 50 37.11 7.83 10.99
C ASP A 50 36.33 7.04 12.05
N ASN A 51 35.06 7.26 12.29
CA ASN A 51 34.53 6.72 13.57
C ASN A 51 33.40 5.70 13.35
N GLY A 52 33.49 4.89 12.30
CA GLY A 52 32.66 3.67 12.15
C GLY A 52 31.57 3.83 11.10
N PHE A 53 31.31 5.05 10.62
CA PHE A 53 30.22 5.32 9.67
C PHE A 53 30.75 6.04 8.44
N SER A 54 30.20 5.74 7.28
CA SER A 54 30.35 6.58 6.09
C SER A 54 29.59 7.89 6.32
N GLN A 55 29.95 8.92 5.59
CA GLN A 55 29.04 10.07 5.30
C GLN A 55 27.75 9.50 4.66
N ALA A 56 26.63 10.21 4.79
CA ALA A 56 25.37 9.85 4.13
C ALA A 56 25.66 9.55 2.65
N VAL A 57 25.24 8.38 2.18
CA VAL A 57 25.61 7.87 0.84
C VAL A 57 24.69 8.48 -0.21
N THR A 58 25.27 9.02 -1.28
CA THR A 58 24.55 9.64 -2.40
C THR A 58 24.53 8.63 -3.55
N VAL A 59 23.53 8.75 -4.40
CA VAL A 59 23.29 7.77 -5.50
C VAL A 59 23.17 8.56 -6.80
N ALA A 60 23.96 8.22 -7.80
CA ALA A 60 23.88 8.80 -9.15
C ALA A 60 22.53 8.44 -9.77
N THR A 61 21.99 9.31 -10.63
CA THR A 61 20.71 9.08 -11.34
C THR A 61 20.97 8.27 -12.61
N SER A 62 22.22 8.16 -13.04
CA SER A 62 22.62 7.39 -14.24
C SER A 62 24.03 6.85 -14.03
N LEU A 63 24.50 6.02 -14.97
CA LEU A 63 25.85 5.38 -14.86
C LEU A 63 26.94 6.41 -15.16
N ASN A 64 26.59 7.57 -15.70
CA ASN A 64 27.61 8.56 -16.14
C ASN A 64 26.96 9.94 -16.25
N PRO A 65 27.27 10.93 -15.38
CA PRO A 65 28.31 10.82 -14.37
C PRO A 65 27.89 10.11 -13.06
N ASP A 66 28.83 9.35 -12.51
CA ASP A 66 28.66 8.60 -11.23
C ASP A 66 29.90 8.89 -10.38
N VAL A 67 29.74 9.75 -9.38
CA VAL A 67 30.86 10.44 -8.69
C VAL A 67 30.71 10.22 -7.19
N PRO A 68 31.03 9.00 -6.69
CA PRO A 68 30.98 8.75 -5.25
C PRO A 68 32.06 9.51 -4.51
N PRO A 69 31.71 10.39 -3.54
CA PRO A 69 32.72 11.05 -2.71
C PRO A 69 33.51 10.05 -1.85
N LYS A 70 34.76 10.39 -1.52
CA LYS A 70 35.64 9.51 -0.73
C LYS A 70 34.98 9.18 0.61
N ALA A 71 34.33 10.15 1.25
CA ALA A 71 33.73 9.97 2.60
C ALA A 71 32.54 8.97 2.53
N GLU A 72 32.12 8.55 1.34
CA GLU A 72 30.96 7.65 1.14
C GLU A 72 31.41 6.25 0.70
N LEU A 73 32.72 6.00 0.61
CA LEU A 73 33.28 4.72 0.07
C LEU A 73 34.02 3.95 1.15
N PRO A 74 33.47 2.83 1.66
CA PRO A 74 34.23 1.95 2.54
C PRO A 74 35.50 1.46 1.85
N CYS A 75 36.57 1.42 2.62
CA CYS A 75 37.92 0.97 2.22
C CYS A 75 38.39 -0.16 3.13
N TYR A 76 39.33 -0.95 2.63
CA TYR A 76 40.03 -1.98 3.42
C TYR A 76 40.85 -1.29 4.53
N SER A 77 40.88 -1.93 5.69
CA SER A 77 41.83 -1.66 6.78
C SER A 77 43.06 -2.55 6.56
N CYS A 78 44.24 -2.05 6.89
CA CYS A 78 45.47 -2.87 6.83
C CYS A 78 46.53 -2.28 7.76
N ALA A 79 47.46 -3.11 8.19
CA ALA A 79 48.60 -2.74 9.05
C ALA A 79 49.74 -3.74 8.84
N ARG A 80 50.96 -3.24 8.86
CA ARG A 80 52.19 -4.06 8.94
C ARG A 80 52.68 -3.99 10.39
N ILE A 81 52.82 -5.13 11.05
CA ILE A 81 53.39 -5.23 12.41
C ILE A 81 54.86 -5.64 12.26
N GLY A 82 55.78 -4.83 12.78
CA GLY A 82 57.21 -5.19 12.82
C GLY A 82 57.45 -6.31 13.78
N LEU A 83 58.17 -7.36 13.37
CA LEU A 83 58.48 -8.53 14.23
C LEU A 83 59.94 -8.43 14.69
N PRO A 84 60.35 -9.17 15.74
CA PRO A 84 61.78 -9.21 16.12
C PRO A 84 62.69 -9.58 14.94
N MET A 85 63.76 -8.83 14.76
CA MET A 85 64.73 -9.00 13.65
C MET A 85 65.41 -10.36 13.80
N LEU A 86 65.53 -11.14 12.74
CA LEU A 86 65.96 -12.56 12.84
C LEU A 86 67.40 -12.73 12.31
N ASN A 87 67.80 -12.03 11.26
CA ASN A 87 69.00 -12.39 10.46
C ASN A 87 69.98 -11.22 10.41
N GLU A 88 70.99 -11.24 11.28
CA GLU A 88 72.10 -10.24 11.28
C GLU A 88 72.84 -10.34 9.94
N ASP A 89 73.07 -11.57 9.47
CA ASP A 89 73.71 -11.85 8.15
C ASP A 89 72.64 -12.33 7.21
N MET A 90 72.34 -11.59 6.14
CA MET A 90 71.33 -12.02 5.11
C MET A 90 71.98 -12.70 3.89
N THR A 91 73.26 -13.07 3.98
CA THR A 91 74.01 -13.74 2.87
C THR A 91 74.23 -15.24 3.16
N THR A 92 73.86 -15.75 4.33
CA THR A 92 74.04 -17.18 4.70
C THR A 92 73.17 -18.07 3.81
N PRO A 93 73.57 -19.33 3.57
CA PRO A 93 72.79 -20.24 2.73
C PRO A 93 71.39 -20.58 3.30
N GLU A 94 71.21 -20.46 4.63
CA GLU A 94 69.88 -20.56 5.26
C GLU A 94 69.64 -19.30 6.09
N ILE A 95 68.38 -18.85 6.12
CA ILE A 95 67.95 -17.76 7.03
C ILE A 95 66.67 -18.18 7.76
N LEU A 96 66.32 -17.42 8.80
CA LEU A 96 65.09 -17.63 9.58
C LEU A 96 64.01 -16.65 9.12
N MET A 97 62.76 -17.10 9.11
CA MET A 97 61.57 -16.25 8.85
C MET A 97 60.54 -16.55 9.93
N TRP A 98 59.83 -15.54 10.39
CA TRP A 98 58.63 -15.74 11.24
C TRP A 98 57.54 -16.38 10.37
N GLU A 99 56.95 -17.45 10.85
CA GLU A 99 55.87 -18.20 10.16
C GLU A 99 54.58 -18.01 10.97
N ALA A 100 53.53 -17.47 10.36
CA ALA A 100 52.20 -17.31 11.00
C ALA A 100 51.48 -18.67 10.98
N VAL A 101 51.25 -19.25 12.14
CA VAL A 101 50.71 -20.63 12.30
C VAL A 101 49.18 -20.58 12.43
N SER A 102 48.66 -19.62 13.19
CA SER A 102 47.22 -19.56 13.51
C SER A 102 46.83 -18.14 13.90
N VAL A 103 45.53 -17.86 13.86
CA VAL A 103 44.98 -16.54 14.23
C VAL A 103 43.66 -16.76 14.96
N LYS A 104 43.45 -16.02 16.05
CA LYS A 104 42.12 -15.78 16.64
C LYS A 104 41.75 -14.33 16.32
N THR A 105 40.59 -14.14 15.70
CA THR A 105 40.16 -12.80 15.24
C THR A 105 38.71 -12.63 15.64
N GLU A 106 38.34 -11.41 15.97
CA GLU A 106 37.03 -11.10 16.57
C GLU A 106 36.60 -9.75 16.01
N VAL A 107 35.34 -9.65 15.57
CA VAL A 107 34.74 -8.31 15.30
C VAL A 107 34.33 -7.75 16.68
N VAL A 108 34.81 -6.55 16.97
CA VAL A 108 34.59 -5.87 18.29
C VAL A 108 33.43 -4.88 18.17
N GLY A 109 32.57 -4.85 19.19
CA GLY A 109 31.41 -3.93 19.25
C GLY A 109 30.16 -4.52 18.62
N VAL A 110 30.09 -5.83 18.43
CA VAL A 110 28.88 -6.48 17.84
C VAL A 110 27.65 -6.07 18.65
N THR A 111 27.77 -6.02 19.99
CA THR A 111 26.62 -5.74 20.87
C THR A 111 26.08 -4.32 20.70
N THR A 112 26.83 -3.41 20.08
CA THR A 112 26.34 -2.03 19.80
C THR A 112 25.08 -2.09 18.92
N MET A 113 24.90 -3.19 18.17
CA MET A 113 23.75 -3.32 17.24
C MET A 113 22.49 -3.77 17.97
N CYS A 114 22.52 -3.84 19.30
CA CYS A 114 21.32 -3.96 20.17
C CYS A 114 20.72 -2.58 20.46
N ASN A 115 21.34 -1.51 19.96
CA ASN A 115 20.87 -0.11 20.13
C ASN A 115 19.72 0.13 19.15
N VAL A 116 18.51 0.39 19.66
CA VAL A 116 17.34 0.75 18.81
C VAL A 116 16.78 2.11 19.24
N HIS A 117 17.55 2.92 19.99
CA HIS A 117 17.07 4.22 20.53
C HIS A 117 17.74 5.40 19.83
N SER A 118 18.88 5.22 19.14
CA SER A 118 19.69 6.35 18.62
C SER A 118 19.23 6.79 17.21
N ALA A 119 17.98 7.27 17.09
CA ALA A 119 17.49 8.13 16.01
C ALA A 119 17.49 7.40 14.66
N SER A 120 17.10 6.13 14.63
CA SER A 120 16.87 5.39 13.36
C SER A 120 15.40 5.46 12.95
N ILE A 121 15.08 5.04 11.73
CA ILE A 121 13.68 4.95 11.22
C ILE A 121 12.92 3.95 12.10
N ARG A 122 11.78 4.34 12.62
CA ARG A 122 11.03 3.56 13.63
C ARG A 122 10.13 2.55 12.94
N MET A 123 10.11 1.33 13.47
CA MET A 123 9.25 0.21 13.03
C MET A 123 7.82 0.42 13.53
N ASN A 124 6.89 -0.46 13.15
CA ASN A 124 5.43 -0.37 13.49
C ASN A 124 4.89 1.03 13.10
N GLY A 125 5.22 1.50 11.90
CA GLY A 125 4.68 2.75 11.34
C GLY A 125 5.06 3.98 12.17
N GLY A 126 6.19 3.95 12.87
CA GLY A 126 6.69 5.10 13.63
C GLY A 126 6.52 4.92 15.13
N TYR A 127 5.84 3.87 15.57
CA TYR A 127 5.46 3.67 17.00
C TYR A 127 6.45 2.77 17.72
N GLY A 128 7.13 1.90 16.98
CA GLY A 128 8.05 0.90 17.56
C GLY A 128 9.45 1.47 17.76
N VAL A 129 10.44 0.61 17.92
CA VAL A 129 11.85 1.05 18.11
C VAL A 129 12.47 1.34 16.75
N GLY A 130 13.66 1.95 16.77
CA GLY A 130 14.44 2.21 15.56
C GLY A 130 14.87 0.91 14.92
N ARG A 131 14.90 0.87 13.59
CA ARG A 131 15.55 -0.25 12.87
C ARG A 131 16.98 -0.36 13.35
N PRO A 132 17.47 -1.57 13.63
CA PRO A 132 18.89 -1.76 13.93
C PRO A 132 19.70 -1.64 12.64
N ILE A 133 21.01 -1.57 12.77
CA ILE A 133 21.94 -1.64 11.60
C ILE A 133 21.62 -2.93 10.84
N GLU A 134 21.40 -2.84 9.54
CA GLU A 134 20.99 -4.02 8.76
C GLU A 134 21.24 -3.77 7.28
N GLY A 135 21.15 -4.83 6.47
CA GLY A 135 21.42 -4.78 5.04
C GLY A 135 22.71 -5.49 4.71
N LEU A 136 23.35 -5.10 3.60
CA LEU A 136 24.47 -5.90 3.06
C LEU A 136 25.60 -5.92 4.09
N ASN A 137 26.22 -7.08 4.22
CA ASN A 137 27.36 -7.36 5.10
C ASN A 137 28.50 -7.87 4.21
N CYS A 138 29.70 -7.41 4.50
CA CYS A 138 30.92 -7.89 3.82
C CYS A 138 32.03 -7.96 4.86
N HIS A 139 32.49 -9.18 5.16
CA HIS A 139 33.48 -9.44 6.21
C HIS A 139 34.65 -10.17 5.58
N MET A 140 35.85 -9.66 5.82
CA MET A 140 37.07 -10.30 5.29
C MET A 140 38.15 -10.05 6.33
N PHE A 141 38.96 -11.05 6.61
CA PHE A 141 40.27 -10.85 7.27
C PHE A 141 41.31 -11.65 6.49
N ALA A 142 42.54 -11.14 6.54
CA ALA A 142 43.70 -11.77 5.89
C ALA A 142 44.90 -11.61 6.80
N VAL A 143 45.74 -12.64 6.82
CA VAL A 143 47.05 -12.66 7.51
C VAL A 143 48.06 -13.13 6.48
N GLY A 144 49.14 -12.36 6.28
CA GLY A 144 50.17 -12.71 5.30
C GLY A 144 51.55 -12.19 5.68
N GLY A 145 52.55 -12.62 4.91
CA GLY A 145 53.96 -12.22 5.10
C GLY A 145 54.37 -11.12 4.16
N GLU A 146 53.38 -10.50 3.51
CA GLU A 146 53.53 -9.40 2.54
C GLU A 146 52.15 -8.82 2.32
N PRO A 147 52.03 -7.64 1.67
CA PRO A 147 50.73 -7.02 1.46
C PRO A 147 49.76 -7.94 0.71
N LEU A 148 48.48 -7.86 1.09
CA LEU A 148 47.40 -8.55 0.35
C LEU A 148 47.44 -8.09 -1.10
N GLU A 149 47.40 -9.02 -2.04
CA GLU A 149 47.35 -8.70 -3.48
C GLU A 149 45.87 -8.60 -3.91
N LEU A 150 45.57 -7.56 -4.68
CA LEU A 150 44.20 -7.18 -5.08
C LEU A 150 44.05 -7.31 -6.59
N GLN A 151 42.86 -7.71 -7.00
CA GLN A 151 42.35 -7.68 -8.39
C GLN A 151 41.32 -6.55 -8.47
N GLY A 152 41.45 -5.70 -9.47
CA GLY A 152 40.50 -4.62 -9.75
C GLY A 152 39.27 -5.19 -10.42
N CYS A 153 38.10 -4.76 -9.95
CA CYS A 153 36.80 -5.14 -10.54
C CYS A 153 35.78 -4.16 -10.00
N VAL A 154 34.92 -3.61 -10.87
CA VAL A 154 33.93 -2.58 -10.48
C VAL A 154 32.56 -2.98 -10.99
N GLN A 155 31.51 -2.41 -10.42
CA GLN A 155 30.15 -2.63 -10.95
C GLN A 155 29.92 -1.75 -12.20
N ASN A 156 30.49 -0.55 -12.20
CA ASN A 156 30.23 0.48 -13.25
C ASN A 156 31.56 1.08 -13.71
N TRP A 157 32.00 0.73 -14.90
CA TRP A 157 33.32 1.19 -15.43
C TRP A 157 33.30 2.71 -15.65
N SER A 158 32.12 3.33 -15.72
CA SER A 158 31.99 4.80 -15.96
C SER A 158 32.10 5.56 -14.64
N THR A 159 32.22 4.88 -13.51
CA THR A 159 32.34 5.57 -12.20
C THR A 159 33.59 6.48 -12.20
N THR A 160 33.47 7.69 -11.68
CA THR A 160 34.62 8.57 -11.35
C THR A 160 34.96 8.38 -9.87
N TYR A 161 36.06 7.66 -9.59
CA TYR A 161 36.51 7.46 -8.18
C TYR A 161 37.17 8.75 -7.75
N PRO A 162 37.06 9.11 -6.46
CA PRO A 162 37.53 10.39 -5.98
C PRO A 162 39.06 10.41 -5.75
N SER A 163 39.60 11.63 -5.76
CA SER A 163 40.94 11.93 -5.23
C SER A 163 41.00 11.43 -3.79
N GLY A 164 42.12 10.85 -3.41
CA GLY A 164 42.35 10.37 -2.04
C GLY A 164 42.09 8.88 -1.90
N VAL A 165 41.57 8.21 -2.92
CA VAL A 165 41.49 6.70 -2.91
C VAL A 165 42.33 6.16 -4.05
N VAL A 166 42.78 4.92 -3.92
CA VAL A 166 43.44 4.18 -5.02
C VAL A 166 42.37 3.31 -5.68
N ALA A 167 42.03 3.59 -6.93
CA ALA A 167 41.04 2.85 -7.72
C ALA A 167 41.73 2.32 -8.96
N PRO A 168 41.28 1.18 -9.55
CA PRO A 168 41.88 0.71 -10.78
C PRO A 168 41.62 1.70 -11.91
N PRO A 169 42.53 1.82 -12.91
CA PRO A 169 42.22 2.51 -14.13
C PRO A 169 40.98 1.87 -14.79
N LEU A 170 40.12 2.69 -15.35
CA LEU A 170 38.86 2.25 -16.02
C LEU A 170 38.85 2.76 -17.45
N LYS A 171 39.51 2.03 -18.36
CA LYS A 171 39.70 2.43 -19.78
C LYS A 171 38.56 1.85 -20.62
N ASP A 172 37.90 0.81 -20.13
CA ASP A 172 36.83 0.10 -20.86
C ASP A 172 36.00 -0.75 -19.88
N ALA A 173 34.96 -1.40 -20.38
CA ALA A 173 33.94 -2.11 -19.56
C ALA A 173 34.50 -3.45 -19.06
N LYS A 174 35.67 -3.90 -19.53
CA LYS A 174 36.29 -5.16 -19.07
C LYS A 174 36.58 -5.07 -17.56
N ALA A 175 36.71 -3.86 -17.02
CA ALA A 175 36.92 -3.64 -15.57
C ALA A 175 35.72 -4.13 -14.76
N GLN A 176 34.57 -4.39 -15.39
CA GLN A 176 33.35 -4.91 -14.71
C GLN A 176 33.45 -6.43 -14.54
N VAL A 177 34.38 -7.04 -15.27
CA VAL A 177 34.67 -8.49 -15.17
C VAL A 177 36.15 -8.60 -14.84
N LEU A 178 36.85 -9.61 -15.32
CA LEU A 178 38.28 -9.79 -14.94
C LEU A 178 39.15 -9.26 -16.09
N ASP A 179 39.78 -8.12 -15.83
CA ASP A 179 40.87 -7.54 -16.67
C ASP A 179 42.16 -7.80 -15.90
N PRO A 180 43.00 -8.73 -16.39
CA PRO A 180 44.22 -9.13 -15.69
C PRO A 180 45.26 -8.01 -15.56
N GLY A 181 45.09 -6.91 -16.28
CA GLY A 181 45.94 -5.72 -16.13
C GLY A 181 45.67 -4.98 -14.82
N LEU A 182 44.56 -5.24 -14.13
CA LEU A 182 44.13 -4.38 -12.99
C LEU A 182 44.49 -5.05 -11.67
N LYS A 183 45.70 -4.77 -11.19
CA LYS A 183 46.32 -5.40 -10.01
C LYS A 183 46.82 -4.30 -9.10
N ALA A 184 46.87 -4.60 -7.81
CA ALA A 184 47.43 -3.69 -6.79
C ALA A 184 47.79 -4.50 -5.56
N ARG A 185 48.51 -3.86 -4.65
CA ARG A 185 48.88 -4.37 -3.33
C ARG A 185 48.15 -3.46 -2.33
N LEU A 186 47.55 -4.05 -1.30
CA LEU A 186 46.90 -3.31 -0.21
C LEU A 186 48.01 -2.74 0.67
N ASP A 187 48.50 -1.53 0.34
CA ASP A 187 49.71 -0.95 0.97
C ASP A 187 49.39 0.38 1.66
N LYS A 188 48.11 0.75 1.79
CA LYS A 188 47.70 1.96 2.54
C LYS A 188 46.33 1.72 3.18
N ASP A 189 46.26 1.95 4.48
CA ASP A 189 45.03 1.82 5.30
C ASP A 189 44.02 2.89 4.85
N GLY A 190 42.76 2.50 4.68
CA GLY A 190 41.65 3.44 4.42
C GLY A 190 41.75 4.13 3.08
N ALA A 191 42.34 3.49 2.06
CA ALA A 191 42.57 4.14 0.74
C ALA A 191 42.10 3.29 -0.44
N TYR A 192 41.99 1.96 -0.27
CA TYR A 192 41.55 1.04 -1.36
C TYR A 192 40.08 0.72 -1.15
N PRO A 193 39.16 1.24 -1.97
CA PRO A 193 37.74 1.00 -1.77
C PRO A 193 37.42 -0.48 -1.97
N VAL A 194 36.56 -1.00 -1.09
CA VAL A 194 36.10 -2.40 -1.12
C VAL A 194 35.42 -2.69 -2.46
N GLU A 195 34.65 -1.75 -2.98
CA GLU A 195 33.77 -2.00 -4.16
C GLU A 195 34.58 -2.07 -5.46
N CYS A 196 35.86 -1.68 -5.50
CA CYS A 196 36.63 -1.74 -6.78
C CYS A 196 37.85 -2.67 -6.68
N TRP A 197 38.06 -3.34 -5.54
CA TRP A 197 39.18 -4.30 -5.36
C TRP A 197 38.68 -5.53 -4.60
N CYS A 198 39.09 -6.71 -5.03
CA CYS A 198 38.93 -7.95 -4.24
C CYS A 198 40.27 -8.65 -4.11
N PRO A 199 40.44 -9.52 -3.09
CA PRO A 199 41.63 -10.36 -3.00
C PRO A 199 41.84 -11.15 -4.30
N ASP A 200 43.08 -11.14 -4.79
CA ASP A 200 43.46 -11.75 -6.08
C ASP A 200 43.72 -13.24 -5.84
N PRO A 201 42.86 -14.15 -6.33
CA PRO A 201 43.06 -15.58 -6.09
C PRO A 201 44.20 -16.15 -6.93
N SER A 202 44.69 -15.41 -7.93
CA SER A 202 45.81 -15.83 -8.82
C SER A 202 47.14 -15.53 -8.15
N ARG A 203 47.14 -14.79 -7.04
CA ARG A 203 48.38 -14.47 -6.30
C ARG A 203 48.15 -14.83 -4.83
N ASN A 204 48.70 -14.08 -3.88
CA ASN A 204 48.48 -14.33 -2.45
C ASN A 204 48.91 -15.77 -2.08
N GLU A 205 50.00 -16.26 -2.66
CA GLU A 205 50.64 -17.54 -2.25
C GLU A 205 51.08 -17.41 -0.78
N ASN A 206 51.38 -16.22 -0.29
CA ASN A 206 51.99 -15.99 1.02
C ASN A 206 51.03 -15.26 1.96
N THR A 207 49.72 -15.33 1.68
CA THR A 207 48.64 -14.72 2.50
C THR A 207 47.46 -15.70 2.53
N ARG A 208 46.79 -15.81 3.67
CA ARG A 208 45.47 -16.48 3.77
C ARG A 208 44.42 -15.40 3.96
N TYR A 209 43.40 -15.36 3.10
CA TYR A 209 42.26 -14.43 3.22
C TYR A 209 40.97 -15.24 3.30
N PHE A 210 40.05 -14.72 4.10
CA PHE A 210 38.73 -15.33 4.41
C PHE A 210 37.66 -14.24 4.33
N GLY A 211 36.80 -14.35 3.32
CA GLY A 211 35.79 -13.33 3.02
C GLY A 211 34.44 -13.94 2.82
N THR A 212 33.40 -13.21 3.24
N THR A 212 33.39 -13.23 3.28
CA THR A 212 31.98 -13.54 2.99
CA THR A 212 31.97 -13.55 2.97
C THR A 212 31.23 -12.24 2.66
C THR A 212 31.23 -12.25 2.67
N TYR A 213 30.38 -12.30 1.65
CA TYR A 213 29.40 -11.24 1.32
C TYR A 213 28.02 -11.85 1.48
N THR A 214 27.15 -11.15 2.21
CA THR A 214 25.71 -11.45 2.29
C THR A 214 24.98 -10.16 1.91
N GLY A 215 24.29 -10.19 0.77
CA GLY A 215 23.70 -8.98 0.19
C GLY A 215 22.27 -8.76 0.66
N GLY A 216 21.45 -8.21 -0.23
CA GLY A 216 20.04 -7.89 0.05
C GLY A 216 19.87 -6.51 0.64
N GLN A 217 18.62 -6.12 0.87
CA GLN A 217 18.24 -4.74 1.22
C GLN A 217 18.27 -4.52 2.74
N GLN A 218 17.53 -5.35 3.48
CA GLN A 218 17.30 -5.20 4.94
C GLN A 218 17.75 -6.46 5.69
N THR A 219 18.67 -7.20 5.07
CA THR A 219 19.15 -8.52 5.55
C THR A 219 19.65 -8.44 6.99
N PRO A 220 19.23 -9.38 7.87
CA PRO A 220 19.78 -9.47 9.22
C PRO A 220 21.28 -9.76 9.20
N PRO A 221 22.11 -8.90 9.83
CA PRO A 221 23.49 -9.26 10.13
C PRO A 221 23.50 -10.44 11.11
N VAL A 222 24.37 -11.41 10.88
CA VAL A 222 24.60 -12.57 11.76
C VAL A 222 26.08 -12.50 12.16
N LEU A 223 26.36 -12.14 13.40
CA LEU A 223 27.74 -11.81 13.86
C LEU A 223 28.04 -12.59 15.13
N PRO A 224 28.95 -13.58 15.06
CA PRO A 224 29.40 -14.29 16.25
C PRO A 224 30.42 -13.43 17.00
N PHE A 225 30.55 -13.68 18.30
CA PHE A 225 31.65 -13.08 19.10
C PHE A 225 32.01 -14.11 20.17
N THR A 226 33.23 -14.64 20.08
CA THR A 226 33.73 -15.70 21.00
C THR A 226 35.25 -15.59 21.04
N ASN A 227 35.87 -16.10 22.10
CA ASN A 227 37.35 -16.15 22.21
C ASN A 227 37.82 -17.60 22.12
N THR A 228 37.02 -18.50 21.51
CA THR A 228 37.28 -19.95 21.54
C THR A 228 37.61 -20.49 20.14
N VAL A 229 37.65 -19.65 19.10
CA VAL A 229 37.80 -20.14 17.71
C VAL A 229 39.15 -19.71 17.15
N THR A 230 39.94 -20.69 16.73
CA THR A 230 41.27 -20.53 16.10
C THR A 230 41.18 -20.92 14.62
N THR A 231 41.70 -20.07 13.74
CA THR A 231 41.89 -20.40 12.30
C THR A 231 43.37 -20.78 12.10
N VAL A 232 43.60 -21.99 11.62
CA VAL A 232 44.96 -22.50 11.28
C VAL A 232 45.35 -21.86 9.94
N LEU A 233 46.59 -21.37 9.82
CA LEU A 233 47.06 -20.65 8.61
C LEU A 233 48.02 -21.51 7.78
N LEU A 234 48.33 -22.72 8.25
CA LEU A 234 49.22 -23.68 7.55
C LEU A 234 48.53 -24.09 6.25
N ASP A 235 49.29 -24.19 5.17
CA ASP A 235 48.79 -24.69 3.86
C ASP A 235 48.82 -26.22 3.85
N GLU A 236 48.53 -26.83 2.70
CA GLU A 236 48.51 -28.30 2.43
C GLU A 236 49.80 -28.94 2.93
N ASN A 237 50.94 -28.23 2.86
CA ASN A 237 52.27 -28.77 3.22
C ASN A 237 52.66 -28.44 4.66
N GLY A 238 51.76 -27.89 5.48
CA GLY A 238 52.08 -27.56 6.89
C GLY A 238 52.87 -26.26 7.02
N VAL A 239 52.82 -25.37 6.04
CA VAL A 239 53.60 -24.09 6.04
C VAL A 239 52.64 -22.91 6.09
N GLY A 240 52.82 -22.05 7.08
CA GLY A 240 52.07 -20.79 7.24
C GLY A 240 52.70 -19.68 6.41
N PRO A 241 52.02 -18.52 6.31
CA PRO A 241 52.66 -17.34 5.70
C PRO A 241 54.02 -17.03 6.36
N LEU A 242 55.00 -16.70 5.53
CA LEU A 242 56.39 -16.42 5.96
C LEU A 242 56.63 -14.91 5.83
N CYS A 243 57.02 -14.28 6.92
CA CYS A 243 57.02 -12.81 7.08
C CYS A 243 58.28 -12.20 6.43
N LYS A 244 58.17 -11.78 5.18
CA LYS A 244 59.27 -11.12 4.44
C LYS A 244 59.62 -9.80 5.12
N GLY A 245 60.92 -9.58 5.35
CA GLY A 245 61.43 -8.35 6.02
C GLY A 245 60.95 -8.27 7.47
N ASP A 246 60.62 -9.41 8.10
CA ASP A 246 60.17 -9.47 9.52
C ASP A 246 58.93 -8.58 9.70
N GLY A 247 58.05 -8.57 8.69
CA GLY A 247 56.75 -7.88 8.76
C GLY A 247 55.58 -8.85 8.72
N LEU A 248 54.60 -8.68 9.60
CA LEU A 248 53.31 -9.40 9.56
C LEU A 248 52.22 -8.44 9.03
N TYR A 249 51.49 -8.85 8.00
CA TYR A 249 50.50 -8.00 7.29
C TYR A 249 49.08 -8.48 7.65
N LEU A 250 48.30 -7.57 8.23
CA LEU A 250 46.90 -7.81 8.64
C LEU A 250 46.00 -6.92 7.79
N SER A 251 44.89 -7.46 7.29
CA SER A 251 43.94 -6.74 6.42
C SER A 251 42.53 -7.17 6.82
N CYS A 252 41.56 -6.30 6.67
CA CYS A 252 40.16 -6.67 6.90
C CYS A 252 39.20 -5.61 6.35
N VAL A 253 37.95 -6.01 6.25
CA VAL A 253 36.82 -5.08 6.18
C VAL A 253 35.66 -5.75 6.91
N ASP A 254 34.85 -4.96 7.62
CA ASP A 254 33.68 -5.48 8.35
C ASP A 254 32.53 -4.49 8.19
N ILE A 255 31.92 -4.47 7.01
CA ILE A 255 30.65 -3.74 6.76
C ILE A 255 29.52 -4.57 7.39
N CYS A 256 28.82 -3.97 8.35
CA CYS A 256 27.79 -4.67 9.17
C CYS A 256 26.37 -4.29 8.72
N GLY A 257 26.27 -3.36 7.77
CA GLY A 257 25.00 -2.92 7.16
C GLY A 257 24.89 -1.41 7.15
N PHE A 258 23.67 -0.90 7.11
CA PHE A 258 23.39 0.54 6.98
C PHE A 258 22.64 1.03 8.21
N TYR A 259 23.01 2.24 8.63
CA TYR A 259 22.23 3.07 9.58
C TYR A 259 21.37 4.01 8.74
N SER A 260 20.06 4.01 9.00
CA SER A 260 19.07 4.92 8.38
C SER A 260 18.77 6.07 9.34
N GLU A 261 18.97 7.32 8.90
CA GLU A 261 18.59 8.52 9.69
C GLU A 261 17.07 8.58 9.81
N GLN A 262 16.56 8.79 11.02
CA GLN A 262 15.09 8.82 11.28
C GLN A 262 14.43 9.86 10.36
N TYR A 263 14.96 11.08 10.29
CA TYR A 263 14.28 12.19 9.59
C TYR A 263 14.53 12.07 8.07
N SER A 264 15.76 12.22 7.61
CA SER A 264 16.09 12.28 6.16
C SER A 264 15.87 10.90 5.50
N GLN A 265 16.03 9.82 6.26
CA GLN A 265 16.04 8.41 5.76
C GLN A 265 17.25 8.13 4.86
N LYS A 266 18.25 9.02 4.89
CA LYS A 266 19.57 8.78 4.27
C LYS A 266 20.27 7.63 5.00
N GLN A 267 21.13 6.90 4.30
CA GLN A 267 21.77 5.70 4.87
C GLN A 267 23.28 5.91 4.91
N HIS A 268 23.89 5.34 5.95
CA HIS A 268 25.35 5.36 6.20
C HIS A 268 25.81 3.91 6.31
N PHE A 269 26.91 3.55 5.65
CA PHE A 269 27.64 2.29 5.98
C PHE A 269 28.05 2.31 7.45
N ARG A 270 27.86 1.20 8.16
CA ARG A 270 28.39 0.96 9.51
C ARG A 270 29.43 -0.15 9.45
N GLY A 271 30.62 0.11 9.95
CA GLY A 271 31.71 -0.86 10.10
C GLY A 271 32.13 -0.98 11.53
N LEU A 272 32.70 -2.13 11.88
CA LEU A 272 33.16 -2.41 13.25
C LEU A 272 34.64 -2.76 13.19
N PRO A 273 35.36 -2.46 14.28
CA PRO A 273 36.78 -2.80 14.39
C PRO A 273 36.99 -4.31 14.48
N ARG A 274 38.20 -4.76 14.11
CA ARG A 274 38.56 -6.20 14.20
C ARG A 274 39.83 -6.36 15.02
N TYR A 275 39.81 -7.30 15.96
CA TYR A 275 40.96 -7.71 16.78
C TYR A 275 41.61 -8.94 16.13
N PHE A 276 42.94 -8.98 16.17
CA PHE A 276 43.77 -10.13 15.72
C PHE A 276 44.72 -10.56 16.84
N SER A 277 44.80 -11.86 17.08
CA SER A 277 45.91 -12.50 17.83
C SER A 277 46.53 -13.56 16.93
N VAL A 278 47.76 -13.32 16.47
CA VAL A 278 48.48 -14.22 15.52
C VAL A 278 49.60 -14.93 16.28
N SER A 279 49.64 -16.24 16.18
CA SER A 279 50.71 -17.05 16.80
C SER A 279 51.76 -17.36 15.73
N LEU A 280 53.02 -17.05 16.00
CA LEU A 280 54.12 -17.23 15.01
C LEU A 280 55.22 -18.11 15.60
N ARG A 281 55.97 -18.76 14.73
CA ARG A 281 57.17 -19.56 15.10
C ARG A 281 58.26 -19.26 14.08
N LYS A 282 59.50 -19.47 14.48
CA LYS A 282 60.67 -19.33 13.58
C LYS A 282 60.73 -20.53 12.64
N ARG A 283 60.97 -20.26 11.37
CA ARG A 283 61.08 -21.28 10.30
C ARG A 283 62.42 -21.06 9.58
N LEU A 284 63.23 -22.11 9.45
CA LEU A 284 64.44 -22.09 8.59
C LEU A 284 64.02 -22.19 7.13
N VAL A 285 64.60 -21.37 6.27
CA VAL A 285 64.38 -21.46 4.79
C VAL A 285 65.74 -21.39 4.10
N ARG A 286 65.83 -21.91 2.88
CA ARG A 286 67.02 -21.77 2.02
C ARG A 286 67.00 -20.31 1.55
N ASN A 287 68.14 -19.66 1.68
CA ASN A 287 68.32 -18.26 1.25
C ASN A 287 68.42 -18.28 -0.27
N GLY B 23 50.01 -15.89 34.15
CA GLY B 23 50.80 -15.77 35.41
C GLY B 23 50.93 -17.11 36.14
N ILE B 24 49.93 -18.00 36.00
CA ILE B 24 49.81 -19.23 36.86
C ILE B 24 50.53 -20.39 36.17
N GLU B 25 51.47 -21.03 36.87
CA GLU B 25 52.09 -22.30 36.39
C GLU B 25 51.14 -23.43 36.73
N VAL B 26 50.59 -24.08 35.71
CA VAL B 26 49.54 -25.13 35.91
C VAL B 26 50.23 -26.49 35.97
N LEU B 27 49.95 -27.27 36.99
CA LEU B 27 50.56 -28.62 37.16
C LEU B 27 49.48 -29.66 36.85
N GLY B 28 49.53 -30.83 37.50
CA GLY B 28 48.64 -31.96 37.18
C GLY B 28 47.25 -31.77 37.75
N VAL B 29 46.28 -32.45 37.14
CA VAL B 29 44.90 -32.61 37.69
C VAL B 29 45.00 -33.44 38.97
N ARG B 30 44.29 -33.05 40.02
CA ARG B 30 44.14 -33.82 41.28
C ARG B 30 42.90 -34.68 41.14
N THR B 31 43.05 -36.00 41.27
CA THR B 31 41.95 -36.98 41.10
C THR B 31 41.60 -37.57 42.47
N GLY B 32 40.66 -38.50 42.48
CA GLY B 32 40.24 -39.23 43.69
C GLY B 32 38.91 -38.72 44.22
N PRO B 33 38.45 -39.28 45.36
CA PRO B 33 37.21 -38.87 45.99
C PRO B 33 37.14 -37.34 46.20
N ASP B 34 35.99 -36.75 45.86
CA ASP B 34 35.66 -35.32 46.09
C ASP B 34 36.57 -34.41 45.26
N SER B 35 37.21 -34.90 44.20
CA SER B 35 38.12 -34.09 43.34
C SER B 35 37.32 -33.40 42.23
N THR B 36 36.05 -33.73 42.08
CA THR B 36 35.16 -33.12 41.06
C THR B 36 33.89 -32.62 41.74
N THR B 37 33.24 -31.63 41.13
CA THR B 37 31.93 -31.12 41.58
C THR B 37 31.22 -30.53 40.37
N THR B 38 29.90 -30.54 40.42
CA THR B 38 29.02 -29.89 39.42
C THR B 38 28.30 -28.73 40.12
N ILE B 39 28.37 -27.53 39.55
CA ILE B 39 27.67 -26.32 40.04
C ILE B 39 26.50 -26.08 39.09
N GLU B 40 25.29 -25.94 39.64
CA GLU B 40 24.07 -25.58 38.89
C GLU B 40 23.64 -24.19 39.32
N ALA B 41 23.30 -23.32 38.38
CA ALA B 41 22.80 -21.96 38.68
C ALA B 41 21.91 -21.49 37.54
N TYR B 42 21.05 -20.53 37.82
CA TYR B 42 20.30 -19.82 36.75
C TYR B 42 20.51 -18.33 36.95
N LEU B 43 20.44 -17.58 35.84
CA LEU B 43 20.49 -16.10 35.86
C LEU B 43 19.22 -15.60 35.20
N ASN B 44 18.43 -14.81 35.93
CA ASN B 44 17.22 -14.14 35.37
C ASN B 44 17.68 -12.95 34.54
N PRO B 45 16.96 -12.64 33.45
CA PRO B 45 17.38 -11.62 32.49
C PRO B 45 17.21 -10.22 33.09
N ARG B 46 18.00 -9.28 32.62
CA ARG B 46 17.98 -7.86 33.06
C ARG B 46 17.73 -6.98 31.84
N MET B 47 16.47 -6.96 31.38
CA MET B 47 16.04 -6.26 30.14
C MET B 47 15.74 -4.79 30.44
N GLY B 48 15.78 -4.40 31.72
CA GLY B 48 15.56 -3.01 32.16
C GLY B 48 14.56 -2.94 33.30
N THR B 49 13.65 -3.90 33.37
CA THR B 49 12.83 -4.18 34.57
C THR B 49 13.06 -5.65 34.89
N ASP B 50 12.57 -6.10 36.04
CA ASP B 50 12.99 -7.38 36.65
C ASP B 50 12.34 -8.60 36.00
N ASN B 51 11.28 -8.48 35.23
CA ASN B 51 10.49 -9.73 34.98
C ASN B 51 10.43 -10.09 33.48
N GLY B 52 11.51 -9.84 32.75
CA GLY B 52 11.73 -10.40 31.41
C GLY B 52 11.53 -9.39 30.29
N PHE B 53 10.98 -8.23 30.59
CA PHE B 53 10.69 -7.20 29.57
C PHE B 53 11.33 -5.87 29.96
N SER B 54 11.81 -5.13 28.97
CA SER B 54 12.13 -3.69 29.14
C SER B 54 10.80 -2.95 29.32
N GLN B 55 10.86 -1.76 29.91
CA GLN B 55 9.83 -0.70 29.72
C GLN B 55 9.71 -0.44 28.21
N ALA B 56 8.56 0.07 27.75
CA ALA B 56 8.34 0.47 26.35
C ALA B 56 9.52 1.35 25.92
N VAL B 57 10.17 0.99 24.82
CA VAL B 57 11.43 1.64 24.39
C VAL B 57 11.11 2.93 23.65
N THR B 58 11.79 4.01 24.02
CA THR B 58 11.64 5.34 23.39
C THR B 58 12.83 5.56 22.47
N VAL B 59 12.63 6.39 21.44
CA VAL B 59 13.63 6.59 20.36
C VAL B 59 13.86 8.09 20.21
N ALA B 60 15.10 8.52 20.29
CA ALA B 60 15.51 9.94 20.10
C ALA B 60 15.18 10.35 18.67
N THR B 61 14.85 11.63 18.45
CA THR B 61 14.59 12.16 17.08
C THR B 61 15.90 12.55 16.41
N SER B 62 17.00 12.66 17.18
CA SER B 62 18.34 13.01 16.68
C SER B 62 19.40 12.32 17.54
N LEU B 63 20.67 12.42 17.15
CA LEU B 63 21.79 11.79 17.87
C LEU B 63 22.09 12.57 19.16
N ASN B 64 21.53 13.77 19.32
CA ASN B 64 21.86 14.60 20.51
C ASN B 64 20.78 15.65 20.71
N PRO B 65 19.92 15.61 21.76
CA PRO B 65 20.04 14.64 22.84
C PRO B 65 19.45 13.25 22.57
N ASP B 66 20.14 12.24 23.09
CA ASP B 66 19.76 10.81 22.98
C ASP B 66 19.88 10.21 24.38
N VAL B 67 18.75 10.03 25.06
CA VAL B 67 18.68 9.84 26.53
C VAL B 67 17.86 8.58 26.80
N PRO B 68 18.43 7.38 26.60
CA PRO B 68 17.73 6.14 26.92
C PRO B 68 17.58 5.98 28.43
N PRO B 69 16.35 5.86 28.96
CA PRO B 69 16.15 5.56 30.37
C PRO B 69 16.70 4.17 30.74
N LYS B 70 17.10 4.00 32.00
CA LYS B 70 17.67 2.73 32.49
C LYS B 70 16.68 1.60 32.24
N ALA B 71 15.38 1.82 32.48
CA ALA B 71 14.35 0.76 32.37
C ALA B 71 14.18 0.29 30.90
N GLU B 72 14.83 0.95 29.95
CA GLU B 72 14.71 0.65 28.51
C GLU B 72 16.01 0.03 27.95
N LEU B 73 17.01 -0.21 28.81
CA LEU B 73 18.36 -0.70 28.36
C LEU B 73 18.64 -2.09 28.90
N PRO B 74 18.60 -3.14 28.04
CA PRO B 74 19.06 -4.45 28.47
C PRO B 74 20.52 -4.40 28.94
N CYS B 75 20.78 -5.12 30.02
CA CYS B 75 22.09 -5.26 30.68
C CYS B 75 22.49 -6.74 30.74
N TYR B 76 23.79 -6.99 30.88
CA TYR B 76 24.34 -8.33 31.15
C TYR B 76 23.84 -8.81 32.52
N SER B 77 23.57 -10.11 32.58
CA SER B 77 23.39 -10.87 33.83
C SER B 77 24.76 -11.41 34.25
N CYS B 78 25.03 -11.48 35.55
CA CYS B 78 26.27 -12.12 36.04
C CYS B 78 26.08 -12.56 37.49
N ALA B 79 26.90 -13.52 37.91
CA ALA B 79 26.89 -14.09 39.27
C ALA B 79 28.26 -14.72 39.54
N ARG B 80 28.75 -14.56 40.76
CA ARG B 80 29.88 -15.33 41.31
C ARG B 80 29.30 -16.44 42.19
N ILE B 81 29.62 -17.70 41.89
CA ILE B 81 29.22 -18.86 42.73
C ILE B 81 30.42 -19.22 43.62
N GLY B 82 30.22 -19.20 44.94
CA GLY B 82 31.25 -19.67 45.88
C GLY B 82 31.45 -21.18 45.74
N LEU B 83 32.70 -21.63 45.62
CA LEU B 83 33.02 -23.07 45.49
C LEU B 83 33.56 -23.57 46.82
N PRO B 84 33.59 -24.90 47.06
CA PRO B 84 34.21 -25.44 48.28
C PRO B 84 35.65 -24.92 48.44
N MET B 85 35.97 -24.46 49.66
CA MET B 85 37.29 -23.85 49.97
C MET B 85 38.36 -24.93 49.81
N LEU B 86 39.48 -24.64 49.18
CA LEU B 86 40.44 -25.69 48.77
C LEU B 86 41.71 -25.67 49.65
N ASN B 87 42.17 -24.48 50.01
CA ASN B 87 43.52 -24.29 50.59
C ASN B 87 43.36 -23.56 51.93
N GLU B 88 43.22 -24.29 53.03
CA GLU B 88 43.30 -23.72 54.41
C GLU B 88 44.69 -23.10 54.59
N ASP B 89 45.73 -23.77 54.09
CA ASP B 89 47.13 -23.27 54.08
C ASP B 89 47.46 -22.76 52.67
N MET B 90 47.70 -21.46 52.55
CA MET B 90 48.05 -20.80 51.27
C MET B 90 49.56 -20.50 51.22
N THR B 91 50.38 -21.18 52.04
CA THR B 91 51.86 -20.92 52.10
C THR B 91 52.64 -22.05 51.44
N THR B 92 52.00 -23.14 51.03
CA THR B 92 52.69 -24.31 50.41
C THR B 92 53.19 -23.91 49.02
N PRO B 93 54.26 -24.54 48.50
CA PRO B 93 54.76 -24.22 47.17
C PRO B 93 53.78 -24.59 46.04
N GLU B 94 52.86 -25.53 46.28
CA GLU B 94 51.75 -25.84 45.36
C GLU B 94 50.41 -25.68 46.11
N ILE B 95 49.38 -25.22 45.40
CA ILE B 95 47.99 -25.13 45.93
C ILE B 95 47.02 -25.67 44.88
N LEU B 96 45.77 -25.87 45.28
CA LEU B 96 44.69 -26.40 44.42
C LEU B 96 43.79 -25.25 43.97
N MET B 97 43.33 -25.33 42.72
CA MET B 97 42.27 -24.44 42.17
C MET B 97 41.21 -25.31 41.50
N TRP B 98 39.96 -24.92 41.64
CA TRP B 98 38.86 -25.50 40.85
C TRP B 98 39.05 -25.09 39.39
N GLU B 99 39.00 -26.05 38.49
CA GLU B 99 39.17 -25.85 37.04
C GLU B 99 37.82 -26.19 36.39
N ALA B 100 37.22 -25.24 35.67
CA ALA B 100 35.96 -25.45 34.92
C ALA B 100 36.26 -26.20 33.64
N VAL B 101 35.79 -27.44 33.52
CA VAL B 101 36.11 -28.37 32.40
C VAL B 101 35.05 -28.25 31.30
N SER B 102 33.78 -28.13 31.66
CA SER B 102 32.68 -28.17 30.67
C SER B 102 31.43 -27.51 31.26
N VAL B 103 30.49 -27.16 30.39
CA VAL B 103 29.21 -26.53 30.79
C VAL B 103 28.11 -27.06 29.87
N LYS B 104 26.96 -27.36 30.49
CA LYS B 104 25.66 -27.50 29.79
C LYS B 104 24.85 -26.27 30.15
N THR B 105 24.35 -25.56 29.15
CA THR B 105 23.63 -24.30 29.39
C THR B 105 22.41 -24.30 28.48
N GLU B 106 21.33 -23.74 28.97
CA GLU B 106 20.01 -23.80 28.30
C GLU B 106 19.30 -22.46 28.50
N VAL B 107 18.73 -21.91 27.45
CA VAL B 107 17.76 -20.80 27.60
C VAL B 107 16.44 -21.40 28.09
N VAL B 108 15.92 -20.89 29.19
CA VAL B 108 14.68 -21.42 29.82
C VAL B 108 13.49 -20.57 29.42
N GLY B 109 12.35 -21.19 29.13
CA GLY B 109 11.10 -20.51 28.76
C GLY B 109 10.98 -20.25 27.27
N VAL B 110 11.77 -20.95 26.45
CA VAL B 110 11.69 -20.79 24.97
C VAL B 110 10.23 -21.01 24.53
N THR B 111 9.53 -21.98 25.11
CA THR B 111 8.17 -22.36 24.66
C THR B 111 7.16 -21.24 24.93
N THR B 112 7.48 -20.25 25.79
CA THR B 112 6.58 -19.10 26.05
C THR B 112 6.31 -18.35 24.74
N MET B 113 7.22 -18.47 23.76
CA MET B 113 7.11 -17.74 22.48
C MET B 113 6.15 -18.44 21.50
N CYS B 114 5.46 -19.50 21.94
CA CYS B 114 4.28 -20.07 21.25
C CYS B 114 3.00 -19.33 21.66
N ASN B 115 3.10 -18.33 22.52
CA ASN B 115 1.97 -17.47 22.97
C ASN B 115 1.65 -16.45 21.87
N VAL B 116 0.46 -16.54 21.27
CA VAL B 116 0.00 -15.53 20.27
C VAL B 116 -1.34 -14.92 20.72
N HIS B 117 -1.72 -15.06 22.00
CA HIS B 117 -3.02 -14.58 22.53
C HIS B 117 -2.84 -13.36 23.43
N SER B 118 -1.64 -13.09 23.97
CA SER B 118 -1.44 -12.06 25.03
C SER B 118 -1.19 -10.66 24.43
N ALA B 119 -2.17 -10.11 23.72
CA ALA B 119 -2.32 -8.66 23.42
C ALA B 119 -1.18 -8.12 22.57
N SER B 120 -0.73 -8.88 21.57
CA SER B 120 0.23 -8.40 20.57
C SER B 120 -0.50 -7.88 19.32
N ILE B 121 0.22 -7.22 18.41
CA ILE B 121 -0.33 -6.73 17.12
C ILE B 121 -0.77 -7.95 16.30
N ARG B 122 -2.00 -7.94 15.81
CA ARG B 122 -2.61 -9.11 15.17
C ARG B 122 -2.24 -9.14 13.68
N MET B 123 -1.89 -10.33 13.19
CA MET B 123 -1.58 -10.61 11.77
C MET B 123 -2.88 -10.69 10.96
N ASN B 124 -2.77 -10.82 9.64
CA ASN B 124 -3.92 -10.87 8.68
C ASN B 124 -4.80 -9.61 8.87
N GLY B 125 -4.19 -8.44 8.98
CA GLY B 125 -4.90 -7.15 9.07
C GLY B 125 -5.79 -7.05 10.30
N GLY B 126 -5.45 -7.73 11.39
CA GLY B 126 -6.19 -7.64 12.66
C GLY B 126 -7.05 -8.86 12.94
N TYR B 127 -7.15 -9.79 11.98
CA TYR B 127 -8.07 -10.95 12.06
C TYR B 127 -7.35 -12.19 12.61
N GLY B 128 -6.03 -12.27 12.40
CA GLY B 128 -5.23 -13.45 12.77
C GLY B 128 -4.79 -13.41 14.21
N VAL B 129 -3.78 -14.20 14.56
CA VAL B 129 -3.22 -14.23 15.95
C VAL B 129 -2.24 -13.07 16.12
N GLY B 130 -1.85 -12.83 17.36
CA GLY B 130 -0.82 -11.83 17.72
C GLY B 130 0.53 -12.25 17.14
N ARG B 131 1.32 -11.28 16.70
CA ARG B 131 2.74 -11.52 16.36
C ARG B 131 3.42 -12.12 17.58
N PRO B 132 4.24 -13.17 17.39
CA PRO B 132 5.07 -13.66 18.49
C PRO B 132 6.23 -12.68 18.74
N ILE B 133 6.94 -12.88 19.83
CA ILE B 133 8.22 -12.19 20.12
C ILE B 133 9.14 -12.42 18.91
N GLU B 134 9.70 -11.37 18.35
CA GLU B 134 10.52 -11.50 17.12
C GLU B 134 11.38 -10.26 16.95
N GLY B 135 12.35 -10.34 16.05
CA GLY B 135 13.31 -9.24 15.79
C GLY B 135 14.69 -9.62 16.30
N LEU B 136 15.50 -8.61 16.59
CA LEU B 136 16.93 -8.84 16.86
C LEU B 136 17.07 -9.75 18.09
N ASN B 137 18.02 -10.67 17.99
CA ASN B 137 18.40 -11.65 19.02
C ASN B 137 19.87 -11.42 19.33
N CYS B 138 20.23 -11.51 20.60
CA CYS B 138 21.62 -11.41 21.05
C CYS B 138 21.77 -12.36 22.22
N HIS B 139 22.55 -13.43 22.04
CA HIS B 139 22.73 -14.51 23.03
C HIS B 139 24.22 -14.62 23.32
N MET B 140 24.55 -14.61 24.60
CA MET B 140 25.95 -14.79 25.04
C MET B 140 25.91 -15.52 26.35
N PHE B 141 26.81 -16.48 26.54
CA PHE B 141 27.14 -17.00 27.88
C PHE B 141 28.65 -17.05 28.01
N ALA B 142 29.10 -16.90 29.25
CA ALA B 142 30.54 -16.92 29.58
C ALA B 142 30.71 -17.62 30.92
N VAL B 143 31.76 -18.41 31.02
CA VAL B 143 32.16 -19.14 32.24
C VAL B 143 33.65 -18.84 32.44
N GLY B 144 34.00 -18.35 33.63
CA GLY B 144 35.38 -17.94 33.93
C GLY B 144 35.73 -18.04 35.40
N GLY B 145 37.01 -17.87 35.71
CA GLY B 145 37.55 -17.96 37.08
C GLY B 145 37.74 -16.57 37.67
N GLU B 146 37.17 -15.56 37.01
CA GLU B 146 37.21 -14.13 37.41
C GLU B 146 36.17 -13.39 36.58
N PRO B 147 35.83 -12.12 36.91
CA PRO B 147 34.79 -11.41 36.16
C PRO B 147 35.14 -11.29 34.67
N LEU B 148 34.12 -11.37 33.83
CA LEU B 148 34.24 -11.14 32.37
C LEU B 148 34.83 -9.74 32.15
N GLU B 149 35.84 -9.64 31.31
CA GLU B 149 36.43 -8.33 30.93
C GLU B 149 35.70 -7.77 29.70
N LEU B 150 35.39 -6.47 29.77
CA LEU B 150 34.56 -5.77 28.76
C LEU B 150 35.37 -4.69 28.07
N GLN B 151 35.09 -4.50 26.80
CA GLN B 151 35.55 -3.39 25.94
C GLN B 151 34.34 -2.48 25.72
N GLY B 152 34.52 -1.18 25.93
CA GLY B 152 33.51 -0.16 25.67
C GLY B 152 33.41 0.10 24.18
N CYS B 153 32.19 0.14 23.67
CA CYS B 153 31.91 0.46 22.26
C CYS B 153 30.42 0.80 22.16
N VAL B 154 30.09 1.90 21.49
CA VAL B 154 28.69 2.42 21.40
C VAL B 154 28.37 2.68 19.94
N GLN B 155 27.08 2.75 19.63
CA GLN B 155 26.65 3.15 18.26
C GLN B 155 26.73 4.68 18.12
N ASN B 156 26.43 5.41 19.20
CA ASN B 156 26.31 6.90 19.18
C ASN B 156 27.07 7.47 20.38
N TRP B 157 28.21 8.10 20.13
CA TRP B 157 29.08 8.63 21.21
C TRP B 157 28.37 9.80 21.93
N SER B 158 27.34 10.40 21.32
CA SER B 158 26.59 11.54 21.93
C SER B 158 25.50 11.02 22.87
N THR B 159 25.31 9.71 22.99
CA THR B 159 24.26 9.16 23.88
C THR B 159 24.53 9.61 25.33
N THR B 160 23.50 10.01 26.05
CA THR B 160 23.53 10.21 27.53
C THR B 160 23.03 8.94 28.20
N TYR B 161 23.93 8.14 28.77
CA TYR B 161 23.55 6.91 29.50
C TYR B 161 23.02 7.35 30.86
N PRO B 162 22.03 6.63 31.40
CA PRO B 162 21.36 7.07 32.61
C PRO B 162 22.15 6.75 33.89
N SER B 163 21.82 7.49 34.94
CA SER B 163 22.19 7.14 36.33
C SER B 163 21.70 5.72 36.61
N GLY B 164 22.50 4.95 37.31
CA GLY B 164 22.13 3.58 37.72
C GLY B 164 22.68 2.52 36.77
N VAL B 165 23.31 2.89 35.66
CA VAL B 165 24.06 1.90 34.82
C VAL B 165 25.53 2.30 34.78
N VAL B 166 26.41 1.35 34.50
CA VAL B 166 27.85 1.63 34.25
C VAL B 166 28.03 1.67 32.73
N ALA B 167 28.36 2.85 32.21
CA ALA B 167 28.61 3.07 30.77
C ALA B 167 30.04 3.58 30.61
N PRO B 168 30.71 3.34 29.46
CA PRO B 168 32.04 3.89 29.26
C PRO B 168 31.96 5.41 29.19
N PRO B 169 33.02 6.14 29.62
CA PRO B 169 33.12 7.55 29.31
C PRO B 169 33.08 7.75 27.79
N LEU B 170 32.40 8.81 27.35
CA LEU B 170 32.23 9.15 25.92
C LEU B 170 32.76 10.56 25.69
N LYS B 171 34.08 10.70 25.52
CA LYS B 171 34.79 12.00 25.38
C LYS B 171 34.89 12.34 23.90
N ASP B 172 34.78 11.36 23.01
CA ASP B 172 34.92 11.58 21.55
C ASP B 172 34.32 10.39 20.78
N ALA B 173 34.30 10.47 19.46
CA ALA B 173 33.61 9.51 18.56
C ALA B 173 34.40 8.19 18.44
N LYS B 174 35.63 8.12 18.97
CA LYS B 174 36.44 6.87 18.91
C LYS B 174 35.70 5.76 19.69
N ALA B 175 34.83 6.13 20.63
CA ALA B 175 34.01 5.17 21.42
C ALA B 175 33.06 4.38 20.49
N GLN B 176 32.85 4.82 19.25
CA GLN B 176 31.97 4.12 18.26
C GLN B 176 32.77 2.98 17.59
N VAL B 177 34.09 3.02 17.74
CA VAL B 177 34.99 1.96 17.21
C VAL B 177 35.82 1.49 18.42
N LEU B 178 37.08 1.12 18.25
CA LEU B 178 37.86 0.58 19.39
C LEU B 178 38.74 1.68 19.97
N ASP B 179 38.37 2.15 21.15
CA ASP B 179 39.20 3.03 22.01
C ASP B 179 39.71 2.15 23.14
N PRO B 180 41.01 1.80 23.13
CA PRO B 180 41.58 0.88 24.12
C PRO B 180 41.57 1.42 25.56
N GLY B 181 41.28 2.72 25.75
CA GLY B 181 41.10 3.29 27.09
C GLY B 181 39.79 2.87 27.72
N LEU B 182 38.84 2.28 26.98
CA LEU B 182 37.48 2.03 27.50
C LEU B 182 37.34 0.55 27.88
N LYS B 183 37.66 0.24 29.13
CA LYS B 183 37.69 -1.14 29.67
C LYS B 183 36.88 -1.17 30.95
N ALA B 184 36.36 -2.34 31.28
CA ALA B 184 35.66 -2.57 32.56
C ALA B 184 35.63 -4.07 32.83
N ARG B 185 35.21 -4.42 34.04
CA ARG B 185 34.93 -5.79 34.47
C ARG B 185 33.44 -5.88 34.72
N LEU B 186 32.81 -6.97 34.26
CA LEU B 186 31.38 -7.23 34.54
C LEU B 186 31.27 -7.65 36.01
N ASP B 187 31.09 -6.67 36.92
CA ASP B 187 31.17 -6.92 38.38
C ASP B 187 29.86 -6.53 39.08
N LYS B 188 28.79 -6.27 38.32
CA LYS B 188 27.45 -6.00 38.89
C LYS B 188 26.36 -6.49 37.93
N ASP B 189 25.46 -7.31 38.45
CA ASP B 189 24.31 -7.87 37.70
C ASP B 189 23.37 -6.73 37.31
N GLY B 190 22.89 -6.71 36.07
CA GLY B 190 21.84 -5.79 35.61
C GLY B 190 22.27 -4.33 35.63
N ALA B 191 23.54 -4.03 35.41
CA ALA B 191 24.06 -2.64 35.50
C ALA B 191 24.92 -2.26 34.30
N TYR B 192 25.48 -3.22 33.55
CA TYR B 192 26.33 -2.94 32.37
C TYR B 192 25.47 -3.14 31.11
N PRO B 193 25.08 -2.07 30.41
CA PRO B 193 24.22 -2.22 29.24
C PRO B 193 24.93 -2.99 28.13
N VAL B 194 24.19 -3.88 27.50
CA VAL B 194 24.68 -4.72 26.38
C VAL B 194 25.16 -3.80 25.26
N GLU B 195 24.46 -2.72 24.97
CA GLU B 195 24.73 -1.91 23.76
C GLU B 195 25.99 -1.06 23.93
N CYS B 196 26.59 -0.92 25.10
CA CYS B 196 27.83 -0.09 25.22
C CYS B 196 29.05 -0.91 25.71
N TRP B 197 28.90 -2.22 25.89
CA TRP B 197 30.01 -3.11 26.31
C TRP B 197 29.94 -4.42 25.50
N CYS B 198 31.09 -4.91 25.05
CA CYS B 198 31.22 -6.29 24.52
C CYS B 198 32.37 -7.00 25.24
N PRO B 199 32.38 -8.34 25.24
CA PRO B 199 33.52 -9.10 25.75
C PRO B 199 34.81 -8.64 25.07
N ASP B 200 35.85 -8.41 25.87
CA ASP B 200 37.15 -7.91 25.39
C ASP B 200 37.98 -9.08 24.87
N PRO B 201 38.21 -9.19 23.55
CA PRO B 201 38.96 -10.32 23.02
C PRO B 201 40.47 -10.20 23.32
N SER B 202 40.93 -9.03 23.75
CA SER B 202 42.36 -8.77 24.09
C SER B 202 42.64 -9.25 25.51
N ARG B 203 41.62 -9.60 26.27
CA ARG B 203 41.80 -10.08 27.66
C ARG B 203 41.02 -11.39 27.80
N ASN B 204 40.43 -11.66 28.96
CA ASN B 204 39.62 -12.90 29.16
C ASN B 204 40.46 -14.15 28.90
N GLU B 205 41.74 -14.14 29.27
CA GLU B 205 42.58 -15.37 29.24
C GLU B 205 41.95 -16.44 30.14
N ASN B 206 41.20 -16.07 31.17
CA ASN B 206 40.71 -17.01 32.21
C ASN B 206 39.18 -17.12 32.15
N THR B 207 38.57 -16.80 31.01
CA THR B 207 37.12 -16.90 30.75
C THR B 207 36.91 -17.40 29.32
N ARG B 208 35.91 -18.25 29.11
CA ARG B 208 35.41 -18.61 27.76
C ARG B 208 34.06 -17.92 27.57
N TYR B 209 33.91 -17.16 26.50
CA TYR B 209 32.62 -16.52 26.16
C TYR B 209 32.21 -16.93 24.76
N PHE B 210 30.90 -17.09 24.60
CA PHE B 210 30.23 -17.56 23.35
C PHE B 210 29.03 -16.66 23.08
N GLY B 211 29.08 -15.89 22.01
CA GLY B 211 28.06 -14.89 21.65
C GLY B 211 27.66 -15.00 20.20
N THR B 212 26.40 -14.70 19.93
N THR B 212 26.39 -14.73 19.92
CA THR B 212 25.83 -14.58 18.56
CA THR B 212 25.84 -14.57 18.55
C THR B 212 24.84 -13.42 18.56
C THR B 212 24.84 -13.42 18.56
N TYR B 213 24.88 -12.61 17.51
CA TYR B 213 23.89 -11.55 17.22
C TYR B 213 23.25 -11.90 15.89
N THR B 214 21.92 -11.89 15.85
CA THR B 214 21.13 -11.98 14.61
C THR B 214 20.19 -10.78 14.60
N GLY B 215 20.40 -9.87 13.68
CA GLY B 215 19.70 -8.58 13.66
C GLY B 215 18.44 -8.63 12.84
N GLY B 216 18.13 -7.51 12.19
CA GLY B 216 16.93 -7.32 11.37
C GLY B 216 15.73 -6.87 12.18
N GLN B 217 14.61 -6.65 11.50
CA GLN B 217 13.41 -5.97 12.05
C GLN B 217 12.46 -6.97 12.72
N GLN B 218 12.05 -7.99 11.97
CA GLN B 218 10.99 -8.96 12.37
C GLN B 218 11.55 -10.39 12.28
N THR B 219 12.88 -10.52 12.38
CA THR B 219 13.61 -11.78 12.18
C THR B 219 13.07 -12.87 13.10
N PRO B 220 12.82 -14.09 12.56
CA PRO B 220 12.42 -15.22 13.40
C PRO B 220 13.52 -15.60 14.39
N PRO B 221 13.23 -15.61 15.70
CA PRO B 221 14.14 -16.18 16.68
C PRO B 221 14.25 -17.69 16.41
N VAL B 222 15.46 -18.23 16.46
CA VAL B 222 15.74 -19.69 16.35
C VAL B 222 16.40 -20.11 17.66
N LEU B 223 15.69 -20.84 18.49
CA LEU B 223 16.12 -21.16 19.87
C LEU B 223 16.02 -22.66 20.12
N PRO B 224 17.16 -23.35 20.25
CA PRO B 224 17.15 -24.75 20.66
C PRO B 224 16.91 -24.87 22.17
N PHE B 225 16.42 -26.01 22.61
CA PHE B 225 16.36 -26.37 24.05
C PHE B 225 16.52 -27.89 24.10
N THR B 226 17.61 -28.33 24.72
CA THR B 226 17.97 -29.76 24.83
C THR B 226 18.84 -29.90 26.09
N ASN B 227 18.90 -31.10 26.65
CA ASN B 227 19.79 -31.38 27.79
C ASN B 227 20.93 -32.30 27.36
N THR B 228 21.26 -32.33 26.05
CA THR B 228 22.21 -33.31 25.49
C THR B 228 23.49 -32.65 25.00
N VAL B 229 23.66 -31.33 25.13
CA VAL B 229 24.80 -30.62 24.48
C VAL B 229 25.74 -30.08 25.55
N THR B 230 26.99 -30.51 25.48
CA THR B 230 28.08 -30.07 26.37
C THR B 230 29.07 -29.18 25.62
N THR B 231 29.42 -28.02 26.18
CA THR B 231 30.52 -27.17 25.69
C THR B 231 31.76 -27.44 26.55
N VAL B 232 32.84 -27.86 25.94
CA VAL B 232 34.15 -28.08 26.62
C VAL B 232 34.79 -26.70 26.81
N LEU B 233 35.36 -26.45 28.00
CA LEU B 233 35.93 -25.12 28.37
C LEU B 233 37.47 -25.17 28.38
N LEU B 234 38.06 -26.33 28.13
CA LEU B 234 39.54 -26.51 28.07
C LEU B 234 40.08 -25.70 26.91
N ASP B 235 41.21 -25.04 27.10
CA ASP B 235 41.92 -24.30 26.02
C ASP B 235 42.77 -25.30 25.20
N GLU B 236 43.57 -24.77 24.27
CA GLU B 236 44.50 -25.51 23.37
C GLU B 236 45.38 -26.45 24.19
N ASN B 237 45.74 -26.09 25.41
CA ASN B 237 46.68 -26.85 26.28
C ASN B 237 45.94 -27.78 27.24
N GLY B 238 44.61 -27.95 27.12
CA GLY B 238 43.84 -28.84 28.01
C GLY B 238 43.55 -28.22 29.36
N VAL B 239 43.58 -26.89 29.48
CA VAL B 239 43.35 -26.18 30.77
C VAL B 239 42.07 -25.34 30.68
N GLY B 240 41.15 -25.59 31.60
CA GLY B 240 39.90 -24.81 31.74
C GLY B 240 40.15 -23.56 32.56
N PRO B 241 39.16 -22.65 32.63
CA PRO B 241 39.23 -21.51 33.55
C PRO B 241 39.53 -21.99 34.98
N LEU B 242 40.43 -21.28 35.65
CA LEU B 242 40.88 -21.57 37.03
C LEU B 242 40.26 -20.56 37.98
N CYS B 243 39.54 -21.04 38.99
CA CYS B 243 38.62 -20.22 39.81
C CYS B 243 39.43 -19.51 40.91
N LYS B 244 39.81 -18.27 40.65
CA LYS B 244 40.56 -17.44 41.62
C LYS B 244 39.67 -17.18 42.85
N GLY B 245 40.22 -17.39 44.05
CA GLY B 245 39.48 -17.20 45.31
C GLY B 245 38.32 -18.18 45.45
N ASP B 246 38.36 -19.33 44.78
CA ASP B 246 37.30 -20.36 44.84
C ASP B 246 35.95 -19.73 44.41
N GLY B 247 36.00 -18.88 43.39
CA GLY B 247 34.79 -18.29 42.79
C GLY B 247 34.65 -18.73 41.33
N LEU B 248 33.44 -19.13 40.94
CA LEU B 248 33.09 -19.41 39.51
C LEU B 248 32.20 -18.27 39.01
N TYR B 249 32.56 -17.65 37.90
CA TYR B 249 31.90 -16.43 37.34
C TYR B 249 31.09 -16.79 36.09
N LEU B 250 29.78 -16.55 36.17
CA LEU B 250 28.82 -16.85 35.10
C LEU B 250 28.24 -15.53 34.60
N SER B 251 28.12 -15.37 33.30
CA SER B 251 27.65 -14.12 32.63
C SER B 251 26.79 -14.53 31.44
N CYS B 252 25.80 -13.73 31.10
CA CYS B 252 25.00 -14.00 29.89
C CYS B 252 24.15 -12.79 29.54
N VAL B 253 23.65 -12.83 28.32
CA VAL B 253 22.47 -12.04 27.91
C VAL B 253 21.69 -12.89 26.91
N ASP B 254 20.37 -12.83 26.96
CA ASP B 254 19.50 -13.58 26.00
C ASP B 254 18.33 -12.70 25.59
N ILE B 255 18.61 -11.74 24.72
CA ILE B 255 17.55 -10.93 24.04
C ILE B 255 16.94 -11.81 22.96
N CYS B 256 15.64 -12.08 23.06
CA CYS B 256 14.90 -13.02 22.18
C CYS B 256 14.07 -12.27 21.13
N GLY B 257 14.05 -10.94 21.22
CA GLY B 257 13.34 -10.06 20.26
C GLY B 257 12.47 -9.05 21.00
N PHE B 258 11.46 -8.53 20.30
CA PHE B 258 10.57 -7.47 20.82
C PHE B 258 9.15 -8.00 20.93
N TYR B 259 8.49 -7.58 22.01
CA TYR B 259 7.02 -7.65 22.17
C TYR B 259 6.43 -6.31 21.69
N SER B 260 5.47 -6.38 20.78
CA SER B 260 4.70 -5.22 20.28
C SER B 260 3.35 -5.16 20.99
N GLU B 261 3.04 -4.04 21.65
CA GLU B 261 1.71 -3.82 22.27
C GLU B 261 0.64 -3.70 21.18
N GLN B 262 -0.46 -4.40 21.33
CA GLN B 262 -1.55 -4.41 20.30
C GLN B 262 -2.00 -2.98 20.01
N TYR B 263 -2.29 -2.18 21.05
CA TYR B 263 -2.91 -0.84 20.85
C TYR B 263 -1.83 0.17 20.46
N SER B 264 -0.89 0.48 21.34
CA SER B 264 0.10 1.57 21.12
C SER B 264 1.08 1.20 20.00
N GLN B 265 1.35 -0.10 19.81
CA GLN B 265 2.39 -0.65 18.88
C GLN B 265 3.80 -0.27 19.36
N LYS B 266 3.93 0.17 20.61
CA LYS B 266 5.23 0.32 21.31
C LYS B 266 5.88 -1.05 21.48
N GLN B 267 7.21 -1.07 21.52
CA GLN B 267 7.95 -2.34 21.58
C GLN B 267 8.75 -2.41 22.89
N HIS B 268 8.85 -3.62 23.41
CA HIS B 268 9.60 -3.98 24.64
C HIS B 268 10.63 -5.05 24.27
N PHE B 269 11.87 -4.91 24.71
CA PHE B 269 12.82 -6.06 24.69
C PHE B 269 12.24 -7.20 25.52
N ARG B 270 12.32 -8.43 25.01
CA ARG B 270 12.03 -9.67 25.76
C ARG B 270 13.33 -10.45 25.95
N GLY B 271 13.63 -10.79 27.18
CA GLY B 271 14.76 -11.66 27.55
C GLY B 271 14.27 -12.87 28.29
N LEU B 272 15.05 -13.94 28.23
CA LEU B 272 14.73 -15.21 28.89
C LEU B 272 15.89 -15.58 29.82
N PRO B 273 15.57 -16.29 30.91
CA PRO B 273 16.56 -16.77 31.86
C PRO B 273 17.47 -17.84 31.24
N ARG B 274 18.66 -18.01 31.80
CA ARG B 274 19.62 -19.03 31.34
C ARG B 274 20.04 -19.92 32.51
N TYR B 275 20.01 -21.24 32.29
CA TYR B 275 20.48 -22.26 33.24
C TYR B 275 21.91 -22.64 32.87
N PHE B 276 22.75 -22.85 33.89
CA PHE B 276 24.14 -23.34 33.76
C PHE B 276 24.34 -24.58 34.64
N SER B 277 24.96 -25.61 34.10
CA SER B 277 25.56 -26.74 34.86
C SER B 277 27.03 -26.82 34.48
N VAL B 278 27.92 -26.48 35.40
CA VAL B 278 29.40 -26.43 35.16
C VAL B 278 30.04 -27.59 35.90
N SER B 279 30.83 -28.38 35.20
CA SER B 279 31.61 -29.50 35.78
C SER B 279 33.03 -28.99 36.08
N LEU B 280 33.48 -29.15 37.33
CA LEU B 280 34.81 -28.68 37.77
C LEU B 280 35.62 -29.86 38.31
N ARG B 281 36.93 -29.70 38.26
CA ARG B 281 37.89 -30.66 38.85
C ARG B 281 38.99 -29.87 39.55
N LYS B 282 39.64 -30.48 40.52
CA LYS B 282 40.78 -29.87 41.23
C LYS B 282 42.01 -29.92 40.35
N ARG B 283 42.72 -28.80 40.27
CA ARG B 283 43.95 -28.64 39.51
C ARG B 283 45.04 -28.15 40.45
N LEU B 284 46.19 -28.83 40.47
CA LEU B 284 47.40 -28.35 41.20
C LEU B 284 48.03 -27.22 40.39
N VAL B 285 48.41 -26.14 41.07
CA VAL B 285 49.16 -25.02 40.45
C VAL B 285 50.33 -24.66 41.37
N ARG B 286 51.35 -24.03 40.80
CA ARG B 286 52.48 -23.48 41.60
C ARG B 286 51.94 -22.25 42.32
N ASN B 287 52.19 -22.20 43.63
CA ASN B 287 51.78 -21.06 44.48
C ASN B 287 52.68 -19.87 44.12
N MET C 21 23.07 -43.56 37.41
CA MET C 21 22.03 -42.56 37.06
C MET C 21 21.25 -42.16 38.34
N GLY C 22 21.40 -40.91 38.78
CA GLY C 22 20.75 -40.44 40.02
C GLY C 22 21.28 -41.27 41.19
N GLY C 23 20.41 -41.97 41.91
CA GLY C 23 20.82 -42.90 42.98
C GLY C 23 21.09 -44.31 42.48
N ILE C 24 21.00 -44.60 41.16
CA ILE C 24 21.08 -46.01 40.64
C ILE C 24 22.54 -46.32 40.30
N GLU C 25 23.10 -47.37 40.90
CA GLU C 25 24.42 -47.91 40.52
C GLU C 25 24.21 -48.80 39.30
N VAL C 26 24.77 -48.40 38.17
CA VAL C 26 24.57 -49.10 36.87
C VAL C 26 25.70 -50.11 36.71
N LEU C 27 25.36 -51.37 36.42
CA LEU C 27 26.37 -52.44 36.22
C LEU C 27 26.43 -52.75 34.72
N GLY C 28 26.72 -53.98 34.35
CA GLY C 28 26.94 -54.40 32.95
C GLY C 28 25.65 -54.53 32.16
N VAL C 29 25.76 -54.37 30.84
CA VAL C 29 24.69 -54.73 29.89
C VAL C 29 24.46 -56.24 29.96
N ARG C 30 23.21 -56.69 29.98
CA ARG C 30 22.82 -58.12 29.86
C ARG C 30 22.60 -58.41 28.38
N THR C 31 23.32 -59.37 27.81
CA THR C 31 23.27 -59.72 26.38
C THR C 31 22.61 -61.09 26.23
N GLY C 32 22.51 -61.56 24.98
CA GLY C 32 21.95 -62.89 24.67
C GLY C 32 20.56 -62.76 24.06
N PRO C 33 19.94 -63.91 23.71
CA PRO C 33 18.57 -63.93 23.19
C PRO C 33 17.60 -63.15 24.09
N ASP C 34 16.74 -62.35 23.47
CA ASP C 34 15.63 -61.59 24.12
C ASP C 34 16.18 -60.53 25.08
N SER C 35 17.45 -60.12 24.94
CA SER C 35 18.05 -59.07 25.80
C SER C 35 17.80 -57.67 25.19
N THR C 36 17.27 -57.61 23.97
CA THR C 36 16.95 -56.35 23.28
C THR C 36 15.50 -56.40 22.81
N THR C 37 14.92 -55.21 22.66
CA THR C 37 13.55 -55.07 22.09
C THR C 37 13.47 -53.67 21.46
N THR C 38 12.62 -53.55 20.46
CA THR C 38 12.25 -52.27 19.82
C THR C 38 10.80 -51.98 20.15
N ILE C 39 10.53 -50.78 20.67
CA ILE C 39 9.16 -50.28 20.98
C ILE C 39 8.80 -49.27 19.89
N GLU C 40 7.68 -49.46 19.23
CA GLU C 40 7.13 -48.54 18.20
C GLU C 40 5.86 -47.92 18.76
N ALA C 41 5.69 -46.62 18.63
CA ALA C 41 4.50 -45.92 19.11
C ALA C 41 4.34 -44.63 18.31
N TYR C 42 3.13 -44.08 18.28
CA TYR C 42 2.89 -42.73 17.72
C TYR C 42 2.08 -41.94 18.73
N LEU C 43 2.25 -40.63 18.71
CA LEU C 43 1.48 -39.69 19.57
C LEU C 43 0.80 -38.70 18.63
N ASN C 44 -0.53 -38.64 18.67
CA ASN C 44 -1.33 -37.66 17.89
C ASN C 44 -1.24 -36.32 18.61
N PRO C 45 -1.25 -35.20 17.84
CA PRO C 45 -0.98 -33.88 18.39
C PRO C 45 -2.19 -33.42 19.21
N ARG C 46 -1.93 -32.54 20.18
CA ARG C 46 -2.96 -31.95 21.08
C ARG C 46 -2.92 -30.44 20.91
N MET C 47 -3.46 -29.93 19.80
CA MET C 47 -3.40 -28.49 19.43
C MET C 47 -4.55 -27.73 20.09
N GLY C 48 -5.47 -28.44 20.75
CA GLY C 48 -6.60 -27.86 21.50
C GLY C 48 -7.91 -28.54 21.15
N THR C 49 -7.98 -29.11 19.96
CA THR C 49 -9.03 -30.08 19.59
C THR C 49 -8.29 -31.32 19.08
N ASP C 50 -9.01 -32.41 18.87
CA ASP C 50 -8.42 -33.75 18.70
C ASP C 50 -7.79 -33.97 17.32
N ASN C 51 -8.09 -33.19 16.30
CA ASN C 51 -7.75 -33.72 14.93
C ASN C 51 -6.75 -32.82 14.19
N GLY C 52 -5.77 -32.26 14.90
CA GLY C 52 -4.58 -31.64 14.30
C GLY C 52 -4.62 -30.12 14.33
N PHE C 53 -5.75 -29.51 14.64
CA PHE C 53 -5.92 -28.03 14.61
C PHE C 53 -6.47 -27.54 15.94
N SER C 54 -6.01 -26.37 16.37
CA SER C 54 -6.69 -25.62 17.45
C SER C 54 -8.02 -25.11 16.90
N GLN C 55 -8.94 -24.79 17.78
CA GLN C 55 -10.05 -23.83 17.50
C GLN C 55 -9.42 -22.52 17.02
N ALA C 56 -10.17 -21.72 16.25
CA ALA C 56 -9.73 -20.38 15.82
C ALA C 56 -9.23 -19.63 17.05
N VAL C 57 -8.00 -19.11 16.96
CA VAL C 57 -7.31 -18.50 18.14
C VAL C 57 -7.80 -17.07 18.33
N THR C 58 -8.15 -16.73 19.57
CA THR C 58 -8.60 -15.38 19.97
C THR C 58 -7.43 -14.70 20.66
N VAL C 59 -7.43 -13.38 20.59
CA VAL C 59 -6.32 -12.55 21.11
C VAL C 59 -6.92 -11.50 22.02
N ALA C 60 -6.42 -11.42 23.25
CA ALA C 60 -6.85 -10.41 24.24
C ALA C 60 -6.49 -9.01 23.72
N THR C 61 -7.27 -7.98 24.07
CA THR C 61 -6.96 -6.58 23.69
C THR C 61 -5.96 -5.98 24.69
N SER C 62 -5.78 -6.61 25.85
CA SER C 62 -4.84 -6.15 26.90
C SER C 62 -4.29 -7.37 27.65
N LEU C 63 -3.32 -7.14 28.54
CA LEU C 63 -2.66 -8.23 29.31
C LEU C 63 -3.61 -8.73 30.41
N ASN C 64 -4.69 -8.00 30.69
CA ASN C 64 -5.60 -8.38 31.80
C ASN C 64 -6.95 -7.73 31.60
N PRO C 65 -8.05 -8.46 31.30
CA PRO C 65 -8.07 -9.92 31.25
C PRO C 65 -7.53 -10.55 29.95
N ASP C 66 -6.86 -11.68 30.10
CA ASP C 66 -6.27 -12.47 28.99
C ASP C 66 -6.66 -13.93 29.23
N VAL C 67 -7.65 -14.42 28.49
CA VAL C 67 -8.41 -15.65 28.85
C VAL C 67 -8.40 -16.58 27.65
N PRO C 68 -7.27 -17.26 27.37
CA PRO C 68 -7.23 -18.23 26.27
C PRO C 68 -8.08 -19.46 26.59
N PRO C 69 -9.09 -19.79 25.76
CA PRO C 69 -9.85 -21.03 25.93
C PRO C 69 -8.96 -22.27 25.74
N LYS C 70 -9.34 -23.37 26.38
CA LYS C 70 -8.57 -24.63 26.32
C LYS C 70 -8.43 -25.07 24.86
N ALA C 71 -9.48 -24.95 24.06
CA ALA C 71 -9.50 -25.42 22.66
C ALA C 71 -8.52 -24.60 21.78
N GLU C 72 -7.95 -23.53 22.30
CA GLU C 72 -7.04 -22.62 21.55
C GLU C 72 -5.59 -22.77 22.04
N LEU C 73 -5.31 -23.69 22.97
CA LEU C 73 -3.96 -23.83 23.59
C LEU C 73 -3.33 -25.16 23.24
N PRO C 74 -2.30 -25.19 22.36
CA PRO C 74 -1.54 -26.40 22.14
C PRO C 74 -0.94 -26.90 23.47
N CYS C 75 -0.98 -28.21 23.64
CA CYS C 75 -0.46 -28.94 24.80
C CYS C 75 0.56 -29.99 24.33
N TYR C 76 1.43 -30.40 25.25
CA TYR C 76 2.35 -31.54 25.04
C TYR C 76 1.53 -32.83 24.88
N SER C 77 2.02 -33.68 23.98
CA SER C 77 1.63 -35.10 23.88
C SER C 77 2.54 -35.91 24.79
N CYS C 78 2.03 -36.96 25.41
CA CYS C 78 2.88 -37.88 26.19
C CYS C 78 2.18 -39.23 26.32
N ALA C 79 2.97 -40.27 26.55
CA ALA C 79 2.50 -41.66 26.76
C ALA C 79 3.56 -42.42 27.55
N ARG C 80 3.10 -43.29 28.45
CA ARG C 80 3.92 -44.35 29.07
C ARG C 80 3.64 -45.65 28.33
N ILE C 81 4.67 -46.28 27.78
CA ILE C 81 4.57 -47.62 27.14
C ILE C 81 5.02 -48.65 28.18
N GLY C 82 4.17 -49.62 28.50
CA GLY C 82 4.53 -50.76 29.35
C GLY C 82 5.53 -51.64 28.64
N LEU C 83 6.62 -52.01 29.30
CA LEU C 83 7.68 -52.88 28.71
C LEU C 83 7.52 -54.28 29.30
N PRO C 84 8.13 -55.31 28.68
CA PRO C 84 8.14 -56.65 29.27
C PRO C 84 8.67 -56.61 30.70
N MET C 85 7.95 -57.26 31.63
CA MET C 85 8.30 -57.26 33.07
C MET C 85 9.64 -57.99 33.22
N LEU C 86 10.54 -57.45 34.01
CA LEU C 86 11.94 -57.97 34.06
C LEU C 86 12.18 -58.74 35.37
N ASN C 87 11.61 -58.27 36.48
CA ASN C 87 12.00 -58.72 37.83
C ASN C 87 10.76 -59.22 38.57
N GLU C 88 10.42 -60.51 38.45
CA GLU C 88 9.37 -61.16 39.27
C GLU C 88 9.80 -61.08 40.74
N ASP C 89 11.10 -61.27 41.01
CA ASP C 89 11.71 -61.10 42.35
C ASP C 89 12.44 -59.76 42.41
N MET C 90 11.96 -58.85 43.25
CA MET C 90 12.54 -57.49 43.45
C MET C 90 13.35 -57.46 44.75
N THR C 91 13.76 -58.60 45.31
CA THR C 91 14.52 -58.66 46.58
C THR C 91 16.01 -59.00 46.35
N THR C 92 16.41 -59.34 45.12
CA THR C 92 17.81 -59.72 44.80
C THR C 92 18.70 -58.50 44.90
N PRO C 93 20.01 -58.67 45.20
CA PRO C 93 20.92 -57.53 45.31
C PRO C 93 21.15 -56.81 43.96
N GLU C 94 20.92 -57.49 42.84
CA GLU C 94 20.93 -56.87 41.49
C GLU C 94 19.58 -57.14 40.82
N ILE C 95 19.10 -56.19 40.03
CA ILE C 95 17.88 -56.35 39.19
C ILE C 95 18.19 -55.83 37.77
N LEU C 96 17.28 -56.12 36.84
CA LEU C 96 17.39 -55.69 35.44
C LEU C 96 16.48 -54.47 35.22
N MET C 97 16.94 -53.53 34.37
CA MET C 97 16.13 -52.41 33.87
C MET C 97 16.29 -52.35 32.35
N TRP C 98 15.21 -52.05 31.64
CA TRP C 98 15.28 -51.71 30.20
C TRP C 98 16.00 -50.37 30.09
N GLU C 99 17.01 -50.33 29.22
CA GLU C 99 17.83 -49.12 28.97
C GLU C 99 17.53 -48.67 27.53
N ALA C 100 17.05 -47.44 27.34
CA ALA C 100 16.77 -46.87 26.00
C ALA C 100 18.10 -46.41 25.38
N VAL C 101 18.53 -47.06 24.31
CA VAL C 101 19.87 -46.87 23.68
C VAL C 101 19.76 -45.82 22.56
N SER C 102 18.70 -45.86 21.78
CA SER C 102 18.56 -45.00 20.58
C SER C 102 17.10 -44.88 20.19
N VAL C 103 16.79 -43.88 19.37
CA VAL C 103 15.42 -43.63 18.87
C VAL C 103 15.51 -43.15 17.42
N LYS C 104 14.63 -43.67 16.57
CA LYS C 104 14.28 -43.06 15.27
C LYS C 104 12.89 -42.46 15.43
N THR C 105 12.75 -41.19 15.11
CA THR C 105 11.49 -40.46 15.32
C THR C 105 11.23 -39.63 14.08
N GLU C 106 9.97 -39.52 13.71
CA GLU C 106 9.55 -38.92 12.44
C GLU C 106 8.28 -38.14 12.69
N VAL C 107 8.21 -36.91 12.17
CA VAL C 107 6.92 -36.20 12.07
C VAL C 107 6.15 -36.78 10.90
N VAL C 108 4.94 -37.25 11.15
CA VAL C 108 4.09 -37.93 10.13
C VAL C 108 3.11 -36.93 9.53
N GLY C 109 2.90 -36.97 8.23
CA GLY C 109 1.96 -36.10 7.51
C GLY C 109 2.61 -34.81 7.03
N VAL C 110 3.93 -34.74 6.98
CA VAL C 110 4.63 -33.51 6.50
C VAL C 110 4.08 -33.13 5.12
N THR C 111 3.86 -34.12 4.25
CA THR C 111 3.44 -33.86 2.84
C THR C 111 2.05 -33.25 2.76
N THR C 112 1.24 -33.31 3.83
CA THR C 112 -0.11 -32.67 3.83
C THR C 112 0.05 -31.16 3.59
N MET C 113 1.21 -30.59 3.90
CA MET C 113 1.42 -29.13 3.78
C MET C 113 1.77 -28.73 2.34
N CYS C 114 1.66 -29.66 1.39
CA CYS C 114 1.65 -29.38 -0.06
C CYS C 114 0.23 -29.04 -0.54
N ASN C 115 -0.76 -29.06 0.37
CA ASN C 115 -2.17 -28.72 0.08
C ASN C 115 -2.31 -27.20 0.03
N VAL C 116 -2.67 -26.65 -1.14
CA VAL C 116 -2.96 -25.20 -1.28
C VAL C 116 -4.38 -24.99 -1.82
N HIS C 117 -5.25 -26.01 -1.76
CA HIS C 117 -6.63 -25.94 -2.31
C HIS C 117 -7.68 -25.86 -1.19
N SER C 118 -7.37 -26.24 0.05
CA SER C 118 -8.38 -26.39 1.13
C SER C 118 -8.66 -25.07 1.86
N ALA C 119 -9.18 -24.07 1.15
CA ALA C 119 -9.89 -22.87 1.68
C ALA C 119 -8.98 -22.01 2.56
N SER C 120 -7.72 -21.80 2.14
CA SER C 120 -6.82 -20.84 2.82
C SER C 120 -6.87 -19.48 2.10
N ILE C 121 -6.28 -18.45 2.70
CA ILE C 121 -6.16 -17.09 2.09
C ILE C 121 -5.34 -17.21 0.80
N ARG C 122 -5.86 -16.69 -0.30
CA ARG C 122 -5.24 -16.91 -1.64
C ARG C 122 -4.17 -15.84 -1.89
N MET C 123 -3.04 -16.29 -2.41
CA MET C 123 -1.89 -15.44 -2.80
C MET C 123 -2.19 -14.75 -4.14
N ASN C 124 -1.29 -13.88 -4.60
CA ASN C 124 -1.45 -13.05 -5.83
C ASN C 124 -2.78 -12.28 -5.78
N GLY C 125 -3.10 -11.66 -4.63
CA GLY C 125 -4.30 -10.80 -4.47
C GLY C 125 -5.60 -11.56 -4.70
N GLY C 126 -5.64 -12.86 -4.42
CA GLY C 126 -6.86 -13.66 -4.51
C GLY C 126 -6.87 -14.58 -5.74
N TYR C 127 -5.90 -14.44 -6.63
CA TYR C 127 -5.87 -15.15 -7.93
C TYR C 127 -5.06 -16.45 -7.86
N GLY C 128 -4.09 -16.51 -6.94
CA GLY C 128 -3.16 -17.63 -6.81
C GLY C 128 -3.73 -18.73 -5.95
N VAL C 129 -2.86 -19.62 -5.46
CA VAL C 129 -3.29 -20.74 -4.57
C VAL C 129 -3.39 -20.23 -3.12
N GLY C 130 -3.97 -21.06 -2.25
CA GLY C 130 -4.03 -20.79 -0.81
C GLY C 130 -2.65 -20.77 -0.19
N ARG C 131 -2.44 -19.89 0.76
CA ARG C 131 -1.23 -19.96 1.63
C ARG C 131 -1.15 -21.34 2.26
N PRO C 132 0.03 -21.98 2.26
CA PRO C 132 0.21 -23.22 3.01
C PRO C 132 0.29 -22.91 4.50
N ILE C 133 0.24 -23.95 5.32
CA ILE C 133 0.50 -23.85 6.78
C ILE C 133 1.87 -23.20 6.94
N GLU C 134 1.97 -22.14 7.74
CA GLU C 134 3.25 -21.41 7.88
C GLU C 134 3.21 -20.58 9.16
N GLY C 135 4.37 -20.06 9.55
CA GLY C 135 4.53 -19.28 10.79
C GLY C 135 5.31 -20.07 11.83
N LEU C 136 5.11 -19.73 13.10
CA LEU C 136 5.99 -20.25 14.16
C LEU C 136 5.89 -21.78 14.20
N ASN C 137 7.03 -22.40 14.41
CA ASN C 137 7.22 -23.86 14.52
C ASN C 137 7.85 -24.12 15.90
N CYS C 138 7.40 -25.16 16.56
CA CYS C 138 7.97 -25.61 17.85
C CYS C 138 7.92 -27.12 17.85
N HIS C 139 9.09 -27.76 17.82
CA HIS C 139 9.24 -29.23 17.71
C HIS C 139 10.06 -29.69 18.90
N MET C 140 9.56 -30.67 19.62
CA MET C 140 10.29 -31.28 20.74
C MET C 140 9.91 -32.76 20.76
N PHE C 141 10.88 -33.62 21.00
CA PHE C 141 10.63 -35.01 21.42
C PHE C 141 11.53 -35.32 22.60
N ALA C 142 11.06 -36.21 23.45
CA ALA C 142 11.78 -36.67 24.63
C ALA C 142 11.53 -38.16 24.80
N VAL C 143 12.56 -38.87 25.22
CA VAL C 143 12.50 -40.30 25.60
C VAL C 143 13.14 -40.42 26.98
N GLY C 144 12.43 -41.01 27.94
CA GLY C 144 12.92 -41.15 29.33
C GLY C 144 12.38 -42.38 30.02
N GLY C 145 12.93 -42.66 31.21
CA GLY C 145 12.54 -43.80 32.05
C GLY C 145 11.59 -43.38 33.14
N GLU C 146 11.06 -42.16 33.02
CA GLU C 146 10.09 -41.54 33.97
C GLU C 146 9.51 -40.31 33.28
N PRO C 147 8.44 -39.69 33.83
CA PRO C 147 7.83 -38.54 33.18
C PRO C 147 8.81 -37.38 32.98
N LEU C 148 8.67 -36.69 31.84
CA LEU C 148 9.42 -35.45 31.58
C LEU C 148 9.16 -34.46 32.72
N GLU C 149 10.22 -33.86 33.25
CA GLU C 149 10.10 -32.80 34.27
C GLU C 149 10.03 -31.43 33.59
N LEU C 150 9.10 -30.60 34.04
CA LEU C 150 8.75 -29.28 33.44
C LEU C 150 9.08 -28.17 34.41
N GLN C 151 9.52 -27.04 33.85
CA GLN C 151 9.68 -25.74 34.50
C GLN C 151 8.55 -24.83 33.98
N GLY C 152 7.85 -24.17 34.89
CA GLY C 152 6.81 -23.19 34.57
C GLY C 152 7.43 -21.89 34.13
N CYS C 153 6.93 -21.33 33.04
CA CYS C 153 7.37 -20.02 32.52
C CYS C 153 6.30 -19.56 31.54
N VAL C 154 5.87 -18.30 31.63
CA VAL C 154 4.77 -17.75 30.80
C VAL C 154 5.22 -16.44 30.19
N GLN C 155 4.57 -16.02 29.11
CA GLN C 155 4.83 -14.68 28.54
C GLN C 155 4.12 -13.59 29.38
N ASN C 156 2.94 -13.90 29.92
CA ASN C 156 2.07 -12.91 30.62
C ASN C 156 1.56 -13.53 31.92
N TRP C 157 2.08 -13.06 33.06
CA TRP C 157 1.72 -13.64 34.38
C TRP C 157 0.26 -13.34 34.71
N SER C 158 -0.38 -12.38 34.03
CA SER C 158 -1.80 -12.01 34.27
C SER C 158 -2.73 -12.93 33.48
N THR C 159 -2.21 -13.84 32.67
CA THR C 159 -3.07 -14.76 31.87
C THR C 159 -3.95 -15.58 32.82
N THR C 160 -5.24 -15.75 32.49
CA THR C 160 -6.13 -16.73 33.14
C THR C 160 -6.16 -18.00 32.31
N TYR C 161 -5.48 -19.05 32.77
CA TYR C 161 -5.47 -20.35 32.08
C TYR C 161 -6.80 -21.02 32.36
N PRO C 162 -7.34 -21.79 31.40
CA PRO C 162 -8.67 -22.36 31.54
C PRO C 162 -8.70 -23.61 32.42
N SER C 163 -9.89 -23.92 32.93
CA SER C 163 -10.23 -25.23 33.52
C SER C 163 -9.94 -26.29 32.47
N GLY C 164 -9.39 -27.42 32.89
CA GLY C 164 -9.11 -28.56 32.00
C GLY C 164 -7.67 -28.57 31.54
N VAL C 165 -6.86 -27.56 31.84
CA VAL C 165 -5.38 -27.63 31.59
C VAL C 165 -4.66 -27.52 32.92
N VAL C 166 -3.44 -28.04 33.00
CA VAL C 166 -2.54 -27.83 34.16
C VAL C 166 -1.61 -26.68 33.81
N ALA C 167 -1.73 -25.56 34.51
CA ALA C 167 -0.88 -24.36 34.33
C ALA C 167 -0.17 -24.08 35.63
N PRO C 168 1.03 -23.45 35.62
CA PRO C 168 1.70 -23.10 36.88
C PRO C 168 0.87 -22.06 37.62
N PRO C 169 0.92 -22.03 38.97
CA PRO C 169 0.39 -20.90 39.71
C PRO C 169 1.08 -19.61 39.26
N LEU C 170 0.31 -18.52 39.14
CA LEU C 170 0.82 -17.20 38.71
C LEU C 170 0.54 -16.17 39.80
N LYS C 171 1.42 -16.09 40.81
CA LYS C 171 1.23 -15.24 42.01
C LYS C 171 1.90 -13.89 41.77
N ASP C 172 2.85 -13.83 40.83
CA ASP C 172 3.65 -12.60 40.58
C ASP C 172 4.34 -12.73 39.20
N ALA C 173 5.03 -11.68 38.77
CA ALA C 173 5.60 -11.55 37.41
C ALA C 173 6.87 -12.40 37.27
N LYS C 174 7.39 -12.98 38.36
CA LYS C 174 8.61 -13.85 38.29
C LYS C 174 8.31 -15.07 37.41
N ALA C 175 7.04 -15.44 37.25
CA ALA C 175 6.61 -16.56 36.39
C ALA C 175 6.96 -16.29 34.92
N GLN C 176 7.28 -15.04 34.56
CA GLN C 176 7.65 -14.66 33.17
C GLN C 176 9.14 -14.97 32.94
N VAL C 177 9.87 -15.21 34.01
CA VAL C 177 11.31 -15.61 33.96
C VAL C 177 11.39 -16.91 34.75
N LEU C 178 12.49 -17.17 35.47
CA LEU C 178 12.64 -18.48 36.15
C LEU C 178 12.29 -18.30 37.62
N ASP C 179 11.14 -18.84 38.00
CA ASP C 179 10.71 -19.02 39.40
C ASP C 179 10.87 -20.50 39.71
N PRO C 180 11.89 -20.88 40.51
CA PRO C 180 12.18 -22.29 40.79
C PRO C 180 11.08 -23.01 41.57
N GLY C 181 10.09 -22.28 42.11
CA GLY C 181 8.92 -22.89 42.75
C GLY C 181 7.97 -23.51 41.73
N LEU C 182 8.10 -23.21 40.44
CA LEU C 182 7.07 -23.62 39.43
C LEU C 182 7.58 -24.84 38.65
N LYS C 183 7.26 -26.02 39.16
CA LYS C 183 7.72 -27.32 38.64
C LYS C 183 6.52 -28.23 38.46
N ALA C 184 6.63 -29.17 37.53
CA ALA C 184 5.60 -30.19 37.30
C ALA C 184 6.25 -31.37 36.57
N ARG C 185 5.48 -32.46 36.51
CA ARG C 185 5.81 -33.65 35.70
C ARG C 185 4.76 -33.71 34.59
N LEU C 186 5.20 -34.00 33.37
CA LEU C 186 4.29 -34.22 32.22
C LEU C 186 3.63 -35.58 32.41
N ASP C 187 2.48 -35.60 33.11
CA ASP C 187 1.85 -36.86 33.56
C ASP C 187 0.42 -36.98 32.99
N LYS C 188 0.03 -36.12 32.05
CA LYS C 188 -1.28 -36.21 31.37
C LYS C 188 -1.17 -35.68 29.94
N ASP C 189 -1.57 -36.50 28.98
CA ASP C 189 -1.58 -36.16 27.54
C ASP C 189 -2.58 -35.02 27.29
N GLY C 190 -2.20 -34.02 26.50
CA GLY C 190 -3.11 -32.97 26.04
C GLY C 190 -3.61 -32.08 27.16
N ALA C 191 -2.83 -31.87 28.22
CA ALA C 191 -3.29 -31.11 29.41
C ALA C 191 -2.31 -30.04 29.85
N TYR C 192 -1.02 -30.16 29.51
CA TYR C 192 0.04 -29.20 29.88
C TYR C 192 0.28 -28.28 28.68
N PRO C 193 -0.15 -27.00 28.73
CA PRO C 193 0.04 -26.13 27.58
C PRO C 193 1.54 -25.88 27.33
N VAL C 194 1.91 -25.90 26.05
CA VAL C 194 3.30 -25.66 25.60
C VAL C 194 3.74 -24.28 26.07
N GLU C 195 2.86 -23.28 26.01
CA GLU C 195 3.28 -21.88 26.24
C GLU C 195 3.55 -21.58 27.73
N CYS C 196 3.18 -22.45 28.67
CA CYS C 196 3.45 -22.15 30.11
C CYS C 196 4.37 -23.19 30.77
N TRP C 197 4.88 -24.17 30.01
CA TRP C 197 5.83 -25.19 30.52
C TRP C 197 6.94 -25.43 29.50
N CYS C 198 8.19 -25.54 29.96
CA CYS C 198 9.31 -26.06 29.14
C CYS C 198 10.00 -27.19 29.89
N PRO C 199 10.73 -28.06 29.17
CA PRO C 199 11.57 -29.07 29.81
C PRO C 199 12.52 -28.42 30.82
N ASP C 200 12.61 -28.98 32.01
CA ASP C 200 13.43 -28.45 33.12
C ASP C 200 14.86 -28.92 32.95
N PRO C 201 15.81 -28.03 32.61
CA PRO C 201 17.19 -28.44 32.40
C PRO C 201 17.91 -28.78 33.73
N SER C 202 17.34 -28.40 34.86
CA SER C 202 17.91 -28.64 36.21
C SER C 202 17.52 -30.04 36.68
N ARG C 203 16.64 -30.74 35.96
CA ARG C 203 16.23 -32.11 36.32
C ARG C 203 16.39 -32.97 35.07
N ASN C 204 15.50 -33.96 34.87
CA ASN C 204 15.53 -34.81 33.65
C ASN C 204 16.89 -35.51 33.52
N GLU C 205 17.46 -35.96 34.62
CA GLU C 205 18.67 -36.83 34.63
C GLU C 205 18.36 -38.12 33.85
N ASN C 206 17.11 -38.57 33.82
CA ASN C 206 16.76 -39.91 33.28
C ASN C 206 15.90 -39.77 32.02
N THR C 207 15.97 -38.60 31.36
CA THR C 207 15.25 -38.30 30.09
C THR C 207 16.20 -37.51 29.18
N ARG C 208 16.14 -37.79 27.87
CA ARG C 208 16.78 -36.95 26.84
C ARG C 208 15.66 -36.20 26.11
N TYR C 209 15.74 -34.88 26.05
CA TYR C 209 14.78 -34.05 25.29
C TYR C 209 15.54 -33.21 24.26
N PHE C 210 14.89 -33.03 23.11
CA PHE C 210 15.42 -32.32 21.93
C PHE C 210 14.33 -31.39 21.41
N GLY C 211 14.56 -30.09 21.47
CA GLY C 211 13.58 -29.06 21.11
C GLY C 211 14.19 -27.99 20.25
N THR C 212 13.39 -27.46 19.32
N THR C 212 13.41 -27.47 19.29
CA THR C 212 13.71 -26.27 18.51
CA THR C 212 13.72 -26.27 18.50
C THR C 212 12.46 -25.39 18.38
C THR C 212 12.47 -25.40 18.38
N TYR C 213 12.64 -24.09 18.49
CA TYR C 213 11.61 -23.07 18.22
C TYR C 213 12.15 -22.21 17.08
N THR C 214 11.34 -22.03 16.04
CA THR C 214 11.60 -21.07 14.95
C THR C 214 10.37 -20.18 14.86
N GLY C 215 10.53 -18.90 15.19
CA GLY C 215 9.40 -17.98 15.34
C GLY C 215 9.08 -17.25 14.07
N GLY C 216 8.66 -16.00 14.21
CA GLY C 216 8.27 -15.12 13.11
C GLY C 216 6.81 -15.29 12.72
N GLN C 217 6.37 -14.52 11.73
CA GLN C 217 4.93 -14.37 11.39
C GLN C 217 4.51 -15.40 10.35
N GLN C 218 5.21 -15.43 9.20
CA GLN C 218 4.82 -16.24 8.01
C GLN C 218 6.01 -17.16 7.63
N THR C 219 6.85 -17.48 8.61
CA THR C 219 8.11 -18.24 8.43
C THR C 219 7.84 -19.57 7.74
N PRO C 220 8.64 -19.94 6.72
CA PRO C 220 8.55 -21.26 6.11
C PRO C 220 8.88 -22.37 7.12
N PRO C 221 7.95 -23.32 7.34
CA PRO C 221 8.30 -24.55 8.04
C PRO C 221 9.34 -25.32 7.20
N VAL C 222 10.35 -25.86 7.87
CA VAL C 222 11.39 -26.73 7.26
C VAL C 222 11.29 -28.08 7.98
N LEU C 223 10.76 -29.09 7.32
CA LEU C 223 10.42 -30.39 7.97
C LEU C 223 11.03 -31.53 7.18
N PRO C 224 12.05 -32.20 7.74
CA PRO C 224 12.61 -33.39 7.11
C PRO C 224 11.70 -34.59 7.34
N PHE C 225 11.77 -35.59 6.47
CA PHE C 225 11.09 -36.89 6.70
C PHE C 225 11.97 -37.97 6.08
N THR C 226 12.54 -38.83 6.91
CA THR C 226 13.48 -39.88 6.49
C THR C 226 13.38 -41.04 7.48
N ASN C 227 13.78 -42.23 7.07
CA ASN C 227 13.87 -43.39 8.00
C ASN C 227 15.33 -43.77 8.24
N THR C 228 16.26 -42.84 8.02
CA THR C 228 17.71 -43.15 8.02
C THR C 228 18.44 -42.48 9.19
N VAL C 229 17.74 -41.75 10.06
CA VAL C 229 18.42 -40.92 11.11
C VAL C 229 18.09 -41.50 12.48
N THR C 230 19.14 -41.87 13.21
CA THR C 230 19.08 -42.43 14.58
C THR C 230 19.63 -41.39 15.56
N THR C 231 18.92 -41.12 16.64
CA THR C 231 19.42 -40.33 17.80
C THR C 231 19.86 -41.29 18.89
N VAL C 232 21.13 -41.23 19.27
CA VAL C 232 21.71 -42.05 20.39
C VAL C 232 21.26 -41.40 21.69
N LEU C 233 20.81 -42.20 22.67
CA LEU C 233 20.26 -41.70 23.95
C LEU C 233 21.25 -41.94 25.10
N LEU C 234 22.39 -42.58 24.83
CA LEU C 234 23.44 -42.83 25.84
C LEU C 234 24.02 -41.48 26.29
N ASP C 235 24.27 -41.34 27.58
CA ASP C 235 24.94 -40.14 28.15
C ASP C 235 26.46 -40.28 27.98
N GLU C 236 27.21 -39.33 28.56
CA GLU C 236 28.69 -39.24 28.55
C GLU C 236 29.29 -40.58 29.01
N ASN C 237 28.62 -41.31 29.91
CA ASN C 237 29.14 -42.58 30.50
C ASN C 237 28.63 -43.81 29.75
N GLY C 238 27.96 -43.66 28.60
CA GLY C 238 27.46 -44.81 27.82
C GLY C 238 26.17 -45.40 28.40
N VAL C 239 25.42 -44.63 29.18
CA VAL C 239 24.17 -45.13 29.84
C VAL C 239 22.96 -44.36 29.29
N GLY C 240 21.99 -45.10 28.78
CA GLY C 240 20.71 -44.54 28.29
C GLY C 240 19.73 -44.37 29.45
N PRO C 241 18.58 -43.72 29.19
CA PRO C 241 17.49 -43.69 30.17
C PRO C 241 17.14 -45.11 30.64
N LEU C 242 16.94 -45.25 31.95
CA LEU C 242 16.61 -46.54 32.59
C LEU C 242 15.13 -46.51 32.99
N CYS C 243 14.37 -47.49 32.53
CA CYS C 243 12.90 -47.47 32.56
C CYS C 243 12.40 -47.93 33.95
N LYS C 244 12.13 -46.96 34.83
CA LYS C 244 11.63 -47.25 36.19
C LYS C 244 10.24 -47.89 36.09
N GLY C 245 10.02 -49.00 36.82
CA GLY C 245 8.76 -49.74 36.78
C GLY C 245 8.46 -50.33 35.40
N ASP C 246 9.45 -50.57 34.58
CA ASP C 246 9.29 -51.15 33.22
C ASP C 246 8.35 -50.27 32.39
N GLY C 247 8.50 -48.97 32.53
CA GLY C 247 7.77 -47.97 31.72
C GLY C 247 8.72 -47.14 30.87
N LEU C 248 8.41 -46.98 29.59
CA LEU C 248 9.12 -46.04 28.66
C LEU C 248 8.23 -44.81 28.45
N TYR C 249 8.76 -43.62 28.65
CA TYR C 249 8.01 -42.34 28.62
C TYR C 249 8.40 -41.55 27.37
N LEU C 250 7.40 -41.30 26.52
CA LEU C 250 7.56 -40.56 25.25
C LEU C 250 6.76 -39.26 25.37
N SER C 251 7.35 -38.15 24.93
CA SER C 251 6.74 -36.80 24.99
C SER C 251 7.08 -36.09 23.68
N CYS C 252 6.22 -35.20 23.23
CA CYS C 252 6.53 -34.35 22.08
C CYS C 252 5.55 -33.20 21.96
N VAL C 253 5.94 -32.24 21.13
CA VAL C 253 5.00 -31.29 20.51
C VAL C 253 5.54 -30.98 19.12
N ASP C 254 4.65 -30.83 18.15
CA ASP C 254 5.04 -30.49 16.75
C ASP C 254 4.06 -29.48 16.19
N ILE C 255 4.18 -28.23 16.62
CA ILE C 255 3.48 -27.08 16.01
C ILE C 255 4.17 -26.76 14.69
N CYS C 256 3.45 -26.85 13.59
CA CYS C 256 3.98 -26.73 12.20
C CYS C 256 3.63 -25.36 11.60
N GLY C 257 2.86 -24.56 12.33
CA GLY C 257 2.49 -23.18 11.93
C GLY C 257 0.98 -22.97 12.05
N PHE C 258 0.47 -22.00 11.30
CA PHE C 258 -0.96 -21.61 11.36
C PHE C 258 -1.64 -21.87 10.02
N TYR C 259 -2.88 -22.35 10.10
CA TYR C 259 -3.86 -22.35 8.99
C TYR C 259 -4.69 -21.07 9.09
N SER C 260 -4.74 -20.31 8.00
CA SER C 260 -5.58 -19.09 7.86
C SER C 260 -6.86 -19.43 7.11
N GLU C 261 -8.02 -19.14 7.69
CA GLU C 261 -9.33 -19.33 6.99
C GLU C 261 -9.45 -18.29 5.86
N GLN C 262 -9.85 -18.74 4.67
CA GLN C 262 -9.95 -17.85 3.49
C GLN C 262 -10.87 -16.65 3.81
N TYR C 263 -12.05 -16.89 4.36
CA TYR C 263 -13.06 -15.82 4.55
C TYR C 263 -12.71 -14.99 5.78
N SER C 264 -12.77 -15.56 6.98
CA SER C 264 -12.61 -14.80 8.26
C SER C 264 -11.17 -14.30 8.42
N GLN C 265 -10.20 -15.03 7.86
CA GLN C 265 -8.73 -14.81 8.05
C GLN C 265 -8.31 -15.08 9.50
N LYS C 266 -9.17 -15.76 10.27
CA LYS C 266 -8.81 -16.31 11.60
C LYS C 266 -7.76 -17.40 11.42
N GLN C 267 -6.94 -17.62 12.44
CA GLN C 267 -5.81 -18.57 12.36
C GLN C 267 -6.00 -19.69 13.38
N HIS C 268 -5.57 -20.89 12.98
CA HIS C 268 -5.59 -22.13 13.80
C HIS C 268 -4.16 -22.66 13.89
N PHE C 269 -3.69 -23.04 15.08
CA PHE C 269 -2.47 -23.87 15.19
C PHE C 269 -2.68 -25.18 14.41
N ARG C 270 -1.67 -25.59 13.64
CA ARG C 270 -1.61 -26.93 13.01
C ARG C 270 -0.48 -27.71 13.66
N GLY C 271 -0.80 -28.92 14.14
CA GLY C 271 0.18 -29.89 14.66
C GLY C 271 0.11 -31.17 13.88
N LEU C 272 1.20 -31.92 13.88
CA LEU C 272 1.30 -33.20 13.18
C LEU C 272 1.69 -34.27 14.20
N PRO C 273 1.26 -35.52 13.94
CA PRO C 273 1.62 -36.65 14.79
C PRO C 273 3.12 -36.97 14.68
N ARG C 274 3.64 -37.64 15.70
CA ARG C 274 5.06 -38.07 15.74
C ARG C 274 5.13 -39.57 16.01
N TYR C 275 5.93 -40.27 15.21
CA TYR C 275 6.24 -41.71 15.35
C TYR C 275 7.57 -41.84 16.10
N PHE C 276 7.64 -42.85 16.96
CA PHE C 276 8.85 -43.23 17.72
C PHE C 276 9.15 -44.71 17.50
N SER C 277 10.40 -45.03 17.24
CA SER C 277 10.95 -46.40 17.33
C SER C 277 12.15 -46.35 18.29
N VAL C 278 12.00 -46.93 19.47
CA VAL C 278 13.04 -46.89 20.55
C VAL C 278 13.65 -48.27 20.69
N SER C 279 14.97 -48.35 20.60
CA SER C 279 15.73 -49.60 20.78
C SER C 279 16.19 -49.68 22.24
N LEU C 280 15.87 -50.77 22.92
CA LEU C 280 16.21 -50.94 24.35
C LEU C 280 17.03 -52.23 24.52
N ARG C 281 17.81 -52.25 25.59
CA ARG C 281 18.59 -53.44 26.00
C ARG C 281 18.45 -53.59 27.51
N LYS C 282 18.64 -54.81 27.99
CA LYS C 282 18.61 -55.11 29.44
C LYS C 282 19.92 -54.63 30.06
N ARG C 283 19.78 -53.95 31.19
CA ARG C 283 20.92 -53.40 31.94
C ARG C 283 20.81 -53.91 33.38
N LEU C 284 21.87 -54.51 33.90
CA LEU C 284 21.96 -54.90 35.33
C LEU C 284 22.20 -53.64 36.15
N VAL C 285 21.49 -53.48 37.26
CA VAL C 285 21.71 -52.37 38.22
C VAL C 285 21.73 -52.95 39.63
N ARG C 286 22.35 -52.25 40.58
CA ARG C 286 22.28 -52.61 42.01
C ARG C 286 20.87 -52.29 42.49
N ASN C 287 20.22 -53.24 43.15
CA ASN C 287 18.88 -53.05 43.75
C ASN C 287 19.08 -52.16 44.97
N GLY D 23 12.26 -60.80 7.86
CA GLY D 23 12.64 -62.17 8.31
C GLY D 23 13.58 -62.86 7.32
N ILE D 24 14.39 -62.11 6.55
CA ILE D 24 15.44 -62.68 5.66
C ILE D 24 16.75 -62.83 6.46
N GLU D 25 17.32 -64.04 6.51
CA GLU D 25 18.66 -64.26 7.08
C GLU D 25 19.67 -63.88 6.00
N VAL D 26 20.45 -62.83 6.25
CA VAL D 26 21.40 -62.28 5.27
C VAL D 26 22.75 -62.94 5.51
N LEU D 27 23.36 -63.49 4.46
CA LEU D 27 24.68 -64.16 4.57
C LEU D 27 25.72 -63.26 3.91
N GLY D 28 26.76 -63.83 3.32
CA GLY D 28 27.91 -63.07 2.79
C GLY D 28 27.60 -62.43 1.44
N VAL D 29 28.32 -61.36 1.12
CA VAL D 29 28.34 -60.75 -0.23
C VAL D 29 28.97 -61.76 -1.20
N ARG D 30 28.37 -61.94 -2.37
CA ARG D 30 28.92 -62.76 -3.49
C ARG D 30 29.76 -61.82 -4.36
N THR D 31 31.03 -62.15 -4.55
CA THR D 31 32.01 -61.32 -5.30
C THR D 31 32.35 -62.04 -6.61
N GLY D 32 33.24 -61.44 -7.39
CA GLY D 32 33.74 -62.02 -8.64
C GLY D 32 33.09 -61.35 -9.86
N PRO D 33 33.45 -61.81 -11.09
CA PRO D 33 32.91 -61.26 -12.31
C PRO D 33 31.38 -61.19 -12.29
N ASP D 34 30.83 -60.04 -12.74
CA ASP D 34 29.37 -59.80 -12.91
C ASP D 34 28.62 -59.87 -11.58
N SER D 35 29.30 -59.68 -10.44
CA SER D 35 28.68 -59.73 -9.09
C SER D 35 28.14 -58.34 -8.71
N THR D 36 28.45 -57.31 -9.51
CA THR D 36 28.00 -55.93 -9.29
C THR D 36 27.38 -55.41 -10.57
N THR D 37 26.48 -54.43 -10.44
CA THR D 37 25.87 -53.74 -11.59
C THR D 37 25.43 -52.35 -11.11
N THR D 38 25.38 -51.41 -12.04
CA THR D 38 24.82 -50.07 -11.84
C THR D 38 23.55 -49.96 -12.67
N ILE D 39 22.46 -49.55 -12.05
CA ILE D 39 21.14 -49.30 -12.70
C ILE D 39 20.98 -47.79 -12.79
N GLU D 40 20.71 -47.29 -13.98
CA GLU D 40 20.46 -45.86 -14.27
C GLU D 40 19.01 -45.74 -14.70
N ALA D 41 18.29 -44.77 -14.14
CA ALA D 41 16.88 -44.53 -14.49
C ALA D 41 16.57 -43.06 -14.24
N TYR D 42 15.54 -42.55 -14.90
CA TYR D 42 15.00 -41.20 -14.58
C TYR D 42 13.49 -41.35 -14.41
N LEU D 43 12.92 -40.48 -13.58
CA LEU D 43 11.46 -40.42 -13.34
C LEU D 43 11.03 -39.01 -13.68
N ASN D 44 10.11 -38.87 -14.64
CA ASN D 44 9.52 -37.56 -15.01
C ASN D 44 8.46 -37.23 -13.96
N PRO D 45 8.30 -35.94 -13.63
CA PRO D 45 7.44 -35.51 -12.53
C PRO D 45 5.98 -35.68 -12.93
N ARG D 46 5.12 -35.88 -11.93
CA ARG D 46 3.66 -36.06 -12.10
C ARG D 46 2.95 -34.97 -11.29
N MET D 47 2.95 -33.75 -11.81
CA MET D 47 2.42 -32.53 -11.14
C MET D 47 0.92 -32.42 -11.39
N GLY D 48 0.35 -33.30 -12.23
CA GLY D 48 -1.09 -33.33 -12.53
C GLY D 48 -1.33 -33.37 -14.03
N THR D 49 -0.40 -32.85 -14.82
CA THR D 49 -0.32 -33.10 -16.26
C THR D 49 1.10 -33.60 -16.51
N ASP D 50 1.36 -34.08 -17.73
CA ASP D 50 2.57 -34.87 -18.07
C ASP D 50 3.84 -34.02 -18.20
N ASN D 51 3.80 -32.71 -18.35
CA ASN D 51 5.05 -32.06 -18.83
C ASN D 51 5.60 -31.03 -17.83
N GLY D 52 5.48 -31.31 -16.53
CA GLY D 52 6.24 -30.60 -15.50
C GLY D 52 5.39 -29.61 -14.70
N PHE D 53 4.18 -29.32 -15.16
CA PHE D 53 3.30 -28.33 -14.50
C PHE D 53 1.94 -28.96 -14.21
N SER D 54 1.35 -28.58 -13.06
CA SER D 54 -0.08 -28.83 -12.82
C SER D 54 -0.89 -27.94 -13.76
N GLN D 55 -2.14 -28.29 -14.00
CA GLN D 55 -3.20 -27.34 -14.44
C GLN D 55 -3.25 -26.19 -13.42
N ALA D 56 -3.71 -25.01 -13.83
CA ALA D 56 -3.93 -23.86 -12.93
C ALA D 56 -4.71 -24.36 -11.71
N VAL D 57 -4.19 -24.11 -10.52
CA VAL D 57 -4.72 -24.67 -9.25
C VAL D 57 -5.90 -23.83 -8.78
N THR D 58 -7.00 -24.51 -8.44
CA THR D 58 -8.24 -23.88 -7.91
C THR D 58 -8.27 -24.09 -6.42
N VAL D 59 -8.95 -23.18 -5.74
CA VAL D 59 -9.01 -23.16 -4.25
C VAL D 59 -10.48 -23.13 -3.86
N ALA D 60 -10.89 -24.07 -3.02
CA ALA D 60 -12.27 -24.13 -2.47
C ALA D 60 -12.51 -22.87 -1.61
N THR D 61 -13.75 -22.39 -1.53
CA THR D 61 -14.11 -21.23 -0.69
C THR D 61 -14.37 -21.70 0.75
N SER D 62 -14.55 -23.00 0.97
CA SER D 62 -14.80 -23.59 2.30
C SER D 62 -14.20 -25.00 2.35
N LEU D 63 -14.22 -25.65 3.52
CA LEU D 63 -13.66 -27.01 3.70
C LEU D 63 -14.59 -28.04 3.08
N ASN D 64 -15.82 -27.66 2.74
CA ASN D 64 -16.80 -28.65 2.23
C ASN D 64 -17.91 -27.92 1.45
N PRO D 65 -18.03 -28.05 0.11
CA PRO D 65 -17.22 -28.98 -0.68
C PRO D 65 -15.82 -28.45 -1.08
N ASP D 66 -14.87 -29.36 -1.09
CA ASP D 66 -13.45 -29.11 -1.46
C ASP D 66 -13.04 -30.21 -2.45
N VAL D 67 -12.98 -29.85 -3.73
CA VAL D 67 -12.99 -30.82 -4.87
C VAL D 67 -11.81 -30.49 -5.76
N PRO D 68 -10.57 -30.84 -5.36
CA PRO D 68 -9.40 -30.64 -6.22
C PRO D 68 -9.45 -31.58 -7.42
N PRO D 69 -9.44 -31.05 -8.67
CA PRO D 69 -9.33 -31.90 -9.86
C PRO D 69 -7.98 -32.64 -9.90
N LYS D 70 -7.97 -33.80 -10.55
CA LYS D 70 -6.76 -34.64 -10.65
C LYS D 70 -5.62 -33.84 -11.27
N ALA D 71 -5.90 -33.04 -12.29
CA ALA D 71 -4.87 -32.30 -13.06
C ALA D 71 -4.21 -31.22 -12.19
N GLU D 72 -4.72 -30.98 -10.99
CA GLU D 72 -4.22 -29.92 -10.07
C GLU D 72 -3.51 -30.54 -8.86
N LEU D 73 -3.35 -31.87 -8.81
CA LEU D 73 -2.78 -32.58 -7.63
C LEU D 73 -1.46 -33.25 -7.99
N PRO D 74 -0.32 -32.73 -7.51
CA PRO D 74 0.94 -33.45 -7.65
C PRO D 74 0.86 -34.82 -6.99
N CYS D 75 1.45 -35.80 -7.68
CA CYS D 75 1.52 -37.21 -7.26
C CYS D 75 2.99 -37.65 -7.21
N TYR D 76 3.25 -38.71 -6.45
CA TYR D 76 4.56 -39.39 -6.42
C TYR D 76 4.83 -40.01 -7.79
N SER D 77 6.10 -39.94 -8.18
CA SER D 77 6.69 -40.71 -9.27
C SER D 77 7.21 -42.02 -8.69
N CYS D 78 7.11 -43.11 -9.44
CA CYS D 78 7.71 -44.39 -9.01
C CYS D 78 7.93 -45.27 -10.23
N ALA D 79 8.89 -46.17 -10.10
CA ALA D 79 9.26 -47.15 -11.14
C ALA D 79 9.83 -48.38 -10.44
N ARG D 80 9.49 -49.55 -10.98
CA ARG D 80 10.17 -50.82 -10.67
C ARG D 80 11.11 -51.10 -11.83
N ILE D 81 12.40 -51.26 -11.56
CA ILE D 81 13.40 -51.69 -12.57
C ILE D 81 13.58 -53.19 -12.43
N GLY D 82 13.30 -53.97 -13.49
CA GLY D 82 13.62 -55.41 -13.52
C GLY D 82 15.12 -55.62 -13.54
N LEU D 83 15.65 -56.47 -12.67
CA LEU D 83 17.10 -56.69 -12.54
C LEU D 83 17.50 -57.98 -13.26
N PRO D 84 18.80 -58.12 -13.61
CA PRO D 84 19.29 -59.36 -14.18
C PRO D 84 18.93 -60.57 -13.30
N MET D 85 18.46 -61.64 -13.94
CA MET D 85 18.46 -63.02 -13.38
C MET D 85 19.77 -63.40 -12.66
N LEU D 86 19.61 -63.90 -11.45
CA LEU D 86 20.65 -64.12 -10.43
CA LEU D 86 20.78 -64.18 -10.59
C LEU D 86 20.70 -65.62 -10.06
N ASN D 87 19.55 -66.27 -10.09
CA ASN D 87 19.28 -67.61 -9.60
C ASN D 87 18.89 -68.55 -10.75
N GLU D 88 19.86 -69.38 -11.14
CA GLU D 88 19.69 -70.59 -11.97
C GLU D 88 18.67 -71.51 -11.28
N ASP D 89 18.55 -71.52 -9.95
CA ASP D 89 17.56 -72.36 -9.21
C ASP D 89 16.98 -71.66 -7.98
N MET D 90 15.67 -71.66 -7.75
CA MET D 90 15.04 -70.95 -6.63
C MET D 90 14.71 -71.88 -5.44
N THR D 91 15.16 -73.14 -5.48
CA THR D 91 14.73 -74.20 -4.52
C THR D 91 15.87 -74.56 -3.56
N THR D 92 17.08 -74.01 -3.77
CA THR D 92 18.29 -74.27 -2.97
C THR D 92 18.10 -73.65 -1.58
N PRO D 93 18.79 -74.18 -0.56
CA PRO D 93 18.72 -73.60 0.79
C PRO D 93 19.26 -72.16 0.89
N GLU D 94 20.13 -71.75 -0.04
CA GLU D 94 20.58 -70.34 -0.16
C GLU D 94 20.28 -69.84 -1.58
N ILE D 95 19.90 -68.58 -1.72
CA ILE D 95 19.75 -67.91 -3.04
C ILE D 95 20.46 -66.55 -3.01
N LEU D 96 20.58 -65.94 -4.18
CA LEU D 96 21.18 -64.59 -4.32
C LEU D 96 20.07 -63.56 -4.46
N MET D 97 20.27 -62.38 -3.88
CA MET D 97 19.43 -61.19 -4.09
C MET D 97 20.36 -60.01 -4.45
N TRP D 98 19.89 -59.16 -5.35
CA TRP D 98 20.57 -57.87 -5.61
C TRP D 98 20.39 -56.99 -4.37
N GLU D 99 21.50 -56.44 -3.88
CA GLU D 99 21.51 -55.55 -2.69
C GLU D 99 21.90 -54.17 -3.19
N ALA D 100 21.05 -53.16 -2.93
CA ALA D 100 21.34 -51.75 -3.28
C ALA D 100 22.30 -51.18 -2.22
N VAL D 101 23.53 -50.84 -2.62
CA VAL D 101 24.60 -50.38 -1.72
C VAL D 101 24.59 -48.85 -1.61
N SER D 102 24.37 -48.16 -2.72
CA SER D 102 24.51 -46.68 -2.76
C SER D 102 23.73 -46.13 -3.96
N VAL D 103 23.48 -44.83 -3.94
CA VAL D 103 22.74 -44.14 -5.02
C VAL D 103 23.35 -42.74 -5.19
N LYS D 104 23.54 -42.34 -6.44
CA LYS D 104 23.74 -40.93 -6.85
C LYS D 104 22.46 -40.48 -7.53
N THR D 105 21.87 -39.39 -7.05
CA THR D 105 20.57 -38.94 -7.57
C THR D 105 20.64 -37.43 -7.75
N GLU D 106 19.98 -36.95 -8.78
CA GLU D 106 20.11 -35.56 -9.24
C GLU D 106 18.74 -35.08 -9.68
N VAL D 107 18.34 -33.89 -9.25
CA VAL D 107 17.19 -33.19 -9.89
C VAL D 107 17.69 -32.59 -11.20
N VAL D 108 17.05 -32.95 -12.31
CA VAL D 108 17.44 -32.52 -13.68
C VAL D 108 16.62 -31.32 -14.10
N GLY D 109 17.26 -30.34 -14.75
CA GLY D 109 16.59 -29.13 -15.24
C GLY D 109 16.57 -28.01 -14.22
N VAL D 110 17.40 -28.08 -13.17
CA VAL D 110 17.42 -27.00 -12.14
C VAL D 110 17.65 -25.65 -12.83
N THR D 111 18.52 -25.60 -13.82
CA THR D 111 18.91 -24.34 -14.49
C THR D 111 17.74 -23.72 -15.27
N THR D 112 16.67 -24.46 -15.55
CA THR D 112 15.46 -23.89 -16.22
C THR D 112 14.89 -22.75 -15.37
N MET D 113 15.16 -22.75 -14.06
CA MET D 113 14.61 -21.74 -13.13
C MET D 113 15.42 -20.44 -13.16
N CYS D 114 16.38 -20.33 -14.09
CA CYS D 114 17.04 -19.04 -14.46
C CYS D 114 16.22 -18.32 -15.54
N ASN D 115 15.11 -18.90 -15.99
CA ASN D 115 14.18 -18.30 -16.98
C ASN D 115 13.31 -17.25 -16.28
N VAL D 116 13.46 -15.98 -16.66
CA VAL D 116 12.57 -14.89 -16.14
C VAL D 116 11.87 -14.18 -17.31
N HIS D 117 11.82 -14.78 -18.50
CA HIS D 117 11.21 -14.15 -19.71
C HIS D 117 9.88 -14.81 -20.09
N SER D 118 9.59 -16.03 -19.63
CA SER D 118 8.43 -16.83 -20.15
C SER D 118 7.12 -16.51 -19.41
N ALA D 119 6.65 -15.26 -19.50
CA ALA D 119 5.26 -14.83 -19.23
C ALA D 119 4.87 -15.03 -17.76
N SER D 120 5.77 -14.74 -16.83
CA SER D 120 5.45 -14.69 -15.38
C SER D 120 5.09 -13.27 -14.94
N ILE D 121 4.57 -13.12 -13.72
CA ILE D 121 4.25 -11.80 -13.11
C ILE D 121 5.56 -11.01 -12.98
N ARG D 122 5.58 -9.78 -13.47
CA ARG D 122 6.83 -8.98 -13.56
C ARG D 122 7.07 -8.23 -12.25
N MET D 123 8.32 -8.25 -11.79
CA MET D 123 8.81 -7.50 -10.61
C MET D 123 8.98 -6.02 -10.94
N ASN D 124 9.32 -5.20 -9.95
CA ASN D 124 9.49 -3.72 -10.08
C ASN D 124 8.22 -3.10 -10.69
N GLY D 125 7.05 -3.49 -10.19
CA GLY D 125 5.75 -2.91 -10.61
C GLY D 125 5.47 -3.11 -12.10
N GLY D 126 5.97 -4.19 -12.68
CA GLY D 126 5.68 -4.53 -14.09
C GLY D 126 6.84 -4.22 -15.03
N TYR D 127 7.90 -3.56 -14.53
CA TYR D 127 9.02 -3.07 -15.36
C TYR D 127 10.18 -4.06 -15.37
N GLY D 128 10.30 -4.88 -14.33
CA GLY D 128 11.43 -5.82 -14.15
C GLY D 128 11.18 -7.12 -14.88
N VAL D 129 11.92 -8.15 -14.53
CA VAL D 129 11.77 -9.50 -15.12
C VAL D 129 10.62 -10.24 -14.43
N GLY D 130 10.22 -11.36 -15.02
CA GLY D 130 9.21 -12.27 -14.44
C GLY D 130 9.73 -12.87 -13.15
N ARG D 131 8.84 -13.06 -12.19
CA ARG D 131 9.15 -13.90 -11.01
C ARG D 131 9.61 -15.27 -11.48
N PRO D 132 10.70 -15.82 -10.91
CA PRO D 132 11.05 -17.20 -11.17
C PRO D 132 10.10 -18.13 -10.42
N ILE D 133 10.15 -19.40 -10.74
CA ILE D 133 9.45 -20.48 -9.99
C ILE D 133 9.87 -20.35 -8.53
N GLU D 134 8.92 -20.28 -7.62
CA GLU D 134 9.23 -20.07 -6.19
C GLU D 134 8.04 -20.47 -5.34
N GLY D 135 8.27 -20.59 -4.03
CA GLY D 135 7.23 -21.02 -3.07
C GLY D 135 7.55 -22.40 -2.54
N LEU D 136 6.53 -23.12 -2.09
CA LEU D 136 6.78 -24.35 -1.29
C LEU D 136 7.52 -25.36 -2.17
N ASN D 137 8.47 -26.04 -1.56
CA ASN D 137 9.32 -27.09 -2.16
C ASN D 137 9.09 -28.36 -1.35
N CYS D 138 9.02 -29.48 -2.03
CA CYS D 138 8.92 -30.80 -1.38
C CYS D 138 9.72 -31.77 -2.23
N HIS D 139 10.82 -32.27 -1.67
CA HIS D 139 11.76 -33.15 -2.39
C HIS D 139 11.88 -34.46 -1.60
N MET D 140 11.70 -35.58 -2.29
CA MET D 140 11.85 -36.90 -1.65
C MET D 140 12.41 -37.82 -2.72
N PHE D 141 13.36 -38.66 -2.34
CA PHE D 141 13.70 -39.86 -3.13
C PHE D 141 13.76 -41.05 -2.18
N ALA D 142 13.45 -42.21 -2.73
CA ALA D 142 13.49 -43.49 -2.02
C ALA D 142 14.03 -44.55 -2.95
N VAL D 143 14.82 -45.46 -2.38
CA VAL D 143 15.35 -46.67 -3.07
C VAL D 143 15.02 -47.85 -2.16
N GLY D 144 14.36 -48.87 -2.70
CA GLY D 144 13.96 -50.06 -1.93
C GLY D 144 13.89 -51.31 -2.77
N GLY D 145 13.74 -52.45 -2.09
CA GLY D 145 13.62 -53.79 -2.72
C GLY D 145 12.17 -54.21 -2.82
N GLU D 146 11.26 -53.27 -2.60
CA GLU D 146 9.79 -53.46 -2.66
C GLU D 146 9.16 -52.09 -2.69
N PRO D 147 7.85 -51.99 -2.99
CA PRO D 147 7.19 -50.70 -3.07
C PRO D 147 7.32 -49.90 -1.78
N LEU D 148 7.47 -48.59 -1.92
CA LEU D 148 7.44 -47.66 -0.77
C LEU D 148 6.11 -47.85 -0.06
N GLU D 149 6.14 -48.00 1.26
CA GLU D 149 4.92 -48.08 2.09
C GLU D 149 4.51 -46.67 2.53
N LEU D 150 3.20 -46.38 2.41
CA LEU D 150 2.64 -45.03 2.63
C LEU D 150 1.68 -45.09 3.82
N GLN D 151 1.66 -43.98 4.56
CA GLN D 151 0.66 -43.66 5.59
C GLN D 151 -0.24 -42.56 5.04
N GLY D 152 -1.56 -42.74 5.16
CA GLY D 152 -2.56 -41.73 4.77
C GLY D 152 -2.60 -40.63 5.80
N CYS D 153 -2.63 -39.39 5.34
CA CYS D 153 -2.77 -38.19 6.20
C CYS D 153 -3.13 -37.03 5.30
N VAL D 154 -4.14 -36.25 5.68
CA VAL D 154 -4.66 -35.13 4.84
C VAL D 154 -4.74 -33.88 5.70
N GLN D 155 -4.79 -32.73 5.05
CA GLN D 155 -5.03 -31.46 5.76
C GLN D 155 -6.53 -31.31 6.08
N ASN D 156 -7.40 -31.78 5.19
CA ASN D 156 -8.87 -31.56 5.28
C ASN D 156 -9.57 -32.90 5.01
N TRP D 157 -10.15 -33.51 6.05
CA TRP D 157 -10.79 -34.83 5.93
C TRP D 157 -12.06 -34.73 5.06
N SER D 158 -12.60 -33.52 4.85
CA SER D 158 -13.82 -33.29 4.04
C SER D 158 -13.48 -33.19 2.56
N THR D 159 -12.20 -33.22 2.19
CA THR D 159 -11.79 -33.11 0.76
C THR D 159 -12.42 -34.28 -0.03
N THR D 160 -12.96 -33.99 -1.22
CA THR D 160 -13.35 -35.01 -2.22
C THR D 160 -12.20 -35.19 -3.21
N TYR D 161 -11.46 -36.28 -3.10
CA TYR D 161 -10.36 -36.59 -4.02
C TYR D 161 -10.98 -37.10 -5.31
N PRO D 162 -10.37 -36.80 -6.47
CA PRO D 162 -10.99 -37.10 -7.75
C PRO D 162 -10.80 -38.57 -8.16
N SER D 163 -11.67 -39.01 -9.06
CA SER D 163 -11.51 -40.24 -9.86
C SER D 163 -10.14 -40.18 -10.53
N GLY D 164 -9.44 -41.30 -10.57
CA GLY D 164 -8.15 -41.41 -11.25
C GLY D 164 -6.97 -41.25 -10.30
N VAL D 165 -7.19 -40.90 -9.04
CA VAL D 165 -6.09 -40.93 -8.02
C VAL D 165 -6.44 -41.94 -6.94
N VAL D 166 -5.44 -42.47 -6.26
CA VAL D 166 -5.63 -43.32 -5.06
C VAL D 166 -5.46 -42.41 -3.84
N ALA D 167 -6.53 -42.22 -3.08
CA ALA D 167 -6.56 -41.41 -1.86
C ALA D 167 -6.99 -42.30 -0.70
N PRO D 168 -6.57 -42.03 0.55
CA PRO D 168 -7.06 -42.82 1.68
C PRO D 168 -8.55 -42.60 1.85
N PRO D 169 -9.28 -43.61 2.37
CA PRO D 169 -10.65 -43.38 2.81
C PRO D 169 -10.66 -42.28 3.89
N LEU D 170 -11.67 -41.41 3.85
CA LEU D 170 -11.82 -40.28 4.79
C LEU D 170 -13.17 -40.41 5.49
N LYS D 171 -13.24 -41.23 6.55
CA LYS D 171 -14.51 -41.57 7.27
C LYS D 171 -14.67 -40.60 8.43
N ASP D 172 -13.59 -39.98 8.89
CA ASP D 172 -13.61 -39.07 10.07
C ASP D 172 -12.36 -38.19 10.06
N ALA D 173 -12.26 -37.26 11.02
CA ALA D 173 -11.21 -36.22 11.07
C ALA D 173 -9.87 -36.80 11.55
N LYS D 174 -9.83 -38.06 12.02
CA LYS D 174 -8.57 -38.68 12.47
C LYS D 174 -7.61 -38.79 11.27
N ALA D 175 -8.11 -38.78 10.04
CA ALA D 175 -7.28 -38.80 8.81
C ALA D 175 -6.40 -37.54 8.72
N GLN D 176 -6.68 -36.50 9.51
CA GLN D 176 -5.86 -35.25 9.54
C GLN D 176 -4.63 -35.45 10.43
N VAL D 177 -4.65 -36.50 11.24
CA VAL D 177 -3.52 -36.90 12.11
C VAL D 177 -3.19 -38.35 11.74
N LEU D 178 -2.76 -39.18 12.67
CA LEU D 178 -2.34 -40.56 12.31
C LEU D 178 -3.48 -41.51 12.66
N ASP D 179 -4.13 -42.01 11.63
CA ASP D 179 -5.08 -43.15 11.69
C ASP D 179 -4.34 -44.35 11.11
N PRO D 180 -3.94 -45.32 11.96
CA PRO D 180 -3.16 -46.46 11.52
C PRO D 180 -3.88 -47.41 10.55
N GLY D 181 -5.20 -47.24 10.38
CA GLY D 181 -5.97 -47.97 9.36
C GLY D 181 -5.67 -47.48 7.95
N LEU D 182 -5.01 -46.34 7.77
CA LEU D 182 -4.88 -45.71 6.43
C LEU D 182 -3.47 -45.98 5.89
N LYS D 183 -3.32 -47.09 5.17
CA LYS D 183 -2.02 -47.59 4.65
C LYS D 183 -2.18 -47.88 3.16
N ALA D 184 -1.07 -47.79 2.44
CA ALA D 184 -1.02 -48.18 1.01
C ALA D 184 0.42 -48.45 0.64
N ARG D 185 0.59 -48.99 -0.55
CA ARG D 185 1.89 -49.21 -1.21
C ARG D 185 1.91 -48.29 -2.43
N LEU D 186 3.04 -47.62 -2.65
CA LEU D 186 3.24 -46.78 -3.86
C LEU D 186 3.44 -47.73 -5.04
N ASP D 187 2.35 -48.13 -5.70
CA ASP D 187 2.39 -49.22 -6.72
C ASP D 187 1.88 -48.71 -8.07
N LYS D 188 1.70 -47.39 -8.23
CA LYS D 188 1.31 -46.78 -9.53
C LYS D 188 1.90 -45.37 -9.65
N ASP D 189 2.63 -45.13 -10.73
CA ASP D 189 3.25 -43.82 -11.06
C ASP D 189 2.13 -42.79 -11.30
N GLY D 190 2.27 -41.58 -10.75
CA GLY D 190 1.38 -40.45 -11.04
C GLY D 190 -0.04 -40.68 -10.58
N ALA D 191 -0.27 -41.43 -9.50
CA ALA D 191 -1.64 -41.77 -9.05
C ALA D 191 -1.86 -41.52 -7.56
N TYR D 192 -0.79 -41.48 -6.74
CA TYR D 192 -0.87 -41.27 -5.28
C TYR D 192 -0.55 -39.81 -5.01
N PRO D 193 -1.52 -38.96 -4.64
CA PRO D 193 -1.22 -37.54 -4.41
C PRO D 193 -0.29 -37.38 -3.21
N VAL D 194 0.67 -36.47 -3.37
CA VAL D 194 1.65 -36.14 -2.32
C VAL D 194 0.91 -35.65 -1.08
N GLU D 195 -0.15 -34.85 -1.25
CA GLU D 195 -0.80 -34.18 -0.10
C GLU D 195 -1.61 -35.15 0.77
N CYS D 196 -1.89 -36.38 0.35
CA CYS D 196 -2.69 -37.30 1.22
C CYS D 196 -1.92 -38.57 1.60
N TRP D 197 -0.64 -38.69 1.22
CA TRP D 197 0.21 -39.84 1.57
C TRP D 197 1.61 -39.37 1.95
N CYS D 198 2.18 -39.94 3.00
CA CYS D 198 3.62 -39.77 3.31
C CYS D 198 4.26 -41.14 3.51
N PRO D 199 5.59 -41.24 3.36
CA PRO D 199 6.31 -42.48 3.68
C PRO D 199 5.99 -42.91 5.12
N ASP D 200 5.69 -44.19 5.29
CA ASP D 200 5.28 -44.77 6.58
C ASP D 200 6.54 -45.11 7.38
N PRO D 201 6.85 -44.39 8.47
CA PRO D 201 8.06 -44.67 9.24
C PRO D 201 7.94 -45.98 10.06
N SER D 202 6.72 -46.51 10.21
CA SER D 202 6.46 -47.76 10.97
C SER D 202 6.71 -48.97 10.09
N ARG D 203 6.94 -48.77 8.79
CA ARG D 203 7.23 -49.89 7.85
C ARG D 203 8.49 -49.53 7.09
N ASN D 204 8.60 -49.90 5.81
CA ASN D 204 9.77 -49.53 4.98
C ASN D 204 11.08 -50.03 5.62
N GLU D 205 11.06 -51.24 6.18
CA GLU D 205 12.30 -51.93 6.65
C GLU D 205 13.24 -52.12 5.45
N ASN D 206 12.72 -52.26 4.23
CA ASN D 206 13.53 -52.68 3.05
C ASN D 206 13.58 -51.54 2.03
N THR D 207 13.38 -50.30 2.49
CA THR D 207 13.45 -49.06 1.67
C THR D 207 14.14 -47.97 2.50
N ARG D 208 14.98 -47.17 1.86
CA ARG D 208 15.52 -45.91 2.44
C ARG D 208 14.82 -44.76 1.74
N TYR D 209 14.19 -43.85 2.48
CA TYR D 209 13.57 -42.64 1.91
C TYR D 209 14.18 -41.41 2.59
N PHE D 210 14.32 -40.36 1.79
CA PHE D 210 14.95 -39.07 2.17
C PHE D 210 14.06 -37.94 1.65
N GLY D 211 13.44 -37.20 2.56
CA GLY D 211 12.47 -36.15 2.21
C GLY D 211 12.75 -34.87 2.97
N THR D 212 12.51 -33.73 2.31
N THR D 212 12.46 -33.74 2.32
CA THR D 212 12.48 -32.39 2.96
CA THR D 212 12.47 -32.40 2.93
C THR D 212 11.30 -31.60 2.40
C THR D 212 11.28 -31.60 2.39
N TYR D 213 10.61 -30.88 3.27
CA TYR D 213 9.59 -29.87 2.94
C TYR D 213 10.10 -28.53 3.42
N THR D 214 10.06 -27.53 2.54
CA THR D 214 10.31 -26.11 2.89
C THR D 214 9.11 -25.34 2.37
N GLY D 215 8.31 -24.78 3.29
CA GLY D 215 7.02 -24.18 2.95
C GLY D 215 7.17 -22.69 2.67
N GLY D 216 6.14 -21.95 3.05
CA GLY D 216 6.06 -20.49 2.83
C GLY D 216 5.47 -20.13 1.48
N GLN D 217 5.32 -18.84 1.23
CA GLN D 217 4.54 -18.30 0.09
C GLN D 217 5.42 -18.13 -1.16
N GLN D 218 6.53 -17.40 -1.03
CA GLN D 218 7.41 -16.99 -2.15
C GLN D 218 8.85 -17.46 -1.88
N THR D 219 8.98 -18.49 -1.06
CA THR D 219 10.28 -18.99 -0.56
C THR D 219 11.22 -19.33 -1.72
N PRO D 220 12.50 -18.90 -1.65
CA PRO D 220 13.49 -19.30 -2.63
C PRO D 220 13.71 -20.81 -2.64
N PRO D 221 13.54 -21.47 -3.81
CA PRO D 221 14.04 -22.82 -3.99
C PRO D 221 15.56 -22.82 -3.87
N VAL D 222 16.11 -23.80 -3.15
CA VAL D 222 17.57 -24.02 -3.04
C VAL D 222 17.84 -25.43 -3.57
N LEU D 223 18.44 -25.54 -4.76
CA LEU D 223 18.55 -26.83 -5.48
C LEU D 223 20.01 -27.04 -5.91
N PRO D 224 20.71 -28.02 -5.31
CA PRO D 224 22.04 -28.38 -5.76
C PRO D 224 21.96 -29.23 -7.03
N PHE D 225 23.04 -29.23 -7.82
CA PHE D 225 23.18 -30.16 -8.96
C PHE D 225 24.67 -30.49 -9.08
N THR D 226 25.03 -31.74 -8.84
CA THR D 226 26.43 -32.21 -8.83
C THR D 226 26.44 -33.70 -9.19
N ASN D 227 27.56 -34.21 -9.67
CA ASN D 227 27.71 -35.66 -9.93
C ASN D 227 28.71 -36.25 -8.93
N THR D 228 28.93 -35.60 -7.79
CA THR D 228 30.00 -35.97 -6.85
C THR D 228 29.44 -36.50 -5.51
N VAL D 229 28.12 -36.58 -5.33
CA VAL D 229 27.56 -36.91 -3.99
C VAL D 229 26.88 -38.28 -4.06
N THR D 230 27.34 -39.18 -3.20
CA THR D 230 26.82 -40.57 -3.06
C THR D 230 26.08 -40.69 -1.73
N THR D 231 24.86 -41.24 -1.75
CA THR D 231 24.12 -41.66 -0.54
C THR D 231 24.30 -43.16 -0.35
N VAL D 232 24.86 -43.56 0.79
CA VAL D 232 25.04 -44.99 1.17
C VAL D 232 23.68 -45.49 1.65
N LEU D 233 23.28 -46.70 1.21
CA LEU D 233 21.94 -47.27 1.51
C LEU D 233 22.04 -48.39 2.56
N LEU D 234 23.25 -48.74 2.98
CA LEU D 234 23.48 -49.80 4.00
C LEU D 234 22.86 -49.36 5.32
N ASP D 235 22.24 -50.27 6.03
CA ASP D 235 21.70 -50.03 7.40
C ASP D 235 22.83 -50.20 8.42
N GLU D 236 22.48 -50.13 9.71
CA GLU D 236 23.38 -50.27 10.90
C GLU D 236 24.22 -51.55 10.77
N ASN D 237 23.69 -52.61 10.16
CA ASN D 237 24.38 -53.92 10.03
C ASN D 237 25.14 -54.06 8.71
N GLY D 238 25.26 -53.01 7.90
CA GLY D 238 25.99 -53.08 6.62
C GLY D 238 25.17 -53.75 5.51
N VAL D 239 23.83 -53.73 5.62
CA VAL D 239 22.94 -54.39 4.63
C VAL D 239 22.07 -53.33 3.95
N GLY D 240 22.13 -53.30 2.62
CA GLY D 240 21.30 -52.42 1.80
C GLY D 240 19.94 -53.05 1.53
N PRO D 241 19.00 -52.30 0.94
CA PRO D 241 17.75 -52.89 0.44
C PRO D 241 18.03 -54.11 -0.45
N LEU D 242 17.25 -55.17 -0.24
CA LEU D 242 17.35 -56.47 -0.93
C LEU D 242 16.17 -56.56 -1.89
N CYS D 243 16.46 -56.77 -3.18
CA CYS D 243 15.47 -56.61 -4.27
C CYS D 243 14.62 -57.87 -4.41
N LYS D 244 13.46 -57.88 -3.77
CA LYS D 244 12.50 -59.01 -3.83
C LYS D 244 11.98 -59.15 -5.25
N GLY D 245 11.97 -60.37 -5.78
CA GLY D 245 11.52 -60.66 -7.16
C GLY D 245 12.41 -60.01 -8.20
N ASP D 246 13.68 -59.73 -7.86
CA ASP D 246 14.65 -59.08 -8.78
C ASP D 246 14.09 -57.74 -9.28
N GLY D 247 13.41 -57.01 -8.42
CA GLY D 247 12.91 -55.65 -8.71
C GLY D 247 13.60 -54.61 -7.84
N LEU D 248 14.06 -53.51 -8.45
CA LEU D 248 14.54 -52.30 -7.72
C LEU D 248 13.46 -51.22 -7.81
N TYR D 249 13.04 -50.67 -6.67
CA TYR D 249 11.92 -49.71 -6.57
C TYR D 249 12.45 -48.30 -6.28
N LEU D 250 12.18 -47.38 -7.19
CA LEU D 250 12.60 -45.97 -7.13
C LEU D 250 11.34 -45.11 -7.01
N SER D 251 11.36 -44.12 -6.12
CA SER D 251 10.20 -43.22 -5.85
C SER D 251 10.75 -41.83 -5.64
N CYS D 252 9.98 -40.82 -6.00
CA CYS D 252 10.37 -39.44 -5.70
C CYS D 252 9.19 -38.49 -5.88
N VAL D 253 9.39 -37.30 -5.35
CA VAL D 253 8.63 -36.11 -5.76
C VAL D 253 9.59 -34.94 -5.67
N ASP D 254 9.47 -34.01 -6.63
CA ASP D 254 10.31 -32.80 -6.65
C ASP D 254 9.45 -31.60 -7.05
N ILE D 255 8.61 -31.14 -6.13
CA ILE D 255 7.87 -29.86 -6.28
C ILE D 255 8.88 -28.72 -6.02
N CYS D 256 9.09 -27.86 -7.00
CA CYS D 256 10.14 -26.82 -7.00
C CYS D 256 9.52 -25.42 -6.74
N GLY D 257 8.19 -25.36 -6.66
CA GLY D 257 7.43 -24.14 -6.36
C GLY D 257 6.31 -23.92 -7.35
N PHE D 258 5.89 -22.68 -7.50
CA PHE D 258 4.73 -22.31 -8.35
C PHE D 258 5.21 -21.38 -9.47
N TYR D 259 4.64 -21.59 -10.65
CA TYR D 259 4.66 -20.64 -11.77
C TYR D 259 3.39 -19.80 -11.71
N SER D 260 3.55 -18.48 -11.72
CA SER D 260 2.43 -17.50 -11.76
C SER D 260 2.25 -17.01 -13.20
N GLU D 261 1.05 -17.15 -13.75
CA GLU D 261 0.71 -16.60 -15.08
C GLU D 261 0.71 -15.06 -15.00
N GLN D 262 1.37 -14.40 -15.96
CA GLN D 262 1.49 -12.92 -15.96
C GLN D 262 0.10 -12.29 -15.92
N TYR D 263 -0.83 -12.73 -16.77
CA TYR D 263 -2.14 -12.06 -16.91
C TYR D 263 -3.07 -12.49 -15.78
N SER D 264 -3.48 -13.77 -15.73
CA SER D 264 -4.52 -14.24 -14.76
C SER D 264 -3.98 -14.20 -13.32
N GLN D 265 -2.66 -14.36 -13.15
CA GLN D 265 -1.97 -14.53 -11.83
C GLN D 265 -2.37 -15.85 -11.15
N LYS D 266 -2.98 -16.77 -11.91
CA LYS D 266 -3.19 -18.17 -11.49
C LYS D 266 -1.83 -18.87 -11.33
N GLN D 267 -1.78 -19.86 -10.46
CA GLN D 267 -0.51 -20.53 -10.12
C GLN D 267 -0.58 -22.01 -10.50
N HIS D 268 0.55 -22.54 -10.95
CA HIS D 268 0.76 -23.94 -11.35
C HIS D 268 1.90 -24.51 -10.51
N PHE D 269 1.73 -25.71 -9.95
CA PHE D 269 2.88 -26.48 -9.42
C PHE D 269 3.89 -26.70 -10.54
N ARG D 270 5.18 -26.52 -10.24
CA ARG D 270 6.29 -26.90 -11.15
C ARG D 270 7.09 -28.03 -10.48
N GLY D 271 7.27 -29.12 -11.20
CA GLY D 271 8.11 -30.26 -10.79
C GLY D 271 9.19 -30.51 -11.80
N LEU D 272 10.29 -31.10 -11.34
CA LEU D 272 11.43 -31.44 -12.20
C LEU D 272 11.69 -32.92 -12.12
N PRO D 273 12.23 -33.49 -13.21
CA PRO D 273 12.58 -34.90 -13.27
C PRO D 273 13.76 -35.22 -12.34
N ARG D 274 13.88 -36.48 -11.94
CA ARG D 274 14.97 -36.95 -11.07
C ARG D 274 15.68 -38.13 -11.73
N TYR D 275 17.00 -38.08 -11.77
CA TYR D 275 17.89 -39.15 -12.26
C TYR D 275 18.37 -39.96 -11.06
N PHE D 276 18.47 -41.27 -11.23
CA PHE D 276 19.04 -42.22 -10.24
C PHE D 276 20.12 -43.06 -10.89
N SER D 277 21.24 -43.22 -10.19
CA SER D 277 22.27 -44.25 -10.50
C SER D 277 22.47 -45.08 -9.22
N VAL D 278 22.02 -46.33 -9.23
CA VAL D 278 22.04 -47.22 -8.04
C VAL D 278 23.10 -48.29 -8.27
N SER D 279 24.01 -48.44 -7.33
CA SER D 279 25.07 -49.47 -7.37
C SER D 279 24.59 -50.68 -6.56
N LEU D 280 24.59 -51.86 -7.18
CA LEU D 280 24.10 -53.10 -6.54
C LEU D 280 25.19 -54.16 -6.54
N ARG D 281 25.09 -55.08 -5.58
CA ARG D 281 25.98 -56.26 -5.50
C ARG D 281 25.11 -57.47 -5.17
N LYS D 282 25.59 -58.64 -5.52
CA LYS D 282 24.90 -59.91 -5.19
C LYS D 282 25.14 -60.23 -3.72
N ARG D 283 24.08 -60.60 -3.03
CA ARG D 283 24.09 -60.94 -1.61
C ARG D 283 23.47 -62.33 -1.46
N LEU D 284 24.17 -63.24 -0.78
CA LEU D 284 23.64 -64.57 -0.43
C LEU D 284 22.67 -64.40 0.73
N VAL D 285 21.51 -65.05 0.65
CA VAL D 285 20.52 -65.07 1.75
C VAL D 285 20.05 -66.52 1.94
N ARG D 286 19.53 -66.84 3.13
CA ARG D 286 18.88 -68.13 3.38
C ARG D 286 17.53 -68.10 2.66
N ASN D 287 17.26 -69.15 1.87
CA ASN D 287 16.01 -69.28 1.09
C ASN D 287 14.90 -69.61 2.08
N GLY E 23 36.04 -47.12 -20.47
CA GLY E 23 36.76 -47.64 -21.65
C GLY E 23 38.28 -47.60 -21.47
N ILE E 24 38.80 -46.69 -20.63
CA ILE E 24 40.28 -46.53 -20.41
C ILE E 24 40.69 -47.42 -19.22
N GLU E 25 41.65 -48.32 -19.43
CA GLU E 25 42.29 -49.09 -18.34
C GLU E 25 43.34 -48.19 -17.69
N VAL E 26 43.11 -47.81 -16.44
CA VAL E 26 43.97 -46.82 -15.73
C VAL E 26 45.04 -47.61 -14.96
N LEU E 27 46.30 -47.25 -15.13
CA LEU E 27 47.43 -47.94 -14.44
C LEU E 27 47.95 -47.00 -13.35
N GLY E 28 49.24 -47.06 -13.04
CA GLY E 28 49.83 -46.31 -11.91
C GLY E 28 50.05 -44.85 -12.23
N VAL E 29 50.10 -44.02 -11.19
CA VAL E 29 50.57 -42.61 -11.27
C VAL E 29 52.05 -42.61 -11.67
N ARG E 30 52.43 -41.74 -12.58
CA ARG E 30 53.84 -41.51 -13.00
C ARG E 30 54.37 -40.37 -12.13
N THR E 31 55.45 -40.62 -11.38
CA THR E 31 56.06 -39.63 -10.46
C THR E 31 57.40 -39.16 -11.04
N GLY E 32 58.10 -38.32 -10.30
CA GLY E 32 59.44 -37.82 -10.69
C GLY E 32 59.36 -36.38 -11.17
N PRO E 33 60.51 -35.77 -11.51
CA PRO E 33 60.56 -34.38 -11.98
C PRO E 33 59.58 -34.13 -13.14
N ASP E 34 58.84 -33.02 -13.07
CA ASP E 34 57.90 -32.53 -14.11
C ASP E 34 56.72 -33.50 -14.30
N SER E 35 56.41 -34.33 -13.29
CA SER E 35 55.28 -35.29 -13.34
C SER E 35 53.99 -34.60 -12.85
N THR E 36 54.10 -33.39 -12.33
CA THR E 36 52.95 -32.60 -11.83
C THR E 36 53.00 -31.20 -12.44
N THR E 37 51.86 -30.56 -12.55
CA THR E 37 51.75 -29.17 -13.02
C THR E 37 50.47 -28.57 -12.42
N THR E 38 50.48 -27.26 -12.23
CA THR E 38 49.28 -26.47 -11.84
C THR E 38 48.91 -25.58 -13.02
N ILE E 39 47.65 -25.61 -13.43
CA ILE E 39 47.07 -24.76 -14.50
C ILE E 39 46.22 -23.70 -13.81
N GLU E 40 46.46 -22.44 -14.13
CA GLU E 40 45.67 -21.28 -13.65
C GLU E 40 44.93 -20.69 -14.85
N ALA E 41 43.65 -20.38 -14.70
CA ALA E 41 42.85 -19.77 -15.78
C ALA E 41 41.71 -18.99 -15.15
N TYR E 42 41.15 -18.04 -15.89
CA TYR E 42 39.90 -17.37 -15.48
C TYR E 42 38.94 -17.41 -16.67
N LEU E 43 37.64 -17.42 -16.37
CA LEU E 43 36.57 -17.36 -17.40
C LEU E 43 35.71 -16.15 -17.10
N ASN E 44 35.62 -15.22 -18.04
CA ASN E 44 34.72 -14.03 -17.91
C ASN E 44 33.30 -14.49 -18.20
N PRO E 45 32.31 -13.88 -17.52
CA PRO E 45 30.92 -14.33 -17.58
C PRO E 45 30.32 -13.98 -18.93
N ARG E 46 29.33 -14.76 -19.36
CA ARG E 46 28.60 -14.57 -20.64
C ARG E 46 27.11 -14.39 -20.32
N MET E 47 26.75 -13.20 -19.83
CA MET E 47 25.38 -12.88 -19.36
C MET E 47 24.51 -12.44 -20.54
N GLY E 48 25.09 -12.30 -21.73
CA GLY E 48 24.39 -11.94 -22.98
C GLY E 48 25.09 -10.81 -23.70
N THR E 49 25.82 -9.98 -22.96
CA THR E 49 26.82 -9.05 -23.53
C THR E 49 28.13 -9.36 -22.80
N ASP E 50 29.23 -8.78 -23.27
CA ASP E 50 30.61 -9.20 -22.88
C ASP E 50 31.03 -8.73 -21.50
N ASN E 51 30.40 -7.77 -20.86
CA ASN E 51 31.11 -7.12 -19.72
C ASN E 51 30.32 -7.25 -18.41
N GLY E 52 29.70 -8.41 -18.17
CA GLY E 52 29.19 -8.78 -16.83
C GLY E 52 27.68 -8.67 -16.71
N PHE E 53 27.01 -8.00 -17.64
CA PHE E 53 25.56 -7.74 -17.56
C PHE E 53 24.88 -8.22 -18.85
N SER E 54 23.67 -8.74 -18.71
CA SER E 54 22.75 -8.93 -19.85
C SER E 54 22.29 -7.55 -20.31
N GLN E 55 21.84 -7.46 -21.55
CA GLN E 55 20.91 -6.38 -21.99
C GLN E 55 19.69 -6.39 -21.05
N ALA E 56 19.00 -5.26 -20.92
CA ALA E 56 17.74 -5.15 -20.17
C ALA E 56 16.82 -6.30 -20.61
N VAL E 57 16.33 -7.08 -19.65
CA VAL E 57 15.58 -8.33 -19.95
C VAL E 57 14.12 -7.97 -20.26
N THR E 58 13.61 -8.53 -21.35
CA THR E 58 12.22 -8.36 -21.79
C THR E 58 11.45 -9.63 -21.42
N VAL E 59 10.15 -9.48 -21.24
CA VAL E 59 9.29 -10.59 -20.74
C VAL E 59 8.11 -10.72 -21.71
N ALA E 60 7.89 -11.91 -22.25
CA ALA E 60 6.74 -12.22 -23.11
C ALA E 60 5.44 -12.04 -22.32
N THR E 61 4.36 -11.65 -23.00
CA THR E 61 3.02 -11.49 -22.35
C THR E 61 2.31 -12.83 -22.30
N SER E 62 2.78 -13.83 -23.07
CA SER E 62 2.19 -15.19 -23.10
C SER E 62 3.31 -16.19 -23.41
N LEU E 63 2.99 -17.50 -23.36
CA LEU E 63 3.98 -18.57 -23.61
C LEU E 63 4.29 -18.66 -25.11
N ASN E 64 3.50 -18.01 -25.96
CA ASN E 64 3.70 -18.13 -27.43
C ASN E 64 3.03 -16.95 -28.12
N PRO E 65 3.76 -15.98 -28.72
CA PRO E 65 5.22 -16.05 -28.90
C PRO E 65 6.04 -15.62 -27.67
N ASP E 66 7.16 -16.30 -27.49
CA ASP E 66 8.13 -16.05 -26.38
C ASP E 66 9.52 -16.04 -27.02
N VAL E 67 10.09 -14.86 -27.23
CA VAL E 67 11.23 -14.64 -28.17
C VAL E 67 12.33 -13.91 -27.43
N PRO E 68 13.07 -14.57 -26.52
CA PRO E 68 14.15 -13.94 -25.80
C PRO E 68 15.31 -13.61 -26.73
N PRO E 69 15.74 -12.34 -26.83
CA PRO E 69 16.93 -11.99 -27.62
C PRO E 69 18.20 -12.61 -27.02
N LYS E 70 19.19 -12.87 -27.87
CA LYS E 70 20.46 -13.48 -27.42
C LYS E 70 21.10 -12.65 -26.31
N ALA E 71 21.07 -11.32 -26.44
CA ALA E 71 21.75 -10.40 -25.50
C ALA E 71 21.09 -10.45 -24.12
N GLU E 72 19.96 -11.13 -23.97
CA GLU E 72 19.19 -11.21 -22.71
C GLU E 72 19.28 -12.62 -22.08
N LEU E 73 20.07 -13.52 -22.66
CA LEU E 73 20.14 -14.94 -22.19
C LEU E 73 21.54 -15.27 -21.67
N PRO E 74 21.71 -15.41 -20.35
CA PRO E 74 22.96 -15.92 -19.80
C PRO E 74 23.30 -17.29 -20.37
N CYS E 75 24.58 -17.47 -20.69
CA CYS E 75 25.17 -18.71 -21.24
C CYS E 75 26.29 -19.22 -20.34
N TYR E 76 26.60 -20.50 -20.45
CA TYR E 76 27.78 -21.11 -19.79
C TYR E 76 29.05 -20.50 -20.38
N SER E 77 30.03 -20.32 -19.52
CA SER E 77 31.43 -20.05 -19.89
C SER E 77 32.14 -21.40 -19.99
N CYS E 78 33.07 -21.53 -20.92
CA CYS E 78 33.91 -22.74 -21.00
C CYS E 78 35.22 -22.38 -21.71
N ALA E 79 36.25 -23.18 -21.45
CA ALA E 79 37.58 -23.07 -22.09
C ALA E 79 38.24 -24.43 -22.05
N ARG E 80 38.94 -24.75 -23.14
CA ARG E 80 39.90 -25.88 -23.20
C ARG E 80 41.30 -25.29 -23.02
N ILE E 81 42.03 -25.74 -21.99
CA ILE E 81 43.43 -25.32 -21.75
C ILE E 81 44.32 -26.43 -22.32
N GLY E 82 45.21 -26.07 -23.27
CA GLY E 82 46.22 -27.00 -23.79
C GLY E 82 47.23 -27.33 -22.69
N LEU E 83 47.52 -28.60 -22.49
CA LEU E 83 48.49 -29.06 -21.46
C LEU E 83 49.79 -29.45 -22.17
N PRO E 84 50.92 -29.56 -21.43
CA PRO E 84 52.16 -30.06 -22.03
C PRO E 84 51.95 -31.41 -22.73
N MET E 85 52.43 -31.53 -23.97
CA MET E 85 52.24 -32.74 -24.80
C MET E 85 52.95 -33.90 -24.12
N LEU E 86 52.31 -35.06 -24.05
CA LEU E 86 52.83 -36.18 -23.22
C LEU E 86 53.39 -37.29 -24.10
N ASN E 87 52.74 -37.56 -25.23
CA ASN E 87 53.00 -38.79 -26.03
C ASN E 87 53.32 -38.35 -27.46
N GLU E 88 54.60 -38.11 -27.77
CA GLU E 88 55.06 -37.93 -29.18
C GLU E 88 54.79 -39.23 -29.94
N ASP E 89 55.00 -40.38 -29.29
CA ASP E 89 54.67 -41.72 -29.81
C ASP E 89 53.35 -42.21 -29.17
N MET E 90 52.32 -42.36 -29.99
CA MET E 90 50.99 -42.82 -29.56
C MET E 90 50.78 -44.28 -29.97
N THR E 91 51.85 -45.04 -30.27
CA THR E 91 51.75 -46.44 -30.73
C THR E 91 52.15 -47.43 -29.63
N THR E 92 52.66 -46.96 -28.49
CA THR E 92 53.14 -47.83 -27.39
C THR E 92 51.93 -48.48 -26.72
N PRO E 93 52.09 -49.66 -26.10
CA PRO E 93 50.98 -50.32 -25.42
C PRO E 93 50.47 -49.53 -24.18
N GLU E 94 51.32 -48.68 -23.59
CA GLU E 94 50.90 -47.74 -22.51
C GLU E 94 51.23 -46.30 -22.95
N ILE E 95 50.38 -45.35 -22.56
CA ILE E 95 50.61 -43.90 -22.78
C ILE E 95 50.31 -43.15 -21.49
N LEU E 96 50.70 -41.88 -21.46
CA LEU E 96 50.48 -40.98 -20.29
C LEU E 96 49.29 -40.06 -20.58
N MET E 97 48.50 -39.77 -19.55
CA MET E 97 47.44 -38.73 -19.58
C MET E 97 47.61 -37.85 -18.35
N TRP E 98 47.38 -36.56 -18.50
CA TRP E 98 47.27 -35.63 -17.34
C TRP E 98 45.98 -35.98 -16.60
N GLU E 99 46.10 -36.14 -15.28
CA GLU E 99 44.97 -36.46 -14.38
C GLU E 99 44.74 -35.24 -13.48
N ALA E 100 43.55 -34.68 -13.49
CA ALA E 100 43.16 -33.53 -12.63
C ALA E 100 42.86 -34.07 -11.22
N VAL E 101 43.67 -33.71 -10.24
CA VAL E 101 43.60 -34.25 -8.86
C VAL E 101 42.74 -33.33 -7.99
N SER E 102 42.86 -32.02 -8.14
CA SER E 102 42.19 -31.05 -7.24
C SER E 102 42.07 -29.70 -7.93
N VAL E 103 41.18 -28.84 -7.41
CA VAL E 103 40.94 -27.49 -7.95
C VAL E 103 40.67 -26.54 -6.77
N LYS E 104 41.25 -25.35 -6.84
CA LYS E 104 40.83 -24.16 -6.06
C LYS E 104 40.18 -23.22 -7.05
N THR E 105 38.97 -22.78 -6.76
CA THR E 105 38.19 -21.92 -7.66
C THR E 105 37.55 -20.83 -6.82
N GLU E 106 37.42 -19.65 -7.41
CA GLU E 106 36.98 -18.45 -6.68
C GLU E 106 36.14 -17.61 -7.65
N VAL E 107 35.01 -17.12 -7.20
CA VAL E 107 34.27 -16.04 -7.92
C VAL E 107 35.03 -14.73 -7.64
N VAL E 108 35.41 -14.04 -8.70
CA VAL E 108 36.20 -12.78 -8.62
C VAL E 108 35.27 -11.58 -8.74
N GLY E 109 35.50 -10.54 -7.94
CA GLY E 109 34.71 -9.30 -7.97
C GLY E 109 33.50 -9.34 -7.06
N VAL E 110 33.46 -10.27 -6.09
CA VAL E 110 32.32 -10.36 -5.14
C VAL E 110 32.12 -8.99 -4.48
N THR E 111 33.20 -8.30 -4.11
CA THR E 111 33.13 -7.05 -3.33
C THR E 111 32.51 -5.91 -4.16
N THR E 112 32.40 -6.05 -5.48
CA THR E 112 31.74 -5.03 -6.33
C THR E 112 30.28 -4.85 -5.90
N MET E 113 29.70 -5.87 -5.24
CA MET E 113 28.28 -5.82 -4.82
C MET E 113 28.11 -5.04 -3.52
N CYS E 114 29.17 -4.41 -3.01
CA CYS E 114 29.11 -3.38 -1.94
C CYS E 114 28.83 -1.99 -2.55
N ASN E 115 28.73 -1.90 -3.88
CA ASN E 115 28.39 -0.64 -4.60
C ASN E 115 26.88 -0.39 -4.49
N VAL E 116 26.48 0.69 -3.83
CA VAL E 116 25.04 1.10 -3.75
C VAL E 116 24.88 2.53 -4.30
N HIS E 117 25.85 3.05 -5.07
CA HIS E 117 25.82 4.44 -5.59
C HIS E 117 25.55 4.46 -7.10
N SER E 118 25.77 3.35 -7.84
CA SER E 118 25.77 3.37 -9.33
C SER E 118 24.35 3.16 -9.91
N ALA E 119 23.43 4.09 -9.62
CA ALA E 119 22.17 4.33 -10.36
C ALA E 119 21.22 3.14 -10.26
N SER E 120 21.10 2.51 -9.09
CA SER E 120 20.07 1.48 -8.84
C SER E 120 18.83 2.11 -8.19
N ILE E 121 17.74 1.35 -8.11
CA ILE E 121 16.48 1.79 -7.43
C ILE E 121 16.79 2.03 -5.96
N ARG E 122 16.42 3.19 -5.43
CA ARG E 122 16.84 3.61 -4.07
C ARG E 122 15.86 3.08 -3.04
N MET E 123 16.39 2.58 -1.93
CA MET E 123 15.64 2.09 -0.76
C MET E 123 15.13 3.29 0.06
N ASN E 124 14.35 3.03 1.11
CA ASN E 124 13.69 4.06 1.97
C ASN E 124 12.90 5.05 1.11
N GLY E 125 12.12 4.55 0.15
CA GLY E 125 11.21 5.37 -0.67
C GLY E 125 11.97 6.39 -1.53
N GLY E 126 13.22 6.12 -1.90
CA GLY E 126 14.00 7.00 -2.78
C GLY E 126 15.07 7.78 -2.03
N TYR E 127 15.09 7.71 -0.71
CA TYR E 127 15.98 8.53 0.15
C TYR E 127 17.26 7.78 0.53
N GLY E 128 17.20 6.45 0.54
CA GLY E 128 18.33 5.61 0.98
C GLY E 128 19.29 5.33 -0.17
N VAL E 129 20.11 4.29 -0.01
CA VAL E 129 21.08 3.89 -1.06
C VAL E 129 20.37 3.04 -2.12
N GLY E 130 21.06 2.81 -3.24
CA GLY E 130 20.60 1.91 -4.30
C GLY E 130 20.51 0.49 -3.79
N ARG E 131 19.51 -0.26 -4.24
CA ARG E 131 19.50 -1.72 -4.04
C ARG E 131 20.79 -2.31 -4.59
N PRO E 132 21.44 -3.21 -3.85
CA PRO E 132 22.56 -3.95 -4.40
C PRO E 132 22.05 -5.01 -5.38
N ILE E 133 22.96 -5.61 -6.13
CA ILE E 133 22.66 -6.76 -7.01
C ILE E 133 22.02 -7.85 -6.12
N GLU E 134 20.87 -8.36 -6.51
CA GLU E 134 20.16 -9.34 -5.65
C GLU E 134 19.15 -10.11 -6.50
N GLY E 135 18.63 -11.19 -5.94
CA GLY E 135 17.68 -12.08 -6.64
C GLY E 135 18.34 -13.42 -6.95
N LEU E 136 17.82 -14.10 -7.96
CA LEU E 136 18.22 -15.51 -8.18
C LEU E 136 19.72 -15.58 -8.46
N ASN E 137 20.34 -16.59 -7.88
CA ASN E 137 21.78 -16.92 -7.99
C ASN E 137 21.88 -18.34 -8.55
N CYS E 138 22.78 -18.53 -9.48
CA CYS E 138 23.06 -19.86 -10.06
C CYS E 138 24.57 -19.95 -10.28
N HIS E 139 25.23 -20.82 -9.54
CA HIS E 139 26.70 -20.96 -9.54
C HIS E 139 27.02 -22.42 -9.88
N MET E 140 27.88 -22.60 -10.86
CA MET E 140 28.34 -23.95 -11.25
C MET E 140 29.79 -23.81 -11.69
N PHE E 141 30.63 -24.76 -11.31
CA PHE E 141 31.94 -24.96 -11.95
C PHE E 141 32.10 -26.46 -12.23
N ALA E 142 32.85 -26.75 -13.28
CA ALA E 142 33.15 -28.12 -13.70
C ALA E 142 34.59 -28.17 -14.19
N VAL E 143 35.25 -29.29 -13.89
CA VAL E 143 36.61 -29.61 -14.37
C VAL E 143 36.54 -31.02 -14.96
N GLY E 144 37.00 -31.17 -16.21
CA GLY E 144 36.94 -32.47 -16.90
C GLY E 144 38.04 -32.64 -17.94
N GLY E 145 38.16 -33.85 -18.46
CA GLY E 145 39.15 -34.21 -19.49
C GLY E 145 38.55 -34.20 -20.87
N GLU E 146 37.35 -33.64 -20.99
CA GLU E 146 36.57 -33.52 -22.25
C GLU E 146 35.44 -32.54 -21.97
N PRO E 147 34.71 -32.07 -23.01
CA PRO E 147 33.64 -31.10 -22.81
C PRO E 147 32.58 -31.60 -21.83
N LEU E 148 32.05 -30.69 -21.04
CA LEU E 148 30.89 -30.97 -20.16
C LEU E 148 29.74 -31.47 -21.03
N GLU E 149 29.10 -32.58 -20.64
CA GLU E 149 27.91 -33.09 -21.36
C GLU E 149 26.64 -32.48 -20.74
N LEU E 150 25.74 -32.05 -21.62
CA LEU E 150 24.52 -31.29 -21.26
C LEU E 150 23.28 -32.11 -21.62
N GLN E 151 22.27 -31.96 -20.78
CA GLN E 151 20.89 -32.42 -21.01
C GLN E 151 20.04 -31.19 -21.29
N GLY E 152 19.24 -31.24 -22.35
CA GLY E 152 18.29 -30.19 -22.71
C GLY E 152 17.08 -30.24 -21.81
N CYS E 153 16.67 -29.09 -21.29
CA CYS E 153 15.46 -28.95 -20.45
C CYS E 153 15.10 -27.47 -20.40
N VAL E 154 13.84 -27.14 -20.63
CA VAL E 154 13.38 -25.71 -20.72
C VAL E 154 12.17 -25.52 -19.83
N GLN E 155 11.91 -24.28 -19.44
CA GLN E 155 10.67 -23.96 -18.70
C GLN E 155 9.48 -23.93 -19.65
N ASN E 156 9.67 -23.48 -20.89
CA ASN E 156 8.57 -23.25 -21.87
C ASN E 156 8.99 -23.82 -23.23
N TRP E 157 8.37 -24.93 -23.64
CA TRP E 157 8.74 -25.62 -24.91
C TRP E 157 8.35 -24.75 -26.11
N SER E 158 7.47 -23.74 -25.94
CA SER E 158 7.03 -22.85 -27.03
C SER E 158 8.03 -21.70 -27.22
N THR E 159 9.07 -21.61 -26.39
CA THR E 159 10.07 -20.51 -26.52
C THR E 159 10.74 -20.59 -27.91
N THR E 160 10.92 -19.44 -28.57
CA THR E 160 11.78 -19.31 -29.77
C THR E 160 13.15 -18.83 -29.32
N TYR E 161 14.15 -19.71 -29.30
CA TYR E 161 15.53 -19.32 -28.93
C TYR E 161 16.13 -18.62 -30.14
N PRO E 162 17.00 -17.63 -29.91
CA PRO E 162 17.52 -16.82 -30.99
C PRO E 162 18.65 -17.51 -31.77
N SER E 163 18.85 -17.07 -33.00
CA SER E 163 20.07 -17.33 -33.81
C SER E 163 21.26 -16.88 -32.98
N GLY E 164 22.33 -17.66 -33.01
CA GLY E 164 23.57 -17.30 -32.30
C GLY E 164 23.69 -17.98 -30.96
N VAL E 165 22.66 -18.68 -30.48
CA VAL E 165 22.79 -19.60 -29.30
C VAL E 165 22.49 -21.01 -29.77
N VAL E 166 23.03 -22.00 -29.06
CA VAL E 166 22.70 -23.43 -29.28
C VAL E 166 21.64 -23.79 -28.25
N ALA E 167 20.44 -24.09 -28.71
CA ALA E 167 19.28 -24.50 -27.88
C ALA E 167 18.85 -25.89 -28.31
N PRO E 168 18.25 -26.71 -27.41
CA PRO E 168 17.75 -28.00 -27.83
C PRO E 168 16.59 -27.82 -28.80
N PRO E 169 16.38 -28.77 -29.74
CA PRO E 169 15.15 -28.80 -30.51
C PRO E 169 13.95 -28.91 -29.56
N LEU E 170 12.88 -28.19 -29.87
CA LEU E 170 11.65 -28.15 -29.05
C LEU E 170 10.45 -28.60 -29.89
N LYS E 171 10.25 -29.91 -30.05
CA LYS E 171 9.23 -30.52 -30.93
C LYS E 171 7.96 -30.78 -30.12
N ASP E 172 8.08 -30.84 -28.78
CA ASP E 172 6.91 -31.14 -27.90
C ASP E 172 7.25 -30.72 -26.46
N ALA E 173 6.28 -30.85 -25.56
CA ALA E 173 6.35 -30.33 -24.18
C ALA E 173 7.24 -31.22 -23.30
N LYS E 174 7.68 -32.39 -23.79
CA LYS E 174 8.56 -33.29 -23.00
C LYS E 174 9.89 -32.58 -22.73
N ALA E 175 10.26 -31.58 -23.54
CA ALA E 175 11.49 -30.77 -23.34
C ALA E 175 11.42 -30.00 -22.02
N GLN E 176 10.25 -29.88 -21.38
CA GLN E 176 10.08 -29.19 -20.07
C GLN E 176 10.46 -30.13 -18.92
N VAL E 177 10.55 -31.42 -19.23
CA VAL E 177 10.98 -32.46 -18.27
C VAL E 177 12.16 -33.17 -18.92
N LEU E 178 12.36 -34.47 -18.71
CA LEU E 178 13.56 -35.14 -19.27
C LEU E 178 13.17 -35.88 -20.55
N ASP E 179 13.61 -35.33 -21.67
CA ASP E 179 13.58 -36.00 -22.99
C ASP E 179 15.02 -36.44 -23.29
N PRO E 180 15.32 -37.75 -23.20
CA PRO E 180 16.67 -38.26 -23.39
C PRO E 180 17.24 -38.05 -24.80
N GLY E 181 16.42 -37.65 -25.77
CA GLY E 181 16.89 -37.26 -27.11
C GLY E 181 17.63 -35.93 -27.10
N LEU E 182 17.52 -35.12 -26.04
CA LEU E 182 18.03 -33.73 -26.07
C LEU E 182 19.38 -33.65 -25.33
N LYS E 183 20.46 -33.84 -26.07
CA LYS E 183 21.83 -33.92 -25.52
C LYS E 183 22.73 -32.97 -26.30
N ALA E 184 23.78 -32.51 -25.67
CA ALA E 184 24.82 -31.66 -26.31
C ALA E 184 26.09 -31.73 -25.48
N ARG E 185 27.15 -31.22 -26.05
CA ARG E 185 28.47 -31.02 -25.39
C ARG E 185 28.67 -29.50 -25.32
N LEU E 186 29.13 -29.02 -24.16
CA LEU E 186 29.47 -27.59 -23.97
C LEU E 186 30.79 -27.34 -24.70
N ASP E 187 30.70 -26.99 -25.99
CA ASP E 187 31.89 -26.92 -26.89
C ASP E 187 32.04 -25.51 -27.47
N LYS E 188 31.30 -24.52 -26.97
CA LYS E 188 31.46 -23.11 -27.40
C LYS E 188 31.13 -22.18 -26.21
N ASP E 189 32.06 -21.29 -25.89
CA ASP E 189 31.92 -20.29 -24.82
C ASP E 189 30.80 -19.31 -25.19
N GLY E 190 29.93 -18.98 -24.25
CA GLY E 190 28.92 -17.91 -24.41
C GLY E 190 27.88 -18.22 -25.48
N ALA E 191 27.55 -19.50 -25.70
CA ALA E 191 26.62 -19.90 -26.77
C ALA E 191 25.51 -20.84 -26.27
N TYR E 192 25.71 -21.55 -25.17
CA TYR E 192 24.73 -22.52 -24.61
C TYR E 192 24.00 -21.83 -23.46
N PRO E 193 22.73 -21.44 -23.62
CA PRO E 193 22.01 -20.74 -22.57
C PRO E 193 21.86 -21.65 -21.33
N VAL E 194 22.06 -21.05 -20.17
CA VAL E 194 21.89 -21.72 -18.86
C VAL E 194 20.47 -22.26 -18.75
N GLU E 195 19.48 -21.50 -19.21
CA GLU E 195 18.06 -21.83 -18.93
C GLU E 195 17.58 -23.02 -19.77
N CYS E 196 18.30 -23.48 -20.81
CA CYS E 196 17.80 -24.61 -21.62
C CYS E 196 18.75 -25.82 -21.60
N TRP E 197 19.83 -25.76 -20.81
CA TRP E 197 20.80 -26.88 -20.66
C TRP E 197 21.18 -27.02 -19.20
N CYS E 198 21.29 -28.25 -18.72
CA CYS E 198 21.92 -28.55 -17.41
C CYS E 198 22.95 -29.65 -17.61
N PRO E 199 23.92 -29.77 -16.68
CA PRO E 199 24.86 -30.89 -16.69
C PRO E 199 24.10 -32.22 -16.69
N ASP E 200 24.49 -33.13 -17.57
CA ASP E 200 23.84 -34.44 -17.75
C ASP E 200 24.36 -35.41 -16.71
N PRO E 201 23.56 -35.80 -15.70
CA PRO E 201 24.06 -36.70 -14.67
C PRO E 201 24.21 -38.15 -15.18
N SER E 202 23.65 -38.47 -16.35
CA SER E 202 23.71 -39.81 -16.96
C SER E 202 25.03 -39.96 -17.74
N ARG E 203 25.78 -38.88 -17.91
CA ARG E 203 27.08 -38.94 -18.63
C ARG E 203 28.11 -38.28 -17.72
N ASN E 204 29.09 -37.56 -18.28
CA ASN E 204 30.10 -36.83 -17.48
C ASN E 204 30.86 -37.80 -16.56
N GLU E 205 31.17 -39.00 -17.04
CA GLU E 205 32.08 -39.95 -16.34
C GLU E 205 33.45 -39.29 -16.15
N ASN E 206 33.85 -38.37 -17.02
CA ASN E 206 35.23 -37.84 -17.06
C ASN E 206 35.25 -36.35 -16.70
N THR E 207 34.20 -35.89 -16.02
CA THR E 207 34.06 -34.48 -15.54
C THR E 207 33.43 -34.50 -14.15
N ARG E 208 33.89 -33.61 -13.26
CA ARG E 208 33.21 -33.32 -11.98
C ARG E 208 32.55 -31.94 -12.11
N TYR E 209 31.24 -31.86 -11.85
CA TYR E 209 30.53 -30.56 -11.86
C TYR E 209 29.87 -30.35 -10.50
N PHE E 210 29.84 -29.09 -10.07
CA PHE E 210 29.32 -28.63 -8.77
C PHE E 210 28.45 -27.39 -9.01
N GLY E 211 27.16 -27.49 -8.78
CA GLY E 211 26.17 -26.44 -9.05
C GLY E 211 25.25 -26.23 -7.87
N THR E 212 24.82 -24.98 -7.69
N THR E 212 24.84 -24.97 -7.64
CA THR E 212 23.76 -24.56 -6.72
CA THR E 212 23.75 -24.59 -6.73
C THR E 212 22.90 -23.49 -7.38
C THR E 212 22.90 -23.49 -7.38
N TYR E 213 21.59 -23.58 -7.19
CA TYR E 213 20.60 -22.55 -7.57
C TYR E 213 19.92 -22.12 -6.27
N THR E 214 19.84 -20.83 -6.03
CA THR E 214 19.01 -20.21 -4.99
C THR E 214 18.14 -19.18 -5.68
N GLY E 215 16.83 -19.41 -5.70
CA GLY E 215 15.88 -18.63 -6.48
C GLY E 215 15.33 -17.45 -5.69
N GLY E 216 14.06 -17.13 -5.95
CA GLY E 216 13.33 -16.05 -5.27
C GLY E 216 13.53 -14.72 -6.00
N GLN E 217 12.88 -13.67 -5.48
CA GLN E 217 12.74 -12.38 -6.21
C GLN E 217 13.90 -11.44 -5.87
N GLN E 218 14.11 -11.19 -4.57
CA GLN E 218 15.06 -10.17 -4.06
C GLN E 218 16.05 -10.85 -3.10
N THR E 219 16.26 -12.15 -3.27
CA THR E 219 17.06 -13.00 -2.37
C THR E 219 18.47 -12.44 -2.19
N PRO E 220 18.98 -12.34 -0.95
CA PRO E 220 20.38 -11.95 -0.72
C PRO E 220 21.34 -12.96 -1.33
N PRO E 221 22.24 -12.52 -2.23
CA PRO E 221 23.36 -13.35 -2.65
C PRO E 221 24.26 -13.60 -1.43
N VAL E 222 24.73 -14.85 -1.29
CA VAL E 222 25.72 -15.23 -0.25
C VAL E 222 26.94 -15.78 -0.99
N LEU E 223 28.04 -15.01 -1.00
CA LEU E 223 29.22 -15.32 -1.84
C LEU E 223 30.47 -15.33 -0.99
N PRO E 224 31.08 -16.51 -0.78
CA PRO E 224 32.36 -16.60 -0.09
C PRO E 224 33.50 -16.20 -1.03
N PHE E 225 34.62 -15.76 -0.47
CA PHE E 225 35.87 -15.54 -1.26
C PHE E 225 37.03 -15.83 -0.30
N THR E 226 37.77 -16.88 -0.60
CA THR E 226 38.89 -17.37 0.23
C THR E 226 39.87 -18.08 -0.70
N ASN E 227 41.13 -18.15 -0.29
CA ASN E 227 42.15 -18.90 -1.05
C ASN E 227 42.54 -20.17 -0.29
N THR E 228 41.69 -20.65 0.63
CA THR E 228 42.04 -21.75 1.56
C THR E 228 41.25 -23.04 1.27
N VAL E 229 40.40 -23.08 0.26
CA VAL E 229 39.48 -24.23 0.05
C VAL E 229 39.86 -24.96 -1.23
N THR E 230 40.17 -26.24 -1.10
CA THR E 230 40.52 -27.16 -2.20
C THR E 230 39.39 -28.18 -2.39
N THR E 231 38.94 -28.39 -3.63
CA THR E 231 38.01 -29.49 -3.99
C THR E 231 38.84 -30.62 -4.62
N VAL E 232 38.75 -31.81 -4.04
CA VAL E 232 39.41 -33.04 -4.57
C VAL E 232 38.55 -33.53 -5.75
N LEU E 233 39.17 -33.92 -6.86
CA LEU E 233 38.47 -34.34 -8.10
C LEU E 233 38.56 -35.85 -8.31
N LEU E 234 39.26 -36.57 -7.43
CA LEU E 234 39.40 -38.05 -7.51
C LEU E 234 38.02 -38.67 -7.28
N ASP E 235 37.71 -39.71 -8.03
CA ASP E 235 36.47 -40.50 -7.85
C ASP E 235 36.68 -41.53 -6.73
N GLU E 236 35.69 -42.40 -6.51
CA GLU E 236 35.66 -43.51 -5.51
C GLU E 236 36.94 -44.34 -5.61
N ASN E 237 37.52 -44.51 -6.81
CA ASN E 237 38.70 -45.36 -7.05
C ASN E 237 40.01 -44.57 -7.00
N GLY E 238 40.00 -43.29 -6.60
CA GLY E 238 41.22 -42.48 -6.53
C GLY E 238 41.68 -41.97 -7.90
N VAL E 239 40.77 -41.87 -8.87
CA VAL E 239 41.10 -41.43 -10.26
C VAL E 239 40.39 -40.11 -10.55
N GLY E 240 41.15 -39.11 -10.93
CA GLY E 240 40.65 -37.79 -11.35
C GLY E 240 40.28 -37.82 -12.83
N PRO E 241 39.64 -36.76 -13.34
CA PRO E 241 39.44 -36.60 -14.78
C PRO E 241 40.76 -36.76 -15.55
N LEU E 242 40.70 -37.50 -16.65
CA LEU E 242 41.87 -37.80 -17.52
C LEU E 242 41.73 -36.98 -18.79
N CYS E 243 42.75 -36.19 -19.10
CA CYS E 243 42.68 -35.11 -20.11
C CYS E 243 42.92 -35.69 -21.50
N LYS E 244 41.85 -36.01 -22.21
CA LYS E 244 41.92 -36.56 -23.59
C LYS E 244 42.53 -35.50 -24.52
N GLY E 245 43.52 -35.91 -25.32
CA GLY E 245 44.25 -35.03 -26.24
C GLY E 245 45.00 -33.91 -25.53
N ASP E 246 45.39 -34.14 -24.27
CA ASP E 246 46.16 -33.15 -23.46
C ASP E 246 45.38 -31.83 -23.38
N GLY E 247 44.06 -31.93 -23.24
CA GLY E 247 43.19 -30.77 -23.00
C GLY E 247 42.52 -30.85 -21.63
N LEU E 248 42.54 -29.75 -20.87
CA LEU E 248 41.76 -29.59 -19.62
C LEU E 248 40.56 -28.69 -19.90
N TYR E 249 39.35 -29.14 -19.55
CA TYR E 249 38.08 -28.44 -19.86
C TYR E 249 37.50 -27.84 -18.57
N LEU E 250 37.34 -26.52 -18.59
CA LEU E 250 36.80 -25.73 -17.46
C LEU E 250 35.48 -25.13 -17.93
N SER E 251 34.46 -25.17 -17.07
CA SER E 251 33.10 -24.66 -17.38
C SER E 251 32.57 -23.99 -16.13
N CYS E 252 31.73 -22.99 -16.30
CA CYS E 252 31.07 -22.36 -15.13
C CYS E 252 29.93 -21.47 -15.58
N VAL E 253 29.12 -21.10 -14.61
CA VAL E 253 28.23 -19.93 -14.70
C VAL E 253 28.13 -19.36 -13.29
N ASP E 254 28.09 -18.04 -13.18
CA ASP E 254 27.96 -17.36 -11.87
C ASP E 254 27.01 -16.18 -12.02
N ILE E 255 25.72 -16.47 -12.10
CA ILE E 255 24.64 -15.45 -12.02
C ILE E 255 24.53 -15.03 -10.54
N CYS E 256 24.74 -13.76 -10.25
CA CYS E 256 24.82 -13.20 -8.87
C CYS E 256 23.55 -12.44 -8.52
N GLY E 257 22.64 -12.29 -9.46
CA GLY E 257 21.33 -11.64 -9.29
C GLY E 257 21.07 -10.62 -10.38
N PHE E 258 20.21 -9.65 -10.08
CA PHE E 258 19.77 -8.63 -11.08
C PHE E 258 20.20 -7.24 -10.61
N TYR E 259 20.62 -6.44 -11.58
CA TYR E 259 20.74 -4.97 -11.44
C TYR E 259 19.46 -4.34 -11.93
N SER E 260 18.86 -3.48 -11.10
CA SER E 260 17.65 -2.68 -11.44
C SER E 260 18.08 -1.25 -11.81
N GLU E 261 17.72 -0.79 -13.00
CA GLU E 261 17.96 0.62 -13.42
C GLU E 261 17.09 1.56 -12.57
N GLN E 262 17.69 2.61 -12.01
CA GLN E 262 16.97 3.56 -11.13
C GLN E 262 15.73 4.13 -11.86
N TYR E 263 15.91 4.59 -13.11
CA TYR E 263 14.82 5.29 -13.82
C TYR E 263 13.82 4.28 -14.40
N SER E 264 14.24 3.46 -15.37
CA SER E 264 13.30 2.55 -16.09
C SER E 264 12.78 1.44 -15.16
N GLN E 265 13.59 1.04 -14.17
CA GLN E 265 13.35 -0.14 -13.28
C GLN E 265 13.43 -1.46 -14.06
N LYS E 266 13.98 -1.42 -15.28
CA LYS E 266 14.35 -2.63 -16.05
C LYS E 266 15.48 -3.36 -15.31
N GLN E 267 15.56 -4.67 -15.51
CA GLN E 267 16.54 -5.51 -14.77
C GLN E 267 17.49 -6.17 -15.77
N HIS E 268 18.73 -6.31 -15.32
CA HIS E 268 19.84 -6.97 -16.06
C HIS E 268 20.38 -8.10 -15.20
N PHE E 269 20.60 -9.28 -15.79
CA PHE E 269 21.43 -10.33 -15.14
C PHE E 269 22.83 -9.75 -14.87
N ARG E 270 23.36 -10.00 -13.66
CA ARG E 270 24.77 -9.70 -13.33
C ARG E 270 25.50 -11.02 -13.10
N GLY E 271 26.60 -11.20 -13.80
CA GLY E 271 27.52 -12.35 -13.63
C GLY E 271 28.90 -11.87 -13.27
N LEU E 272 29.66 -12.73 -12.61
CA LEU E 272 31.04 -12.44 -12.19
C LEU E 272 31.96 -13.49 -12.78
N PRO E 273 33.22 -13.10 -13.02
CA PRO E 273 34.24 -14.01 -13.51
C PRO E 273 34.62 -15.07 -12.48
N ARG E 274 35.15 -16.20 -12.93
CA ARG E 274 35.60 -17.28 -12.03
C ARG E 274 37.06 -17.64 -12.34
N TYR E 275 37.87 -17.74 -11.29
CA TYR E 275 39.28 -18.19 -11.34
C TYR E 275 39.33 -19.68 -11.03
N PHE E 276 40.21 -20.40 -11.73
CA PHE E 276 40.52 -21.82 -11.50
C PHE E 276 42.02 -22.01 -11.33
N SER E 277 42.42 -22.78 -10.33
CA SER E 277 43.77 -23.37 -10.20
C SER E 277 43.61 -24.88 -10.08
N VAL E 278 44.02 -25.62 -11.12
CA VAL E 278 43.85 -27.10 -11.19
C VAL E 278 45.23 -27.75 -11.04
N SER E 279 45.36 -28.68 -10.10
CA SER E 279 46.59 -29.46 -9.89
C SER E 279 46.48 -30.78 -10.66
N LEU E 280 47.44 -31.09 -11.51
CA LEU E 280 47.42 -32.31 -12.34
C LEU E 280 48.68 -33.15 -12.10
N ARG E 281 48.57 -34.44 -12.34
CA ARG E 281 49.72 -35.38 -12.29
C ARG E 281 49.62 -36.30 -13.52
N LYS E 282 50.75 -36.87 -13.91
CA LYS E 282 50.80 -37.83 -15.04
C LYS E 282 50.28 -39.18 -14.56
N ARG E 283 49.44 -39.80 -15.37
CA ARG E 283 48.83 -41.11 -15.10
C ARG E 283 49.12 -42.02 -16.29
N LEU E 284 49.65 -43.21 -16.04
CA LEU E 284 49.83 -44.27 -17.07
C LEU E 284 48.48 -44.90 -17.34
N VAL E 285 48.15 -45.09 -18.61
CA VAL E 285 46.92 -45.84 -19.02
C VAL E 285 47.31 -46.83 -20.13
N ARG E 286 46.50 -47.86 -20.32
CA ARG E 286 46.65 -48.80 -21.45
C ARG E 286 46.20 -48.06 -22.71
N ASN E 287 47.03 -48.10 -23.74
CA ASN E 287 46.72 -47.51 -25.06
C ASN E 287 45.63 -48.37 -25.71
N GLY F 23 -10.81 57.71 -22.17
CA GLY F 23 -10.83 59.06 -22.76
C GLY F 23 -11.74 59.19 -23.97
N ILE F 24 -12.46 58.14 -24.38
CA ILE F 24 -13.40 58.21 -25.54
C ILE F 24 -14.79 58.59 -25.04
N GLU F 25 -15.38 59.66 -25.59
CA GLU F 25 -16.79 60.02 -25.33
C GLU F 25 -17.66 59.15 -26.24
N VAL F 26 -18.46 58.27 -25.65
CA VAL F 26 -19.27 57.28 -26.40
C VAL F 26 -20.65 57.89 -26.63
N LEU F 27 -21.11 57.90 -27.89
CA LEU F 27 -22.43 58.46 -28.24
C LEU F 27 -23.38 57.31 -28.57
N GLY F 28 -24.32 57.51 -29.49
CA GLY F 28 -25.38 56.53 -29.79
C GLY F 28 -24.88 55.38 -30.64
N VAL F 29 -25.58 54.25 -30.58
CA VAL F 29 -25.42 53.12 -31.53
C VAL F 29 -25.85 53.60 -32.92
N ARG F 30 -25.09 53.25 -33.96
CA ARG F 30 -25.46 53.50 -35.37
C ARG F 30 -26.18 52.25 -35.87
N THR F 31 -27.41 52.39 -36.35
CA THR F 31 -28.25 51.27 -36.83
C THR F 31 -28.37 51.37 -38.36
N GLY F 32 -29.13 50.45 -38.92
CA GLY F 32 -29.45 50.43 -40.36
C GLY F 32 -28.61 49.36 -41.09
N PRO F 33 -28.75 49.31 -42.43
CA PRO F 33 -28.02 48.35 -43.25
C PRO F 33 -26.51 48.39 -42.97
N ASP F 34 -25.90 47.21 -42.86
CA ASP F 34 -24.44 47.00 -42.71
C ASP F 34 -23.92 47.58 -41.40
N SER F 35 -24.77 47.84 -40.39
CA SER F 35 -24.36 48.45 -39.11
C SER F 35 -23.92 47.35 -38.11
N THR F 36 -24.14 46.09 -38.47
CA THR F 36 -23.75 44.93 -37.61
C THR F 36 -22.93 43.94 -38.43
N THR F 37 -22.09 43.17 -37.76
CA THR F 37 -21.33 42.06 -38.38
C THR F 37 -21.03 41.02 -37.29
N THR F 38 -20.84 39.78 -37.70
CA THR F 38 -20.40 38.67 -36.85
C THR F 38 -19.01 38.25 -37.31
N ILE F 39 -18.06 38.18 -36.39
CA ILE F 39 -16.68 37.68 -36.64
C ILE F 39 -16.59 36.28 -36.05
N GLU F 40 -16.16 35.31 -36.84
CA GLU F 40 -15.90 33.92 -36.41
C GLU F 40 -14.40 33.68 -36.49
N ALA F 41 -13.81 33.08 -35.48
CA ALA F 41 -12.37 32.74 -35.48
C ALA F 41 -12.16 31.53 -34.55
N TYR F 42 -11.07 30.81 -34.75
CA TYR F 42 -10.62 29.79 -33.77
C TYR F 42 -9.15 30.06 -33.45
N LEU F 43 -8.74 29.68 -32.25
CA LEU F 43 -7.34 29.78 -31.79
C LEU F 43 -6.91 28.38 -31.39
N ASN F 44 -5.85 27.85 -32.02
CA ASN F 44 -5.25 26.55 -31.64
C ASN F 44 -4.40 26.77 -30.39
N PRO F 45 -4.34 25.77 -29.49
CA PRO F 45 -3.70 25.91 -28.19
C PRO F 45 -2.18 25.95 -28.38
N ARG F 46 -1.48 26.60 -27.46
CA ARG F 46 0.00 26.73 -27.45
C ARG F 46 0.51 26.13 -26.15
N MET F 47 0.54 24.80 -26.07
CA MET F 47 0.89 24.03 -24.85
C MET F 47 2.41 23.86 -24.76
N GLY F 48 3.15 24.29 -25.79
CA GLY F 48 4.62 24.23 -25.83
C GLY F 48 5.12 23.61 -27.12
N THR F 49 4.31 22.76 -27.74
CA THR F 49 4.48 22.35 -29.15
C THR F 49 3.14 22.63 -29.83
N ASP F 50 3.10 22.51 -31.16
CA ASP F 50 2.00 23.02 -32.00
C ASP F 50 0.74 22.17 -31.94
N ASN F 51 0.75 20.91 -31.52
CA ASN F 51 -0.45 20.09 -31.87
C ASN F 51 -1.19 19.58 -30.63
N GLY F 52 -1.30 20.41 -29.59
CA GLY F 52 -2.25 20.17 -28.47
C GLY F 52 -1.56 19.70 -27.20
N PHE F 53 -0.30 19.29 -27.28
CA PHE F 53 0.41 18.73 -26.10
C PHE F 53 1.73 19.47 -25.89
N SER F 54 2.11 19.66 -24.62
CA SER F 54 3.49 20.04 -24.27
C SER F 54 4.40 18.85 -24.58
N GLN F 55 5.69 19.11 -24.73
CA GLN F 55 6.76 18.09 -24.52
C GLN F 55 6.59 17.52 -23.10
N ALA F 56 7.07 16.30 -22.85
CA ALA F 56 7.08 15.69 -21.51
C ALA F 56 7.67 16.70 -20.53
N VAL F 57 6.96 16.98 -19.45
CA VAL F 57 7.30 18.05 -18.50
C VAL F 57 8.36 17.53 -17.53
N THR F 58 9.41 18.32 -17.33
CA THR F 58 10.51 18.04 -16.38
C THR F 58 10.30 18.89 -15.14
N VAL F 59 10.84 18.43 -14.03
CA VAL F 59 10.66 19.07 -12.71
C VAL F 59 12.04 19.27 -12.10
N ALA F 60 12.36 20.50 -11.71
CA ALA F 60 13.59 20.85 -11.00
C ALA F 60 13.63 20.12 -9.64
N THR F 61 14.82 19.79 -9.16
CA THR F 61 14.99 19.13 -7.84
C THR F 61 15.03 20.18 -6.74
N SER F 62 15.21 21.45 -7.09
CA SER F 62 15.25 22.59 -6.14
C SER F 62 14.73 23.85 -6.84
N LEU F 63 14.58 24.95 -6.10
CA LEU F 63 14.05 26.23 -6.64
C LEU F 63 15.12 26.91 -7.50
N ASN F 64 16.38 26.46 -7.43
CA ASN F 64 17.47 27.14 -8.16
C ASN F 64 18.65 26.18 -8.32
N PRO F 65 18.99 25.69 -9.54
CA PRO F 65 18.37 26.11 -10.80
C PRO F 65 17.03 25.43 -11.12
N ASP F 66 16.13 26.21 -11.71
CA ASP F 66 14.79 25.78 -12.16
C ASP F 66 14.60 26.33 -13.57
N VAL F 67 14.73 25.45 -14.57
CA VAL F 67 14.96 25.84 -15.99
C VAL F 67 13.94 25.12 -16.85
N PRO F 68 12.66 25.57 -16.84
CA PRO F 68 11.64 24.95 -17.69
C PRO F 68 11.90 25.24 -19.16
N PRO F 69 12.07 24.22 -20.02
CA PRO F 69 12.20 24.44 -21.45
C PRO F 69 10.94 25.05 -22.07
N LYS F 70 11.09 25.78 -23.16
CA LYS F 70 9.95 26.45 -23.83
C LYS F 70 8.90 25.41 -24.21
N ALA F 71 9.33 24.26 -24.71
CA ALA F 71 8.40 23.21 -25.22
C ALA F 71 7.56 22.61 -24.08
N GLU F 72 7.85 22.95 -22.82
CA GLU F 72 7.17 22.40 -21.63
C GLU F 72 6.28 23.47 -20.95
N LEU F 73 6.17 24.68 -21.53
CA LEU F 73 5.44 25.81 -20.89
C LEU F 73 4.22 26.21 -21.73
N PRO F 74 2.99 25.90 -21.28
CA PRO F 74 1.80 26.44 -21.92
C PRO F 74 1.83 27.97 -21.93
N CYS F 75 1.40 28.52 -23.07
CA CYS F 75 1.31 29.98 -23.34
C CYS F 75 -0.12 30.35 -23.73
N TYR F 76 -0.46 31.63 -23.57
CA TYR F 76 -1.72 32.20 -24.06
C TYR F 76 -1.74 32.14 -25.59
N SER F 77 -2.92 31.88 -26.13
CA SER F 77 -3.29 32.06 -27.54
C SER F 77 -3.83 33.47 -27.71
N CYS F 78 -3.56 34.13 -28.83
CA CYS F 78 -4.17 35.44 -29.12
C CYS F 78 -4.16 35.69 -30.62
N ALA F 79 -5.06 36.57 -31.06
CA ALA F 79 -5.18 37.00 -32.47
C ALA F 79 -5.86 38.36 -32.51
N ARG F 80 -5.42 39.21 -33.45
CA ARG F 80 -6.14 40.44 -33.86
C ARG F 80 -6.87 40.12 -35.16
N ILE F 81 -8.18 40.32 -35.18
CA ILE F 81 -9.01 40.19 -36.41
C ILE F 81 -9.21 41.60 -36.98
N GLY F 82 -8.80 41.84 -38.21
CA GLY F 82 -9.08 43.10 -38.93
C GLY F 82 -10.56 43.21 -39.22
N LEU F 83 -11.17 44.34 -38.89
CA LEU F 83 -12.63 44.57 -39.13
C LEU F 83 -12.79 45.49 -40.34
N PRO F 84 -13.99 45.57 -40.95
CA PRO F 84 -14.23 46.53 -42.04
C PRO F 84 -13.85 47.95 -41.62
N MET F 85 -13.10 48.64 -42.48
CA MET F 85 -12.59 50.02 -42.20
C MET F 85 -13.81 50.95 -42.11
N LEU F 86 -13.85 51.84 -41.13
CA LEU F 86 -15.10 52.58 -40.83
C LEU F 86 -15.06 54.03 -41.28
N ASN F 87 -13.91 54.70 -41.16
CA ASN F 87 -13.89 56.19 -41.28
C ASN F 87 -12.94 56.63 -42.40
N GLU F 88 -13.42 56.71 -43.65
CA GLU F 88 -12.65 57.28 -44.80
C GLU F 88 -12.34 58.75 -44.47
N ASP F 89 -13.30 59.47 -43.88
CA ASP F 89 -13.12 60.87 -43.41
C ASP F 89 -12.91 60.87 -41.88
N MET F 90 -11.73 61.29 -41.45
CA MET F 90 -11.36 61.37 -40.02
C MET F 90 -11.41 62.82 -39.53
N THR F 91 -12.10 63.71 -40.23
CA THR F 91 -12.15 65.16 -39.87
C THR F 91 -13.50 65.54 -39.24
N THR F 92 -14.48 64.65 -39.25
CA THR F 92 -15.85 64.91 -38.72
C THR F 92 -15.76 64.99 -37.20
N PRO F 93 -16.67 65.75 -36.55
CA PRO F 93 -16.64 65.84 -35.07
C PRO F 93 -17.03 64.51 -34.40
N GLU F 94 -17.72 63.62 -35.12
CA GLU F 94 -18.01 62.23 -34.66
C GLU F 94 -17.46 61.23 -35.67
N ILE F 95 -17.02 60.06 -35.20
CA ILE F 95 -16.56 58.92 -36.04
C ILE F 95 -17.15 57.63 -35.48
N LEU F 96 -17.04 56.54 -36.23
CA LEU F 96 -17.61 55.21 -35.90
C LEU F 96 -16.51 54.30 -35.37
N MET F 97 -16.85 53.46 -34.39
CA MET F 97 -16.02 52.33 -33.93
C MET F 97 -16.89 51.08 -33.89
N TRP F 98 -16.33 49.93 -34.23
CA TRP F 98 -16.98 48.62 -34.00
C TRP F 98 -17.02 48.37 -32.49
N GLU F 99 -18.20 48.02 -31.99
CA GLU F 99 -18.43 47.71 -30.56
C GLU F 99 -18.76 46.22 -30.46
N ALA F 100 -18.01 45.45 -29.69
CA ALA F 100 -18.28 44.01 -29.43
C ALA F 100 -19.40 43.91 -28.39
N VAL F 101 -20.55 43.37 -28.79
CA VAL F 101 -21.78 43.33 -27.95
C VAL F 101 -21.85 42.00 -27.19
N SER F 102 -21.52 40.91 -27.85
CA SER F 102 -21.68 39.55 -27.27
C SER F 102 -20.75 38.57 -27.97
N VAL F 103 -20.54 37.41 -27.35
CA VAL F 103 -19.68 36.34 -27.89
C VAL F 103 -20.31 35.00 -27.52
N LYS F 104 -20.32 34.08 -28.48
CA LYS F 104 -20.49 32.63 -28.24
C LYS F 104 -19.12 31.99 -28.45
N THR F 105 -18.66 31.25 -27.47
CA THR F 105 -17.30 30.65 -27.50
C THR F 105 -17.43 29.21 -27.02
N GLU F 106 -16.62 28.34 -27.59
CA GLU F 106 -16.75 26.88 -27.40
C GLU F 106 -15.34 26.30 -27.37
N VAL F 107 -15.06 25.44 -26.40
CA VAL F 107 -13.84 24.60 -26.45
C VAL F 107 -14.15 23.46 -27.44
N VAL F 108 -13.30 23.30 -28.46
CA VAL F 108 -13.51 22.31 -29.54
C VAL F 108 -12.68 21.07 -29.24
N GLY F 109 -13.26 19.88 -29.48
CA GLY F 109 -12.58 18.60 -29.26
C GLY F 109 -12.73 18.06 -27.84
N VAL F 110 -13.71 18.54 -27.08
CA VAL F 110 -13.95 18.03 -25.70
C VAL F 110 -14.13 16.50 -25.77
N THR F 111 -14.81 15.99 -26.78
CA THR F 111 -15.15 14.55 -26.89
C THR F 111 -13.91 13.70 -27.10
N THR F 112 -12.76 14.27 -27.48
CA THR F 112 -11.49 13.51 -27.62
C THR F 112 -11.12 12.87 -26.27
N MET F 113 -11.59 13.44 -25.17
CA MET F 113 -11.25 12.97 -23.81
C MET F 113 -12.11 11.76 -23.41
N CYS F 114 -12.91 11.21 -24.33
CA CYS F 114 -13.54 9.88 -24.22
C CYS F 114 -12.57 8.78 -24.68
N ASN F 115 -11.38 9.15 -25.13
CA ASN F 115 -10.34 8.20 -25.62
C ASN F 115 -9.63 7.60 -24.40
N VAL F 116 -9.76 6.29 -24.19
CA VAL F 116 -9.00 5.59 -23.11
C VAL F 116 -8.14 4.45 -23.69
N HIS F 117 -7.90 4.46 -25.01
CA HIS F 117 -7.13 3.40 -25.71
C HIS F 117 -5.72 3.87 -26.11
N SER F 118 -5.45 5.17 -26.18
CA SER F 118 -4.19 5.70 -26.79
C SER F 118 -3.04 5.80 -25.76
N ALA F 119 -2.61 4.65 -25.21
CA ALA F 119 -1.30 4.43 -24.56
C ALA F 119 -1.14 5.29 -23.29
N SER F 120 -2.20 5.40 -22.48
CA SER F 120 -2.11 6.04 -21.15
C SER F 120 -1.88 4.98 -20.06
N ILE F 121 -1.59 5.42 -18.85
CA ILE F 121 -1.42 4.52 -17.66
C ILE F 121 -2.77 3.82 -17.40
N ARG F 122 -2.76 2.50 -17.30
CA ARG F 122 -4.01 1.71 -17.23
C ARG F 122 -4.49 1.61 -15.78
N MET F 123 -5.79 1.78 -15.60
CA MET F 123 -6.50 1.66 -14.31
C MET F 123 -6.67 0.17 -13.95
N ASN F 124 -7.21 -0.12 -12.76
CA ASN F 124 -7.39 -1.50 -12.22
C ASN F 124 -6.06 -2.25 -12.25
N GLY F 125 -4.98 -1.62 -11.81
CA GLY F 125 -3.65 -2.26 -11.69
C GLY F 125 -3.10 -2.74 -13.02
N GLY F 126 -3.46 -2.11 -14.13
CA GLY F 126 -2.92 -2.45 -15.46
C GLY F 126 -3.93 -3.20 -16.32
N TYR F 127 -5.07 -3.60 -15.77
CA TYR F 127 -6.05 -4.47 -16.45
C TYR F 127 -7.16 -3.65 -17.11
N GLY F 128 -7.43 -2.44 -16.61
CA GLY F 128 -8.54 -1.59 -17.08
C GLY F 128 -8.14 -0.74 -18.27
N VAL F 129 -8.89 0.31 -18.57
CA VAL F 129 -8.58 1.24 -19.68
C VAL F 129 -7.53 2.27 -19.20
N GLY F 130 -7.00 3.04 -20.15
CA GLY F 130 -6.07 4.13 -19.88
C GLY F 130 -6.77 5.24 -19.12
N ARG F 131 -6.06 5.88 -18.20
CA ARG F 131 -6.52 7.14 -17.59
C ARG F 131 -6.84 8.13 -18.68
N PRO F 132 -7.98 8.83 -18.61
CA PRO F 132 -8.25 9.93 -19.53
C PRO F 132 -7.38 11.14 -19.13
N ILE F 133 -7.34 12.14 -19.99
CA ILE F 133 -6.73 13.46 -19.67
C ILE F 133 -7.39 13.97 -18.38
N GLU F 134 -6.60 14.35 -17.40
CA GLU F 134 -7.15 14.76 -16.09
C GLU F 134 -6.10 15.55 -15.32
N GLY F 135 -6.53 16.21 -14.24
CA GLY F 135 -5.67 17.07 -13.42
C GLY F 135 -6.03 18.52 -13.61
N LEU F 136 -5.08 19.41 -13.32
CA LEU F 136 -5.37 20.85 -13.25
C LEU F 136 -5.90 21.33 -14.62
N ASN F 137 -6.91 22.20 -14.54
CA ASN F 137 -7.60 22.83 -15.67
C ASN F 137 -7.46 24.34 -15.47
N CYS F 138 -7.23 25.05 -16.56
CA CYS F 138 -7.17 26.53 -16.55
C CYS F 138 -7.77 27.00 -17.86
N HIS F 139 -8.93 27.66 -17.79
CA HIS F 139 -9.69 28.11 -18.97
C HIS F 139 -9.87 29.61 -18.85
N MET F 140 -9.52 30.33 -19.91
CA MET F 140 -9.74 31.77 -19.97
C MET F 140 -10.07 32.11 -21.41
N PHE F 141 -11.04 33.00 -21.61
CA PHE F 141 -11.19 33.69 -22.91
C PHE F 141 -11.37 35.19 -22.62
N ALA F 142 -10.95 35.99 -23.56
CA ALA F 142 -11.06 37.46 -23.48
C ALA F 142 -11.38 38.00 -24.87
N VAL F 143 -12.22 39.02 -24.90
CA VAL F 143 -12.58 39.78 -26.12
C VAL F 143 -12.38 41.25 -25.79
N GLY F 144 -11.62 41.97 -26.61
CA GLY F 144 -11.30 43.39 -26.37
C GLY F 144 -11.06 44.17 -27.64
N GLY F 145 -10.97 45.49 -27.50
CA GLY F 145 -10.73 46.42 -28.62
C GLY F 145 -9.26 46.82 -28.68
N GLU F 146 -8.41 46.09 -27.95
CA GLU F 146 -6.95 46.29 -27.86
C GLU F 146 -6.37 45.05 -27.18
N PRO F 147 -5.03 44.86 -27.19
CA PRO F 147 -4.43 43.69 -26.59
C PRO F 147 -4.77 43.54 -25.10
N LEU F 148 -4.95 42.29 -24.68
CA LEU F 148 -5.15 41.98 -23.24
C LEU F 148 -3.94 42.51 -22.47
N GLU F 149 -4.19 43.21 -21.37
CA GLU F 149 -3.12 43.69 -20.48
C GLU F 149 -2.84 42.64 -19.39
N LEU F 150 -1.55 42.38 -19.15
CA LEU F 150 -1.07 41.30 -18.26
C LEU F 150 -0.32 41.90 -17.07
N GLN F 151 -0.46 41.23 -15.94
CA GLN F 151 0.33 41.44 -14.69
C GLN F 151 1.25 40.24 -14.55
N GLY F 152 2.54 40.50 -14.30
CA GLY F 152 3.56 39.48 -14.04
C GLY F 152 3.40 38.94 -12.63
N CYS F 153 3.43 37.62 -12.48
CA CYS F 153 3.38 36.95 -11.18
C CYS F 153 3.84 35.51 -11.40
N VAL F 154 4.74 35.02 -10.55
CA VAL F 154 5.36 33.68 -10.72
C VAL F 154 5.26 32.94 -9.39
N GLN F 155 5.35 31.61 -9.44
CA GLN F 155 5.41 30.80 -8.20
C GLN F 155 6.82 30.87 -7.61
N ASN F 156 7.86 30.93 -8.47
CA ASN F 156 9.28 30.83 -8.03
C ASN F 156 10.07 31.93 -8.74
N TRP F 157 10.49 32.96 -8.01
CA TRP F 157 11.20 34.11 -8.59
C TRP F 157 12.59 33.69 -9.08
N SER F 158 13.10 32.52 -8.64
CA SER F 158 14.44 32.01 -9.06
C SER F 158 14.34 31.26 -10.39
N THR F 159 13.14 31.08 -10.94
CA THR F 159 12.98 30.34 -12.22
C THR F 159 13.78 31.04 -13.31
N THR F 160 14.47 30.28 -14.17
CA THR F 160 15.06 30.77 -15.43
C THR F 160 14.09 30.46 -16.57
N TYR F 161 13.39 31.47 -17.08
CA TYR F 161 12.46 31.29 -18.21
C TYR F 161 13.30 31.18 -19.47
N PRO F 162 12.86 30.38 -20.45
CA PRO F 162 13.68 30.10 -21.62
C PRO F 162 13.65 31.21 -22.67
N SER F 163 14.67 31.23 -23.52
CA SER F 163 14.69 31.98 -24.79
C SER F 163 13.46 31.57 -25.59
N GLY F 164 12.82 32.53 -26.23
CA GLY F 164 11.66 32.29 -27.09
C GLY F 164 10.33 32.52 -26.38
N VAL F 165 10.32 32.79 -25.07
CA VAL F 165 9.07 33.23 -24.38
C VAL F 165 9.30 34.62 -23.82
N VAL F 166 8.21 35.37 -23.61
CA VAL F 166 8.25 36.68 -22.91
C VAL F 166 7.86 36.42 -21.45
N ALA F 167 8.80 36.62 -20.54
CA ALA F 167 8.59 36.43 -19.09
C ALA F 167 8.87 37.74 -18.39
N PRO F 168 8.25 38.02 -17.22
CA PRO F 168 8.57 39.24 -16.48
C PRO F 168 10.00 39.19 -15.99
N PRO F 169 10.68 40.35 -15.86
CA PRO F 169 11.95 40.40 -15.13
C PRO F 169 11.72 39.90 -13.70
N LEU F 170 12.68 39.15 -13.18
CA LEU F 170 12.64 38.57 -11.81
C LEU F 170 13.86 39.04 -11.02
N LYS F 171 13.79 40.24 -10.44
CA LYS F 171 14.93 40.90 -9.73
C LYS F 171 14.86 40.54 -8.24
N ASP F 172 13.69 40.13 -7.75
CA ASP F 172 13.47 39.83 -6.32
C ASP F 172 12.19 38.99 -6.16
N ALA F 173 11.88 38.59 -4.94
CA ALA F 173 10.80 37.63 -4.61
C ALA F 173 9.42 38.32 -4.66
N LYS F 174 9.36 39.64 -4.80
CA LYS F 174 8.08 40.38 -4.90
C LYS F 174 7.32 39.91 -6.16
N ALA F 175 8.03 39.35 -7.15
CA ALA F 175 7.41 38.82 -8.39
C ALA F 175 6.50 37.61 -8.06
N GLN F 176 6.60 37.03 -6.86
CA GLN F 176 5.75 35.88 -6.43
C GLN F 176 4.40 36.41 -5.93
N VAL F 177 4.34 37.72 -5.65
CA VAL F 177 3.08 38.39 -5.23
C VAL F 177 2.87 39.54 -6.22
N LEU F 178 2.34 40.69 -5.80
CA LEU F 178 2.03 41.75 -6.82
C LEU F 178 3.14 42.80 -6.79
N ASP F 179 3.97 42.79 -7.84
CA ASP F 179 4.94 43.87 -8.12
C ASP F 179 4.36 44.68 -9.28
N PRO F 180 3.87 45.91 -9.01
CA PRO F 180 3.22 46.73 -10.03
C PRO F 180 4.13 47.16 -11.18
N GLY F 181 5.45 46.97 -11.05
CA GLY F 181 6.40 47.21 -12.15
C GLY F 181 6.30 46.14 -13.23
N LEU F 182 5.64 45.01 -12.99
CA LEU F 182 5.71 43.86 -13.93
C LEU F 182 4.44 43.79 -14.79
N LYS F 183 4.46 44.47 -15.93
CA LYS F 183 3.28 44.63 -16.81
C LYS F 183 3.67 44.28 -18.22
N ALA F 184 2.70 43.84 -19.01
CA ALA F 184 2.90 43.55 -20.44
C ALA F 184 1.55 43.60 -21.15
N ARG F 185 1.61 43.55 -22.47
CA ARG F 185 0.46 43.39 -23.36
C ARG F 185 0.61 42.03 -24.04
N LEU F 186 -0.48 41.27 -24.14
CA LEU F 186 -0.51 39.99 -24.87
C LEU F 186 -0.48 40.32 -26.36
N ASP F 187 0.72 40.43 -26.94
CA ASP F 187 0.89 40.93 -28.32
C ASP F 187 1.61 39.89 -29.19
N LYS F 188 1.76 38.65 -28.72
CA LYS F 188 2.34 37.55 -29.53
C LYS F 188 1.72 36.22 -29.11
N ASP F 189 1.17 35.50 -30.08
CA ASP F 189 0.56 34.16 -29.90
C ASP F 189 1.65 33.17 -29.47
N GLY F 190 1.36 32.33 -28.47
CA GLY F 190 2.23 31.23 -28.07
C GLY F 190 3.56 31.66 -27.53
N ALA F 191 3.65 32.81 -26.87
CA ALA F 191 4.94 33.38 -26.39
C ALA F 191 4.88 33.81 -24.92
N TYR F 192 3.71 34.11 -24.38
CA TYR F 192 3.54 34.57 -22.98
C TYR F 192 3.09 33.37 -22.15
N PRO F 193 3.96 32.82 -21.28
CA PRO F 193 3.58 31.63 -20.51
C PRO F 193 2.45 31.97 -19.54
N VAL F 194 1.51 31.04 -19.43
CA VAL F 194 0.34 31.17 -18.53
C VAL F 194 0.84 31.32 -17.10
N GLU F 195 1.88 30.58 -16.71
CA GLU F 195 2.30 30.50 -15.30
C GLU F 195 3.00 31.78 -14.82
N CYS F 196 3.40 32.71 -15.69
CA CYS F 196 4.09 33.93 -15.20
C CYS F 196 3.33 35.22 -15.55
N TRP F 197 2.14 35.12 -16.15
CA TRP F 197 1.29 36.28 -16.49
C TRP F 197 -0.17 35.95 -16.16
N CYS F 198 -0.88 36.89 -15.59
CA CYS F 198 -2.36 36.83 -15.49
C CYS F 198 -2.95 38.12 -16.05
N PRO F 199 -4.24 38.09 -16.45
CA PRO F 199 -4.96 39.32 -16.82
C PRO F 199 -4.86 40.35 -15.69
N ASP F 200 -4.53 41.58 -16.06
CA ASP F 200 -4.32 42.69 -15.10
C ASP F 200 -5.68 43.29 -14.75
N PRO F 201 -6.18 43.11 -13.50
CA PRO F 201 -7.49 43.64 -13.14
C PRO F 201 -7.46 45.17 -12.95
N SER F 202 -6.28 45.77 -12.86
CA SER F 202 -6.09 47.24 -12.68
C SER F 202 -6.17 47.94 -14.05
N ARG F 203 -6.19 47.18 -15.14
CA ARG F 203 -6.27 47.76 -16.50
C ARG F 203 -7.40 47.03 -17.23
N ASN F 204 -7.27 46.79 -18.54
CA ASN F 204 -8.30 46.07 -19.32
C ASN F 204 -9.67 46.75 -19.20
N GLU F 205 -9.69 48.09 -19.22
CA GLU F 205 -10.95 48.87 -19.30
C GLU F 205 -11.68 48.52 -20.60
N ASN F 206 -10.96 48.12 -21.66
CA ASN F 206 -11.56 47.95 -23.01
C ASN F 206 -11.51 46.47 -23.42
N THR F 207 -11.41 45.56 -22.46
CA THR F 207 -11.42 44.09 -22.68
C THR F 207 -12.27 43.45 -21.58
N ARG F 208 -13.02 42.41 -21.92
CA ARG F 208 -13.68 41.52 -20.95
C ARG F 208 -12.92 40.19 -20.94
N TYR F 209 -12.47 39.74 -19.77
CA TYR F 209 -11.82 38.41 -19.65
C TYR F 209 -12.57 37.59 -18.61
N PHE F 210 -12.62 36.28 -18.88
CA PHE F 210 -13.35 35.28 -18.08
C PHE F 210 -12.43 34.07 -17.89
N GLY F 211 -12.01 33.82 -16.66
CA GLY F 211 -11.03 32.78 -16.33
C GLY F 211 -11.49 31.94 -15.15
N THR F 212 -11.13 30.67 -15.17
N THR F 212 -11.17 30.65 -15.18
CA THR F 212 -11.31 29.73 -14.04
CA THR F 212 -11.30 29.75 -14.02
C THR F 212 -10.08 28.81 -13.97
C THR F 212 -10.07 28.82 -13.97
N TYR F 213 -9.59 28.57 -12.76
CA TYR F 213 -8.58 27.54 -12.46
C TYR F 213 -9.23 26.53 -11.53
N THR F 214 -9.10 25.26 -11.87
CA THR F 214 -9.46 24.12 -10.98
C THR F 214 -8.21 23.25 -10.88
N GLY F 215 -7.64 23.19 -9.69
CA GLY F 215 -6.34 22.54 -9.47
C GLY F 215 -6.47 21.09 -9.08
N GLY F 216 -5.55 20.64 -8.25
CA GLY F 216 -5.47 19.24 -7.76
C GLY F 216 -4.69 18.36 -8.71
N GLN F 217 -4.55 17.08 -8.35
CA GLN F 217 -3.62 16.13 -9.00
C GLN F 217 -4.28 15.39 -10.16
N GLN F 218 -5.42 14.75 -9.90
CA GLN F 218 -6.11 13.84 -10.87
C GLN F 218 -7.55 14.33 -11.05
N THR F 219 -7.79 15.61 -10.81
CA THR F 219 -9.13 16.24 -10.81
C THR F 219 -9.86 15.98 -12.12
N PRO F 220 -11.14 15.56 -12.06
CA PRO F 220 -11.96 15.42 -13.27
C PRO F 220 -12.14 16.75 -13.98
N PRO F 221 -11.74 16.86 -15.27
CA PRO F 221 -12.13 18.00 -16.09
C PRO F 221 -13.67 17.99 -16.24
N VAL F 222 -14.29 19.15 -16.14
CA VAL F 222 -15.74 19.36 -16.38
C VAL F 222 -15.85 20.37 -17.51
N LEU F 223 -16.22 19.90 -18.71
CA LEU F 223 -16.18 20.73 -19.93
C LEU F 223 -17.54 20.66 -20.63
N PRO F 224 -18.30 21.76 -20.64
CA PRO F 224 -19.53 21.84 -21.42
C PRO F 224 -19.21 22.06 -22.91
N PHE F 225 -20.12 21.69 -23.78
CA PHE F 225 -20.05 22.03 -25.22
C PHE F 225 -21.48 22.20 -25.71
N THR F 226 -21.84 23.41 -26.11
CA THR F 226 -23.20 23.78 -26.52
C THR F 226 -23.08 24.97 -27.48
N ASN F 227 -24.08 25.18 -28.33
CA ASN F 227 -24.13 26.36 -29.20
C ASN F 227 -25.26 27.29 -28.75
N THR F 228 -25.70 27.20 -27.50
CA THR F 228 -26.89 27.90 -27.01
C THR F 228 -26.52 28.99 -25.97
N VAL F 229 -25.24 29.20 -25.66
CA VAL F 229 -24.85 30.10 -24.56
C VAL F 229 -24.12 31.32 -25.15
N THR F 230 -24.66 32.49 -24.87
CA THR F 230 -24.13 33.82 -25.26
C THR F 230 -23.61 34.54 -24.01
N THR F 231 -22.39 35.07 -24.07
CA THR F 231 -21.84 36.00 -23.05
C THR F 231 -22.00 37.43 -23.55
N VAL F 232 -22.70 38.27 -22.81
CA VAL F 232 -22.89 39.71 -23.13
C VAL F 232 -21.60 40.43 -22.70
N LEU F 233 -21.09 41.33 -23.54
CA LEU F 233 -19.79 42.04 -23.33
C LEU F 233 -20.02 43.49 -22.89
N LEU F 234 -21.27 43.94 -22.84
CA LEU F 234 -21.62 45.33 -22.44
C LEU F 234 -21.23 45.53 -20.98
N ASP F 235 -20.69 46.70 -20.65
CA ASP F 235 -20.37 47.09 -19.25
C ASP F 235 -21.64 47.64 -18.59
N GLU F 236 -21.47 48.16 -17.35
CA GLU F 236 -22.53 48.77 -16.50
C GLU F 236 -23.32 49.82 -17.30
N ASN F 237 -22.68 50.52 -18.22
CA ASN F 237 -23.29 51.64 -19.00
C ASN F 237 -23.82 51.18 -20.36
N GLY F 238 -23.86 49.86 -20.64
CA GLY F 238 -24.38 49.34 -21.91
C GLY F 238 -23.38 49.47 -23.07
N VAL F 239 -22.09 49.58 -22.77
CA VAL F 239 -21.02 49.75 -23.80
C VAL F 239 -20.10 48.54 -23.81
N GLY F 240 -19.95 47.93 -24.97
CA GLY F 240 -19.02 46.82 -25.20
C GLY F 240 -17.62 47.33 -25.50
N PRO F 241 -16.63 46.44 -25.56
CA PRO F 241 -15.30 46.81 -26.06
C PRO F 241 -15.38 47.53 -27.42
N LEU F 242 -14.62 48.61 -27.55
CA LEU F 242 -14.58 49.46 -28.75
C LEU F 242 -13.26 49.20 -29.47
N CYS F 243 -13.35 48.81 -30.74
CA CYS F 243 -12.22 48.21 -31.49
C CYS F 243 -11.34 49.34 -32.04
N LYS F 244 -10.28 49.67 -31.32
CA LYS F 244 -9.31 50.70 -31.72
C LYS F 244 -8.60 50.23 -32.99
N GLY F 245 -8.50 51.11 -33.99
CA GLY F 245 -7.86 50.79 -35.29
C GLY F 245 -8.62 49.72 -36.06
N ASP F 246 -9.91 49.52 -35.80
CA ASP F 246 -10.75 48.50 -36.48
C ASP F 246 -10.12 47.11 -36.28
N GLY F 247 -9.61 46.86 -35.07
CA GLY F 247 -9.10 45.54 -34.68
C GLY F 247 -9.90 44.94 -33.55
N LEU F 248 -10.28 43.67 -33.66
CA LEU F 248 -10.89 42.87 -32.57
C LEU F 248 -9.83 41.90 -32.01
N TYR F 249 -9.60 41.92 -30.70
CA TYR F 249 -8.55 41.14 -30.03
C TYR F 249 -9.16 39.98 -29.23
N LEU F 250 -8.76 38.76 -29.60
CA LEU F 250 -9.23 37.50 -28.98
C LEU F 250 -8.04 36.84 -28.29
N SER F 251 -8.25 36.33 -27.07
CA SER F 251 -7.20 35.69 -26.24
C SER F 251 -7.84 34.50 -25.54
N CYS F 252 -7.04 33.47 -25.25
CA CYS F 252 -7.54 32.35 -24.44
C CYS F 252 -6.40 31.45 -24.00
N VAL F 253 -6.71 30.60 -23.05
CA VAL F 253 -5.94 29.36 -22.79
C VAL F 253 -6.94 28.31 -22.32
N ASP F 254 -6.72 27.06 -22.72
CA ASP F 254 -7.61 25.94 -22.32
C ASP F 254 -6.75 24.72 -22.01
N ILE F 255 -6.11 24.74 -20.85
CA ILE F 255 -5.41 23.56 -20.28
C ILE F 255 -6.49 22.62 -19.71
N CYS F 256 -6.56 21.41 -20.25
CA CYS F 256 -7.64 20.43 -19.94
C CYS F 256 -7.13 19.33 -18.99
N GLY F 257 -5.85 19.34 -18.68
CA GLY F 257 -5.20 18.42 -17.75
C GLY F 257 -3.93 17.83 -18.34
N PHE F 258 -3.54 16.67 -17.85
CA PHE F 258 -2.27 16.00 -18.24
C PHE F 258 -2.60 14.66 -18.90
N TYR F 259 -1.83 14.35 -19.94
CA TYR F 259 -1.70 13.01 -20.51
C TYR F 259 -0.49 12.34 -19.84
N SER F 260 -0.69 11.14 -19.29
CA SER F 260 0.37 10.29 -18.71
C SER F 260 0.77 9.21 -19.71
N GLU F 261 2.04 9.13 -20.06
CA GLU F 261 2.58 8.05 -20.94
C GLU F 261 2.49 6.71 -20.20
N GLN F 262 1.98 5.67 -20.85
CA GLN F 262 1.81 4.34 -20.22
C GLN F 262 3.16 3.85 -19.67
N TYR F 263 4.23 3.90 -20.46
CA TYR F 263 5.52 3.28 -20.06
C TYR F 263 6.27 4.21 -19.09
N SER F 264 6.71 5.38 -19.54
CA SER F 264 7.57 6.29 -18.73
C SER F 264 6.80 6.87 -17.55
N GLN F 265 5.47 7.04 -17.69
CA GLN F 265 4.58 7.76 -16.72
C GLN F 265 4.91 9.25 -16.65
N LYS F 266 5.68 9.75 -17.61
CA LYS F 266 5.88 11.21 -17.84
C LYS F 266 4.54 11.85 -18.23
N GLN F 267 4.38 13.13 -17.91
CA GLN F 267 3.10 13.84 -18.13
C GLN F 267 3.32 14.99 -19.12
N HIS F 268 2.30 15.21 -19.95
CA HIS F 268 2.23 16.29 -20.95
C HIS F 268 0.98 17.13 -20.66
N PHE F 269 1.10 18.46 -20.65
CA PHE F 269 -0.08 19.34 -20.72
C PHE F 269 -0.89 19.01 -21.99
N ARG F 270 -2.21 18.91 -21.86
CA ARG F 270 -3.14 18.82 -23.01
C ARG F 270 -3.99 20.09 -23.04
N GLY F 271 -4.00 20.75 -24.20
CA GLY F 271 -4.85 21.91 -24.47
C GLY F 271 -5.74 21.64 -25.65
N LEU F 272 -6.85 22.34 -25.71
CA LEU F 272 -7.85 22.20 -26.79
C LEU F 272 -8.05 23.57 -27.43
N PRO F 273 -8.39 23.58 -28.73
CA PRO F 273 -8.68 24.80 -29.46
C PRO F 273 -9.97 25.46 -28.96
N ARG F 274 -10.09 26.78 -29.17
CA ARG F 274 -11.31 27.53 -28.80
C ARG F 274 -11.87 28.26 -30.02
N TYR F 275 -13.16 28.15 -30.24
CA TYR F 275 -13.93 28.87 -31.28
C TYR F 275 -14.56 30.11 -30.65
N PHE F 276 -14.58 31.21 -31.40
CA PHE F 276 -15.25 32.48 -31.04
C PHE F 276 -16.19 32.90 -32.16
N SER F 277 -17.40 33.31 -31.81
CA SER F 277 -18.32 34.08 -32.67
C SER F 277 -18.70 35.36 -31.94
N VAL F 278 -18.20 36.50 -32.41
CA VAL F 278 -18.39 37.84 -31.77
C VAL F 278 -19.36 38.65 -32.62
N SER F 279 -20.41 39.17 -32.01
CA SER F 279 -21.40 40.05 -32.67
C SER F 279 -20.99 41.51 -32.40
N LEU F 280 -20.83 42.30 -33.47
CA LEU F 280 -20.42 43.71 -33.33
C LEU F 280 -21.46 44.62 -33.96
N ARG F 281 -21.51 45.85 -33.48
CA ARG F 281 -22.36 46.91 -34.04
C ARG F 281 -21.52 48.19 -34.12
N LYS F 282 -21.92 49.10 -35.00
CA LYS F 282 -21.27 50.42 -35.14
C LYS F 282 -21.73 51.31 -33.99
N ARG F 283 -20.77 51.98 -33.39
CA ARG F 283 -20.98 52.92 -32.27
C ARG F 283 -20.38 54.27 -32.67
N LEU F 284 -21.17 55.32 -32.56
CA LEU F 284 -20.70 56.70 -32.75
C LEU F 284 -19.91 57.11 -31.51
N VAL F 285 -18.77 57.75 -31.73
CA VAL F 285 -17.94 58.33 -30.64
C VAL F 285 -17.53 59.75 -31.07
N ARG F 286 -17.17 60.58 -30.09
CA ARG F 286 -16.62 61.94 -30.38
C ARG F 286 -15.22 61.76 -30.95
N ASN F 287 -14.93 62.41 -32.07
CA ASN F 287 -13.59 62.41 -32.72
C ASN F 287 -12.67 63.22 -31.81
N HIS G 20 -33.82 35.97 -41.11
CA HIS G 20 -33.05 34.99 -41.97
C HIS G 20 -32.40 33.92 -41.07
N MET G 21 -32.79 32.65 -41.24
CA MET G 21 -32.03 31.45 -40.78
C MET G 21 -31.43 30.73 -42.00
N GLY G 22 -30.10 30.77 -42.14
CA GLY G 22 -29.36 30.09 -43.22
C GLY G 22 -29.92 30.39 -44.61
N GLY G 23 -30.31 31.66 -44.86
CA GLY G 23 -30.87 32.09 -46.16
C GLY G 23 -32.38 31.88 -46.26
N ILE G 24 -33.05 31.35 -45.22
CA ILE G 24 -34.55 31.25 -45.17
C ILE G 24 -35.10 32.53 -44.52
N GLU G 25 -36.00 33.24 -45.23
CA GLU G 25 -36.76 34.37 -44.65
C GLU G 25 -37.92 33.78 -43.84
N VAL G 26 -37.90 33.98 -42.53
CA VAL G 26 -38.90 33.38 -41.61
C VAL G 26 -40.03 34.38 -41.43
N LEU G 27 -41.27 33.96 -41.62
CA LEU G 27 -42.46 34.84 -41.47
C LEU G 27 -43.18 34.45 -40.18
N GLY G 28 -44.51 34.58 -40.13
CA GLY G 28 -45.29 34.37 -38.90
C GLY G 28 -45.49 32.89 -38.60
N VAL G 29 -45.74 32.57 -37.34
CA VAL G 29 -46.24 31.25 -36.87
C VAL G 29 -47.64 31.05 -37.44
N ARG G 30 -47.92 29.86 -37.97
CA ARG G 30 -49.27 29.43 -38.40
C ARG G 30 -49.95 28.78 -37.19
N THR G 31 -51.11 29.28 -36.77
CA THR G 31 -51.84 28.79 -35.59
C THR G 31 -53.12 28.09 -36.06
N GLY G 32 -53.92 27.62 -35.11
CA GLY G 32 -55.22 26.98 -35.39
C GLY G 32 -55.13 25.47 -35.22
N PRO G 33 -56.26 24.76 -35.48
CA PRO G 33 -56.30 23.31 -35.43
C PRO G 33 -55.17 22.66 -36.22
N ASP G 34 -54.52 21.64 -35.62
CA ASP G 34 -53.49 20.80 -36.27
C ASP G 34 -52.24 21.61 -36.62
N SER G 35 -52.02 22.77 -36.01
CA SER G 35 -50.85 23.64 -36.30
C SER G 35 -49.67 23.24 -35.38
N THR G 36 -49.91 22.37 -34.41
CA THR G 36 -48.85 21.89 -33.49
C THR G 36 -48.87 20.36 -33.46
N THR G 37 -47.72 19.77 -33.14
CA THR G 37 -47.60 18.30 -32.96
C THR G 37 -46.45 18.04 -31.98
N THR G 38 -46.52 16.92 -31.28
CA THR G 38 -45.47 16.41 -30.39
C THR G 38 -44.93 15.12 -31.00
N ILE G 39 -43.60 15.04 -31.16
CA ILE G 39 -42.89 13.83 -31.64
C ILE G 39 -42.23 13.21 -30.42
N GLU G 40 -42.46 11.92 -30.20
CA GLU G 40 -41.80 11.11 -29.14
C GLU G 40 -40.91 10.10 -29.82
N ALA G 41 -39.68 9.94 -29.35
CA ALA G 41 -38.74 8.94 -29.89
C ALA G 41 -37.75 8.54 -28.80
N TYR G 42 -37.13 7.38 -28.95
CA TYR G 42 -35.98 7.00 -28.10
C TYR G 42 -34.85 6.54 -29.01
N LEU G 43 -33.62 6.73 -28.54
CA LEU G 43 -32.40 6.29 -29.26
C LEU G 43 -31.64 5.38 -28.31
N ASN G 44 -31.42 4.13 -28.71
CA ASN G 44 -30.61 3.16 -27.93
C ASN G 44 -29.14 3.50 -28.15
N PRO G 45 -28.29 3.30 -27.10
CA PRO G 45 -26.90 3.73 -27.13
C PRO G 45 -26.10 2.83 -28.08
N ARG G 46 -25.02 3.37 -28.64
CA ARG G 46 -24.12 2.65 -29.57
C ARG G 46 -22.71 2.70 -28.97
N MET G 47 -22.47 1.87 -27.96
CA MET G 47 -21.22 1.83 -27.16
C MET G 47 -20.19 0.94 -27.85
N GLY G 48 -20.58 0.27 -28.94
CA GLY G 48 -19.68 -0.58 -29.75
C GLY G 48 -20.29 -1.94 -30.01
N THR G 49 -21.17 -2.40 -29.13
CA THR G 49 -22.10 -3.50 -29.38
C THR G 49 -23.49 -2.96 -29.07
N ASP G 50 -24.53 -3.70 -29.41
CA ASP G 50 -25.92 -3.18 -29.47
C ASP G 50 -26.58 -3.02 -28.10
N ASN G 51 -26.09 -3.61 -27.03
CA ASN G 51 -26.98 -3.73 -25.84
C ASN G 51 -26.44 -2.99 -24.60
N GLY G 52 -25.81 -1.84 -24.82
CA GLY G 52 -25.50 -0.87 -23.75
C GLY G 52 -24.05 -0.88 -23.32
N PHE G 53 -23.26 -1.86 -23.76
CA PHE G 53 -21.85 -2.00 -23.33
C PHE G 53 -20.95 -2.11 -24.56
N SER G 54 -19.77 -1.53 -24.47
CA SER G 54 -18.67 -1.83 -25.41
C SER G 54 -18.19 -3.27 -25.12
N GLN G 55 -17.54 -3.88 -26.09
CA GLN G 55 -16.60 -5.00 -25.86
C GLN G 55 -15.54 -4.52 -24.85
N ALA G 56 -14.92 -5.45 -24.11
CA ALA G 56 -13.81 -5.13 -23.19
C ALA G 56 -12.80 -4.26 -23.94
N VAL G 57 -12.45 -3.11 -23.37
CA VAL G 57 -11.63 -2.10 -24.06
C VAL G 57 -10.15 -2.47 -23.93
N THR G 58 -9.45 -2.44 -25.06
CA THR G 58 -8.00 -2.74 -25.14
C THR G 58 -7.26 -1.41 -25.24
N VAL G 59 -6.01 -1.40 -24.80
CA VAL G 59 -5.20 -0.17 -24.71
C VAL G 59 -3.87 -0.44 -25.40
N ALA G 60 -3.51 0.41 -26.37
CA ALA G 60 -2.22 0.34 -27.09
C ALA G 60 -1.08 0.56 -26.09
N THR G 61 0.08 -0.04 -26.32
CA THR G 61 1.27 0.16 -25.44
C THR G 61 2.03 1.42 -25.89
N SER G 62 1.74 1.93 -27.10
CA SER G 62 2.37 3.16 -27.64
C SER G 62 1.36 3.87 -28.54
N LEU G 63 1.72 5.07 -29.02
CA LEU G 63 0.82 5.89 -29.87
C LEU G 63 0.76 5.30 -31.29
N ASN G 64 1.66 4.37 -31.62
CA ASN G 64 1.69 3.82 -33.01
C ASN G 64 2.40 2.48 -32.99
N PRO G 65 1.74 1.33 -33.23
CA PRO G 65 0.35 1.25 -33.62
C PRO G 65 -0.67 1.38 -32.49
N ASP G 66 -1.78 2.04 -32.78
CA ASP G 66 -2.92 2.26 -31.85
C ASP G 66 -4.20 1.93 -32.65
N VAL G 67 -4.78 0.76 -32.40
CA VAL G 67 -5.77 0.13 -33.30
C VAL G 67 -6.99 -0.24 -32.50
N PRO G 68 -7.84 0.74 -32.11
CA PRO G 68 -9.08 0.43 -31.39
C PRO G 68 -10.07 -0.31 -32.29
N PRO G 69 -10.51 -1.52 -31.89
CA PRO G 69 -11.56 -2.22 -32.64
C PRO G 69 -12.89 -1.46 -32.59
N LYS G 70 -13.72 -1.65 -33.62
CA LYS G 70 -15.03 -0.97 -33.71
C LYS G 70 -15.87 -1.28 -32.48
N ALA G 71 -15.86 -2.53 -32.01
CA ALA G 71 -16.72 -2.98 -30.89
C ALA G 71 -16.29 -2.29 -29.57
N GLU G 72 -15.18 -1.56 -29.55
CA GLU G 72 -14.64 -0.90 -28.34
C GLU G 72 -14.79 0.63 -28.42
N LEU G 73 -15.45 1.16 -29.48
CA LEU G 73 -15.56 2.63 -29.70
C LEU G 73 -17.00 3.11 -29.61
N PRO G 74 -17.38 3.82 -28.53
CA PRO G 74 -18.68 4.47 -28.47
C PRO G 74 -18.85 5.44 -29.65
N CYS G 75 -20.04 5.43 -30.22
CA CYS G 75 -20.47 6.26 -31.36
C CYS G 75 -21.72 7.06 -30.96
N TYR G 76 -21.95 8.16 -31.66
CA TYR G 76 -23.19 8.95 -31.59
C TYR G 76 -24.37 8.10 -32.07
N SER G 77 -25.50 8.27 -31.39
CA SER G 77 -26.83 7.83 -31.81
C SER G 77 -27.46 8.96 -32.63
N CYS G 78 -28.24 8.63 -33.64
CA CYS G 78 -28.98 9.64 -34.41
C CYS G 78 -30.16 8.98 -35.12
N ALA G 79 -31.18 9.78 -35.41
CA ALA G 79 -32.40 9.36 -36.11
C ALA G 79 -33.02 10.58 -36.78
N ARG G 80 -33.56 10.38 -37.98
CA ARG G 80 -34.45 11.35 -38.66
C ARG G 80 -35.88 10.85 -38.47
N ILE G 81 -36.75 11.68 -37.89
CA ILE G 81 -38.19 11.36 -37.72
C ILE G 81 -38.93 12.08 -38.85
N GLY G 82 -39.67 11.33 -39.67
CA GLY G 82 -40.55 11.90 -40.70
C GLY G 82 -41.70 12.65 -40.05
N LEU G 83 -41.96 13.88 -40.48
CA LEU G 83 -43.06 14.71 -39.94
C LEU G 83 -44.22 14.70 -40.93
N PRO G 84 -45.45 15.09 -40.52
CA PRO G 84 -46.55 15.24 -41.46
C PRO G 84 -46.16 16.18 -42.62
N MET G 85 -46.44 15.74 -43.85
CA MET G 85 -46.07 16.50 -45.08
C MET G 85 -46.85 17.82 -45.08
N LEU G 86 -46.20 18.93 -45.38
CA LEU G 86 -46.83 20.26 -45.20
C LEU G 86 -47.22 20.88 -46.54
N ASN G 87 -46.40 20.69 -47.57
CA ASN G 87 -46.49 21.46 -48.84
C ASN G 87 -46.63 20.47 -50.00
N GLU G 88 -47.85 20.11 -50.39
CA GLU G 88 -48.13 19.36 -51.64
C GLU G 88 -47.64 20.21 -52.82
N ASP G 89 -47.86 21.53 -52.75
CA ASP G 89 -47.40 22.52 -53.75
C ASP G 89 -46.19 23.26 -53.18
N MET G 90 -45.02 23.08 -53.79
CA MET G 90 -43.76 23.73 -53.38
C MET G 90 -43.43 24.90 -54.31
N THR G 91 -44.40 25.42 -55.07
CA THR G 91 -44.15 26.52 -56.05
C THR G 91 -44.70 27.86 -55.55
N THR G 92 -45.43 27.88 -54.44
CA THR G 92 -46.06 29.11 -53.88
C THR G 92 -44.96 30.03 -53.35
N PRO G 93 -45.19 31.35 -53.31
CA PRO G 93 -44.20 32.30 -52.78
C PRO G 93 -43.93 32.12 -51.28
N GLU G 94 -44.88 31.52 -50.54
CA GLU G 94 -44.65 31.13 -49.12
C GLU G 94 -44.94 29.63 -48.98
N ILE G 95 -44.21 28.95 -48.09
CA ILE G 95 -44.46 27.53 -47.70
C ILE G 95 -44.41 27.42 -46.19
N LEU G 96 -44.85 26.26 -45.68
CA LEU G 96 -44.84 25.94 -44.23
C LEU G 96 -43.66 25.04 -43.91
N MET G 97 -43.06 25.24 -42.73
CA MET G 97 -42.04 24.33 -42.16
C MET G 97 -42.42 24.04 -40.73
N TRP G 98 -42.21 22.81 -40.28
CA TRP G 98 -42.29 22.46 -38.85
C TRP G 98 -41.13 23.13 -38.13
N GLU G 99 -41.43 23.82 -37.05
CA GLU G 99 -40.44 24.53 -36.20
C GLU G 99 -40.41 23.82 -34.84
N ALA G 100 -39.24 23.34 -34.43
CA ALA G 100 -39.04 22.69 -33.12
C ALA G 100 -38.94 23.79 -32.05
N VAL G 101 -39.90 23.86 -31.15
CA VAL G 101 -40.03 24.95 -30.14
C VAL G 101 -39.34 24.54 -28.84
N SER G 102 -39.50 23.28 -28.42
CA SER G 102 -39.01 22.82 -27.10
C SER G 102 -38.84 21.31 -27.11
N VAL G 103 -38.10 20.79 -26.12
CA VAL G 103 -37.84 19.34 -25.98
C VAL G 103 -37.79 19.02 -24.50
N LYS G 104 -38.42 17.90 -24.13
CA LYS G 104 -38.17 17.19 -22.86
C LYS G 104 -37.41 15.92 -23.20
N THR G 105 -36.28 15.71 -22.56
CA THR G 105 -35.40 14.57 -22.87
C THR G 105 -34.92 13.97 -21.55
N GLU G 106 -34.77 12.67 -21.54
CA GLU G 106 -34.51 11.90 -20.31
C GLU G 106 -33.56 10.77 -20.65
N VAL G 107 -32.53 10.58 -19.85
CA VAL G 107 -31.74 9.32 -19.90
C VAL G 107 -32.55 8.23 -19.20
N VAL G 108 -32.80 7.14 -19.90
CA VAL G 108 -33.64 6.00 -19.43
C VAL G 108 -32.75 4.90 -18.85
N GLY G 109 -33.14 4.31 -17.72
CA GLY G 109 -32.39 3.22 -17.09
C GLY G 109 -31.38 3.70 -16.06
N VAL G 110 -31.47 4.96 -15.62
CA VAL G 110 -30.49 5.50 -14.62
C VAL G 110 -30.45 4.57 -13.40
N THR G 111 -31.62 4.09 -12.96
CA THR G 111 -31.71 3.29 -11.71
C THR G 111 -30.99 1.95 -11.85
N THR G 112 -30.67 1.49 -13.06
CA THR G 112 -29.89 0.23 -13.24
C THR G 112 -28.54 0.32 -12.53
N MET G 113 -28.05 1.55 -12.32
CA MET G 113 -26.71 1.76 -11.71
C MET G 113 -26.77 1.66 -10.19
N CYS G 114 -27.92 1.26 -9.62
CA CYS G 114 -28.05 0.82 -8.20
C CYS G 114 -27.70 -0.67 -8.07
N ASN G 115 -27.38 -1.34 -9.18
CA ASN G 115 -26.99 -2.77 -9.21
C ASN G 115 -25.53 -2.90 -8.74
N VAL G 116 -25.30 -3.56 -7.61
CA VAL G 116 -23.92 -3.84 -7.12
C VAL G 116 -23.71 -5.36 -6.95
N HIS G 117 -24.56 -6.19 -7.56
CA HIS G 117 -24.50 -7.68 -7.42
C HIS G 117 -24.00 -8.35 -8.69
N SER G 118 -24.04 -7.69 -9.86
CA SER G 118 -23.78 -8.36 -11.17
C SER G 118 -22.28 -8.36 -11.54
N ALA G 119 -21.45 -9.02 -10.72
CA ALA G 119 -20.10 -9.53 -11.07
C ALA G 119 -19.13 -8.38 -11.36
N SER G 120 -19.18 -7.30 -10.57
CA SER G 120 -18.18 -6.22 -10.62
C SER G 120 -17.08 -6.45 -9.57
N ILE G 121 -16.00 -5.67 -9.64
CA ILE G 121 -14.89 -5.73 -8.65
C ILE G 121 -15.45 -5.32 -7.29
N ARG G 122 -15.20 -6.13 -6.26
CA ARG G 122 -15.84 -5.94 -4.94
C ARG G 122 -15.01 -4.98 -4.09
N MET G 123 -15.70 -4.06 -3.43
CA MET G 123 -15.13 -3.07 -2.49
C MET G 123 -14.81 -3.75 -1.14
N ASN G 124 -14.20 -3.02 -0.22
CA ASN G 124 -13.74 -3.53 1.12
C ASN G 124 -12.86 -4.77 0.92
N GLY G 125 -11.90 -4.72 0.01
CA GLY G 125 -10.90 -5.80 -0.17
C GLY G 125 -11.54 -7.10 -0.61
N GLY G 126 -12.70 -7.07 -1.30
CA GLY G 126 -13.35 -8.29 -1.79
C GLY G 126 -14.56 -8.70 -0.97
N TYR G 127 -14.81 -8.04 0.16
CA TYR G 127 -15.86 -8.43 1.13
C TYR G 127 -17.17 -7.66 0.89
N GLY G 128 -17.07 -6.45 0.32
CA GLY G 128 -18.21 -5.56 0.14
C GLY G 128 -18.96 -5.85 -1.16
N VAL G 129 -19.74 -4.87 -1.62
CA VAL G 129 -20.52 -5.02 -2.88
C VAL G 129 -19.62 -4.68 -4.08
N GLY G 130 -20.11 -5.00 -5.27
CA GLY G 130 -19.45 -4.63 -6.53
C GLY G 130 -19.41 -3.12 -6.70
N ARG G 131 -18.33 -2.62 -7.26
CA ARG G 131 -18.29 -1.22 -7.74
C ARG G 131 -19.43 -0.98 -8.69
N PRO G 132 -20.17 0.13 -8.56
CA PRO G 132 -21.16 0.50 -9.57
C PRO G 132 -20.44 1.03 -10.81
N ILE G 133 -21.20 1.19 -11.89
CA ILE G 133 -20.72 1.88 -13.13
C ILE G 133 -20.21 3.25 -12.70
N GLU G 134 -19.00 3.61 -13.10
CA GLU G 134 -18.39 4.88 -12.66
C GLU G 134 -17.25 5.25 -13.59
N GLY G 135 -16.76 6.49 -13.45
CA GLY G 135 -15.69 7.05 -14.30
C GLY G 135 -16.25 8.07 -15.27
N LEU G 136 -15.55 8.26 -16.40
CA LEU G 136 -15.85 9.40 -17.28
C LEU G 136 -17.30 9.27 -17.80
N ASN G 137 -17.96 10.41 -17.85
CA ASN G 137 -19.34 10.60 -18.35
C ASN G 137 -19.27 11.60 -19.49
N CYS G 138 -20.03 11.35 -20.54
CA CYS G 138 -20.17 12.27 -21.68
C CYS G 138 -21.60 12.20 -22.15
N HIS G 139 -22.35 13.28 -21.98
CA HIS G 139 -23.79 13.36 -22.30
C HIS G 139 -23.99 14.49 -23.29
N MET G 140 -24.68 14.20 -24.37
CA MET G 140 -25.00 15.22 -25.39
C MET G 140 -26.37 14.85 -25.96
N PHE G 141 -27.22 15.83 -26.16
CA PHE G 141 -28.40 15.68 -27.03
C PHE G 141 -28.45 16.90 -27.95
N ALA G 142 -29.01 16.67 -29.13
CA ALA G 142 -29.19 17.72 -30.15
C ALA G 142 -30.53 17.49 -30.84
N VAL G 143 -31.19 18.59 -31.15
CA VAL G 143 -32.45 18.63 -31.94
C VAL G 143 -32.23 19.64 -33.07
N GLY G 144 -32.48 19.23 -34.31
CA GLY G 144 -32.25 20.11 -35.48
C GLY G 144 -33.17 19.78 -36.64
N GLY G 145 -33.17 20.65 -37.65
CA GLY G 145 -33.97 20.50 -38.89
C GLY G 145 -33.15 19.92 -40.01
N GLU G 146 -31.98 19.40 -39.69
CA GLU G 146 -31.01 18.78 -40.63
C GLU G 146 -29.97 18.05 -39.78
N PRO G 147 -29.11 17.20 -40.38
CA PRO G 147 -28.13 16.44 -39.61
C PRO G 147 -27.21 17.35 -38.79
N LEU G 148 -26.85 16.88 -37.59
CA LEU G 148 -25.83 17.55 -36.76
C LEU G 148 -24.53 17.66 -37.57
N GLU G 149 -23.93 18.83 -37.58
CA GLU G 149 -22.61 19.05 -38.23
C GLU G 149 -21.49 18.80 -37.22
N LEU G 150 -20.47 18.06 -37.68
CA LEU G 150 -19.35 17.58 -36.82
C LEU G 150 -18.04 18.21 -37.28
N GLN G 151 -17.18 18.48 -36.30
CA GLN G 151 -15.77 18.84 -36.47
C GLN G 151 -14.93 17.64 -36.03
N GLY G 152 -13.97 17.26 -36.87
CA GLY G 152 -13.01 16.19 -36.56
C GLY G 152 -11.96 16.68 -35.59
N CYS G 153 -11.68 15.88 -34.56
CA CYS G 153 -10.62 16.17 -33.58
C CYS G 153 -10.33 14.87 -32.81
N VAL G 154 -9.06 14.53 -32.66
CA VAL G 154 -8.64 13.24 -32.04
C VAL G 154 -7.60 13.54 -30.96
N GLN G 155 -7.43 12.62 -30.03
CA GLN G 155 -6.34 12.72 -29.03
C GLN G 155 -5.01 12.29 -29.67
N ASN G 156 -5.03 11.31 -30.58
CA ASN G 156 -3.80 10.71 -31.17
C ASN G 156 -3.97 10.60 -32.69
N TRP G 157 -3.26 11.44 -33.44
CA TRP G 157 -3.39 11.48 -34.92
C TRP G 157 -2.85 10.19 -35.52
N SER G 158 -2.06 9.40 -34.78
CA SER G 158 -1.46 8.13 -35.28
C SER G 158 -2.46 6.98 -35.11
N THR G 159 -3.63 7.21 -34.50
CA THR G 159 -4.62 6.13 -34.30
C THR G 159 -5.05 5.56 -35.65
N THR G 160 -5.17 4.24 -35.77
CA THR G 160 -5.83 3.56 -36.91
C THR G 160 -7.29 3.26 -36.53
N TYR G 161 -8.23 4.03 -37.07
CA TYR G 161 -9.67 3.79 -36.82
C TYR G 161 -10.09 2.59 -37.65
N PRO G 162 -11.03 1.77 -37.15
CA PRO G 162 -11.40 0.54 -37.82
C PRO G 162 -12.35 0.75 -39.00
N SER G 163 -12.35 -0.25 -39.89
CA SER G 163 -13.41 -0.40 -40.92
C SER G 163 -14.76 -0.48 -40.21
N GLY G 164 -15.77 0.16 -40.77
CA GLY G 164 -17.13 0.13 -40.23
C GLY G 164 -17.45 1.36 -39.39
N VAL G 165 -16.49 2.24 -39.12
CA VAL G 165 -16.79 3.58 -38.52
C VAL G 165 -16.38 4.67 -39.51
N VAL G 166 -16.98 5.85 -39.39
CA VAL G 166 -16.55 7.05 -40.14
C VAL G 166 -15.65 7.86 -39.21
N ALA G 167 -14.36 7.97 -39.56
CA ALA G 167 -13.37 8.75 -38.81
C ALA G 167 -12.81 9.83 -39.71
N PRO G 168 -12.33 10.98 -39.17
CA PRO G 168 -11.71 11.98 -40.02
C PRO G 168 -10.42 11.44 -40.61
N PRO G 169 -10.01 11.88 -41.82
CA PRO G 169 -8.67 11.61 -42.30
C PRO G 169 -7.65 12.18 -41.31
N LEU G 170 -6.56 11.44 -41.09
CA LEU G 170 -5.46 11.83 -40.17
C LEU G 170 -4.14 11.89 -40.94
N LYS G 171 -3.88 13.01 -41.61
CA LYS G 171 -2.71 13.21 -42.50
C LYS G 171 -1.58 13.84 -41.68
N ASP G 172 -1.90 14.48 -40.55
CA ASP G 172 -0.90 15.17 -39.71
C ASP G 172 -1.47 15.43 -38.31
N ALA G 173 -0.67 15.98 -37.41
CA ALA G 173 -0.99 16.13 -35.97
C ALA G 173 -1.98 17.29 -35.75
N LYS G 174 -2.27 18.11 -36.77
CA LYS G 174 -3.25 19.22 -36.65
C LYS G 174 -4.64 18.64 -36.30
N ALA G 175 -4.89 17.37 -36.63
CA ALA G 175 -6.16 16.68 -36.29
C ALA G 175 -6.33 16.58 -34.77
N GLN G 176 -5.28 16.80 -33.97
CA GLN G 176 -5.34 16.77 -32.48
C GLN G 176 -5.86 18.11 -31.95
N VAL G 177 -5.86 19.12 -32.81
CA VAL G 177 -6.42 20.47 -32.50
C VAL G 177 -7.47 20.76 -33.56
N LEU G 178 -7.65 22.01 -33.97
CA LEU G 178 -8.72 22.32 -34.94
C LEU G 178 -8.09 22.44 -36.34
N ASP G 179 -8.38 21.44 -37.16
CA ASP G 179 -8.11 21.45 -38.62
C ASP G 179 -9.46 21.66 -39.30
N PRO G 180 -9.71 22.86 -39.87
CA PRO G 180 -11.01 23.18 -40.46
C PRO G 180 -11.35 22.35 -41.71
N GLY G 181 -10.39 21.60 -42.26
CA GLY G 181 -10.65 20.66 -43.34
C GLY G 181 -11.41 19.42 -42.87
N LEU G 182 -11.51 19.17 -41.56
CA LEU G 182 -12.06 17.89 -41.04
C LEU G 182 -13.51 18.10 -40.58
N LYS G 183 -14.45 17.92 -41.50
CA LYS G 183 -15.89 18.17 -41.28
C LYS G 183 -16.67 16.95 -41.69
N ALA G 184 -17.85 16.77 -41.10
CA ALA G 184 -18.79 15.70 -41.48
C ALA G 184 -20.18 16.08 -41.01
N ARG G 185 -21.15 15.31 -41.46
CA ARG G 185 -22.55 15.36 -41.01
C ARG G 185 -22.82 14.04 -40.30
N LEU G 186 -23.50 14.09 -39.15
CA LEU G 186 -23.92 12.88 -38.43
C LEU G 186 -25.09 12.26 -39.20
N ASP G 187 -24.79 11.38 -40.15
CA ASP G 187 -25.79 10.86 -41.12
C ASP G 187 -25.91 9.34 -41.03
N LYS G 188 -25.32 8.72 -40.00
CA LYS G 188 -25.46 7.26 -39.76
C LYS G 188 -25.37 6.96 -38.26
N ASP G 189 -26.37 6.26 -37.76
CA ASP G 189 -26.47 5.84 -36.33
C ASP G 189 -25.34 4.85 -36.04
N GLY G 190 -24.66 5.00 -34.90
CA GLY G 190 -23.68 4.02 -34.41
C GLY G 190 -22.47 3.88 -35.31
N ALA G 191 -22.04 4.95 -36.00
CA ALA G 191 -20.94 4.86 -36.98
C ALA G 191 -19.90 5.96 -36.79
N TYR G 192 -20.25 7.09 -36.16
CA TYR G 192 -19.32 8.22 -35.93
C TYR G 192 -18.83 8.14 -34.50
N PRO G 193 -17.55 7.76 -34.26
CA PRO G 193 -17.06 7.62 -32.90
C PRO G 193 -17.05 8.97 -32.18
N VAL G 194 -17.46 8.93 -30.92
CA VAL G 194 -17.49 10.13 -30.03
C VAL G 194 -16.10 10.72 -29.95
N GLU G 195 -15.07 9.88 -29.84
CA GLU G 195 -13.70 10.37 -29.51
C GLU G 195 -13.03 11.06 -30.72
N CYS G 196 -13.57 10.98 -31.94
CA CYS G 196 -12.91 11.67 -33.08
C CYS G 196 -13.81 12.73 -33.75
N TRP G 197 -15.00 12.97 -33.20
CA TRP G 197 -15.94 14.01 -33.72
C TRP G 197 -16.57 14.76 -32.54
N CYS G 198 -16.70 16.07 -32.67
CA CYS G 198 -17.54 16.88 -31.77
C CYS G 198 -18.48 17.74 -32.60
N PRO G 199 -19.60 18.20 -32.00
CA PRO G 199 -20.48 19.19 -32.65
C PRO G 199 -19.66 20.41 -33.09
N ASP G 200 -19.88 20.84 -34.33
CA ASP G 200 -19.15 21.96 -34.95
C ASP G 200 -19.79 23.26 -34.53
N PRO G 201 -19.13 24.08 -33.68
CA PRO G 201 -19.73 25.33 -33.23
C PRO G 201 -19.77 26.40 -34.33
N SER G 202 -19.02 26.20 -35.42
CA SER G 202 -18.94 27.15 -36.56
C SER G 202 -20.11 26.90 -37.51
N ARG G 203 -20.87 25.84 -37.31
CA ARG G 203 -22.03 25.51 -38.18
C ARG G 203 -23.22 25.27 -37.25
N ASN G 204 -24.12 24.36 -37.60
CA ASN G 204 -25.29 24.01 -36.74
C ASN G 204 -26.13 25.26 -36.48
N GLU G 205 -26.31 26.11 -37.50
CA GLU G 205 -27.27 27.25 -37.44
C GLU G 205 -28.69 26.72 -37.19
N ASN G 206 -28.99 25.51 -37.63
CA ASN G 206 -30.37 24.98 -37.65
C ASN G 206 -30.50 23.78 -36.69
N THR G 207 -29.60 23.70 -35.71
CA THR G 207 -29.58 22.64 -34.67
C THR G 207 -29.20 23.27 -33.33
N ARG G 208 -29.82 22.83 -32.24
CA ARG G 208 -29.36 23.14 -30.87
C ARG G 208 -28.74 21.87 -30.28
N TYR G 209 -27.50 21.96 -29.80
CA TYR G 209 -26.84 20.83 -29.13
C TYR G 209 -26.41 21.26 -27.73
N PHE G 210 -26.49 20.30 -26.81
CA PHE G 210 -26.20 20.47 -25.37
C PHE G 210 -25.34 19.27 -24.94
N GLY G 211 -24.09 19.55 -24.55
CA GLY G 211 -23.10 18.53 -24.20
C GLY G 211 -22.42 18.88 -22.89
N THR G 212 -22.07 17.85 -22.12
N THR G 212 -22.11 17.86 -22.08
CA THR G 212 -21.21 17.94 -20.92
CA THR G 212 -21.20 17.96 -20.91
C THR G 212 -20.29 16.72 -20.89
C THR G 212 -20.30 16.72 -20.87
N TYR G 213 -19.02 16.94 -20.56
CA TYR G 213 -18.03 15.89 -20.26
C TYR G 213 -17.60 16.09 -18.81
N THR G 214 -17.63 15.03 -18.02
CA THR G 214 -17.02 14.97 -16.67
C THR G 214 -16.08 13.78 -16.67
N GLY G 215 -14.79 14.05 -16.56
CA GLY G 215 -13.74 13.03 -16.73
C GLY G 215 -13.36 12.37 -15.44
N GLY G 216 -12.07 12.04 -15.32
CA GLY G 216 -11.50 11.37 -14.13
C GLY G 216 -11.62 9.85 -14.22
N GLN G 217 -11.10 9.17 -13.21
CA GLN G 217 -10.89 7.70 -13.26
C GLN G 217 -12.12 6.95 -12.71
N GLN G 218 -12.54 7.29 -11.49
CA GLN G 218 -13.62 6.56 -10.75
C GLN G 218 -14.73 7.54 -10.36
N THR G 219 -14.85 8.63 -11.11
CA THR G 219 -15.75 9.77 -10.82
C THR G 219 -17.20 9.27 -10.69
N PRO G 220 -17.93 9.72 -9.64
CA PRO G 220 -19.35 9.42 -9.50
C PRO G 220 -20.14 9.99 -10.67
N PRO G 221 -20.90 9.14 -11.40
CA PRO G 221 -21.91 9.66 -12.31
C PRO G 221 -22.99 10.38 -11.50
N VAL G 222 -23.43 11.54 -11.98
CA VAL G 222 -24.56 12.30 -11.39
C VAL G 222 -25.61 12.41 -12.49
N LEU G 223 -26.72 11.68 -12.34
CA LEU G 223 -27.73 11.53 -13.41
C LEU G 223 -29.10 11.87 -12.86
N PRO G 224 -29.70 13.01 -13.28
CA PRO G 224 -31.08 13.30 -12.94
C PRO G 224 -32.03 12.47 -13.80
N PHE G 225 -33.24 12.27 -13.33
CA PHE G 225 -34.35 11.67 -14.12
C PHE G 225 -35.63 12.32 -13.59
N THR G 226 -36.30 13.08 -14.45
CA THR G 226 -37.52 13.84 -14.08
C THR G 226 -38.32 14.03 -15.37
N ASN G 227 -39.63 14.26 -15.24
CA ASN G 227 -40.48 14.57 -16.42
C ASN G 227 -40.95 16.03 -16.33
N THR G 228 -40.22 16.88 -15.60
CA THR G 228 -40.66 18.26 -15.29
C THR G 228 -39.77 19.30 -15.97
N VAL G 229 -38.76 18.91 -16.74
CA VAL G 229 -37.76 19.89 -17.27
C VAL G 229 -37.90 20.00 -18.79
N THR G 230 -38.17 21.22 -19.25
CA THR G 230 -38.32 21.56 -20.69
C THR G 230 -37.13 22.43 -21.13
N THR G 231 -36.48 22.09 -22.23
CA THR G 231 -35.46 22.93 -22.89
C THR G 231 -36.12 23.65 -24.07
N VAL G 232 -36.09 24.97 -24.05
CA VAL G 232 -36.62 25.83 -25.15
C VAL G 232 -35.56 25.81 -26.27
N LEU G 233 -35.99 25.65 -27.52
CA LEU G 233 -35.09 25.52 -28.70
C LEU G 233 -35.08 26.81 -29.54
N LEU G 234 -35.88 27.80 -29.18
CA LEU G 234 -35.96 29.10 -29.89
C LEU G 234 -34.62 29.81 -29.74
N ASP G 235 -34.15 30.44 -30.80
CA ASP G 235 -32.92 31.27 -30.78
C ASP G 235 -33.27 32.67 -30.26
N GLU G 236 -32.29 33.58 -30.29
CA GLU G 236 -32.37 35.01 -29.86
C GLU G 236 -33.58 35.68 -30.51
N ASN G 237 -33.96 35.29 -31.73
CA ASN G 237 -35.05 35.93 -32.50
C ASN G 237 -36.38 35.19 -32.34
N GLY G 238 -36.49 34.22 -31.42
CA GLY G 238 -37.74 33.47 -31.21
C GLY G 238 -38.00 32.40 -32.28
N VAL G 239 -36.96 31.93 -32.97
CA VAL G 239 -37.09 30.92 -34.06
C VAL G 239 -36.38 29.63 -33.64
N GLY G 240 -37.13 28.52 -33.67
CA GLY G 240 -36.60 27.18 -33.40
C GLY G 240 -35.99 26.59 -34.67
N PRO G 241 -35.32 25.42 -34.57
CA PRO G 241 -34.92 24.67 -35.74
C PRO G 241 -36.10 24.44 -36.70
N LEU G 242 -35.85 24.65 -37.99
CA LEU G 242 -36.85 24.51 -39.08
C LEU G 242 -36.55 23.22 -39.84
N CYS G 243 -37.53 22.34 -39.92
CA CYS G 243 -37.34 20.94 -40.35
C CYS G 243 -37.35 20.87 -41.88
N LYS G 244 -36.15 20.90 -42.48
CA LYS G 244 -36.00 20.80 -43.95
C LYS G 244 -36.49 19.43 -44.42
N GLY G 245 -37.31 19.41 -45.48
CA GLY G 245 -37.87 18.16 -46.03
C GLY G 245 -38.80 17.46 -45.04
N ASP G 246 -39.38 18.19 -44.09
CA ASP G 246 -40.31 17.61 -43.07
C ASP G 246 -39.59 16.49 -42.31
N GLY G 247 -38.33 16.70 -42.00
CA GLY G 247 -37.54 15.78 -41.15
C GLY G 247 -37.10 16.45 -39.86
N LEU G 248 -37.27 15.77 -38.72
CA LEU G 248 -36.70 16.20 -37.41
C LEU G 248 -35.51 15.30 -37.09
N TYR G 249 -34.35 15.89 -36.79
CA TYR G 249 -33.08 15.17 -36.57
C TYR G 249 -32.71 15.20 -35.07
N LEU G 250 -32.61 14.00 -34.51
CA LEU G 250 -32.27 13.79 -33.07
C LEU G 250 -30.91 13.10 -33.01
N SER G 251 -30.05 13.53 -32.10
CA SER G 251 -28.68 13.00 -31.90
C SER G 251 -28.40 12.96 -30.41
N CYS G 252 -27.59 12.01 -29.98
CA CYS G 252 -27.14 11.98 -28.57
C CYS G 252 -25.98 11.03 -28.38
N VAL G 253 -25.34 11.17 -27.24
CA VAL G 253 -24.50 10.10 -26.65
C VAL G 253 -24.66 10.21 -25.14
N ASP G 254 -24.68 9.07 -24.45
CA ASP G 254 -24.79 9.05 -22.97
C ASP G 254 -23.88 7.96 -22.41
N ILE G 255 -22.59 8.23 -22.39
CA ILE G 255 -21.57 7.40 -21.70
C ILE G 255 -21.71 7.68 -20.19
N CYS G 256 -22.04 6.65 -19.42
CA CYS G 256 -22.36 6.75 -17.97
C CYS G 256 -21.19 6.28 -17.11
N GLY G 257 -20.15 5.76 -17.74
CA GLY G 257 -18.91 5.31 -17.07
C GLY G 257 -18.50 3.93 -17.54
N PHE G 258 -17.72 3.22 -16.74
CA PHE G 258 -17.17 1.89 -17.07
C PHE G 258 -17.71 0.84 -16.11
N TYR G 259 -18.00 -0.33 -16.67
CA TYR G 259 -18.21 -1.58 -15.92
C TYR G 259 -16.88 -2.32 -15.84
N SER G 260 -16.46 -2.68 -14.63
CA SER G 260 -15.25 -3.49 -14.38
C SER G 260 -15.64 -4.95 -14.14
N GLU G 261 -15.09 -5.88 -14.91
CA GLU G 261 -15.30 -7.34 -14.70
C GLU G 261 -14.63 -7.77 -13.39
N GLN G 262 -15.33 -8.50 -12.55
CA GLN G 262 -14.81 -8.95 -11.23
C GLN G 262 -13.48 -9.69 -11.42
N TYR G 263 -13.43 -10.67 -12.33
CA TYR G 263 -12.24 -11.55 -12.46
C TYR G 263 -11.14 -10.84 -13.25
N SER G 264 -11.34 -10.55 -14.53
CA SER G 264 -10.28 -9.99 -15.41
C SER G 264 -9.90 -8.56 -15.00
N GLN G 265 -10.86 -7.81 -14.44
CA GLN G 265 -10.76 -6.35 -14.13
C GLN G 265 -10.65 -5.52 -15.43
N LYS G 266 -10.99 -6.12 -16.57
CA LYS G 266 -11.21 -5.40 -17.85
C LYS G 266 -12.42 -4.49 -17.72
N GLN G 267 -12.44 -3.40 -18.46
CA GLN G 267 -13.50 -2.37 -18.37
C GLN G 267 -14.24 -2.29 -19.71
N HIS G 268 -15.54 -2.02 -19.61
CA HIS G 268 -16.48 -1.82 -20.74
C HIS G 268 -17.13 -0.45 -20.57
N PHE G 269 -17.23 0.34 -21.65
CA PHE G 269 -18.11 1.53 -21.65
C PHE G 269 -19.55 1.08 -21.38
N ARG G 270 -20.27 1.81 -20.52
CA ARG G 270 -21.72 1.65 -20.33
C ARG G 270 -22.41 2.90 -20.84
N GLY G 271 -23.39 2.71 -21.71
CA GLY G 271 -24.28 3.78 -22.20
C GLY G 271 -25.71 3.45 -21.91
N LEU G 272 -26.55 4.48 -21.83
CA LEU G 272 -27.98 4.34 -21.56
C LEU G 272 -28.74 5.00 -22.69
N PRO G 273 -29.96 4.50 -22.96
CA PRO G 273 -30.84 5.07 -23.97
C PRO G 273 -31.35 6.46 -23.56
N ARG G 274 -31.74 7.26 -24.55
CA ARG G 274 -32.31 8.60 -24.30
C ARG G 274 -33.69 8.71 -24.96
N TYR G 275 -34.64 9.24 -24.22
CA TYR G 275 -36.02 9.55 -24.70
C TYR G 275 -36.07 11.03 -25.06
N PHE G 276 -36.80 11.34 -26.13
CA PHE G 276 -37.08 12.71 -26.60
C PHE G 276 -38.58 12.90 -26.77
N SER G 277 -39.09 14.04 -26.28
CA SER G 277 -40.43 14.56 -26.63
C SER G 277 -40.24 15.99 -27.16
N VAL G 278 -40.44 16.19 -28.46
CA VAL G 278 -40.21 17.49 -29.16
C VAL G 278 -41.57 18.09 -29.52
N SER G 279 -41.81 19.32 -29.11
CA SER G 279 -43.02 20.08 -29.46
C SER G 279 -42.71 20.95 -30.69
N LEU G 280 -43.52 20.82 -31.75
CA LEU G 280 -43.34 21.57 -33.01
C LEU G 280 -44.59 22.39 -33.32
N ARG G 281 -44.40 23.45 -34.09
CA ARG G 281 -45.51 24.29 -34.60
C ARG G 281 -45.19 24.62 -36.07
N LYS G 282 -46.23 24.92 -36.83
CA LYS G 282 -46.08 25.32 -38.25
C LYS G 282 -45.59 26.77 -38.31
N ARG G 283 -44.61 27.01 -39.16
CA ARG G 283 -44.00 28.33 -39.38
C ARG G 283 -44.07 28.63 -40.88
N LEU G 284 -44.61 29.79 -41.23
CA LEU G 284 -44.59 30.30 -42.63
C LEU G 284 -43.20 30.82 -42.94
N VAL G 285 -42.67 30.47 -44.10
CA VAL G 285 -41.36 31.01 -44.59
C VAL G 285 -41.53 31.43 -46.05
N ARG G 286 -40.67 32.32 -46.52
CA ARG G 286 -40.59 32.68 -47.96
C ARG G 286 -39.97 31.51 -48.68
N ASN G 287 -40.60 31.04 -49.75
CA ASN G 287 -40.15 29.84 -50.49
C ASN G 287 -38.85 30.19 -51.21
N GLY H 23 -56.49 12.65 -22.01
CA GLY H 23 -57.60 13.24 -22.83
C GLY H 23 -58.67 13.88 -21.96
N ILE H 24 -58.30 14.44 -20.80
CA ILE H 24 -59.24 15.16 -19.89
C ILE H 24 -59.28 16.64 -20.28
N GLU H 25 -60.48 17.17 -20.56
CA GLU H 25 -60.69 18.63 -20.77
C GLU H 25 -60.77 19.27 -19.39
N VAL H 26 -59.79 20.11 -19.05
CA VAL H 26 -59.70 20.73 -17.70
C VAL H 26 -60.41 22.07 -17.75
N LEU H 27 -61.31 22.33 -16.81
CA LEU H 27 -62.07 23.61 -16.75
C LEU H 27 -61.51 24.41 -15.56
N GLY H 28 -62.35 25.23 -14.93
CA GLY H 28 -61.92 26.17 -13.87
C GLY H 28 -61.67 25.48 -12.54
N VAL H 29 -60.84 26.09 -11.71
CA VAL H 29 -60.66 25.73 -10.29
C VAL H 29 -61.97 26.02 -9.55
N ARG H 30 -62.41 25.10 -8.69
CA ARG H 30 -63.57 25.27 -7.79
C ARG H 30 -63.03 25.84 -6.47
N THR H 31 -63.51 27.01 -6.05
CA THR H 31 -63.08 27.72 -4.83
C THR H 31 -64.17 27.64 -3.76
N GLY H 32 -63.93 28.28 -2.62
CA GLY H 32 -64.88 28.36 -1.51
C GLY H 32 -64.49 27.44 -0.37
N PRO H 33 -65.27 27.43 0.73
CA PRO H 33 -64.99 26.57 1.88
C PRO H 33 -64.79 25.10 1.49
N ASP H 34 -63.76 24.47 2.05
CA ASP H 34 -63.45 23.02 1.87
C ASP H 34 -63.09 22.71 0.40
N SER H 35 -62.65 23.70 -0.38
CA SER H 35 -62.24 23.49 -1.80
C SER H 35 -60.76 23.12 -1.88
N THR H 36 -60.04 23.21 -0.75
CA THR H 36 -58.61 22.86 -0.66
C THR H 36 -58.43 21.90 0.50
N THR H 37 -57.38 21.09 0.43
CA THR H 37 -57.00 20.18 1.53
C THR H 37 -55.50 19.92 1.41
N THR H 38 -54.87 19.63 2.54
CA THR H 38 -53.47 19.19 2.62
C THR H 38 -53.47 17.74 3.10
N ILE H 39 -52.79 16.87 2.36
CA ILE H 39 -52.61 15.43 2.68
C ILE H 39 -51.19 15.26 3.18
N GLU H 40 -51.03 14.69 4.36
CA GLU H 40 -49.72 14.39 4.98
C GLU H 40 -49.57 12.88 5.04
N ALA H 41 -48.44 12.36 4.63
CA ALA H 41 -48.17 10.90 4.65
C ALA H 41 -46.67 10.68 4.70
N TYR H 42 -46.23 9.53 5.15
CA TYR H 42 -44.83 9.12 5.10
C TYR H 42 -44.76 7.72 4.50
N LEU H 43 -43.66 7.41 3.84
N LEU H 43 -43.65 7.42 3.84
CA LEU H 43 -43.38 6.08 3.28
CA LEU H 43 -43.37 6.09 3.26
C LEU H 43 -42.07 5.57 3.88
C LEU H 43 -42.07 5.57 3.88
N ASN H 44 -42.12 4.45 4.58
CA ASN H 44 -40.93 3.79 5.14
C ASN H 44 -40.22 3.05 4.00
N PRO H 45 -38.87 2.99 4.04
CA PRO H 45 -38.07 2.51 2.92
C PRO H 45 -38.17 0.99 2.83
N ARG H 46 -37.99 0.47 1.62
CA ARG H 46 -38.03 -0.98 1.32
C ARG H 46 -36.69 -1.40 0.71
N MET H 47 -35.67 -1.53 1.57
CA MET H 47 -34.28 -1.81 1.15
C MET H 47 -34.06 -3.32 1.00
N GLY H 48 -35.07 -4.13 1.38
CA GLY H 48 -35.02 -5.59 1.24
C GLY H 48 -35.41 -6.28 2.55
N THR H 49 -35.26 -5.60 3.69
CA THR H 49 -35.91 -5.96 4.96
C THR H 49 -36.63 -4.70 5.43
N ASP H 50 -37.43 -4.82 6.47
CA ASP H 50 -38.44 -3.82 6.90
C ASP H 50 -37.83 -2.61 7.59
N ASN H 51 -36.61 -2.63 8.11
CA ASN H 51 -36.28 -1.55 9.07
C ASN H 51 -35.06 -0.72 8.61
N GLY H 52 -34.97 -0.46 7.30
CA GLY H 52 -34.07 0.58 6.76
C GLY H 52 -32.82 0.01 6.09
N PHE H 53 -32.54 -1.28 6.26
CA PHE H 53 -31.31 -1.90 5.70
C PHE H 53 -31.67 -3.10 4.86
N SER H 54 -30.91 -3.33 3.79
CA SER H 54 -30.92 -4.62 3.08
C SER H 54 -30.26 -5.65 3.99
N GLN H 55 -30.53 -6.93 3.77
CA GLN H 55 -29.63 -8.04 4.16
C GLN H 55 -28.24 -7.76 3.55
N ALA H 56 -27.18 -8.30 4.14
CA ALA H 56 -25.80 -8.21 3.61
C ALA H 56 -25.85 -8.61 2.13
N VAL H 57 -25.32 -7.75 1.27
CA VAL H 57 -25.44 -7.90 -0.20
C VAL H 57 -24.37 -8.88 -0.70
N THR H 58 -24.78 -9.84 -1.51
CA THR H 58 -23.90 -10.86 -2.12
C THR H 58 -23.67 -10.46 -3.57
N VAL H 59 -22.55 -10.90 -4.12
CA VAL H 59 -22.11 -10.51 -5.49
C VAL H 59 -21.79 -11.78 -6.25
N ALA H 60 -22.40 -11.93 -7.42
CA ALA H 60 -22.14 -13.07 -8.34
C ALA H 60 -20.68 -13.00 -8.81
N THR H 61 -20.06 -14.14 -9.09
CA THR H 61 -18.68 -14.21 -9.61
C THR H 61 -18.69 -14.06 -11.14
N SER H 62 -19.86 -14.19 -11.77
CA SER H 62 -20.03 -14.04 -13.23
C SER H 62 -21.43 -13.49 -13.51
N LEU H 63 -21.71 -13.15 -14.76
CA LEU H 63 -23.03 -12.59 -15.18
C LEU H 63 -24.08 -13.70 -15.18
N ASN H 64 -23.68 -14.97 -15.12
CA ASN H 64 -24.64 -16.09 -15.21
C ASN H 64 -24.03 -17.34 -14.60
N PRO H 65 -24.49 -17.86 -13.44
CA PRO H 65 -25.68 -17.37 -12.74
C PRO H 65 -25.47 -16.12 -11.85
N ASP H 66 -26.47 -15.25 -11.84
CA ASP H 66 -26.50 -14.00 -11.04
C ASP H 66 -27.87 -13.95 -10.35
N VAL H 67 -27.90 -14.27 -9.07
CA VAL H 67 -29.14 -14.65 -8.34
C VAL H 67 -29.27 -13.79 -7.09
N PRO H 68 -29.62 -12.50 -7.22
CA PRO H 68 -29.78 -11.63 -6.07
C PRO H 68 -30.99 -12.04 -5.23
N PRO H 69 -30.83 -12.36 -3.93
CA PRO H 69 -31.98 -12.63 -3.07
C PRO H 69 -32.86 -11.39 -2.89
N LYS H 70 -34.15 -11.59 -2.64
CA LYS H 70 -35.12 -10.48 -2.49
C LYS H 70 -34.65 -9.56 -1.36
N ALA H 71 -34.15 -10.11 -0.26
CA ALA H 71 -33.78 -9.33 0.95
C ALA H 71 -32.57 -8.41 0.64
N GLU H 72 -31.94 -8.55 -0.53
CA GLU H 72 -30.73 -7.78 -0.91
C GLU H 72 -31.05 -6.76 -2.02
N LEU H 73 -32.32 -6.61 -2.40
CA LEU H 73 -32.74 -5.73 -3.54
C LEU H 73 -33.63 -4.60 -3.03
N PRO H 74 -33.12 -3.35 -2.98
CA PRO H 74 -33.97 -2.20 -2.72
C PRO H 74 -35.10 -2.11 -3.76
N CYS H 75 -36.29 -1.78 -3.27
CA CYS H 75 -37.52 -1.62 -4.06
C CYS H 75 -38.09 -0.21 -3.84
N TYR H 76 -38.94 0.22 -4.78
CA TYR H 76 -39.73 1.46 -4.63
C TYR H 76 -40.70 1.32 -3.47
N SER H 77 -40.89 2.42 -2.75
CA SER H 77 -42.02 2.63 -1.82
C SER H 77 -43.16 3.26 -2.61
N CYS H 78 -44.40 2.92 -2.28
CA CYS H 78 -45.56 3.60 -2.88
C CYS H 78 -46.77 3.44 -1.96
N ALA H 79 -47.74 4.35 -2.13
CA ALA H 79 -49.00 4.37 -1.37
C ALA H 79 -50.03 5.15 -2.16
N ARG H 80 -51.27 4.66 -2.14
CA ARG H 80 -52.46 5.42 -2.59
C ARG H 80 -53.15 5.98 -1.33
N ILE H 81 -53.31 7.30 -1.25
CA ILE H 81 -54.05 7.96 -0.16
C ILE H 81 -55.46 8.24 -0.68
N GLY H 82 -56.48 7.73 0.00
CA GLY H 82 -57.89 8.05 -0.30
C GLY H 82 -58.19 9.50 0.01
N LEU H 83 -58.80 10.21 -0.93
CA LEU H 83 -59.16 11.66 -0.73
C LEU H 83 -60.65 11.75 -0.45
N PRO H 84 -61.16 12.88 0.09
CA PRO H 84 -62.61 13.06 0.24
C PRO H 84 -63.34 12.85 -1.09
N MET H 85 -64.42 12.07 -1.05
CA MET H 85 -65.22 11.72 -2.25
C MET H 85 -65.83 13.00 -2.82
N LEU H 86 -65.76 13.19 -4.13
CA LEU H 86 -66.14 14.47 -4.77
C LEU H 86 -67.46 14.33 -5.54
N ASN H 87 -67.68 13.19 -6.20
CA ASN H 87 -68.76 13.05 -7.20
C ASN H 87 -69.67 11.90 -6.81
N GLU H 88 -70.75 12.20 -6.09
CA GLU H 88 -71.86 11.24 -5.82
C GLU H 88 -72.47 10.84 -7.17
N ASP H 89 -72.62 11.81 -8.08
CA ASP H 89 -73.12 11.59 -9.46
C ASP H 89 -71.94 11.62 -10.44
N MET H 90 -71.64 10.49 -11.08
CA MET H 90 -70.56 10.39 -12.09
C MET H 90 -71.10 10.44 -13.52
N THR H 91 -72.35 10.86 -13.71
CA THR H 91 -73.01 10.87 -15.05
C THR H 91 -73.13 12.29 -15.61
N THR H 92 -72.82 13.34 -14.84
CA THR H 92 -72.97 14.75 -15.24
C THR H 92 -71.93 15.06 -16.33
N PRO H 93 -72.21 16.05 -17.21
CA PRO H 93 -71.23 16.45 -18.23
C PRO H 93 -69.94 17.06 -17.64
N GLU H 94 -69.98 17.58 -16.40
CA GLU H 94 -68.75 18.01 -15.67
C GLU H 94 -68.67 17.27 -14.34
N ILE H 95 -67.46 16.95 -13.89
CA ILE H 95 -67.20 16.39 -12.53
C ILE H 95 -66.03 17.15 -11.90
N LEU H 96 -65.85 16.94 -10.60
CA LEU H 96 -64.72 17.52 -9.83
C LEU H 96 -63.62 16.48 -9.66
N MET H 97 -62.36 16.92 -9.74
CA MET H 97 -61.18 16.08 -9.41
C MET H 97 -60.30 16.89 -8.44
N TRP H 98 -59.71 16.22 -7.46
CA TRP H 98 -58.65 16.82 -6.63
C TRP H 98 -57.44 17.00 -7.52
N GLU H 99 -56.87 18.20 -7.50
CA GLU H 99 -55.69 18.57 -8.32
C GLU H 99 -54.55 18.83 -7.34
N ALA H 100 -53.44 18.09 -7.48
CA ALA H 100 -52.23 18.26 -6.65
C ALA H 100 -51.47 19.48 -7.16
N VAL H 101 -51.38 20.54 -6.37
CA VAL H 101 -50.79 21.85 -6.78
C VAL H 101 -49.31 21.89 -6.40
N SER H 102 -48.96 21.39 -5.22
CA SER H 102 -47.59 21.52 -4.69
C SER H 102 -47.34 20.44 -3.64
N VAL H 103 -46.07 20.21 -3.35
CA VAL H 103 -45.66 19.23 -2.31
C VAL H 103 -44.45 19.80 -1.57
N LYS H 104 -44.45 19.63 -0.25
CA LYS H 104 -43.24 19.70 0.60
C LYS H 104 -42.88 18.29 1.00
N THR H 105 -41.65 17.87 0.72
CA THR H 105 -41.23 16.49 0.96
C THR H 105 -39.85 16.54 1.60
N GLU H 106 -39.61 15.61 2.50
CA GLU H 106 -38.43 15.63 3.39
C GLU H 106 -37.97 14.20 3.59
N VAL H 107 -36.67 13.97 3.46
CA VAL H 107 -36.08 12.68 3.92
C VAL H 107 -35.95 12.78 5.45
N VAL H 108 -36.52 11.83 6.15
CA VAL H 108 -36.57 11.80 7.64
C VAL H 108 -35.45 10.91 8.17
N GLY H 109 -34.77 11.36 9.25
CA GLY H 109 -33.69 10.61 9.89
C GLY H 109 -32.33 10.86 9.25
N VAL H 110 -32.17 11.96 8.52
CA VAL H 110 -30.87 12.34 7.92
C VAL H 110 -29.81 12.36 9.03
N THR H 111 -30.15 12.89 10.20
CA THR H 111 -29.16 13.09 11.29
C THR H 111 -28.67 11.76 11.86
N THR H 112 -29.33 10.63 11.58
CA THR H 112 -28.86 9.29 12.02
C THR H 112 -27.47 9.02 11.44
N MET H 113 -27.13 9.66 10.32
CA MET H 113 -25.83 9.44 9.63
C MET H 113 -24.69 10.21 10.30
N CYS H 114 -24.95 10.86 11.43
CA CYS H 114 -23.91 11.41 12.34
C CYS H 114 -23.44 10.34 13.32
N ASN H 115 -24.00 9.13 13.26
CA ASN H 115 -23.62 7.97 14.08
C ASN H 115 -22.32 7.36 13.51
N VAL H 116 -21.23 7.40 14.27
CA VAL H 116 -19.96 6.72 13.86
C VAL H 116 -19.53 5.71 14.92
N HIS H 117 -20.44 5.30 15.82
CA HIS H 117 -20.12 4.37 16.95
C HIS H 117 -20.71 2.98 16.72
N SER H 118 -21.71 2.80 15.85
CA SER H 118 -22.48 1.53 15.75
C SER H 118 -21.82 0.51 14.80
N ALA H 119 -20.59 0.08 15.11
CA ALA H 119 -19.95 -1.15 14.62
C ALA H 119 -19.69 -1.09 13.12
N SER H 120 -19.25 0.06 12.60
CA SER H 120 -18.78 0.17 11.21
C SER H 120 -17.26 -0.01 11.13
N ILE H 121 -16.72 -0.14 9.92
CA ILE H 121 -15.25 -0.24 9.67
C ILE H 121 -14.60 1.07 10.14
N ARG H 122 -13.58 0.97 10.97
CA ARG H 122 -12.98 2.15 11.64
C ARG H 122 -11.92 2.78 10.74
N MET H 123 -11.94 4.11 10.68
CA MET H 123 -10.96 4.94 9.95
C MET H 123 -9.65 5.04 10.75
N ASN H 124 -8.63 5.69 10.18
CA ASN H 124 -7.27 5.82 10.78
C ASN H 124 -6.72 4.44 11.15
N GLY H 125 -6.85 3.46 10.26
CA GLY H 125 -6.27 2.10 10.42
C GLY H 125 -6.83 1.39 11.64
N GLY H 126 -8.08 1.67 12.03
CA GLY H 126 -8.75 0.97 13.14
C GLY H 126 -8.83 1.80 14.41
N TYR H 127 -8.18 2.96 14.44
CA TYR H 127 -8.06 3.80 15.65
C TYR H 127 -9.14 4.88 15.71
N GLY H 128 -9.64 5.30 14.55
CA GLY H 128 -10.61 6.41 14.44
C GLY H 128 -12.04 5.94 14.63
N VAL H 129 -12.99 6.74 14.18
CA VAL H 129 -14.44 6.40 14.30
C VAL H 129 -14.83 5.47 13.14
N GLY H 130 -16.02 4.89 13.23
CA GLY H 130 -16.61 4.09 12.14
C GLY H 130 -16.89 4.96 10.93
N ARG H 131 -16.71 4.40 9.74
CA ARG H 131 -17.20 5.03 8.50
C ARG H 131 -18.68 5.31 8.64
N PRO H 132 -19.16 6.50 8.26
CA PRO H 132 -20.59 6.75 8.20
C PRO H 132 -21.17 6.04 6.96
N ILE H 133 -22.50 6.00 6.89
CA ILE H 133 -23.22 5.51 5.69
C ILE H 133 -22.72 6.33 4.50
N GLU H 134 -22.30 5.69 3.43
CA GLU H 134 -21.73 6.42 2.28
C GLU H 134 -21.74 5.53 1.04
N GLY H 135 -21.50 6.14 -0.11
CA GLY H 135 -21.53 5.44 -1.40
C GLY H 135 -22.72 5.87 -2.23
N LEU H 136 -23.17 5.01 -3.14
CA LEU H 136 -24.16 5.45 -4.15
C LEU H 136 -25.45 5.87 -3.44
N ASN H 137 -26.04 6.93 -3.94
CA ASN H 137 -27.29 7.55 -3.47
C ASN H 137 -28.24 7.55 -4.66
N CYS H 138 -29.49 7.24 -4.40
CA CYS H 138 -30.56 7.30 -5.43
C CYS H 138 -31.80 7.79 -4.73
N HIS H 139 -32.25 9.00 -5.08
CA HIS H 139 -33.40 9.66 -4.43
C HIS H 139 -34.42 9.97 -5.53
N MET H 140 -35.64 9.56 -5.30
CA MET H 140 -36.75 9.87 -6.24
C MET H 140 -37.99 10.06 -5.37
N PHE H 141 -38.78 11.06 -5.71
CA PHE H 141 -40.19 11.13 -5.24
C PHE H 141 -41.06 11.46 -6.43
N ALA H 142 -42.29 10.98 -6.36
CA ALA H 142 -43.31 11.19 -7.40
C ALA H 142 -44.65 11.40 -6.71
N VAL H 143 -45.42 12.32 -7.27
CA VAL H 143 -46.81 12.62 -6.86
C VAL H 143 -47.65 12.56 -8.13
N GLY H 144 -48.72 11.77 -8.12
CA GLY H 144 -49.58 11.58 -9.30
C GLY H 144 -51.01 11.25 -8.93
N GLY H 145 -51.88 11.27 -9.94
CA GLY H 145 -53.32 10.97 -9.81
C GLY H 145 -53.61 9.55 -10.22
N GLU H 146 -52.57 8.74 -10.36
CA GLU H 146 -52.63 7.30 -10.75
C GLU H 146 -51.26 6.71 -10.49
N PRO H 147 -51.12 5.37 -10.53
CA PRO H 147 -49.83 4.73 -10.26
C PRO H 147 -48.71 5.24 -11.17
N LEU H 148 -47.51 5.36 -10.61
CA LEU H 148 -46.30 5.70 -11.40
C LEU H 148 -46.13 4.63 -12.49
N GLU H 149 -45.89 5.05 -13.72
CA GLU H 149 -45.61 4.12 -14.84
C GLU H 149 -44.10 3.89 -14.96
N LEU H 150 -43.72 2.63 -15.13
CA LEU H 150 -42.33 2.16 -15.09
C LEU H 150 -41.93 1.61 -16.46
N GLN H 151 -40.67 1.83 -16.81
CA GLN H 151 -39.96 1.21 -17.94
C GLN H 151 -38.98 0.20 -17.35
N GLY H 152 -38.98 -1.02 -17.88
CA GLY H 152 -38.02 -2.07 -17.51
C GLY H 152 -36.68 -1.78 -18.13
N CYS H 153 -35.62 -1.90 -17.34
CA CYS H 153 -34.22 -1.75 -17.82
C CYS H 153 -33.31 -2.33 -16.74
N VAL H 154 -32.35 -3.16 -17.13
CA VAL H 154 -31.48 -3.89 -16.18
C VAL H 154 -30.02 -3.69 -16.59
N GLN H 155 -29.11 -3.90 -15.65
CA GLN H 155 -27.67 -3.87 -15.98
C GLN H 155 -27.26 -5.20 -16.63
N ASN H 156 -27.86 -6.31 -16.21
CA ASN H 156 -27.46 -7.68 -16.65
C ASN H 156 -28.73 -8.47 -17.01
N TRP H 157 -28.94 -8.71 -18.30
CA TRP H 157 -30.17 -9.41 -18.78
C TRP H 157 -30.16 -10.87 -18.31
N SER H 158 -29.01 -11.42 -17.91
CA SER H 158 -28.89 -12.83 -17.45
C SER H 158 -29.25 -12.93 -15.97
N THR H 159 -29.53 -11.83 -15.28
CA THR H 159 -29.88 -11.88 -13.84
C THR H 159 -31.14 -12.75 -13.65
N THR H 160 -31.14 -13.61 -12.62
CA THR H 160 -32.36 -14.30 -12.14
C THR H 160 -32.93 -13.51 -10.97
N TYR H 161 -34.04 -12.79 -11.19
CA TYR H 161 -34.71 -12.02 -10.13
C TYR H 161 -35.48 -13.01 -9.27
N PRO H 162 -35.58 -12.76 -7.96
CA PRO H 162 -36.16 -13.73 -7.04
C PRO H 162 -37.68 -13.73 -7.05
N SER H 163 -38.26 -14.84 -6.60
CA SER H 163 -39.68 -14.93 -6.17
C SER H 163 -39.94 -13.83 -5.16
N GLY H 164 -41.09 -13.18 -5.27
CA GLY H 164 -41.50 -12.14 -4.33
C GLY H 164 -41.21 -10.74 -4.84
N VAL H 165 -40.50 -10.57 -5.95
CA VAL H 165 -40.38 -9.22 -6.59
C VAL H 165 -41.01 -9.27 -7.98
N VAL H 166 -41.43 -8.12 -8.47
CA VAL H 166 -41.92 -7.97 -9.86
C VAL H 166 -40.73 -7.44 -10.68
N ALA H 167 -40.23 -8.23 -11.60
CA ALA H 167 -39.10 -7.89 -12.49
C ALA H 167 -39.58 -7.98 -13.93
N PRO H 168 -39.01 -7.21 -14.87
CA PRO H 168 -39.38 -7.36 -16.26
C PRO H 168 -38.96 -8.72 -16.77
N PRO H 169 -39.68 -9.31 -17.75
CA PRO H 169 -39.18 -10.46 -18.47
C PRO H 169 -37.85 -10.11 -19.14
N LEU H 170 -36.91 -11.06 -19.14
CA LEU H 170 -35.56 -10.88 -19.71
C LEU H 170 -35.31 -11.96 -20.77
N LYS H 171 -35.78 -11.71 -21.99
CA LYS H 171 -35.75 -12.72 -23.10
C LYS H 171 -34.47 -12.52 -23.92
N ASP H 172 -33.87 -11.34 -23.84
CA ASP H 172 -32.68 -10.98 -24.65
C ASP H 172 -32.01 -9.74 -24.00
N ALA H 173 -30.88 -9.32 -24.56
CA ALA H 173 -30.01 -8.28 -23.99
C ALA H 173 -30.59 -6.88 -24.23
N LYS H 174 -31.65 -6.73 -25.02
CA LYS H 174 -32.31 -5.43 -25.27
C LYS H 174 -32.84 -4.87 -23.94
N ALA H 175 -33.10 -5.73 -22.95
CA ALA H 175 -33.56 -5.31 -21.61
C ALA H 175 -32.50 -4.45 -20.90
N GLN H 176 -31.25 -4.45 -21.39
CA GLN H 176 -30.15 -3.63 -20.80
C GLN H 176 -30.22 -2.19 -21.35
N VAL H 177 -30.99 -2.01 -22.42
CA VAL H 177 -31.26 -0.67 -23.01
C VAL H 177 -32.78 -0.49 -23.02
N LEU H 178 -33.37 0.17 -24.00
CA LEU H 178 -34.82 0.42 -23.98
C LEU H 178 -35.51 -0.60 -24.90
N ASP H 179 -36.20 -1.54 -24.28
CA ASP H 179 -37.16 -2.46 -24.93
C ASP H 179 -38.55 -1.96 -24.58
N PRO H 180 -39.27 -1.36 -25.54
CA PRO H 180 -40.58 -0.75 -25.28
C PRO H 180 -41.66 -1.77 -24.86
N GLY H 181 -41.40 -3.07 -25.00
CA GLY H 181 -42.29 -4.12 -24.51
C GLY H 181 -42.25 -4.25 -22.99
N LEU H 182 -41.27 -3.64 -22.30
CA LEU H 182 -41.07 -3.90 -20.84
C LEU H 182 -41.64 -2.71 -20.05
N LYS H 183 -42.92 -2.81 -19.69
CA LYS H 183 -43.66 -1.73 -19.00
C LYS H 183 -44.35 -2.31 -17.78
N ALA H 184 -44.60 -1.47 -16.78
CA ALA H 184 -45.36 -1.85 -15.58
C ALA H 184 -45.90 -0.59 -14.92
N ARG H 185 -46.76 -0.81 -13.95
CA ARG H 185 -47.30 0.23 -13.04
C ARG H 185 -46.76 -0.10 -11.66
N LEU H 186 -46.29 0.91 -10.92
CA LEU H 186 -45.87 0.76 -9.52
C LEU H 186 -47.13 0.59 -8.67
N ASP H 187 -47.58 -0.66 -8.51
CA ASP H 187 -48.89 -0.96 -7.87
C ASP H 187 -48.70 -1.83 -6.63
N LYS H 188 -47.48 -2.01 -6.13
CA LYS H 188 -47.22 -2.77 -4.88
C LYS H 188 -45.97 -2.19 -4.20
N ASP H 189 -46.12 -1.79 -2.95
CA ASP H 189 -45.03 -1.26 -2.09
C ASP H 189 -44.01 -2.37 -1.85
N GLY H 190 -42.72 -2.05 -1.97
CA GLY H 190 -41.62 -2.96 -1.62
C GLY H 190 -41.55 -4.20 -2.48
N ALA H 191 -41.94 -4.13 -3.77
CA ALA H 191 -41.98 -5.31 -4.64
C ALA H 191 -41.32 -5.06 -6.01
N TYR H 192 -41.18 -3.81 -6.45
CA TYR H 192 -40.56 -3.45 -7.75
C TYR H 192 -39.13 -3.01 -7.47
N PRO H 193 -38.11 -3.81 -7.80
CA PRO H 193 -36.74 -3.42 -7.51
C PRO H 193 -36.36 -2.16 -8.30
N VAL H 194 -35.64 -1.28 -7.62
CA VAL H 194 -35.12 -0.02 -8.20
C VAL H 194 -34.24 -0.36 -9.39
N GLU H 195 -33.42 -1.41 -9.29
CA GLU H 195 -32.37 -1.64 -10.32
C GLU H 195 -32.96 -2.20 -11.62
N CYS H 196 -34.22 -2.61 -11.69
CA CYS H 196 -34.76 -3.15 -12.97
C CYS H 196 -35.96 -2.34 -13.49
N TRP H 197 -36.32 -1.24 -12.82
CA TRP H 197 -37.43 -0.35 -13.26
C TRP H 197 -37.01 1.11 -13.06
N CYS H 198 -37.32 1.97 -14.03
CA CYS H 198 -37.23 3.43 -13.86
C CYS H 198 -38.56 4.06 -14.27
N PRO H 199 -38.83 5.30 -13.82
CA PRO H 199 -39.99 6.06 -14.30
C PRO H 199 -39.97 6.14 -15.83
N ASP H 200 -41.11 5.88 -16.44
CA ASP H 200 -41.28 5.86 -17.91
C ASP H 200 -41.52 7.29 -18.39
N PRO H 201 -40.56 7.92 -19.09
CA PRO H 201 -40.75 9.31 -19.53
C PRO H 201 -41.74 9.40 -20.71
N SER H 202 -42.10 8.28 -21.33
CA SER H 202 -43.05 8.21 -22.48
C SER H 202 -44.48 8.18 -21.96
N ARG H 203 -44.67 8.01 -20.65
CA ARG H 203 -46.02 7.99 -20.04
C ARG H 203 -46.01 8.97 -18.87
N ASN H 204 -46.71 8.68 -17.78
CA ASN H 204 -46.72 9.57 -16.59
C ASN H 204 -47.15 11.00 -16.95
N GLU H 205 -48.14 11.13 -17.85
CA GLU H 205 -48.76 12.45 -18.16
C GLU H 205 -49.39 13.01 -16.88
N ASN H 206 -49.82 12.14 -15.94
CA ASN H 206 -50.62 12.55 -14.77
C ASN H 206 -49.83 12.35 -13.47
N THR H 207 -48.51 12.32 -13.56
CA THR H 207 -47.57 12.17 -12.42
C THR H 207 -46.37 13.09 -12.65
N ARG H 208 -45.88 13.73 -11.60
CA ARG H 208 -44.56 14.41 -11.61
C ARG H 208 -43.58 13.56 -10.82
N TYR H 209 -42.45 13.21 -11.41
CA TYR H 209 -41.38 12.47 -10.71
C TYR H 209 -40.09 13.26 -10.80
N PHE H 210 -39.33 13.19 -9.71
CA PHE H 210 -38.05 13.91 -9.51
C PHE H 210 -37.03 12.94 -8.93
N GLY H 211 -36.03 12.60 -9.74
CA GLY H 211 -35.01 11.60 -9.39
C GLY H 211 -33.61 12.11 -9.62
N THR H 212 -32.70 11.71 -8.74
N THR H 212 -32.70 11.72 -8.74
CA THR H 212 -31.24 11.93 -8.88
CA THR H 212 -31.23 11.93 -8.91
C THR H 212 -30.51 10.66 -8.46
C THR H 212 -30.51 10.66 -8.46
N TYR H 213 -29.47 10.31 -9.21
CA TYR H 213 -28.53 9.22 -8.89
C TYR H 213 -27.17 9.89 -8.79
N THR H 214 -26.47 9.62 -7.69
CA THR H 214 -25.06 10.01 -7.49
C THR H 214 -24.31 8.73 -7.12
N GLY H 215 -23.45 8.28 -8.01
CA GLY H 215 -22.80 6.97 -7.90
C GLY H 215 -21.48 7.08 -7.17
N GLY H 216 -20.54 6.22 -7.58
CA GLY H 216 -19.21 6.11 -6.98
C GLY H 216 -19.20 5.15 -5.82
N GLN H 217 -18.02 4.96 -5.22
CA GLN H 217 -17.76 3.87 -4.25
C GLN H 217 -18.05 4.35 -2.82
N GLN H 218 -17.41 5.43 -2.40
CA GLN H 218 -17.45 5.93 -0.99
C GLN H 218 -17.97 7.37 -0.96
N THR H 219 -18.74 7.75 -1.98
CA THR H 219 -19.22 9.13 -2.22
C THR H 219 -19.97 9.66 -1.00
N PRO H 220 -19.66 10.91 -0.57
CA PRO H 220 -20.40 11.55 0.50
C PRO H 220 -21.86 11.76 0.12
N PRO H 221 -22.82 11.24 0.93
CA PRO H 221 -24.22 11.61 0.78
C PRO H 221 -24.37 13.10 1.10
N VAL H 222 -25.14 13.82 0.31
CA VAL H 222 -25.49 15.24 0.55
C VAL H 222 -27.01 15.30 0.70
N LEU H 223 -27.49 15.51 1.92
CA LEU H 223 -28.94 15.41 2.24
C LEU H 223 -29.36 16.68 2.97
N PRO H 224 -30.17 17.54 2.33
CA PRO H 224 -30.79 18.67 3.01
C PRO H 224 -31.96 18.20 3.88
N PHE H 225 -32.30 18.98 4.90
CA PHE H 225 -33.53 18.76 5.69
C PHE H 225 -34.04 20.14 6.14
N THR H 226 -35.19 20.54 5.62
CA THR H 226 -35.80 21.85 5.85
C THR H 226 -37.30 21.72 5.67
N ASN H 227 -38.06 22.61 6.29
CA ASN H 227 -39.53 22.64 6.10
C ASN H 227 -39.93 23.89 5.31
N THR H 228 -39.00 24.46 4.52
CA THR H 228 -39.21 25.77 3.86
C THR H 228 -39.27 25.61 2.34
N VAL H 229 -39.16 24.42 1.77
CA VAL H 229 -39.00 24.26 0.30
C VAL H 229 -40.25 23.57 -0.26
N THR H 230 -40.90 24.25 -1.20
CA THR H 230 -42.11 23.77 -1.91
C THR H 230 -41.75 23.41 -3.36
N THR H 231 -42.16 22.24 -3.83
CA THR H 231 -42.10 21.86 -5.26
C THR H 231 -43.50 22.06 -5.86
N VAL H 232 -43.58 22.89 -6.90
CA VAL H 232 -44.85 23.16 -7.65
C VAL H 232 -45.07 21.97 -8.58
N LEU H 233 -46.31 21.45 -8.65
CA LEU H 233 -46.65 20.24 -9.44
C LEU H 233 -47.43 20.63 -10.72
N LEU H 234 -47.75 21.90 -10.89
CA LEU H 234 -48.48 22.42 -12.08
C LEU H 234 -47.59 22.21 -13.29
N ASP H 235 -48.19 21.79 -14.41
CA ASP H 235 -47.48 21.65 -15.71
C ASP H 235 -47.43 23.01 -16.40
N GLU H 236 -46.94 23.03 -17.65
CA GLU H 236 -46.81 24.21 -18.55
C GLU H 236 -48.14 24.99 -18.60
N ASN H 237 -49.28 24.31 -18.51
CA ASN H 237 -50.63 24.91 -18.64
C ASN H 237 -51.25 25.27 -17.29
N GLY H 238 -50.51 25.18 -16.18
CA GLY H 238 -51.04 25.52 -14.85
C GLY H 238 -51.94 24.42 -14.26
N VAL H 239 -51.76 23.17 -14.70
CA VAL H 239 -52.59 22.02 -14.23
C VAL H 239 -51.70 21.01 -13.51
N GLY H 240 -52.07 20.69 -12.27
CA GLY H 240 -51.40 19.67 -11.47
C GLY H 240 -51.94 18.28 -11.80
N PRO H 241 -51.32 17.20 -11.28
CA PRO H 241 -51.91 15.86 -11.36
C PRO H 241 -53.37 15.86 -10.85
N LEU H 242 -54.22 15.16 -11.58
CA LEU H 242 -55.68 15.04 -11.29
C LEU H 242 -55.95 13.64 -10.75
N CYS H 243 -56.52 13.57 -9.56
CA CYS H 243 -56.59 12.32 -8.75
C CYS H 243 -57.76 11.44 -9.23
N LYS H 244 -57.49 10.49 -10.12
CA LYS H 244 -58.50 9.55 -10.65
C LYS H 244 -59.02 8.68 -9.49
N GLY H 245 -60.35 8.57 -9.38
CA GLY H 245 -61.01 7.79 -8.31
C GLY H 245 -60.72 8.35 -6.94
N ASP H 246 -60.42 9.65 -6.83
CA ASP H 246 -60.15 10.34 -5.55
C ASP H 246 -59.00 9.65 -4.82
N GLY H 247 -57.99 9.23 -5.58
CA GLY H 247 -56.75 8.65 -5.02
C GLY H 247 -55.55 9.53 -5.33
N LEU H 248 -54.71 9.81 -4.33
CA LEU H 248 -53.40 10.46 -4.51
C LEU H 248 -52.30 9.41 -4.39
N TYR H 249 -51.42 9.33 -5.39
CA TYR H 249 -50.36 8.28 -5.50
C TYR H 249 -49.00 8.90 -5.20
N LEU H 250 -48.35 8.37 -4.17
CA LEU H 250 -47.02 8.81 -3.69
C LEU H 250 -46.06 7.64 -3.91
N SER H 251 -44.88 7.93 -4.40
CA SER H 251 -43.82 6.93 -4.72
C SER H 251 -42.49 7.55 -4.35
N CYS H 252 -41.54 6.73 -3.95
CA CYS H 252 -40.17 7.23 -3.70
C CYS H 252 -39.20 6.07 -3.56
N VAL H 253 -37.93 6.44 -3.64
CA VAL H 253 -36.83 5.61 -3.10
C VAL H 253 -35.80 6.58 -2.55
N ASP H 254 -35.17 6.22 -1.45
CA ASP H 254 -34.11 7.04 -0.82
C ASP H 254 -32.99 6.13 -0.33
N ILE H 255 -32.18 5.62 -1.27
CA ILE H 255 -30.92 4.91 -0.96
C ILE H 255 -29.88 5.97 -0.57
N CYS H 256 -29.37 5.89 0.65
CA CYS H 256 -28.48 6.91 1.25
C CYS H 256 -27.02 6.43 1.25
N GLY H 257 -26.79 5.18 0.83
CA GLY H 257 -25.46 4.58 0.70
C GLY H 257 -25.41 3.21 1.36
N PHE H 258 -24.22 2.79 1.75
CA PHE H 258 -23.97 1.45 2.34
C PHE H 258 -23.46 1.60 3.77
N TYR H 259 -23.94 0.70 4.62
CA TYR H 259 -23.35 0.38 5.93
C TYR H 259 -22.39 -0.79 5.75
N SER H 260 -21.16 -0.62 6.20
CA SER H 260 -20.10 -1.66 6.22
C SER H 260 -20.01 -2.27 7.63
N GLU H 261 -20.17 -3.58 7.76
CA GLU H 261 -19.99 -4.29 9.05
C GLU H 261 -18.51 -4.25 9.45
N GLN H 262 -18.21 -3.89 10.69
CA GLN H 262 -16.83 -3.74 11.18
C GLN H 262 -16.06 -5.05 10.96
N TYR H 263 -16.63 -6.19 11.36
CA TYR H 263 -15.89 -7.47 11.33
C TYR H 263 -15.88 -8.05 9.90
N SER H 264 -17.04 -8.43 9.37
CA SER H 264 -17.13 -9.13 8.05
C SER H 264 -16.73 -8.20 6.90
N GLN H 265 -16.97 -6.89 7.06
CA GLN H 265 -16.83 -5.85 5.99
C GLN H 265 -17.85 -6.06 4.86
N LYS H 266 -18.87 -6.87 5.12
CA LYS H 266 -20.07 -6.98 4.24
C LYS H 266 -20.82 -5.66 4.25
N GLN H 267 -21.53 -5.36 3.17
CA GLN H 267 -22.22 -4.05 3.02
C GLN H 267 -23.72 -4.28 2.91
N HIS H 268 -24.47 -3.34 3.47
CA HIS H 268 -25.96 -3.29 3.45
C HIS H 268 -26.38 -1.96 2.86
N PHE H 269 -27.34 -1.97 1.93
CA PHE H 269 -28.05 -0.73 1.54
C PHE H 269 -28.69 -0.10 2.78
N ARG H 270 -28.57 1.21 2.94
CA ARG H 270 -29.31 2.00 3.93
C ARG H 270 -30.28 2.93 3.20
N GLY H 271 -31.57 2.87 3.57
CA GLY H 271 -32.62 3.76 3.09
C GLY H 271 -33.26 4.50 4.25
N LEU H 272 -33.83 5.66 3.95
CA LEU H 272 -34.50 6.50 4.96
C LEU H 272 -35.93 6.74 4.50
N PRO H 273 -36.83 6.93 5.48
CA PRO H 273 -38.23 7.26 5.20
C PRO H 273 -38.37 8.65 4.58
N ARG H 274 -39.48 8.85 3.85
CA ARG H 274 -39.77 10.15 3.21
C ARG H 274 -41.16 10.63 3.65
N TYR H 275 -41.25 11.89 4.07
CA TYR H 275 -42.51 12.57 4.43
C TYR H 275 -42.97 13.38 3.23
N PHE H 276 -44.30 13.40 3.03
CA PHE H 276 -44.98 14.21 1.99
C PHE H 276 -46.07 15.04 2.64
N SER H 277 -46.13 16.33 2.28
CA SER H 277 -47.30 17.21 2.50
C SER H 277 -47.73 17.75 1.14
N VAL H 278 -48.88 17.29 0.64
CA VAL H 278 -49.39 17.64 -0.71
C VAL H 278 -50.58 18.56 -0.53
N SER H 279 -50.55 19.71 -1.20
CA SER H 279 -51.63 20.70 -1.19
C SER H 279 -52.50 20.46 -2.44
N LEU H 280 -53.81 20.25 -2.26
CA LEU H 280 -54.74 19.97 -3.37
C LEU H 280 -55.85 20.99 -3.39
N ARG H 281 -56.44 21.17 -4.56
CA ARG H 281 -57.63 22.02 -4.76
C ARG H 281 -58.60 21.28 -5.68
N LYS H 282 -59.88 21.61 -5.58
CA LYS H 282 -60.92 21.00 -6.46
C LYS H 282 -60.82 21.66 -7.83
N ARG H 283 -60.86 20.83 -8.87
CA ARG H 283 -60.78 21.27 -10.27
C ARG H 283 -61.98 20.69 -11.01
N LEU H 284 -62.74 21.54 -11.72
CA LEU H 284 -63.82 21.09 -12.63
C LEU H 284 -63.19 20.53 -13.90
N VAL H 285 -63.67 19.38 -14.37
CA VAL H 285 -63.23 18.79 -15.67
C VAL H 285 -64.48 18.36 -16.45
N ARG H 286 -64.37 18.24 -17.76
CA ARG H 286 -65.41 17.63 -18.61
C ARG H 286 -65.36 16.13 -18.36
N ASN H 287 -66.54 15.58 -18.07
CA ASN H 287 -66.72 14.13 -17.82
C ASN H 287 -66.57 13.42 -19.17
N MET I 21 -52.61 30.27 11.85
CA MET I 21 -51.41 29.46 12.22
C MET I 21 -51.71 28.68 13.51
N GLY I 22 -51.83 27.35 13.43
CA GLY I 22 -52.02 26.45 14.60
C GLY I 22 -53.19 26.89 15.47
N GLY I 23 -54.30 27.32 14.85
CA GLY I 23 -55.50 27.79 15.56
C GLY I 23 -55.45 29.25 15.96
N ILE I 24 -54.37 29.99 15.67
CA ILE I 24 -54.29 31.47 15.89
C ILE I 24 -54.80 32.19 14.63
N GLU I 25 -55.80 33.06 14.79
CA GLU I 25 -56.27 33.96 13.72
C GLU I 25 -55.32 35.15 13.69
N VAL I 26 -54.58 35.31 12.61
CA VAL I 26 -53.53 36.35 12.48
C VAL I 26 -54.17 37.58 11.82
N LEU I 27 -54.02 38.75 12.43
CA LEU I 27 -54.58 40.00 11.89
C LEU I 27 -53.43 40.84 11.32
N GLY I 28 -53.54 42.17 11.36
CA GLY I 28 -52.56 43.08 10.74
C GLY I 28 -51.28 43.21 11.57
N VAL I 29 -50.20 43.60 10.90
CA VAL I 29 -48.94 44.05 11.55
C VAL I 29 -49.20 45.34 12.31
N ARG I 30 -48.70 45.45 13.53
CA ARG I 30 -48.73 46.68 14.36
C ARG I 30 -47.46 47.46 14.07
N THR I 31 -47.59 48.71 13.62
CA THR I 31 -46.44 49.58 13.24
C THR I 31 -46.28 50.69 14.29
N GLY I 32 -45.32 51.57 14.05
CA GLY I 32 -45.06 52.76 14.88
C GLY I 32 -43.83 52.55 15.76
N PRO I 33 -43.50 53.57 16.60
CA PRO I 33 -42.35 53.49 17.50
C PRO I 33 -42.35 52.20 18.34
N ASP I 34 -41.19 51.56 18.44
CA ASP I 34 -40.94 50.35 19.28
C ASP I 34 -41.78 49.16 18.81
N SER I 35 -42.23 49.14 17.54
CA SER I 35 -43.04 48.02 16.99
C SER I 35 -42.13 46.95 16.39
N THR I 36 -40.83 47.23 16.31
CA THR I 36 -39.81 46.27 15.79
C THR I 36 -38.68 46.16 16.79
N THR I 37 -37.98 45.02 16.77
CA THR I 37 -36.78 44.81 17.59
C THR I 37 -35.92 43.77 16.88
N THR I 38 -34.62 43.84 17.14
CA THR I 38 -33.62 42.84 16.71
C THR I 38 -33.10 42.13 17.96
N ILE I 39 -33.13 40.81 17.95
CA ILE I 39 -32.55 39.93 19.00
C ILE I 39 -31.25 39.36 18.45
N GLU I 40 -30.18 39.50 19.21
CA GLU I 40 -28.85 38.91 18.93
C GLU I 40 -28.58 37.86 19.99
N ALA I 41 -28.10 36.70 19.60
CA ALA I 41 -27.72 35.64 20.55
C ALA I 41 -26.68 34.75 19.89
N TYR I 42 -25.91 34.04 20.70
CA TYR I 42 -25.02 32.98 20.18
C TYR I 42 -25.29 31.71 20.99
N LEU I 43 -25.07 30.56 20.35
CA LEU I 43 -25.21 29.23 20.99
C LEU I 43 -23.88 28.53 20.83
N ASN I 44 -23.26 28.16 21.97
CA ASN I 44 -21.99 27.38 21.96
C ASN I 44 -22.34 25.93 21.68
N PRO I 45 -21.45 25.19 20.96
CA PRO I 45 -21.75 23.85 20.50
C PRO I 45 -21.74 22.88 21.68
N ARG I 46 -22.49 21.79 21.56
CA ARG I 46 -22.60 20.73 22.58
C ARG I 46 -22.18 19.40 21.92
N MET I 47 -20.86 19.22 21.74
CA MET I 47 -20.27 18.07 21.01
C MET I 47 -20.10 16.88 21.97
N GLY I 48 -20.36 17.09 23.27
CA GLY I 48 -20.28 16.04 24.29
C GLY I 48 -19.47 16.50 25.50
N THR I 49 -18.54 17.42 25.28
CA THR I 49 -17.92 18.22 26.37
C THR I 49 -18.14 19.69 25.97
N ASP I 50 -17.85 20.61 26.89
CA ASP I 50 -18.29 22.02 26.79
C ASP I 50 -17.47 22.84 25.80
N ASN I 51 -16.29 22.44 25.36
CA ASN I 51 -15.47 23.50 24.68
C ASN I 51 -15.14 23.14 23.22
N GLY I 52 -16.10 22.56 22.50
CA GLY I 52 -16.05 22.48 21.02
C GLY I 52 -15.73 21.09 20.52
N PHE I 53 -15.29 20.19 21.38
CA PHE I 53 -14.87 18.83 20.97
C PHE I 53 -15.61 17.79 21.80
N SER I 54 -15.96 16.66 21.17
CA SER I 54 -16.37 15.44 21.89
C SER I 54 -15.13 14.89 22.60
N GLN I 55 -15.33 14.09 23.63
CA GLN I 55 -14.34 13.09 24.11
C GLN I 55 -13.97 12.20 22.91
N ALA I 56 -12.78 11.60 22.94
CA ALA I 56 -12.32 10.62 21.92
C ALA I 56 -13.45 9.60 21.72
N VAL I 57 -13.87 9.41 20.47
CA VAL I 57 -15.07 8.59 20.15
C VAL I 57 -14.67 7.11 20.11
N THR I 58 -15.45 6.28 20.79
CA THR I 58 -15.28 4.82 20.84
C THR I 58 -16.30 4.19 19.90
N VAL I 59 -15.96 3.01 19.40
CA VAL I 59 -16.80 2.30 18.41
C VAL I 59 -17.05 0.90 18.93
N ALA I 60 -18.32 0.50 19.01
CA ALA I 60 -18.72 -0.86 19.42
C ALA I 60 -18.20 -1.87 18.38
N THR I 61 -17.89 -3.09 18.82
CA THR I 61 -17.42 -4.17 17.91
C THR I 61 -18.61 -4.87 17.26
N SER I 62 -19.82 -4.66 17.79
CA SER I 62 -21.06 -5.26 17.24
C SER I 62 -22.24 -4.30 17.51
N LEU I 63 -23.42 -4.61 16.99
CA LEU I 63 -24.63 -3.77 17.16
C LEU I 63 -25.17 -3.92 18.59
N ASN I 64 -24.72 -4.92 19.34
CA ASN I 64 -25.27 -5.16 20.69
C ASN I 64 -24.28 -5.98 21.51
N PRO I 65 -23.61 -5.45 22.57
CA PRO I 65 -23.88 -4.12 23.10
C PRO I 65 -23.19 -2.96 22.35
N ASP I 66 -23.91 -1.85 22.27
CA ASP I 66 -23.45 -0.58 21.60
C ASP I 66 -23.77 0.55 22.56
N VAL I 67 -22.76 1.06 23.26
CA VAL I 67 -22.93 1.89 24.49
C VAL I 67 -22.13 3.16 24.32
N PRO I 68 -22.61 4.12 23.51
CA PRO I 68 -21.91 5.41 23.35
C PRO I 68 -21.99 6.23 24.62
N PRO I 69 -20.85 6.63 25.23
CA PRO I 69 -20.86 7.54 26.38
C PRO I 69 -21.42 8.92 26.00
N LYS I 70 -22.02 9.61 26.99
CA LYS I 70 -22.61 10.94 26.77
C LYS I 70 -21.57 11.89 26.19
N ALA I 71 -20.33 11.85 26.70
CA ALA I 71 -19.26 12.79 26.31
C ALA I 71 -18.85 12.57 24.85
N GLU I 72 -19.34 11.52 24.19
CA GLU I 72 -18.98 11.16 22.80
C GLU I 72 -20.14 11.43 21.83
N LEU I 73 -21.25 12.00 22.30
CA LEU I 73 -22.49 12.18 21.47
C LEU I 73 -22.79 13.66 21.30
N PRO I 74 -22.57 14.23 20.10
CA PRO I 74 -23.04 15.58 19.81
C PRO I 74 -24.55 15.69 20.02
N CYS I 75 -24.95 16.82 20.59
CA CYS I 75 -26.35 17.17 20.90
C CYS I 75 -26.69 18.51 20.23
N TYR I 76 -27.98 18.74 20.03
CA TYR I 76 -28.51 20.05 19.59
C TYR I 76 -28.22 21.10 20.65
N SER I 77 -27.91 22.30 20.20
CA SER I 77 -27.93 23.54 21.00
C SER I 77 -29.33 24.15 20.90
N CYS I 78 -29.81 24.78 21.96
CA CYS I 78 -31.09 25.50 21.92
C CYS I 78 -31.11 26.54 23.04
N ALA I 79 -31.94 27.56 22.85
CA ALA I 79 -32.14 28.66 23.82
C ALA I 79 -33.52 29.27 23.56
N ARG I 80 -34.18 29.65 24.65
CA ARG I 80 -35.36 30.54 24.62
C ARG I 80 -34.88 31.93 25.02
N ILE I 81 -35.11 32.92 24.16
CA ILE I 81 -34.79 34.35 24.44
C ILE I 81 -36.09 35.02 24.87
N GLY I 82 -36.13 35.58 26.08
CA GLY I 82 -37.27 36.38 26.56
C GLY I 82 -37.37 37.66 25.76
N LEU I 83 -38.56 37.98 25.25
CA LEU I 83 -38.79 39.19 24.43
C LEU I 83 -39.49 40.24 25.29
N PRO I 84 -39.50 41.53 24.89
CA PRO I 84 -40.27 42.54 25.63
C PRO I 84 -41.74 42.11 25.79
N MET I 85 -42.25 42.23 27.02
CA MET I 85 -43.62 41.77 27.35
C MET I 85 -44.62 42.63 26.58
N LEU I 86 -45.64 42.04 25.98
CA LEU I 86 -46.51 42.77 25.02
C LEU I 86 -47.88 43.07 25.62
N ASN I 87 -48.42 42.14 26.41
CA ASN I 87 -49.85 42.17 26.81
C ASN I 87 -49.94 42.15 28.33
N GLU I 88 -49.95 43.32 28.98
CA GLU I 88 -50.26 43.47 30.43
C GLU I 88 -51.68 42.92 30.67
N ASP I 89 -52.61 43.22 29.76
CA ASP I 89 -54.00 42.70 29.78
C ASP I 89 -54.11 41.58 28.74
N MET I 90 -54.36 40.35 29.19
CA MET I 90 -54.54 39.17 28.31
C MET I 90 -56.03 38.82 28.15
N THR I 91 -56.94 39.74 28.47
CA THR I 91 -58.41 39.48 28.40
C THR I 91 -59.06 40.19 27.19
N THR I 92 -58.31 41.01 26.45
CA THR I 92 -58.83 41.76 25.29
C THR I 92 -59.13 40.77 24.15
N PRO I 93 -60.08 41.08 23.25
CA PRO I 93 -60.39 40.20 22.14
C PRO I 93 -59.24 40.04 21.13
N GLU I 94 -58.33 41.02 21.07
CA GLU I 94 -57.08 40.93 20.27
C GLU I 94 -55.89 41.14 21.21
N ILE I 95 -54.78 40.45 20.93
CA ILE I 95 -53.49 40.64 21.64
C ILE I 95 -52.36 40.77 20.61
N LEU I 96 -51.20 41.19 21.08
CA LEU I 96 -49.98 41.32 20.24
C LEU I 96 -49.07 40.11 20.46
N MET I 97 -48.43 39.66 19.37
CA MET I 97 -47.34 38.66 19.44
C MET I 97 -46.15 39.20 18.64
N TRP I 98 -44.94 38.92 19.13
CA TRP I 98 -43.72 39.17 18.33
C TRP I 98 -43.71 38.16 17.18
N GLU I 99 -43.48 38.65 15.97
CA GLU I 99 -43.41 37.83 14.74
C GLU I 99 -41.97 37.89 14.22
N ALA I 100 -41.31 36.75 14.08
CA ALA I 100 -39.93 36.66 13.54
C ALA I 100 -40.02 36.78 12.01
N VAL I 101 -39.47 37.85 11.44
CA VAL I 101 -39.58 38.19 10.00
C VAL I 101 -38.37 37.63 9.25
N SER I 102 -37.18 37.72 9.81
CA SER I 102 -35.93 37.36 9.11
C SER I 102 -34.82 37.07 10.13
N VAL I 103 -33.77 36.41 9.67
CA VAL I 103 -32.60 36.04 10.51
C VAL I 103 -31.34 36.14 9.65
N LYS I 104 -30.28 36.72 10.23
CA LYS I 104 -28.88 36.56 9.76
C LYS I 104 -28.18 35.66 10.76
N THR I 105 -27.56 34.60 10.27
CA THR I 105 -26.91 33.61 11.16
C THR I 105 -25.56 33.26 10.56
N GLU I 106 -24.60 33.00 11.42
CA GLU I 106 -23.20 32.82 11.04
C GLU I 106 -22.60 31.74 11.92
N VAL I 107 -21.88 30.80 11.32
CA VAL I 107 -20.99 29.90 12.09
C VAL I 107 -19.74 30.71 12.45
N VAL I 108 -19.43 30.78 13.74
CA VAL I 108 -18.30 31.57 14.27
C VAL I 108 -17.09 30.65 14.49
N GLY I 109 -15.90 31.12 14.14
CA GLY I 109 -14.65 30.37 14.33
C GLY I 109 -14.29 29.52 13.12
N VAL I 110 -14.89 29.77 11.96
CA VAL I 110 -14.59 28.98 10.74
C VAL I 110 -13.08 29.02 10.49
N THR I 111 -12.45 30.18 10.68
CA THR I 111 -11.02 30.36 10.31
C THR I 111 -10.11 29.54 11.24
N THR I 112 -10.60 29.03 12.38
CA THR I 112 -9.80 28.13 13.27
C THR I 112 -9.34 26.91 12.49
N MET I 113 -10.06 26.53 11.44
CA MET I 113 -9.76 25.31 10.66
C MET I 113 -8.64 25.56 9.64
N CYS I 114 -8.00 26.73 9.68
CA CYS I 114 -6.70 27.00 9.00
C CYS I 114 -5.52 26.54 9.87
N ASN I 115 -5.80 26.05 11.08
CA ASN I 115 -4.78 25.55 12.03
C ASN I 115 -4.33 24.15 11.59
N VAL I 116 -3.07 24.00 11.20
CA VAL I 116 -2.50 22.66 10.85
C VAL I 116 -1.28 22.35 11.74
N HIS I 117 -1.12 23.03 12.87
CA HIS I 117 0.08 22.89 13.75
C HIS I 117 -0.30 22.20 15.06
N SER I 118 -1.58 22.16 15.47
CA SER I 118 -1.99 21.72 16.82
C SER I 118 -2.20 20.18 16.88
N ALA I 119 -1.15 19.40 16.63
CA ALA I 119 -0.99 18.00 17.06
C ALA I 119 -1.99 17.08 16.35
N SER I 120 -2.25 17.30 15.06
CA SER I 120 -3.05 16.38 14.24
C SER I 120 -2.14 15.40 13.48
N ILE I 121 -2.71 14.37 12.87
CA ILE I 121 -1.97 13.38 12.04
C ILE I 121 -1.36 14.13 10.85
N ARG I 122 -0.07 13.96 10.62
CA ARG I 122 0.67 14.76 9.62
C ARG I 122 0.57 14.12 8.23
N MET I 123 0.34 14.96 7.23
CA MET I 123 0.29 14.58 5.81
C MET I 123 1.71 14.36 5.27
N ASN I 124 1.83 13.91 4.01
CA ASN I 124 3.13 13.59 3.33
C ASN I 124 3.94 12.62 4.20
N GLY I 125 3.30 11.56 4.69
CA GLY I 125 3.97 10.46 5.42
C GLY I 125 4.60 10.94 6.72
N GLY I 126 4.08 12.00 7.34
CA GLY I 126 4.59 12.49 8.63
C GLY I 126 5.42 13.76 8.50
N TYR I 127 5.73 14.19 7.26
CA TYR I 127 6.65 15.32 7.00
C TYR I 127 5.90 16.63 6.79
N GLY I 128 4.64 16.55 6.35
CA GLY I 128 3.83 17.74 6.02
C GLY I 128 3.15 18.32 7.25
N VAL I 129 2.12 19.12 7.02
CA VAL I 129 1.34 19.72 8.14
C VAL I 129 0.30 18.72 8.65
N GLY I 130 -0.31 19.02 9.78
CA GLY I 130 -1.42 18.24 10.36
C GLY I 130 -2.63 18.29 9.44
N ARG I 131 -3.36 17.20 9.37
CA ARG I 131 -4.67 17.23 8.66
C ARG I 131 -5.55 18.23 9.39
N PRO I 132 -6.28 19.07 8.65
CA PRO I 132 -7.24 19.97 9.27
C PRO I 132 -8.48 19.16 9.71
N ILE I 133 -9.35 19.80 10.49
CA ILE I 133 -10.69 19.23 10.84
C ILE I 133 -11.39 18.88 9.53
N GLU I 134 -11.88 17.65 9.41
CA GLU I 134 -12.49 17.20 8.15
C GLU I 134 -13.35 15.98 8.40
N GLY I 135 -14.16 15.61 7.40
CA GLY I 135 -15.10 14.48 7.52
C GLY I 135 -16.53 15.00 7.58
N LEU I 136 -17.42 14.20 8.18
CA LEU I 136 -18.86 14.48 8.03
C LEU I 136 -19.18 15.82 8.68
N ASN I 137 -20.06 16.57 8.02
CA ASN I 137 -20.55 17.90 8.43
C ASN I 137 -22.07 17.78 8.56
N CYS I 138 -22.61 18.40 9.57
CA CYS I 138 -24.08 18.47 9.79
C CYS I 138 -24.37 19.84 10.37
N HIS I 139 -25.07 20.69 9.61
CA HIS I 139 -25.36 22.08 9.99
C HIS I 139 -26.88 22.24 9.95
N MET I 140 -27.44 22.76 11.03
CA MET I 140 -28.88 23.07 11.10
C MET I 140 -29.02 24.33 11.95
N PHE I 141 -29.89 25.22 11.54
CA PHE I 141 -30.42 26.28 12.43
C PHE I 141 -31.93 26.32 12.27
N ALA I 142 -32.59 26.71 13.35
CA ALA I 142 -34.05 26.86 13.39
C ALA I 142 -34.38 28.10 14.22
N VAL I 143 -35.42 28.80 13.79
CA VAL I 143 -36.01 29.94 14.51
C VAL I 143 -37.51 29.66 14.60
N GLY I 144 -38.06 29.74 15.81
CA GLY I 144 -39.50 29.47 16.02
C GLY I 144 -40.07 30.20 17.23
N GLY I 145 -41.39 30.14 17.37
CA GLY I 145 -42.13 30.79 18.46
C GLY I 145 -42.48 29.80 19.57
N GLU I 146 -41.84 28.63 19.52
CA GLU I 146 -42.01 27.52 20.48
C GLU I 146 -40.88 26.53 20.22
N PRO I 147 -40.63 25.54 21.12
CA PRO I 147 -39.55 24.61 20.93
C PRO I 147 -39.64 23.85 19.59
N LEU I 148 -38.49 23.60 18.99
CA LEU I 148 -38.39 22.75 17.77
C LEU I 148 -38.98 21.38 18.09
N GLU I 149 -39.85 20.88 17.24
CA GLU I 149 -40.42 19.51 17.38
C GLU I 149 -39.53 18.49 16.68
N LEU I 150 -39.28 17.37 17.35
CA LEU I 150 -38.31 16.33 16.92
C LEU I 150 -39.05 15.02 16.65
N GLN I 151 -38.57 14.30 15.65
CA GLN I 151 -38.93 12.91 15.34
C GLN I 151 -37.73 12.03 15.73
N GLY I 152 -37.99 10.95 16.46
CA GLY I 152 -36.99 9.96 16.84
C GLY I 152 -36.66 9.08 15.65
N CYS I 153 -35.38 8.84 15.42
CA CYS I 153 -34.89 7.92 14.38
C CYS I 153 -33.42 7.63 14.69
N VAL I 154 -33.02 6.37 14.64
CA VAL I 154 -31.65 5.93 15.01
C VAL I 154 -31.09 5.05 13.91
N GLN I 155 -29.78 4.91 13.86
CA GLN I 155 -29.13 3.96 12.92
C GLN I 155 -29.25 2.54 13.46
N ASN I 156 -29.15 2.37 14.79
CA ASN I 156 -29.09 1.04 15.44
C ASN I 156 -30.07 1.02 16.63
N TRP I 157 -31.18 0.30 16.50
CA TRP I 157 -32.22 0.27 17.55
C TRP I 157 -31.69 -0.44 18.80
N SER I 158 -30.59 -1.20 18.69
CA SER I 158 -30.01 -1.93 19.85
C SER I 158 -29.07 -1.02 20.64
N THR I 159 -28.85 0.21 20.20
CA THR I 159 -27.96 1.15 20.94
C THR I 159 -28.49 1.37 22.36
N THR I 160 -27.61 1.37 23.37
CA THR I 160 -27.90 1.84 24.73
C THR I 160 -27.46 3.30 24.85
N TYR I 161 -28.40 4.23 24.86
CA TYR I 161 -28.09 5.67 25.02
C TYR I 161 -27.80 5.90 26.50
N PRO I 162 -26.88 6.82 26.82
CA PRO I 162 -26.43 7.00 28.19
C PRO I 162 -27.40 7.83 29.03
N SER I 163 -27.27 7.65 30.35
CA SER I 163 -27.86 8.55 31.36
C SER I 163 -27.39 9.96 31.05
N GLY I 164 -28.27 10.94 31.19
CA GLY I 164 -27.91 12.35 30.98
C GLY I 164 -28.28 12.86 29.60
N VAL I 165 -28.72 12.00 28.69
CA VAL I 165 -29.28 12.48 27.37
C VAL I 165 -30.74 12.05 27.28
N VAL I 166 -31.52 12.77 26.47
CA VAL I 166 -32.90 12.35 26.12
C VAL I 166 -32.83 11.62 24.79
N ALA I 167 -33.13 10.33 24.79
CA ALA I 167 -33.14 9.48 23.59
C ALA I 167 -34.53 8.90 23.42
N PRO I 168 -35.00 8.58 22.20
CA PRO I 168 -36.30 7.95 22.05
C PRO I 168 -36.27 6.56 22.67
N PRO I 169 -37.42 6.06 23.17
CA PRO I 169 -37.54 4.65 23.51
C PRO I 169 -37.25 3.79 22.28
N LEU I 170 -36.55 2.68 22.47
CA LEU I 170 -36.16 1.75 21.37
C LEU I 170 -36.70 0.35 21.71
N LYS I 171 -37.98 0.10 21.38
CA LYS I 171 -38.70 -1.15 21.71
C LYS I 171 -38.53 -2.15 20.56
N ASP I 172 -38.23 -1.66 19.36
CA ASP I 172 -38.14 -2.50 18.15
C ASP I 172 -37.38 -1.73 17.05
N ALA I 173 -37.15 -2.38 15.92
CA ALA I 173 -36.28 -1.88 14.83
C ALA I 173 -36.98 -0.80 14.01
N LYS I 174 -38.28 -0.55 14.23
CA LYS I 174 -39.02 0.51 13.50
C LYS I 174 -38.39 1.88 13.82
N ALA I 175 -37.71 2.00 14.97
CA ALA I 175 -37.00 3.24 15.37
C ALA I 175 -35.88 3.58 14.36
N GLN I 176 -35.48 2.65 13.50
CA GLN I 176 -34.44 2.89 12.46
C GLN I 176 -35.05 3.59 11.24
N VAL I 177 -36.38 3.56 11.17
CA VAL I 177 -37.15 4.25 10.10
C VAL I 177 -38.14 5.17 10.82
N LEU I 178 -39.34 5.39 10.31
CA LEU I 178 -40.27 6.36 10.95
C LEU I 178 -41.28 5.59 11.79
N ASP I 179 -41.12 5.70 13.10
CA ASP I 179 -42.12 5.27 14.11
C ASP I 179 -42.78 6.53 14.64
N PRO I 180 -44.05 6.78 14.27
CA PRO I 180 -44.75 8.01 14.63
C PRO I 180 -44.98 8.18 16.14
N GLY I 181 -44.77 7.12 16.94
CA GLY I 181 -44.83 7.21 18.40
C GLY I 181 -43.62 7.93 18.98
N LEU I 182 -42.55 8.17 18.21
CA LEU I 182 -41.28 8.67 18.78
C LEU I 182 -41.14 10.16 18.48
N LYS I 183 -41.65 10.99 19.38
CA LYS I 183 -41.73 12.46 19.24
C LYS I 183 -41.15 13.09 20.50
N ALA I 184 -40.63 14.29 20.36
CA ALA I 184 -40.13 15.09 21.48
C ALA I 184 -40.11 16.56 21.07
N ARG I 185 -39.89 17.41 22.05
CA ARG I 185 -39.63 18.86 21.86
C ARG I 185 -38.19 19.10 22.28
N LEU I 186 -37.46 19.90 21.51
CA LEU I 186 -36.08 20.31 21.87
C LEU I 186 -36.19 21.34 22.99
N ASP I 187 -36.20 20.87 24.25
CA ASP I 187 -36.51 21.73 25.42
C ASP I 187 -35.35 21.73 26.42
N LYS I 188 -34.18 21.18 26.04
CA LYS I 188 -32.97 21.23 26.89
C LYS I 188 -31.72 21.29 26.01
N ASP I 189 -30.89 22.30 26.24
CA ASP I 189 -29.61 22.52 25.54
C ASP I 189 -28.66 21.37 25.88
N GLY I 190 -27.97 20.82 24.87
CA GLY I 190 -26.90 19.83 25.07
C GLY I 190 -27.40 18.52 25.67
N ALA I 191 -28.62 18.10 25.38
CA ALA I 191 -29.22 16.88 25.97
C ALA I 191 -29.86 15.97 24.93
N TYR I 192 -30.25 16.48 23.75
CA TYR I 192 -30.91 15.67 22.69
C TYR I 192 -29.84 15.33 21.65
N PRO I 193 -29.38 14.07 21.57
CA PRO I 193 -28.33 13.72 20.63
C PRO I 193 -28.82 13.90 19.19
N VAL I 194 -27.94 14.44 18.36
CA VAL I 194 -28.21 14.68 16.91
C VAL I 194 -28.55 13.36 16.25
N GLU I 195 -27.85 12.27 16.60
CA GLU I 195 -27.95 11.00 15.84
C GLU I 195 -29.26 10.27 16.14
N CYS I 196 -30.06 10.65 17.14
CA CYS I 196 -31.32 9.90 17.41
C CYS I 196 -32.56 10.80 17.29
N TRP I 197 -32.40 12.07 16.89
CA TRP I 197 -33.52 13.00 16.68
C TRP I 197 -33.28 13.82 15.41
N CYS I 198 -34.32 14.05 14.63
CA CYS I 198 -34.31 15.03 13.53
C CYS I 198 -35.52 15.94 13.67
N PRO I 199 -35.47 17.15 13.08
CA PRO I 199 -36.64 18.03 13.01
C PRO I 199 -37.82 17.27 12.37
N ASP I 200 -38.98 17.39 12.99
CA ASP I 200 -40.21 16.67 12.57
C ASP I 200 -40.89 17.48 11.46
N PRO I 201 -40.89 16.99 10.21
CA PRO I 201 -41.51 17.76 9.12
C PRO I 201 -43.05 17.74 9.18
N SER I 202 -43.63 16.84 9.98
CA SER I 202 -45.09 16.70 10.16
C SER I 202 -45.60 17.71 11.18
N ARG I 203 -44.71 18.40 11.88
CA ARG I 203 -45.08 19.42 12.88
C ARG I 203 -44.30 20.68 12.55
N ASN I 204 -43.88 21.46 13.54
CA ASN I 204 -43.08 22.70 13.32
C ASN I 204 -43.82 23.66 12.40
N GLU I 205 -45.15 23.79 12.57
CA GLU I 205 -45.95 24.83 11.89
C GLU I 205 -45.42 26.22 12.28
N ASN I 206 -44.84 26.38 13.47
CA ASN I 206 -44.49 27.71 14.03
C ASN I 206 -42.97 27.86 14.16
N THR I 207 -42.21 27.06 13.39
CA THR I 207 -40.73 27.09 13.36
C THR I 207 -40.26 26.91 11.90
N ARG I 208 -39.22 27.62 11.50
CA ARG I 208 -38.50 27.36 10.24
C ARG I 208 -37.15 26.71 10.59
N TYR I 209 -36.85 25.56 10.02
CA TYR I 209 -35.55 24.89 10.22
C TYR I 209 -34.89 24.66 8.86
N PHE I 210 -33.56 24.79 8.86
CA PHE I 210 -32.69 24.68 7.67
C PHE I 210 -31.50 23.79 8.02
N GLY I 211 -31.40 22.63 7.40
CA GLY I 211 -30.38 21.60 7.70
C GLY I 211 -29.73 21.11 6.43
N THR I 212 -28.44 20.77 6.54
N THR I 212 -28.42 20.81 6.52
CA THR I 212 -27.65 20.08 5.50
CA THR I 212 -27.70 20.03 5.48
C THR I 212 -26.74 19.06 6.16
C THR I 212 -26.75 19.05 6.17
N TYR I 213 -26.63 17.88 5.57
CA TYR I 213 -25.68 16.82 5.96
C TYR I 213 -24.80 16.57 4.74
N THR I 214 -23.48 16.59 4.92
CA THR I 214 -22.49 16.15 3.92
C THR I 214 -21.62 15.10 4.61
N GLY I 215 -21.72 13.85 4.15
CA GLY I 215 -21.08 12.73 4.84
C GLY I 215 -19.70 12.45 4.32
N GLY I 216 -19.34 11.17 4.32
CA GLY I 216 -18.03 10.69 3.85
C GLY I 216 -17.00 10.69 4.96
N GLN I 217 -15.78 10.24 4.63
CA GLN I 217 -14.73 9.90 5.63
C GLN I 217 -13.87 11.13 5.94
N GLN I 218 -13.29 11.73 4.90
CA GLN I 218 -12.28 12.81 5.01
C GLN I 218 -12.75 14.03 4.20
N THR I 219 -14.07 14.14 4.01
CA THR I 219 -14.70 15.17 3.15
C THR I 219 -14.28 16.57 3.58
N PRO I 220 -13.90 17.44 2.62
CA PRO I 220 -13.62 18.84 2.90
C PRO I 220 -14.85 19.56 3.43
N PRO I 221 -14.78 20.15 4.64
CA PRO I 221 -15.80 21.09 5.09
C PRO I 221 -15.79 22.31 4.15
N VAL I 222 -16.98 22.78 3.76
CA VAL I 222 -17.15 24.01 2.97
C VAL I 222 -18.02 24.94 3.83
N LEU I 223 -17.42 25.99 4.36
CA LEU I 223 -18.08 26.86 5.37
C LEU I 223 -17.95 28.32 4.92
N PRO I 224 -19.06 28.96 4.50
CA PRO I 224 -19.06 30.38 4.21
C PRO I 224 -19.10 31.18 5.52
N PHE I 225 -18.64 32.42 5.48
CA PHE I 225 -18.78 33.37 6.61
C PHE I 225 -18.92 34.76 6.00
N THR I 226 -20.09 35.36 6.18
CA THR I 226 -20.44 36.67 5.60
C THR I 226 -21.48 37.32 6.51
N ASN I 227 -21.59 38.65 6.45
CA ASN I 227 -22.62 39.39 7.20
C ASN I 227 -23.63 39.98 6.22
N THR I 228 -23.75 39.43 5.01
CA THR I 228 -24.57 40.03 3.93
C THR I 228 -25.78 39.14 3.59
N VAL I 229 -26.00 38.01 4.26
CA VAL I 229 -27.05 37.04 3.83
C VAL I 229 -28.16 37.01 4.87
N THR I 230 -29.38 37.32 4.43
CA THR I 230 -30.61 37.32 5.25
C THR I 230 -31.51 36.16 4.80
N THR I 231 -31.99 35.36 5.74
CA THR I 231 -33.05 34.35 5.50
C THR I 231 -34.39 34.93 5.94
N VAL I 232 -35.35 35.00 5.03
CA VAL I 232 -36.75 35.45 5.31
C VAL I 232 -37.47 34.28 5.99
N LEU I 233 -38.22 34.56 7.06
CA LEU I 233 -38.90 33.50 7.87
C LEU I 233 -40.42 33.50 7.60
N LEU I 234 -40.92 34.42 6.79
CA LEU I 234 -42.35 34.51 6.44
C LEU I 234 -42.74 33.25 5.67
N ASP I 235 -43.91 32.71 5.94
CA ASP I 235 -44.48 31.56 5.19
C ASP I 235 -45.15 32.08 3.91
N GLU I 236 -45.82 31.18 3.18
CA GLU I 236 -46.57 31.43 1.91
C GLU I 236 -47.53 32.61 2.10
N ASN I 237 -48.10 32.80 3.30
CA ASN I 237 -49.11 33.84 3.59
C ASN I 237 -48.49 35.12 4.16
N GLY I 238 -47.15 35.25 4.17
CA GLY I 238 -46.49 36.46 4.69
C GLY I 238 -46.44 36.51 6.22
N VAL I 239 -46.53 35.36 6.88
CA VAL I 239 -46.54 35.28 8.38
C VAL I 239 -45.29 34.52 8.85
N GLY I 240 -44.52 35.17 9.71
CA GLY I 240 -43.35 34.57 10.36
C GLY I 240 -43.77 33.77 11.60
N PRO I 241 -42.83 33.02 12.20
CA PRO I 241 -43.09 32.42 13.51
C PRO I 241 -43.60 33.45 14.53
N LEU I 242 -44.62 33.06 15.29
CA LEU I 242 -45.27 33.91 16.31
C LEU I 242 -44.84 33.43 17.70
N CYS I 243 -44.29 34.32 18.49
CA CYS I 243 -43.54 33.97 19.72
C CYS I 243 -44.54 33.80 20.88
N LYS I 244 -44.94 32.56 21.14
CA LYS I 244 -45.86 32.23 22.25
C LYS I 244 -45.20 32.57 23.58
N GLY I 245 -45.92 33.28 24.45
CA GLY I 245 -45.43 33.71 25.77
C GLY I 245 -44.22 34.63 25.68
N ASP I 246 -44.08 35.37 24.57
CA ASP I 246 -42.99 36.35 24.35
C ASP I 246 -41.64 35.63 24.47
N GLY I 247 -41.57 34.41 23.94
CA GLY I 247 -40.31 33.64 23.85
C GLY I 247 -39.92 33.42 22.39
N LEU I 248 -38.65 33.67 22.05
CA LEU I 248 -38.07 33.31 20.73
C LEU I 248 -37.16 32.09 20.93
N TYR I 249 -37.36 31.04 20.14
CA TYR I 249 -36.65 29.74 20.27
C TYR I 249 -35.64 29.59 19.13
N LEU I 250 -34.38 29.44 19.52
CA LEU I 250 -33.23 29.28 18.59
C LEU I 250 -32.65 27.88 18.82
N SER I 251 -32.33 27.17 17.74
CA SER I 251 -31.80 25.79 17.80
C SER I 251 -30.76 25.65 16.71
N CYS I 252 -29.76 24.82 16.93
CA CYS I 252 -28.76 24.54 15.87
C CYS I 252 -27.92 23.33 16.24
N VAL I 253 -27.23 22.84 15.24
CA VAL I 253 -26.03 22.00 15.43
C VAL I 253 -25.07 22.36 14.30
N ASP I 254 -23.77 22.37 14.59
CA ASP I 254 -22.73 22.65 13.57
C ASP I 254 -21.54 21.71 13.80
N ILE I 255 -21.70 20.46 13.42
CA ILE I 255 -20.59 19.48 13.33
C ILE I 255 -19.76 19.82 12.09
N CYS I 256 -18.49 20.14 12.29
CA CYS I 256 -17.58 20.63 11.21
C CYS I 256 -16.62 19.54 10.76
N GLY I 257 -16.64 18.38 11.43
CA GLY I 257 -15.84 17.20 11.09
C GLY I 257 -15.14 16.64 12.30
N PHE I 258 -14.05 15.92 12.09
CA PHE I 258 -13.30 15.23 13.16
C PHE I 258 -11.89 15.81 13.26
N TYR I 259 -11.44 15.95 14.50
CA TYR I 259 -10.01 16.13 14.85
C TYR I 259 -9.41 14.77 15.13
N SER I 260 -8.31 14.44 14.46
CA SER I 260 -7.51 13.22 14.67
C SER I 260 -6.30 13.55 15.55
N GLU I 261 -6.14 12.86 16.67
CA GLU I 261 -4.94 12.98 17.55
C GLU I 261 -3.71 12.42 16.80
N GLN I 262 -2.61 13.17 16.79
CA GLN I 262 -1.38 12.78 16.07
C GLN I 262 -0.93 11.39 16.53
N TYR I 263 -0.82 11.17 17.84
CA TYR I 263 -0.25 9.91 18.39
C TYR I 263 -1.29 8.80 18.34
N SER I 264 -2.39 8.89 19.10
CA SER I 264 -3.37 7.77 19.24
C SER I 264 -4.12 7.53 17.91
N GLN I 265 -4.31 8.58 17.12
CA GLN I 265 -5.17 8.61 15.89
C GLN I 265 -6.65 8.43 16.23
N LYS I 266 -7.00 8.59 17.51
CA LYS I 266 -8.42 8.69 17.96
C LYS I 266 -9.01 9.98 17.38
N GLN I 267 -10.33 9.97 17.18
CA GLN I 267 -11.03 11.11 16.56
C GLN I 267 -12.03 11.70 17.54
N HIS I 268 -12.18 13.02 17.44
CA HIS I 268 -13.12 13.85 18.23
C HIS I 268 -14.02 14.59 17.25
N PHE I 269 -15.33 14.61 17.48
CA PHE I 269 -16.22 15.59 16.82
C PHE I 269 -15.74 17.00 17.14
N ARG I 270 -15.69 17.87 16.14
CA ARG I 270 -15.47 19.32 16.31
C ARG I 270 -16.75 20.06 15.92
N GLY I 271 -17.23 20.91 16.80
CA GLY I 271 -18.37 21.81 16.56
C GLY I 271 -17.96 23.23 16.76
N LEU I 272 -18.68 24.14 16.11
CA LEU I 272 -18.42 25.58 16.19
C LEU I 272 -19.70 26.27 16.67
N PRO I 273 -19.54 27.40 17.37
CA PRO I 273 -20.65 28.21 17.83
C PRO I 273 -21.40 28.85 16.65
N ARG I 274 -22.67 29.20 16.88
CA ARG I 274 -23.50 29.89 15.86
C ARG I 274 -24.06 31.19 16.44
N TYR I 275 -23.95 32.26 15.68
CA TYR I 275 -24.54 33.58 15.99
C TYR I 275 -25.87 33.71 15.26
N PHE I 276 -26.85 34.33 15.92
CA PHE I 276 -28.18 34.66 15.35
C PHE I 276 -28.47 36.15 15.55
N SER I 277 -28.95 36.80 14.50
CA SER I 277 -29.62 38.12 14.60
C SER I 277 -31.02 37.98 13.97
N VAL I 278 -32.05 38.06 14.79
CA VAL I 278 -33.47 37.86 14.37
C VAL I 278 -34.18 39.21 14.42
N SER I 279 -34.82 39.59 13.33
CA SER I 279 -35.65 40.81 13.23
C SER I 279 -37.11 40.46 13.48
N LEU I 280 -37.74 41.11 14.45
CA LEU I 280 -39.14 40.84 14.83
C LEU I 280 -39.98 42.11 14.69
N ARG I 281 -41.28 41.90 14.50
CA ARG I 281 -42.27 43.00 14.46
C ARG I 281 -43.50 42.55 15.26
N LYS I 282 -44.26 43.50 15.77
CA LYS I 282 -45.51 43.21 16.51
C LYS I 282 -46.60 42.84 15.51
N ARG I 283 -47.32 41.77 15.82
CA ARG I 283 -48.42 41.26 15.00
C ARG I 283 -49.67 41.17 15.88
N LEU I 284 -50.78 41.75 15.43
CA LEU I 284 -52.10 41.61 16.10
C LEU I 284 -52.65 40.22 15.78
N VAL I 285 -53.16 39.52 16.79
CA VAL I 285 -53.85 38.22 16.61
C VAL I 285 -55.14 38.25 17.41
N ARG I 286 -56.10 37.40 17.05
CA ARG I 286 -57.35 37.20 17.83
C ARG I 286 -56.94 36.40 19.09
N ASN I 287 -57.34 36.86 20.27
CA ASN I 287 -57.08 36.20 21.57
C ASN I 287 -57.91 34.92 21.58
N HIS J 20 -30.53 55.65 10.20
CA HIS J 20 -29.51 55.54 11.32
C HIS J 20 -28.59 54.32 11.12
N MET J 21 -27.29 54.56 10.91
CA MET J 21 -26.19 53.55 10.91
C MET J 21 -25.21 53.90 12.05
N GLY J 22 -25.14 53.07 13.08
CA GLY J 22 -24.15 53.20 14.18
C GLY J 22 -24.22 54.57 14.85
N GLY J 23 -25.43 55.10 15.03
CA GLY J 23 -25.67 56.42 15.64
C GLY J 23 -25.66 57.56 14.64
N ILE J 24 -25.32 57.34 13.36
CA ILE J 24 -25.26 58.39 12.30
C ILE J 24 -26.63 58.45 11.62
N GLU J 25 -27.24 59.64 11.57
CA GLU J 25 -28.46 59.87 10.76
C GLU J 25 -28.04 60.05 9.30
N VAL J 26 -28.43 59.12 8.43
CA VAL J 26 -28.03 59.11 7.00
C VAL J 26 -29.11 59.84 6.22
N LEU J 27 -28.72 60.83 5.42
CA LEU J 27 -29.67 61.63 4.61
C LEU J 27 -29.50 61.22 3.15
N GLY J 28 -29.71 62.13 2.20
CA GLY J 28 -29.71 61.79 0.76
C GLY J 28 -28.31 61.69 0.19
N VAL J 29 -28.19 61.02 -0.93
CA VAL J 29 -26.98 60.98 -1.80
C VAL J 29 -26.74 62.39 -2.34
N ARG J 30 -25.49 62.85 -2.34
CA ARG J 30 -25.04 64.10 -3.00
C ARG J 30 -24.58 63.74 -4.42
N THR J 31 -25.19 64.34 -5.44
CA THR J 31 -24.82 64.08 -6.86
C THR J 31 -24.08 65.29 -7.44
N GLY J 32 -23.75 65.23 -8.72
CA GLY J 32 -23.12 66.34 -9.46
C GLY J 32 -21.63 66.09 -9.66
N PRO J 33 -20.93 67.06 -10.29
CA PRO J 33 -19.49 66.96 -10.54
C PRO J 33 -18.71 66.57 -9.28
N ASP J 34 -17.78 65.62 -9.43
CA ASP J 34 -16.83 65.18 -8.38
C ASP J 34 -17.56 64.52 -7.21
N SER J 35 -18.79 64.04 -7.37
CA SER J 35 -19.59 63.43 -6.28
C SER J 35 -19.31 61.93 -6.20
N THR J 36 -18.58 61.38 -7.17
CA THR J 36 -18.20 59.94 -7.20
C THR J 36 -16.70 59.83 -7.41
N THR J 37 -16.12 58.72 -6.96
CA THR J 37 -14.69 58.40 -7.17
C THR J 37 -14.53 56.88 -7.11
N THR J 38 -13.53 56.37 -7.79
CA THR J 38 -13.13 54.96 -7.77
C THR J 38 -11.75 54.88 -7.11
N ILE J 39 -11.61 54.04 -6.10
CA ILE J 39 -10.34 53.77 -5.39
C ILE J 39 -9.86 52.39 -5.87
N GLU J 40 -8.62 52.32 -6.32
CA GLU J 40 -7.94 51.07 -6.73
C GLU J 40 -6.83 50.81 -5.73
N ALA J 41 -6.69 49.58 -5.25
CA ALA J 41 -5.64 49.21 -4.30
C ALA J 41 -5.38 47.71 -4.42
N TYR J 42 -4.20 47.26 -4.02
CA TYR J 42 -3.91 45.82 -3.88
C TYR J 42 -3.33 45.59 -2.50
N LEU J 43 -3.55 44.38 -1.97
CA LEU J 43 -2.95 43.94 -0.69
C LEU J 43 -2.14 42.69 -1.00
N ASN J 44 -0.85 42.71 -0.68
CA ASN J 44 0.04 41.52 -0.80
C ASN J 44 -0.24 40.62 0.41
N PRO J 45 -0.15 39.29 0.21
CA PRO J 45 -0.54 38.32 1.23
C PRO J 45 0.49 38.31 2.36
N ARG J 46 0.05 37.93 3.54
CA ARG J 46 0.89 37.85 4.76
C ARG J 46 0.82 36.41 5.29
N MET J 47 1.53 35.50 4.62
CA MET J 47 1.47 34.04 4.91
C MET J 47 2.47 33.70 6.02
N GLY J 48 3.29 34.65 6.44
CA GLY J 48 4.25 34.50 7.55
C GLY J 48 5.63 35.00 7.15
N THR J 49 5.94 35.01 5.87
CA THR J 49 7.07 35.78 5.30
C THR J 49 6.47 36.62 4.18
N ASP J 50 7.26 37.53 3.62
CA ASP J 50 6.80 38.64 2.76
C ASP J 50 6.40 38.20 1.35
N ASN J 51 6.81 37.05 0.84
CA ASN J 51 6.69 36.93 -0.65
C ASN J 51 5.78 35.77 -1.08
N GLY J 52 4.70 35.54 -0.37
CA GLY J 52 3.60 34.66 -0.82
C GLY J 52 3.57 33.32 -0.09
N PHE J 53 4.63 32.97 0.63
CA PHE J 53 4.74 31.64 1.28
C PHE J 53 5.05 31.81 2.76
N SER J 54 4.49 30.92 3.59
CA SER J 54 4.93 30.74 4.97
C SER J 54 6.31 30.10 4.94
N GLN J 55 7.07 30.24 6.02
CA GLN J 55 8.17 29.31 6.37
C GLN J 55 7.58 27.88 6.43
N ALA J 56 8.41 26.86 6.21
CA ALA J 56 8.01 25.44 6.36
C ALA J 56 7.27 25.29 7.69
N VAL J 57 6.06 24.73 7.64
CA VAL J 57 5.16 24.67 8.83
C VAL J 57 5.56 23.48 9.70
N THR J 58 5.69 23.73 11.00
CA THR J 58 6.02 22.70 12.01
C THR J 58 4.73 22.34 12.74
N VAL J 59 4.69 21.13 13.27
CA VAL J 59 3.48 20.58 13.94
C VAL J 59 3.90 20.09 15.32
N ALA J 60 3.20 20.55 16.35
CA ALA J 60 3.44 20.11 17.75
C ALA J 60 3.11 18.62 17.87
N THR J 61 3.78 17.91 18.77
CA THR J 61 3.50 16.46 19.00
C THR J 61 2.33 16.29 19.97
N SER J 62 1.96 17.36 20.67
CA SER J 62 0.83 17.35 21.64
C SER J 62 0.20 18.75 21.68
N LEU J 63 -0.91 18.91 22.39
CA LEU J 63 -1.64 20.20 22.50
C LEU J 63 -0.88 21.16 23.42
N ASN J 64 0.12 20.67 24.16
CA ASN J 64 0.85 21.54 25.12
C ASN J 64 2.19 20.91 25.45
N PRO J 65 3.35 21.48 25.03
CA PRO J 65 3.43 22.77 24.36
C PRO J 65 3.14 22.75 22.84
N ASP J 66 2.48 23.80 22.39
CA ASP J 66 2.12 24.00 20.95
C ASP J 66 2.52 25.43 20.58
N VAL J 67 3.64 25.58 19.87
CA VAL J 67 4.38 26.86 19.75
C VAL J 67 4.60 27.15 18.28
N PRO J 68 3.56 27.62 17.55
CA PRO J 68 3.73 28.00 16.15
C PRO J 68 4.57 29.27 16.04
N PRO J 69 5.70 29.23 15.30
CA PRO J 69 6.47 30.45 15.02
C PRO J 69 5.68 31.44 14.17
N LYS J 70 5.96 32.73 14.31
CA LYS J 70 5.26 33.78 13.57
C LYS J 70 5.37 33.53 12.07
N ALA J 71 6.54 33.13 11.59
CA ALA J 71 6.82 32.94 10.14
C ALA J 71 5.98 31.79 9.55
N GLU J 72 5.28 31.02 10.40
CA GLU J 72 4.48 29.85 9.98
C GLU J 72 2.97 30.13 10.10
N LEU J 73 2.58 31.35 10.48
CA LEU J 73 1.15 31.70 10.74
C LEU J 73 0.64 32.72 9.73
N PRO J 74 -0.23 32.31 8.77
CA PRO J 74 -0.90 33.28 7.91
C PRO J 74 -1.71 34.27 8.75
N CYS J 75 -1.64 35.53 8.33
CA CYS J 75 -2.33 36.67 8.95
C CYS J 75 -3.21 37.36 7.92
N TYR J 76 -4.21 38.10 8.39
CA TYR J 76 -5.03 38.99 7.56
C TYR J 76 -4.16 40.11 6.99
N SER J 77 -4.46 40.47 5.74
CA SER J 77 -4.00 41.70 5.09
C SER J 77 -5.02 42.80 5.36
N CYS J 78 -4.58 44.03 5.54
CA CYS J 78 -5.49 45.18 5.70
C CYS J 78 -4.75 46.46 5.31
N ALA J 79 -5.54 47.47 4.94
CA ALA J 79 -5.05 48.81 4.57
C ALA J 79 -6.19 49.80 4.78
N ARG J 80 -5.82 51.00 5.24
CA ARG J 80 -6.70 52.20 5.22
C ARG J 80 -6.26 53.06 4.04
N ILE J 81 -7.16 53.34 3.11
CA ILE J 81 -6.90 54.24 1.95
C ILE J 81 -7.46 55.61 2.31
N GLY J 82 -6.62 56.65 2.29
CA GLY J 82 -7.08 58.04 2.49
C GLY J 82 -7.92 58.47 1.30
N LEU J 83 -9.09 59.06 1.55
CA LEU J 83 -10.01 59.52 0.49
C LEU J 83 -9.91 61.04 0.37
N PRO J 84 -10.38 61.66 -0.74
CA PRO J 84 -10.43 63.12 -0.82
C PRO J 84 -11.18 63.72 0.38
N MET J 85 -10.57 64.74 1.00
CA MET J 85 -11.13 65.37 2.23
C MET J 85 -12.43 66.07 1.85
N LEU J 86 -13.49 65.93 2.66
CA LEU J 86 -14.85 66.30 2.20
C LEU J 86 -15.38 67.62 2.74
N ASN J 87 -15.08 67.92 3.99
CA ASN J 87 -15.81 69.00 4.73
C ASN J 87 -14.81 70.05 5.24
N GLU J 88 -14.54 71.08 4.45
CA GLU J 88 -13.68 72.23 4.85
C GLU J 88 -14.38 72.93 6.02
N ASP J 89 -15.71 73.07 5.95
CA ASP J 89 -16.57 73.62 7.03
C ASP J 89 -17.23 72.44 7.79
N MET J 90 -16.86 72.31 9.08
CA MET J 90 -17.39 71.23 9.95
C MET J 90 -18.41 71.82 10.92
N THR J 91 -19.01 72.98 10.61
CA THR J 91 -20.02 73.62 11.50
C THR J 91 -21.46 73.42 10.97
N THR J 92 -21.63 72.90 9.75
CA THR J 92 -22.97 72.83 9.12
C THR J 92 -23.75 71.70 9.79
N PRO J 93 -25.09 71.78 9.82
CA PRO J 93 -25.90 70.71 10.41
C PRO J 93 -25.83 69.40 9.60
N GLU J 94 -25.47 69.49 8.32
CA GLU J 94 -25.23 68.29 7.46
C GLU J 94 -23.80 68.39 6.92
N ILE J 95 -23.13 67.23 6.86
CA ILE J 95 -21.77 67.06 6.29
C ILE J 95 -21.79 65.84 5.38
N LEU J 96 -20.74 65.68 4.60
CA LEU J 96 -20.59 64.62 3.59
C LEU J 96 -19.68 63.52 4.13
N MET J 97 -20.03 62.27 3.78
CA MET J 97 -19.14 61.10 3.97
C MET J 97 -19.09 60.35 2.62
N TRP J 98 -17.94 59.80 2.30
CA TRP J 98 -17.81 58.84 1.19
C TRP J 98 -18.56 57.56 1.57
N GLU J 99 -19.39 57.09 0.65
CA GLU J 99 -20.19 55.84 0.82
C GLU J 99 -19.69 54.84 -0.20
N ALA J 100 -19.24 53.67 0.23
CA ALA J 100 -18.78 52.58 -0.66
C ALA J 100 -20.02 51.86 -1.22
N VAL J 101 -20.24 51.95 -2.53
CA VAL J 101 -21.46 51.45 -3.21
C VAL J 101 -21.22 50.02 -3.71
N SER J 102 -20.05 49.76 -4.27
CA SER J 102 -19.76 48.48 -4.94
C SER J 102 -18.24 48.26 -5.00
N VAL J 103 -17.85 47.02 -5.26
CA VAL J 103 -16.43 46.62 -5.36
C VAL J 103 -16.31 45.56 -6.44
N LYS J 104 -15.27 45.69 -7.27
CA LYS J 104 -14.73 44.59 -8.10
C LYS J 104 -13.42 44.16 -7.46
N THR J 105 -13.29 42.88 -7.16
CA THR J 105 -12.09 42.39 -6.45
C THR J 105 -11.65 41.10 -7.14
N GLU J 106 -10.36 40.88 -7.18
CA GLU J 106 -9.75 39.81 -7.99
C GLU J 106 -8.56 39.28 -7.20
N VAL J 107 -8.44 37.96 -7.11
CA VAL J 107 -7.18 37.32 -6.67
C VAL J 107 -6.21 37.37 -7.85
N VAL J 108 -5.04 37.94 -7.63
CA VAL J 108 -4.02 38.16 -8.69
C VAL J 108 -2.98 37.04 -8.62
N GLY J 109 -2.58 36.54 -9.81
CA GLY J 109 -1.57 35.46 -9.92
C GLY J 109 -2.18 34.06 -9.83
N VAL J 110 -3.48 33.92 -10.05
CA VAL J 110 -4.14 32.58 -10.04
C VAL J 110 -3.38 31.66 -11.01
N THR J 111 -2.98 32.17 -12.17
CA THR J 111 -2.38 31.34 -13.24
C THR J 111 -1.00 30.81 -12.82
N THR J 112 -0.37 31.36 -11.77
CA THR J 112 0.92 30.83 -11.25
C THR J 112 0.76 29.37 -10.83
N MET J 113 -0.47 28.94 -10.51
CA MET J 113 -0.73 27.57 -10.02
C MET J 113 -0.83 26.57 -11.19
N CYS J 114 -0.54 27.01 -12.42
CA CYS J 114 -0.29 26.12 -13.58
C CYS J 114 1.19 25.67 -13.60
N ASN J 115 1.99 26.12 -12.65
CA ASN J 115 3.43 25.74 -12.51
C ASN J 115 3.51 24.36 -11.86
N VAL J 116 4.01 23.37 -12.58
CA VAL J 116 4.27 22.01 -12.01
C VAL J 116 5.75 21.64 -12.19
N HIS J 117 6.65 22.61 -12.43
CA HIS J 117 8.10 22.34 -12.64
C HIS J 117 8.94 22.80 -11.43
N SER J 118 8.44 23.67 -10.55
CA SER J 118 9.27 24.33 -9.50
C SER J 118 9.36 23.48 -8.22
N ALA J 119 9.93 22.27 -8.31
CA ALA J 119 10.51 21.49 -7.21
C ALA J 119 9.46 21.06 -6.18
N SER J 120 8.28 20.65 -6.64
CA SER J 120 7.25 20.05 -5.78
C SER J 120 7.37 18.52 -5.82
N ILE J 121 6.64 17.84 -4.92
CA ILE J 121 6.56 16.34 -4.89
C ILE J 121 5.96 15.86 -6.19
N ARG J 122 6.62 14.92 -6.87
CA ARG J 122 6.21 14.50 -8.23
C ARG J 122 5.14 13.41 -8.17
N MET J 123 4.12 13.54 -9.01
CA MET J 123 3.02 12.58 -9.19
C MET J 123 3.52 11.36 -10.00
N ASN J 124 2.66 10.34 -10.16
CA ASN J 124 2.99 9.06 -10.85
C ASN J 124 4.28 8.46 -10.26
N GLY J 125 4.37 8.40 -8.92
CA GLY J 125 5.48 7.72 -8.22
C GLY J 125 6.83 8.37 -8.51
N GLY J 126 6.87 9.66 -8.81
CA GLY J 126 8.13 10.40 -9.03
C GLY J 126 8.40 10.68 -10.50
N TYR J 127 7.58 10.14 -11.42
CA TYR J 127 7.83 10.19 -12.87
C TYR J 127 7.05 11.34 -13.53
N GLY J 128 5.95 11.75 -12.91
CA GLY J 128 5.07 12.79 -13.47
C GLY J 128 5.53 14.18 -13.09
N VAL J 129 4.64 15.16 -13.19
CA VAL J 129 4.95 16.57 -12.85
C VAL J 129 4.80 16.76 -11.35
N GLY J 130 5.27 17.91 -10.85
CA GLY J 130 5.11 18.31 -9.45
C GLY J 130 3.65 18.52 -9.11
N ARG J 131 3.24 18.14 -7.91
CA ARG J 131 1.90 18.52 -7.40
C ARG J 131 1.76 20.02 -7.47
N PRO J 132 0.62 20.54 -7.95
CA PRO J 132 0.37 21.97 -7.87
C PRO J 132 0.03 22.35 -6.43
N ILE J 133 -0.01 23.65 -6.16
CA ILE J 133 -0.50 24.19 -4.86
C ILE J 133 -1.91 23.62 -4.64
N GLU J 134 -2.17 23.03 -3.49
CA GLU J 134 -3.47 22.39 -3.24
C GLU J 134 -3.66 22.18 -1.74
N GLY J 135 -4.88 21.83 -1.35
CA GLY J 135 -5.27 21.66 0.07
C GLY J 135 -6.17 22.79 0.51
N LEU J 136 -6.18 23.07 1.82
CA LEU J 136 -7.22 23.96 2.38
C LEU J 136 -7.08 25.35 1.75
N ASN J 137 -8.23 25.94 1.45
CA ASN J 137 -8.37 27.29 0.88
C ASN J 137 -9.21 28.11 1.87
N CYS J 138 -8.83 29.35 2.06
CA CYS J 138 -9.59 30.29 2.89
C CYS J 138 -9.49 31.65 2.22
N HIS J 139 -10.61 32.15 1.72
CA HIS J 139 -10.68 33.42 0.96
C HIS J 139 -11.67 34.33 1.67
N MET J 140 -11.25 35.55 1.96
CA MET J 140 -12.14 36.56 2.56
C MET J 140 -11.72 37.91 1.99
N PHE J 141 -12.68 38.74 1.66
CA PHE J 141 -12.45 40.18 1.46
C PHE J 141 -13.53 40.94 2.22
N ALA J 142 -13.16 42.13 2.67
CA ALA J 142 -14.04 43.04 3.39
C ALA J 142 -13.76 44.46 2.93
N VAL J 143 -14.83 45.24 2.82
CA VAL J 143 -14.78 46.70 2.56
C VAL J 143 -15.62 47.37 3.65
N GLY J 144 -15.05 48.34 4.34
CA GLY J 144 -15.74 49.06 5.43
C GLY J 144 -15.28 50.50 5.56
N GLY J 145 -16.01 51.26 6.40
CA GLY J 145 -15.70 52.67 6.69
C GLY J 145 -14.94 52.80 8.01
N GLU J 146 -14.45 51.69 8.52
CA GLU J 146 -13.68 51.57 9.78
C GLU J 146 -13.07 50.18 9.80
N PRO J 147 -12.12 49.89 10.72
CA PRO J 147 -11.47 48.58 10.74
C PRO J 147 -12.46 47.42 10.93
N LEU J 148 -12.18 46.32 10.26
CA LEU J 148 -12.94 45.05 10.44
C LEU J 148 -12.90 44.67 11.91
N GLU J 149 -14.05 44.33 12.47
CA GLU J 149 -14.14 43.84 13.88
C GLU J 149 -14.00 42.31 13.89
N LEU J 150 -13.19 41.81 14.82
CA LEU J 150 -12.79 40.40 14.92
C LEU J 150 -13.31 39.81 16.23
N GLN J 151 -13.69 38.54 16.16
CA GLN J 151 -13.98 37.66 17.31
C GLN J 151 -12.83 36.67 17.44
N GLY J 152 -12.30 36.51 18.65
CA GLY J 152 -11.26 35.54 18.96
C GLY J 152 -11.85 34.16 19.05
N CYS J 153 -11.19 33.19 18.42
CA CYS J 153 -11.60 31.77 18.47
C CYS J 153 -10.41 30.96 17.97
N VAL J 154 -10.04 29.91 18.69
CA VAL J 154 -8.85 29.08 18.38
C VAL J 154 -9.25 27.61 18.35
N GLN J 155 -8.43 26.79 17.70
CA GLN J 155 -8.63 25.33 17.73
C GLN J 155 -8.13 24.76 19.07
N ASN J 156 -7.05 25.32 19.61
CA ASN J 156 -6.35 24.78 20.81
C ASN J 156 -6.04 25.93 21.78
N TRP J 157 -6.76 26.00 22.90
CA TRP J 157 -6.60 27.11 23.88
C TRP J 157 -5.22 27.04 24.54
N SER J 158 -4.51 25.89 24.47
CA SER J 158 -3.18 25.72 25.08
C SER J 158 -2.08 26.24 24.14
N THR J 159 -2.43 26.67 22.92
CA THR J 159 -1.41 27.18 21.96
C THR J 159 -0.67 28.38 22.58
N THR J 160 0.66 28.43 22.42
CA THR J 160 1.47 29.65 22.71
C THR J 160 1.67 30.42 21.41
N TYR J 161 0.97 31.54 21.25
CA TYR J 161 1.13 32.38 20.04
C TYR J 161 2.42 33.16 20.20
N PRO J 162 3.14 33.44 19.11
CA PRO J 162 4.44 34.08 19.19
C PRO J 162 4.35 35.60 19.41
N SER J 163 5.43 36.16 19.93
CA SER J 163 5.65 37.62 19.96
C SER J 163 5.64 38.10 18.51
N GLY J 164 5.04 39.25 18.26
CA GLY J 164 4.99 39.86 16.93
C GLY J 164 3.66 39.59 16.25
N VAL J 165 2.77 38.77 16.83
CA VAL J 165 1.37 38.67 16.34
C VAL J 165 0.43 39.14 17.45
N VAL J 166 -0.77 39.58 17.08
CA VAL J 166 -1.84 39.89 18.06
C VAL J 166 -2.75 38.67 18.12
N ALA J 167 -2.78 38.00 19.27
CA ALA J 167 -3.60 36.80 19.51
C ALA J 167 -4.54 37.09 20.66
N PRO J 168 -5.73 36.47 20.73
CA PRO J 168 -6.60 36.67 21.89
C PRO J 168 -5.94 36.10 23.13
N PRO J 169 -6.23 36.66 24.31
CA PRO J 169 -5.84 36.01 25.56
C PRO J 169 -6.50 34.62 25.61
N LEU J 170 -5.77 33.62 26.12
CA LEU J 170 -6.25 32.23 26.25
C LEU J 170 -6.18 31.79 27.71
N LYS J 171 -7.19 32.17 28.52
CA LYS J 171 -7.22 31.92 29.99
C LYS J 171 -7.94 30.60 30.25
N ASP J 172 -8.74 30.11 29.30
CA ASP J 172 -9.53 28.87 29.46
C ASP J 172 -9.97 28.34 28.09
N ALA J 173 -10.63 27.18 28.07
CA ALA J 173 -10.98 26.44 26.84
C ALA J 173 -12.17 27.07 26.13
N LYS J 174 -12.84 28.06 26.74
CA LYS J 174 -14.00 28.75 26.10
C LYS J 174 -13.50 29.47 24.83
N ALA J 175 -12.22 29.78 24.74
CA ALA J 175 -11.61 30.42 23.55
C ALA J 175 -11.72 29.50 22.32
N GLN J 176 -12.03 28.21 22.51
CA GLN J 176 -12.21 27.24 21.39
C GLN J 176 -13.62 27.37 20.81
N VAL J 177 -14.50 28.04 21.54
CA VAL J 177 -15.89 28.32 21.11
C VAL J 177 -16.06 29.83 21.19
N LEU J 178 -17.23 30.34 21.51
CA LEU J 178 -17.46 31.80 21.51
C LEU J 178 -17.34 32.32 22.95
N ASP J 179 -16.24 33.01 23.23
CA ASP J 179 -16.05 33.81 24.44
C ASP J 179 -16.20 35.27 24.04
N PRO J 180 -17.32 35.93 24.41
CA PRO J 180 -17.58 37.31 23.99
C PRO J 180 -16.58 38.34 24.53
N GLY J 181 -15.74 37.96 25.50
CA GLY J 181 -14.64 38.82 25.97
C GLY J 181 -13.51 38.96 24.96
N LEU J 182 -13.46 38.12 23.93
CA LEU J 182 -12.28 38.06 23.02
C LEU J 182 -12.60 38.79 21.72
N LYS J 183 -12.32 40.09 21.68
CA LYS J 183 -12.66 40.99 20.55
C LYS J 183 -11.42 41.78 20.17
N ALA J 184 -11.36 42.20 18.92
CA ALA J 184 -10.28 43.06 18.42
C ALA J 184 -10.76 43.77 17.16
N ARG J 185 -9.97 44.74 16.74
CA ARG J 185 -10.09 45.43 15.45
C ARG J 185 -8.88 45.04 14.61
N LEU J 186 -9.12 44.77 13.32
CA LEU J 186 -8.02 44.47 12.38
C LEU J 186 -7.32 45.81 12.06
N ASP J 187 -6.32 46.17 12.85
CA ASP J 187 -5.72 47.53 12.82
C ASP J 187 -4.22 47.45 12.53
N LYS J 188 -3.71 46.29 12.13
CA LYS J 188 -2.30 46.13 11.71
C LYS J 188 -2.20 45.02 10.65
N ASP J 189 -1.61 45.33 9.51
CA ASP J 189 -1.39 44.40 8.38
C ASP J 189 -0.41 43.31 8.83
N GLY J 190 -0.71 42.05 8.51
CA GLY J 190 0.22 40.93 8.71
C GLY J 190 0.53 40.65 10.17
N ALA J 191 -0.42 40.89 11.09
CA ALA J 191 -0.19 40.75 12.54
C ALA J 191 -1.28 39.94 13.24
N TYR J 192 -2.49 39.85 12.67
CA TYR J 192 -3.63 39.11 13.26
C TYR J 192 -3.71 37.76 12.56
N PRO J 193 -3.34 36.64 13.22
CA PRO J 193 -3.37 35.34 12.56
C PRO J 193 -4.81 34.95 12.21
N VAL J 194 -4.97 34.39 11.02
CA VAL J 194 -6.27 33.91 10.49
C VAL J 194 -6.83 32.86 11.46
N GLU J 195 -5.99 31.98 12.00
CA GLU J 195 -6.48 30.81 12.75
C GLU J 195 -7.01 31.20 14.14
N CYS J 196 -6.77 32.41 14.66
CA CYS J 196 -7.27 32.75 16.02
C CYS J 196 -8.23 33.95 16.00
N TRP J 197 -8.59 34.46 14.83
CA TRP J 197 -9.58 35.57 14.68
C TRP J 197 -10.49 35.27 13.49
N CYS J 198 -11.78 35.53 13.64
CA CYS J 198 -12.74 35.56 12.50
C CYS J 198 -13.51 36.87 12.54
N PRO J 199 -14.08 37.30 11.40
CA PRO J 199 -14.98 38.45 11.37
C PRO J 199 -16.11 38.28 12.39
N ASP J 200 -16.36 39.31 13.18
CA ASP J 200 -17.38 39.30 14.26
C ASP J 200 -18.74 39.59 13.67
N PRO J 201 -19.66 38.59 13.61
CA PRO J 201 -20.97 38.83 13.01
C PRO J 201 -21.87 39.67 13.92
N SER J 202 -21.51 39.85 15.20
CA SER J 202 -22.28 40.64 16.18
C SER J 202 -21.94 42.12 16.04
N ARG J 203 -20.92 42.46 15.24
CA ARG J 203 -20.54 43.87 15.02
C ARG J 203 -20.46 44.08 13.51
N ASN J 204 -19.52 44.90 13.02
CA ASN J 204 -19.33 45.12 11.57
C ASN J 204 -20.60 45.66 10.93
N GLU J 205 -21.32 46.55 11.62
CA GLU J 205 -22.47 47.29 11.05
C GLU J 205 -21.99 48.12 9.86
N ASN J 206 -20.73 48.56 9.84
CA ASN J 206 -20.24 49.54 8.83
C ASN J 206 -19.19 48.89 7.93
N THR J 207 -19.20 47.55 7.84
CA THR J 207 -18.29 46.77 6.96
C THR J 207 -19.10 45.61 6.34
N ARG J 208 -18.83 45.30 5.08
CA ARG J 208 -19.31 44.06 4.44
C ARG J 208 -18.12 43.11 4.30
N TYR J 209 -18.25 41.89 4.80
CA TYR J 209 -17.20 40.86 4.65
C TYR J 209 -17.81 39.63 3.98
N PHE J 210 -17.00 38.99 3.14
CA PHE J 210 -17.36 37.81 2.33
C PHE J 210 -16.22 36.79 2.44
N GLY J 211 -16.51 35.66 3.06
CA GLY J 211 -15.52 34.61 3.38
C GLY J 211 -16.02 33.24 2.98
N THR J 212 -15.10 32.39 2.53
N THR J 212 -15.11 32.40 2.50
CA THR J 212 -15.33 30.95 2.26
CA THR J 212 -15.35 30.96 2.35
C THR J 212 -14.12 30.17 2.73
C THR J 212 -14.10 30.20 2.83
N TYR J 213 -14.36 29.02 3.37
CA TYR J 213 -13.34 28.05 3.77
C TYR J 213 -13.71 26.75 3.07
N THR J 214 -12.74 26.16 2.38
CA THR J 214 -12.85 24.80 1.81
C THR J 214 -11.66 24.03 2.33
N GLY J 215 -11.91 23.04 3.16
CA GLY J 215 -10.85 22.33 3.89
C GLY J 215 -10.36 21.12 3.14
N GLY J 216 -9.99 20.08 3.90
CA GLY J 216 -9.48 18.82 3.34
C GLY J 216 -7.98 18.85 3.15
N GLN J 217 -7.43 17.73 2.69
CA GLN J 217 -5.97 17.49 2.67
C GLN J 217 -5.35 17.98 1.36
N GLN J 218 -5.86 17.50 0.23
CA GLN J 218 -5.27 17.70 -1.13
C GLN J 218 -6.32 18.34 -2.05
N THR J 219 -7.30 19.02 -1.46
CA THR J 219 -8.48 19.58 -2.15
C THR J 219 -8.05 20.50 -3.30
N PRO J 220 -8.65 20.33 -4.50
CA PRO J 220 -8.40 21.24 -5.61
C PRO J 220 -8.85 22.66 -5.29
N PRO J 221 -7.94 23.66 -5.37
CA PRO J 221 -8.35 25.06 -5.35
C PRO J 221 -9.19 25.34 -6.60
N VAL J 222 -10.28 26.08 -6.44
CA VAL J 222 -11.15 26.55 -7.55
C VAL J 222 -11.13 28.08 -7.47
N LEU J 223 -10.46 28.73 -8.41
CA LEU J 223 -10.20 30.19 -8.37
C LEU J 223 -10.63 30.82 -9.67
N PRO J 224 -11.71 31.62 -9.67
CA PRO J 224 -12.09 32.40 -10.85
C PRO J 224 -11.20 33.63 -10.98
N PHE J 225 -11.08 34.16 -12.18
CA PHE J 225 -10.41 35.45 -12.43
C PHE J 225 -11.13 36.11 -13.61
N THR J 226 -11.80 37.22 -13.33
CA THR J 226 -12.60 37.95 -14.34
C THR J 226 -12.62 39.43 -13.94
N ASN J 227 -12.90 40.31 -14.89
CA ASN J 227 -13.08 41.76 -14.60
C ASN J 227 -14.55 42.14 -14.81
N THR J 228 -15.48 41.18 -14.75
CA THR J 228 -16.90 41.41 -15.12
C THR J 228 -17.82 41.28 -13.91
N VAL J 229 -17.31 41.02 -12.70
CA VAL J 229 -18.18 40.71 -11.53
C VAL J 229 -18.06 41.85 -10.52
N THR J 230 -19.21 42.44 -10.20
CA THR J 230 -19.36 43.54 -9.22
C THR J 230 -20.11 43.01 -7.99
N THR J 231 -19.60 43.27 -6.80
CA THR J 231 -20.33 43.05 -5.52
C THR J 231 -20.90 44.38 -5.04
N VAL J 232 -22.21 44.44 -4.87
CA VAL J 232 -22.93 45.62 -4.33
C VAL J 232 -22.73 45.63 -2.81
N LEU J 233 -22.42 46.78 -2.23
CA LEU J 233 -22.10 46.91 -0.78
C LEU J 233 -23.25 47.58 -0.02
N LEU J 234 -24.31 47.98 -0.69
CA LEU J 234 -25.49 48.61 -0.05
C LEU J 234 -26.16 47.60 0.86
N ASP J 235 -26.62 48.03 2.02
CA ASP J 235 -27.41 47.19 2.97
C ASP J 235 -28.87 47.18 2.54
N GLU J 236 -29.73 46.56 3.36
CA GLU J 236 -31.21 46.43 3.17
C GLU J 236 -31.82 47.80 2.88
N ASN J 237 -31.28 48.88 3.45
CA ASN J 237 -31.84 50.26 3.33
C ASN J 237 -31.18 51.04 2.19
N GLY J 238 -30.35 50.43 1.35
CA GLY J 238 -29.68 51.13 0.23
C GLY J 238 -28.48 51.97 0.68
N VAL J 239 -27.89 51.65 1.83
CA VAL J 239 -26.73 52.42 2.39
C VAL J 239 -25.49 51.53 2.41
N GLY J 240 -24.43 52.00 1.77
CA GLY J 240 -23.11 51.35 1.78
C GLY J 240 -22.32 51.74 3.03
N PRO J 241 -21.17 51.09 3.27
CA PRO J 241 -20.25 51.54 4.31
C PRO J 241 -19.92 53.04 4.16
N LEU J 242 -19.93 53.75 5.28
CA LEU J 242 -19.67 55.20 5.36
C LEU J 242 -18.29 55.42 5.97
N CYS J 243 -17.43 56.13 5.24
CA CYS J 243 -15.98 56.17 5.51
C CYS J 243 -15.69 57.21 6.59
N LYS J 244 -15.59 56.75 7.84
CA LYS J 244 -15.27 57.63 8.99
C LYS J 244 -13.86 58.20 8.82
N GLY J 245 -13.69 59.51 9.01
CA GLY J 245 -12.41 60.19 8.86
C GLY J 245 -11.90 60.17 7.43
N ASP J 246 -12.78 60.01 6.42
CA ASP J 246 -12.37 59.95 4.99
C ASP J 246 -11.36 58.81 4.79
N GLY J 247 -11.57 57.68 5.47
CA GLY J 247 -10.76 56.47 5.31
C GLY J 247 -11.60 55.31 4.80
N LEU J 248 -11.09 54.60 3.79
CA LEU J 248 -11.69 53.33 3.28
C LEU J 248 -10.83 52.17 3.76
N TYR J 249 -11.44 51.17 4.41
CA TYR J 249 -10.74 50.04 5.05
C TYR J 249 -10.97 48.76 4.23
N LEU J 250 -9.85 48.19 3.76
CA LEU J 250 -9.82 46.97 2.93
C LEU J 250 -9.12 45.89 3.74
N SER J 251 -9.67 44.66 3.72
CA SER J 251 -9.14 43.51 4.47
C SER J 251 -9.28 42.28 3.58
N CYS J 252 -8.40 41.32 3.74
CA CYS J 252 -8.55 40.03 3.02
C CYS J 252 -7.60 38.99 3.58
N VAL J 253 -7.89 37.75 3.21
CA VAL J 253 -6.90 36.66 3.24
C VAL J 253 -7.20 35.76 2.05
N ASP J 254 -6.17 35.23 1.40
CA ASP J 254 -6.33 34.32 0.25
C ASP J 254 -5.30 33.19 0.36
N ILE J 255 -5.55 32.26 1.27
CA ILE J 255 -4.79 30.99 1.36
C ILE J 255 -5.29 30.09 0.22
N CYS J 256 -4.37 29.72 -0.67
CA CYS J 256 -4.69 28.97 -1.92
C CYS J 256 -4.30 27.50 -1.79
N GLY J 257 -3.67 27.13 -0.67
CA GLY J 257 -3.29 25.76 -0.34
C GLY J 257 -1.83 25.68 0.10
N PHE J 258 -1.24 24.51 -0.05
CA PHE J 258 0.14 24.24 0.42
C PHE J 258 1.02 23.92 -0.78
N TYR J 259 2.26 24.43 -0.70
CA TYR J 259 3.39 23.97 -1.52
C TYR J 259 4.14 22.90 -0.72
N SER J 260 4.35 21.74 -1.33
CA SER J 260 5.15 20.63 -0.76
C SER J 260 6.54 20.65 -1.39
N GLU J 261 7.58 20.71 -0.56
CA GLU J 261 9.00 20.62 -1.03
C GLU J 261 9.25 19.20 -1.56
N GLN J 262 9.87 19.09 -2.74
CA GLN J 262 10.12 17.78 -3.38
C GLN J 262 10.92 16.89 -2.41
N TYR J 263 12.01 17.40 -1.83
CA TYR J 263 12.93 16.55 -1.04
C TYR J 263 12.36 16.34 0.36
N SER J 264 12.24 17.39 1.17
CA SER J 264 11.85 17.27 2.61
C SER J 264 10.40 16.84 2.74
N GLN J 265 9.55 17.19 1.77
CA GLN J 265 8.06 17.01 1.80
C GLN J 265 7.43 17.89 2.88
N LYS J 266 8.17 18.87 3.40
CA LYS J 266 7.63 19.93 4.29
C LYS J 266 6.66 20.79 3.46
N GLN J 267 5.68 21.38 4.15
CA GLN J 267 4.62 22.16 3.46
C GLN J 267 4.69 23.62 3.89
N HIS J 268 4.38 24.50 2.94
CA HIS J 268 4.31 25.97 3.12
C HIS J 268 2.92 26.43 2.70
N PHE J 269 2.27 27.27 3.52
CA PHE J 269 1.08 28.02 3.05
C PHE J 269 1.46 28.85 1.82
N ARG J 270 0.61 28.86 0.80
CA ARG J 270 0.71 29.76 -0.36
C ARG J 270 -0.48 30.71 -0.35
N GLY J 271 -0.20 32.01 -0.39
CA GLY J 271 -1.21 33.07 -0.51
C GLY J 271 -0.95 33.87 -1.76
N LEU J 272 -2.02 34.50 -2.26
CA LEU J 272 -1.95 35.34 -3.46
C LEU J 272 -2.46 36.72 -3.10
N PRO J 273 -1.96 37.75 -3.81
CA PRO J 273 -2.40 39.12 -3.60
C PRO J 273 -3.85 39.32 -4.07
N ARG J 274 -4.51 40.35 -3.53
CA ARG J 274 -5.89 40.68 -3.93
C ARG J 274 -5.95 42.15 -4.39
N TYR J 275 -6.59 42.37 -5.54
CA TYR J 275 -6.86 43.71 -6.09
C TYR J 275 -8.29 44.11 -5.72
N PHE J 276 -8.47 45.38 -5.39
CA PHE J 276 -9.79 46.02 -5.11
C PHE J 276 -9.97 47.24 -6.01
N SER J 277 -11.15 47.36 -6.60
CA SER J 277 -11.66 48.62 -7.20
C SER J 277 -13.00 48.94 -6.53
N VAL J 278 -13.03 49.98 -5.71
CA VAL J 278 -14.22 50.37 -4.90
C VAL J 278 -14.79 51.65 -5.49
N SER J 279 -16.08 51.63 -5.81
CA SER J 279 -16.81 52.81 -6.32
C SER J 279 -17.50 53.50 -5.13
N LEU J 280 -17.25 54.80 -4.94
CA LEU J 280 -17.82 55.56 -3.82
C LEU J 280 -18.62 56.74 -4.36
N ARG J 281 -19.56 57.20 -3.54
CA ARG J 281 -20.36 58.41 -3.81
C ARG J 281 -20.47 59.20 -2.50
N LYS J 282 -20.70 60.50 -2.62
CA LYS J 282 -20.89 61.38 -1.46
C LYS J 282 -22.30 61.16 -0.91
N ARG J 283 -22.37 61.01 0.41
CA ARG J 283 -23.62 60.82 1.16
C ARG J 283 -23.70 61.93 2.22
N LEU J 284 -24.83 62.65 2.25
CA LEU J 284 -25.13 63.63 3.31
C LEU J 284 -25.51 62.86 4.58
N VAL J 285 -24.96 63.29 5.71
CA VAL J 285 -25.30 62.76 7.05
C VAL J 285 -25.49 63.96 7.99
N ARG J 286 -26.21 63.74 9.08
CA ARG J 286 -26.32 64.73 10.18
C ARG J 286 -24.96 64.85 10.86
N ASN J 287 -24.45 66.06 10.97
CA ASN J 287 -23.15 66.37 11.62
C ASN J 287 -23.30 66.06 13.12
#